data_2N1K
#
_entry.id   2N1K
#
_entity_poly.entity_id   1
_entity_poly.type   'polypeptide(L)'
_entity_poly.pdbx_seq_one_letter_code
;GSHMGTTTAPDAPPDPTVDQVDDTSIVVRWSRPQAPITGYRIVYSPSVEGSSTELNLPETANSVTLSDLQPGVQYNITIY
AVEENQESTPVVIQQETTGTPRSDGT
;
_entity_poly.pdbx_strand_id   A
#
# COMPACT_ATOMS: atom_id res chain seq x y z
N GLY A 1 4.12 23.70 -6.38
CA GLY A 1 3.15 24.81 -6.52
C GLY A 1 2.06 24.74 -5.47
N SER A 2 0.85 25.15 -5.86
CA SER A 2 -0.29 25.18 -4.94
C SER A 2 0.00 26.11 -3.77
N HIS A 3 0.29 27.37 -4.09
CA HIS A 3 0.57 28.37 -3.07
C HIS A 3 -0.64 28.58 -2.17
N MET A 4 -1.83 28.48 -2.76
CA MET A 4 -3.06 28.63 -2.01
C MET A 4 -3.64 27.25 -1.68
N GLY A 5 -2.76 26.32 -1.36
CA GLY A 5 -3.20 24.97 -1.04
C GLY A 5 -3.05 24.66 0.43
N THR A 6 -3.08 25.70 1.27
CA THR A 6 -2.92 25.55 2.70
C THR A 6 -4.15 24.89 3.33
N THR A 7 -5.33 25.30 2.85
CA THR A 7 -6.58 24.73 3.33
C THR A 7 -6.94 23.50 2.51
N THR A 8 -6.13 23.22 1.50
CA THR A 8 -6.35 22.07 0.63
C THR A 8 -5.84 20.80 1.28
N ALA A 9 -6.70 19.81 1.37
CA ALA A 9 -6.31 18.51 1.91
C ALA A 9 -6.01 17.55 0.77
N PRO A 10 -4.81 16.94 0.78
CA PRO A 10 -4.38 16.03 -0.28
C PRO A 10 -5.25 14.77 -0.37
N ASP A 11 -5.43 14.28 -1.59
CA ASP A 11 -6.28 13.12 -1.82
C ASP A 11 -5.41 11.86 -1.90
N ALA A 12 -6.06 10.71 -1.80
CA ALA A 12 -5.37 9.42 -1.83
C ALA A 12 -5.42 8.83 -3.23
N PRO A 13 -4.56 7.83 -3.53
CA PRO A 13 -4.62 7.11 -4.80
C PRO A 13 -5.81 6.15 -4.84
N PRO A 14 -6.63 6.23 -5.89
CA PRO A 14 -7.74 5.29 -6.12
C PRO A 14 -7.29 3.84 -5.96
N ASP A 15 -8.22 3.02 -5.44
CA ASP A 15 -7.93 1.65 -4.99
C ASP A 15 -6.90 0.94 -5.86
N PRO A 16 -5.69 0.78 -5.33
CA PRO A 16 -4.57 0.11 -6.03
C PRO A 16 -4.82 -1.37 -6.26
N THR A 17 -4.22 -1.89 -7.31
CA THR A 17 -4.37 -3.27 -7.70
C THR A 17 -3.13 -4.08 -7.38
N VAL A 18 -3.34 -5.20 -6.74
CA VAL A 18 -2.28 -6.15 -6.49
C VAL A 18 -2.01 -6.97 -7.76
N ASP A 19 -0.77 -6.92 -8.22
CA ASP A 19 -0.38 -7.56 -9.47
C ASP A 19 0.02 -9.02 -9.23
N GLN A 20 0.76 -9.25 -8.16
CA GLN A 20 1.29 -10.57 -7.86
C GLN A 20 1.08 -10.91 -6.40
N VAL A 21 0.71 -12.15 -6.15
CA VAL A 21 0.49 -12.64 -4.80
C VAL A 21 1.23 -13.96 -4.57
N ASP A 22 2.09 -13.99 -3.56
CA ASP A 22 2.85 -15.18 -3.23
C ASP A 22 2.80 -15.44 -1.73
N ASP A 23 3.75 -16.21 -1.22
CA ASP A 23 3.80 -16.55 0.19
C ASP A 23 4.32 -15.38 1.02
N THR A 24 5.50 -14.93 0.70
CA THR A 24 6.20 -13.94 1.49
C THR A 24 6.47 -12.69 0.66
N SER A 25 5.55 -12.40 -0.24
CA SER A 25 5.71 -11.33 -1.22
C SER A 25 4.38 -11.05 -1.93
N ILE A 26 3.99 -9.79 -1.98
CA ILE A 26 2.78 -9.36 -2.71
C ILE A 26 3.04 -7.99 -3.33
N VAL A 27 2.56 -7.73 -4.53
CA VAL A 27 2.88 -6.48 -5.17
C VAL A 27 1.62 -5.66 -5.39
N VAL A 28 1.66 -4.39 -5.04
CA VAL A 28 0.49 -3.55 -5.19
C VAL A 28 0.85 -2.30 -5.96
N ARG A 29 -0.10 -1.80 -6.73
CA ARG A 29 0.13 -0.67 -7.63
C ARG A 29 -0.99 0.34 -7.49
N TRP A 30 -0.63 1.56 -7.13
CA TRP A 30 -1.60 2.61 -6.81
C TRP A 30 -1.53 3.74 -7.83
N SER A 31 -2.67 4.38 -8.06
CA SER A 31 -2.74 5.51 -8.98
C SER A 31 -2.69 6.82 -8.21
N ARG A 32 -1.49 7.39 -8.16
CA ARG A 32 -1.17 8.59 -7.37
C ARG A 32 -2.23 9.71 -7.48
N PRO A 33 -2.29 10.57 -6.45
CA PRO A 33 -3.34 11.59 -6.27
C PRO A 33 -3.14 12.82 -7.14
N GLN A 34 -4.17 13.66 -7.15
CA GLN A 34 -4.11 14.95 -7.81
C GLN A 34 -3.30 15.92 -6.96
N ALA A 35 -3.20 15.60 -5.67
CA ALA A 35 -2.39 16.35 -4.73
C ALA A 35 -0.91 16.16 -5.01
N PRO A 36 -0.12 17.24 -4.95
CA PRO A 36 1.33 17.12 -4.95
C PRO A 36 1.78 16.61 -3.58
N ILE A 37 2.35 15.41 -3.58
CA ILE A 37 2.72 14.75 -2.34
C ILE A 37 4.24 14.66 -2.23
N THR A 38 4.76 14.46 -1.03
CA THR A 38 6.20 14.38 -0.80
C THR A 38 6.73 12.95 -0.86
N GLY A 39 5.93 11.99 -0.43
CA GLY A 39 6.37 10.61 -0.47
C GLY A 39 5.23 9.65 -0.22
N TYR A 40 5.54 8.41 0.08
CA TYR A 40 4.53 7.41 0.41
C TYR A 40 4.98 6.51 1.54
N ARG A 41 4.08 6.28 2.47
CA ARG A 41 4.29 5.23 3.46
C ARG A 41 3.44 4.04 3.09
N ILE A 42 3.86 2.85 3.45
CA ILE A 42 3.08 1.67 3.12
C ILE A 42 3.07 0.68 4.26
N VAL A 43 1.94 0.54 4.95
CA VAL A 43 1.85 -0.40 6.05
C VAL A 43 1.04 -1.61 5.67
N TYR A 44 1.71 -2.73 5.55
CA TYR A 44 1.05 -3.99 5.26
C TYR A 44 1.19 -4.90 6.45
N SER A 45 0.03 -5.37 6.88
CA SER A 45 -0.06 -6.16 8.11
C SER A 45 -1.04 -7.33 7.95
N PRO A 46 -0.73 -8.47 8.57
CA PRO A 46 -1.61 -9.64 8.59
C PRO A 46 -2.79 -9.42 9.54
N SER A 47 -3.97 -9.82 9.09
CA SER A 47 -5.20 -9.68 9.86
C SER A 47 -5.16 -10.53 11.12
N VAL A 48 -4.40 -11.62 11.06
CA VAL A 48 -4.21 -12.47 12.24
C VAL A 48 -2.89 -12.16 12.92
N GLU A 49 -2.30 -11.04 12.51
CA GLU A 49 -1.01 -10.57 12.99
C GLU A 49 0.14 -11.47 12.52
N GLY A 50 1.33 -10.90 12.49
CA GLY A 50 2.49 -11.61 12.01
C GLY A 50 3.55 -10.64 11.55
N SER A 51 4.01 -10.79 10.32
CA SER A 51 5.00 -9.86 9.78
C SER A 51 4.29 -8.65 9.16
N SER A 52 4.56 -7.48 9.74
CA SER A 52 4.04 -6.22 9.20
C SER A 52 5.19 -5.30 8.85
N THR A 53 5.03 -4.49 7.81
CA THR A 53 6.09 -3.59 7.41
C THR A 53 5.54 -2.29 6.80
N GLU A 54 6.29 -1.21 7.00
CA GLU A 54 6.01 0.07 6.35
C GLU A 54 7.14 0.43 5.39
N LEU A 55 6.84 0.48 4.10
CA LEU A 55 7.84 0.91 3.14
C LEU A 55 7.68 2.38 2.82
N ASN A 56 8.74 2.99 2.34
CA ASN A 56 8.72 4.39 1.97
C ASN A 56 9.05 4.53 0.50
N LEU A 57 8.09 5.01 -0.27
CA LEU A 57 8.28 5.13 -1.69
C LEU A 57 8.29 6.59 -2.06
N PRO A 58 8.91 6.95 -3.18
CA PRO A 58 8.91 8.31 -3.66
C PRO A 58 7.49 8.77 -4.01
N GLU A 59 7.28 10.08 -3.87
CA GLU A 59 6.00 10.74 -4.20
C GLU A 59 5.42 10.29 -5.53
N THR A 60 6.28 9.90 -6.44
CA THR A 60 5.87 9.56 -7.79
C THR A 60 5.86 8.04 -8.00
N ALA A 61 5.99 7.30 -6.91
CA ALA A 61 5.96 5.84 -6.99
C ALA A 61 4.53 5.38 -7.20
N ASN A 62 4.36 4.17 -7.68
CA ASN A 62 3.04 3.66 -7.97
C ASN A 62 2.93 2.16 -7.72
N SER A 63 3.87 1.58 -6.98
CA SER A 63 3.84 0.15 -6.71
C SER A 63 4.88 -0.25 -5.68
N VAL A 64 4.48 -1.06 -4.71
CA VAL A 64 5.39 -1.62 -3.73
C VAL A 64 5.40 -3.14 -3.81
N THR A 65 6.59 -3.72 -3.76
CA THR A 65 6.73 -5.15 -3.60
C THR A 65 6.93 -5.46 -2.12
N LEU A 66 5.85 -5.89 -1.48
CA LEU A 66 5.87 -6.24 -0.07
C LEU A 66 6.56 -7.57 0.10
N SER A 67 7.41 -7.66 1.11
CA SER A 67 8.23 -8.82 1.30
C SER A 67 8.16 -9.27 2.74
N ASP A 68 8.60 -10.49 3.01
CA ASP A 68 8.54 -11.09 4.34
C ASP A 68 7.10 -11.15 4.83
N LEU A 69 6.22 -11.69 3.99
CA LEU A 69 4.84 -11.96 4.40
C LEU A 69 4.76 -13.37 4.99
N GLN A 70 3.57 -13.80 5.33
CA GLN A 70 3.35 -15.16 5.78
C GLN A 70 2.29 -15.83 4.90
N PRO A 71 2.61 -17.00 4.32
CA PRO A 71 1.69 -17.73 3.42
C PRO A 71 0.41 -18.17 4.11
N GLY A 72 -0.71 -18.07 3.39
CA GLY A 72 -1.99 -18.47 3.93
C GLY A 72 -2.53 -17.47 4.92
N VAL A 73 -2.18 -16.20 4.73
CA VAL A 73 -2.56 -15.16 5.66
C VAL A 73 -3.16 -13.96 4.92
N GLN A 74 -4.07 -13.29 5.59
CA GLN A 74 -4.73 -12.12 5.05
C GLN A 74 -3.86 -10.90 5.30
N TYR A 75 -3.59 -10.15 4.24
CA TYR A 75 -2.71 -9.02 4.34
C TYR A 75 -3.37 -7.72 3.91
N ASN A 76 -3.50 -6.81 4.85
CA ASN A 76 -3.98 -5.46 4.56
C ASN A 76 -2.81 -4.59 4.14
N ILE A 77 -2.81 -4.17 2.88
CA ILE A 77 -1.84 -3.20 2.39
C ILE A 77 -2.45 -1.82 2.44
N THR A 78 -1.85 -0.99 3.27
CA THR A 78 -2.33 0.35 3.46
C THR A 78 -1.35 1.35 2.82
N ILE A 79 -1.79 2.04 1.77
CA ILE A 79 -0.93 3.03 1.11
C ILE A 79 -1.20 4.41 1.68
N TYR A 80 -0.15 5.17 1.91
CA TYR A 80 -0.25 6.51 2.46
C TYR A 80 0.45 7.51 1.54
N ALA A 81 -0.32 8.37 0.90
CA ALA A 81 0.24 9.48 0.14
C ALA A 81 0.58 10.59 1.11
N VAL A 82 1.87 10.84 1.31
CA VAL A 82 2.28 11.83 2.30
C VAL A 82 2.71 13.12 1.63
N GLU A 83 2.28 14.23 2.19
CA GLU A 83 2.60 15.55 1.69
C GLU A 83 3.29 16.31 2.81
N GLU A 84 3.98 17.41 2.52
CA GLU A 84 4.71 18.17 3.53
C GLU A 84 3.85 18.42 4.76
N ASN A 85 2.63 18.85 4.54
CA ASN A 85 1.77 19.33 5.62
C ASN A 85 0.94 18.22 6.25
N GLN A 86 0.50 17.25 5.45
CA GLN A 86 -0.49 16.29 5.92
C GLN A 86 -0.34 14.95 5.22
N GLU A 87 -1.08 13.97 5.70
CA GLU A 87 -1.13 12.66 5.07
C GLU A 87 -2.53 12.41 4.52
N SER A 88 -2.60 12.02 3.26
CA SER A 88 -3.88 11.75 2.61
C SER A 88 -4.55 10.53 3.22
N THR A 89 -5.81 10.31 2.86
CA THR A 89 -6.55 9.15 3.32
C THR A 89 -5.84 7.86 2.91
N PRO A 90 -6.01 6.78 3.69
CA PRO A 90 -5.29 5.55 3.47
C PRO A 90 -5.94 4.64 2.42
N VAL A 91 -5.08 4.00 1.63
CA VAL A 91 -5.48 2.92 0.76
C VAL A 91 -5.54 1.65 1.57
N VAL A 92 -6.67 0.99 1.61
CA VAL A 92 -6.71 -0.31 2.23
C VAL A 92 -7.11 -1.36 1.21
N ILE A 93 -6.13 -2.14 0.79
CA ILE A 93 -6.36 -3.24 -0.13
C ILE A 93 -5.88 -4.54 0.49
N GLN A 94 -6.79 -5.45 0.73
CA GLN A 94 -6.45 -6.67 1.44
C GLN A 94 -6.36 -7.85 0.47
N GLN A 95 -5.23 -8.53 0.51
CA GLN A 95 -5.00 -9.72 -0.30
C GLN A 95 -4.52 -10.87 0.58
N GLU A 96 -5.08 -12.05 0.39
CA GLU A 96 -4.61 -13.22 1.10
C GLU A 96 -3.47 -13.85 0.34
N THR A 97 -2.41 -14.19 1.05
CA THR A 97 -1.25 -14.79 0.44
C THR A 97 -1.53 -16.24 0.04
N THR A 98 -1.54 -16.48 -1.27
CA THR A 98 -1.84 -17.80 -1.79
C THR A 98 -0.70 -18.78 -1.45
N GLY A 99 0.50 -18.25 -1.40
CA GLY A 99 1.64 -19.06 -1.02
C GLY A 99 2.49 -19.47 -2.20
N THR A 100 3.33 -20.46 -1.98
CA THR A 100 4.18 -21.00 -3.02
C THR A 100 3.38 -21.86 -3.99
N PRO A 101 3.50 -21.59 -5.29
CA PRO A 101 2.79 -22.34 -6.35
C PRO A 101 2.91 -23.85 -6.19
N ARG A 102 1.84 -24.46 -5.70
CA ARG A 102 1.77 -25.90 -5.54
C ARG A 102 0.94 -26.51 -6.66
N SER A 103 1.61 -27.26 -7.53
CA SER A 103 0.95 -27.92 -8.66
C SER A 103 0.25 -26.89 -9.55
N ASP A 104 0.95 -25.78 -9.79
CA ASP A 104 0.40 -24.69 -10.59
C ASP A 104 0.29 -25.10 -12.05
N GLY A 105 -0.92 -25.36 -12.50
CA GLY A 105 -1.14 -25.76 -13.88
C GLY A 105 -1.53 -27.22 -13.99
N THR A 106 -2.70 -27.47 -14.54
CA THR A 106 -3.20 -28.82 -14.74
C THR A 106 -2.43 -29.50 -15.87
N GLY A 1 -5.88 35.25 -4.16
CA GLY A 1 -7.35 35.17 -4.01
C GLY A 1 -7.86 36.10 -2.93
N SER A 2 -9.15 36.36 -2.92
CA SER A 2 -9.76 37.22 -1.92
C SER A 2 -9.65 36.60 -0.53
N HIS A 3 -9.95 35.31 -0.45
CA HIS A 3 -9.86 34.59 0.81
C HIS A 3 -8.43 34.12 1.04
N MET A 4 -7.74 34.77 1.95
CA MET A 4 -6.37 34.38 2.29
C MET A 4 -6.37 33.13 3.15
N GLY A 5 -5.35 32.31 2.99
CA GLY A 5 -5.29 31.06 3.71
C GLY A 5 -5.53 29.88 2.80
N THR A 6 -4.74 28.84 2.97
CA THR A 6 -4.86 27.66 2.11
C THR A 6 -4.52 26.39 2.90
N THR A 7 -5.51 25.53 3.10
CA THR A 7 -5.31 24.27 3.77
C THR A 7 -5.18 23.14 2.75
N THR A 8 -6.27 22.88 2.02
CA THR A 8 -6.29 21.88 0.95
C THR A 8 -6.16 20.46 1.50
N ALA A 9 -7.12 19.60 1.14
CA ALA A 9 -7.11 18.23 1.59
C ALA A 9 -6.81 17.29 0.42
N PRO A 10 -5.70 16.56 0.49
CA PRO A 10 -5.28 15.63 -0.56
C PRO A 10 -6.08 14.34 -0.55
N ASP A 11 -6.19 13.71 -1.71
CA ASP A 11 -6.92 12.46 -1.83
C ASP A 11 -5.95 11.28 -1.93
N ALA A 12 -6.35 10.17 -1.34
CA ALA A 12 -5.58 8.94 -1.45
C ALA A 12 -5.77 8.34 -2.84
N PRO A 13 -4.77 7.60 -3.33
CA PRO A 13 -4.89 6.88 -4.60
C PRO A 13 -6.07 5.92 -4.61
N PRO A 14 -6.92 6.01 -5.66
CA PRO A 14 -7.99 5.03 -5.88
C PRO A 14 -7.47 3.60 -5.73
N ASP A 15 -8.36 2.73 -5.24
CA ASP A 15 -8.01 1.37 -4.81
C ASP A 15 -6.94 0.73 -5.68
N PRO A 16 -5.71 0.64 -5.14
CA PRO A 16 -4.56 0.03 -5.83
C PRO A 16 -4.76 -1.46 -6.07
N THR A 17 -4.16 -1.96 -7.13
CA THR A 17 -4.30 -3.34 -7.52
C THR A 17 -3.04 -4.12 -7.23
N VAL A 18 -3.23 -5.25 -6.58
CA VAL A 18 -2.15 -6.18 -6.32
C VAL A 18 -1.95 -7.08 -7.53
N ASP A 19 -0.74 -7.05 -8.07
CA ASP A 19 -0.40 -7.76 -9.30
C ASP A 19 -0.11 -9.24 -9.02
N GLN A 20 0.72 -9.49 -8.01
CA GLN A 20 1.11 -10.86 -7.66
C GLN A 20 1.07 -11.06 -6.16
N VAL A 21 0.61 -12.23 -5.75
CA VAL A 21 0.54 -12.59 -4.35
C VAL A 21 1.26 -13.91 -4.08
N ASP A 22 2.47 -13.81 -3.56
CA ASP A 22 3.28 -14.98 -3.25
C ASP A 22 3.15 -15.34 -1.77
N ASP A 23 4.11 -16.09 -1.25
CA ASP A 23 4.11 -16.45 0.17
C ASP A 23 4.63 -15.30 1.01
N THR A 24 5.79 -14.81 0.63
CA THR A 24 6.50 -13.83 1.42
C THR A 24 6.77 -12.57 0.60
N SER A 25 5.81 -12.24 -0.27
CA SER A 25 5.95 -11.15 -1.24
C SER A 25 4.61 -10.85 -1.91
N ILE A 26 4.23 -9.58 -1.94
CA ILE A 26 2.98 -9.14 -2.59
C ILE A 26 3.20 -7.78 -3.22
N VAL A 27 2.72 -7.55 -4.43
CA VAL A 27 3.00 -6.29 -5.09
C VAL A 27 1.73 -5.51 -5.30
N VAL A 28 1.71 -4.26 -4.89
CA VAL A 28 0.51 -3.46 -5.01
C VAL A 28 0.82 -2.18 -5.77
N ARG A 29 -0.14 -1.72 -6.57
CA ARG A 29 0.05 -0.55 -7.42
C ARG A 29 -1.08 0.44 -7.24
N TRP A 30 -0.74 1.66 -6.83
CA TRP A 30 -1.73 2.67 -6.48
C TRP A 30 -1.80 3.79 -7.52
N SER A 31 -3.01 4.30 -7.73
CA SER A 31 -3.24 5.39 -8.67
C SER A 31 -3.00 6.73 -7.99
N ARG A 32 -1.76 7.19 -8.06
CA ARG A 32 -1.29 8.42 -7.40
C ARG A 32 -2.24 9.60 -7.58
N PRO A 33 -2.24 10.55 -6.61
CA PRO A 33 -3.23 11.63 -6.50
C PRO A 33 -2.87 12.85 -7.34
N GLN A 34 -3.85 13.73 -7.49
CA GLN A 34 -3.63 15.03 -8.11
C GLN A 34 -2.93 15.95 -7.11
N ALA A 35 -3.06 15.60 -5.84
CA ALA A 35 -2.38 16.32 -4.77
C ALA A 35 -0.88 16.28 -4.95
N PRO A 36 -0.18 17.39 -4.76
CA PRO A 36 1.27 17.38 -4.72
C PRO A 36 1.74 16.68 -3.46
N ILE A 37 2.36 15.54 -3.62
CA ILE A 37 2.76 14.71 -2.50
C ILE A 37 4.28 14.56 -2.48
N THR A 38 4.84 14.33 -1.30
CA THR A 38 6.28 14.19 -1.14
C THR A 38 6.71 12.72 -1.16
N GLY A 39 5.81 11.80 -0.82
CA GLY A 39 6.18 10.42 -0.81
C GLY A 39 5.01 9.49 -0.54
N TYR A 40 5.33 8.27 -0.15
CA TYR A 40 4.32 7.31 0.27
C TYR A 40 4.79 6.51 1.47
N ARG A 41 3.93 6.42 2.47
CA ARG A 41 4.12 5.45 3.53
C ARG A 41 3.29 4.22 3.20
N ILE A 42 3.74 3.07 3.60
CA ILE A 42 2.98 1.86 3.30
C ILE A 42 2.94 0.90 4.46
N VAL A 43 1.80 0.76 5.10
CA VAL A 43 1.67 -0.16 6.23
C VAL A 43 0.82 -1.34 5.84
N TYR A 44 1.47 -2.48 5.72
CA TYR A 44 0.79 -3.72 5.44
C TYR A 44 0.88 -4.62 6.63
N SER A 45 -0.28 -5.06 7.07
CA SER A 45 -0.40 -5.85 8.29
C SER A 45 -1.41 -6.98 8.14
N PRO A 46 -1.10 -8.15 8.72
CA PRO A 46 -1.97 -9.32 8.71
C PRO A 46 -3.23 -9.12 9.55
N SER A 47 -4.27 -9.86 9.24
CA SER A 47 -5.54 -9.74 9.95
C SER A 47 -5.56 -10.60 11.21
N VAL A 48 -4.83 -11.72 11.21
CA VAL A 48 -4.80 -12.59 12.37
C VAL A 48 -3.39 -12.67 12.98
N GLU A 49 -2.39 -12.76 12.13
CA GLU A 49 -0.99 -12.85 12.58
C GLU A 49 -0.06 -12.94 11.36
N GLY A 50 1.09 -12.30 11.46
CA GLY A 50 2.03 -12.28 10.35
C GLY A 50 2.98 -11.10 10.43
N SER A 51 3.60 -10.76 9.30
CA SER A 51 4.58 -9.69 9.27
C SER A 51 3.94 -8.35 8.86
N SER A 52 4.05 -7.35 9.72
CA SER A 52 3.63 -6.00 9.35
C SER A 52 4.84 -5.15 9.02
N THR A 53 4.72 -4.33 8.00
CA THR A 53 5.84 -3.49 7.59
C THR A 53 5.35 -2.15 7.03
N GLU A 54 6.18 -1.13 7.14
CA GLU A 54 5.91 0.18 6.58
C GLU A 54 7.02 0.57 5.62
N LEU A 55 6.71 0.64 4.34
CA LEU A 55 7.71 1.05 3.35
C LEU A 55 7.55 2.53 3.03
N ASN A 56 8.62 3.11 2.49
CA ASN A 56 8.62 4.50 2.11
C ASN A 56 9.00 4.61 0.64
N LEU A 57 8.07 5.07 -0.18
CA LEU A 57 8.30 5.14 -1.60
C LEU A 57 8.32 6.60 -2.02
N PRO A 58 9.01 6.90 -3.13
CA PRO A 58 9.03 8.23 -3.67
C PRO A 58 7.64 8.70 -4.06
N GLU A 59 7.44 10.01 -3.99
CA GLU A 59 6.19 10.67 -4.39
C GLU A 59 5.69 10.18 -5.75
N THR A 60 6.62 9.78 -6.61
CA THR A 60 6.29 9.38 -7.95
C THR A 60 6.24 7.85 -8.08
N ALA A 61 6.13 7.17 -6.94
CA ALA A 61 6.06 5.72 -6.95
C ALA A 61 4.61 5.29 -7.08
N ASN A 62 4.39 4.13 -7.66
CA ASN A 62 3.03 3.66 -7.88
C ASN A 62 2.89 2.19 -7.53
N SER A 63 3.86 1.62 -6.84
CA SER A 63 3.80 0.20 -6.53
C SER A 63 4.84 -0.20 -5.49
N VAL A 64 4.42 -0.97 -4.50
CA VAL A 64 5.34 -1.49 -3.49
C VAL A 64 5.42 -3.01 -3.59
N THR A 65 6.63 -3.53 -3.45
CA THR A 65 6.85 -4.94 -3.29
C THR A 65 7.02 -5.27 -1.81
N LEU A 66 5.96 -5.77 -1.20
CA LEU A 66 5.98 -6.19 0.19
C LEU A 66 6.69 -7.51 0.29
N SER A 67 7.42 -7.71 1.38
CA SER A 67 8.27 -8.86 1.53
C SER A 67 8.25 -9.39 2.96
N ASP A 68 8.73 -10.60 3.14
CA ASP A 68 8.77 -11.27 4.44
C ASP A 68 7.36 -11.56 4.93
N LEU A 69 6.42 -11.70 4.00
CA LEU A 69 5.04 -12.06 4.35
C LEU A 69 4.98 -13.51 4.81
N GLN A 70 3.78 -14.00 5.06
CA GLN A 70 3.60 -15.39 5.45
C GLN A 70 2.53 -16.02 4.56
N PRO A 71 2.79 -17.22 4.02
CA PRO A 71 1.84 -17.92 3.15
C PRO A 71 0.55 -18.31 3.87
N GLY A 72 -0.57 -17.95 3.28
CA GLY A 72 -1.85 -18.30 3.85
C GLY A 72 -2.37 -17.22 4.79
N VAL A 73 -1.77 -16.04 4.73
CA VAL A 73 -2.11 -14.97 5.64
C VAL A 73 -2.74 -13.79 4.91
N GLN A 74 -3.74 -13.20 5.56
CA GLN A 74 -4.45 -12.05 5.02
C GLN A 74 -3.65 -10.79 5.28
N TYR A 75 -3.33 -10.07 4.22
CA TYR A 75 -2.50 -8.88 4.33
C TYR A 75 -3.22 -7.63 3.88
N ASN A 76 -3.46 -6.74 4.83
CA ASN A 76 -4.06 -5.45 4.57
C ASN A 76 -2.97 -4.45 4.21
N ILE A 77 -2.91 -4.06 2.95
CA ILE A 77 -1.95 -3.05 2.51
C ILE A 77 -2.60 -1.69 2.55
N THR A 78 -2.08 -0.85 3.40
CA THR A 78 -2.56 0.49 3.56
C THR A 78 -1.56 1.48 2.96
N ILE A 79 -1.98 2.20 1.91
CA ILE A 79 -1.09 3.16 1.26
C ILE A 79 -1.34 4.56 1.82
N TYR A 80 -0.29 5.34 1.96
CA TYR A 80 -0.40 6.70 2.44
C TYR A 80 0.32 7.65 1.50
N ALA A 81 -0.44 8.49 0.80
CA ALA A 81 0.16 9.55 -0.02
C ALA A 81 0.56 10.70 0.89
N VAL A 82 1.84 10.88 1.10
CA VAL A 82 2.30 11.90 2.04
C VAL A 82 2.72 13.15 1.29
N GLU A 83 2.31 14.31 1.80
CA GLU A 83 2.71 15.60 1.26
C GLU A 83 3.62 16.29 2.26
N GLU A 84 4.22 17.39 1.83
CA GLU A 84 5.14 18.16 2.65
C GLU A 84 4.62 18.37 4.08
N ASN A 85 3.35 18.76 4.20
CA ASN A 85 2.82 19.19 5.49
C ASN A 85 1.88 18.18 6.14
N GLN A 86 1.30 17.27 5.37
CA GLN A 86 0.31 16.36 5.95
C GLN A 86 0.30 15.02 5.24
N GLU A 87 -0.53 14.11 5.73
CA GLU A 87 -0.67 12.79 5.11
C GLU A 87 -2.10 12.62 4.62
N SER A 88 -2.25 12.12 3.40
CA SER A 88 -3.55 11.97 2.78
C SER A 88 -4.33 10.81 3.39
N THR A 89 -5.54 10.59 2.90
CA THR A 89 -6.35 9.48 3.32
C THR A 89 -5.66 8.15 3.01
N PRO A 90 -6.06 7.06 3.69
CA PRO A 90 -5.43 5.76 3.50
C PRO A 90 -6.07 4.91 2.40
N VAL A 91 -5.21 4.22 1.66
CA VAL A 91 -5.60 3.11 0.81
C VAL A 91 -5.70 1.87 1.66
N VAL A 92 -6.81 1.15 1.59
CA VAL A 92 -6.88 -0.14 2.24
C VAL A 92 -7.23 -1.22 1.23
N ILE A 93 -6.25 -2.03 0.89
CA ILE A 93 -6.45 -3.15 -0.02
C ILE A 93 -5.95 -4.44 0.62
N GLN A 94 -6.85 -5.33 0.95
CA GLN A 94 -6.48 -6.54 1.65
C GLN A 94 -6.45 -7.74 0.71
N GLN A 95 -5.28 -8.35 0.63
CA GLN A 95 -5.05 -9.51 -0.22
C GLN A 95 -4.42 -10.64 0.58
N GLU A 96 -4.91 -11.86 0.38
CA GLU A 96 -4.33 -13.02 1.04
C GLU A 96 -3.18 -13.56 0.22
N THR A 97 -2.18 -14.09 0.90
CA THR A 97 -1.03 -14.67 0.24
C THR A 97 -1.32 -16.09 -0.23
N THR A 98 -1.21 -16.30 -1.53
CA THR A 98 -1.43 -17.61 -2.12
C THR A 98 -0.30 -18.56 -1.73
N GLY A 99 0.89 -18.01 -1.57
CA GLY A 99 2.03 -18.79 -1.19
C GLY A 99 2.68 -19.46 -2.38
N THR A 100 3.06 -20.71 -2.21
CA THR A 100 3.61 -21.50 -3.30
C THR A 100 2.48 -22.23 -4.02
N PRO A 101 2.28 -21.95 -5.32
CA PRO A 101 1.22 -22.58 -6.13
C PRO A 101 1.23 -24.11 -6.04
N ARG A 102 0.26 -24.64 -5.31
CA ARG A 102 0.12 -26.08 -5.14
C ARG A 102 -1.35 -26.43 -4.98
N SER A 103 -2.02 -26.65 -6.10
CA SER A 103 -3.44 -26.96 -6.09
C SER A 103 -3.67 -28.47 -5.94
N ASP A 104 -3.24 -29.00 -4.80
CA ASP A 104 -3.44 -30.42 -4.50
C ASP A 104 -4.72 -30.59 -3.71
N GLY A 105 -5.48 -29.51 -3.60
CA GLY A 105 -6.73 -29.53 -2.86
C GLY A 105 -7.81 -30.28 -3.60
N THR A 106 -8.05 -31.52 -3.21
CA THR A 106 -9.10 -32.32 -3.80
C THR A 106 -9.63 -33.32 -2.76
N GLY A 1 5.69 27.24 -3.94
CA GLY A 1 6.38 28.52 -3.62
C GLY A 1 6.07 29.00 -2.23
N SER A 2 6.25 30.29 -2.00
CA SER A 2 6.03 30.88 -0.69
C SER A 2 4.55 31.22 -0.49
N HIS A 3 3.85 31.43 -1.59
CA HIS A 3 2.43 31.74 -1.55
C HIS A 3 1.59 30.48 -1.50
N MET A 4 1.23 30.07 -0.30
CA MET A 4 0.44 28.86 -0.09
C MET A 4 -0.31 28.92 1.23
N GLY A 5 -0.89 30.08 1.52
CA GLY A 5 -1.63 30.28 2.75
C GLY A 5 -2.85 29.37 2.82
N THR A 6 -3.42 29.08 1.68
CA THR A 6 -4.55 28.18 1.58
C THR A 6 -4.18 26.75 1.97
N THR A 7 -4.93 26.18 2.90
CA THR A 7 -4.70 24.81 3.35
C THR A 7 -5.09 23.82 2.26
N THR A 8 -4.10 23.14 1.69
CA THR A 8 -4.34 22.20 0.61
C THR A 8 -4.99 20.92 1.15
N ALA A 9 -6.08 20.52 0.52
CA ALA A 9 -6.72 19.25 0.82
C ALA A 9 -6.43 18.24 -0.29
N PRO A 10 -5.47 17.35 -0.06
CA PRO A 10 -5.05 16.37 -1.06
C PRO A 10 -5.98 15.16 -1.13
N ASP A 11 -5.73 14.29 -2.08
CA ASP A 11 -6.54 13.11 -2.29
C ASP A 11 -5.67 11.87 -2.29
N ALA A 12 -6.26 10.73 -1.97
CA ALA A 12 -5.53 9.47 -1.94
C ALA A 12 -5.72 8.71 -3.25
N PRO A 13 -4.84 7.75 -3.56
CA PRO A 13 -4.99 6.89 -4.72
C PRO A 13 -6.15 5.91 -4.55
N PRO A 14 -7.01 5.79 -5.57
CA PRO A 14 -8.07 4.77 -5.59
C PRO A 14 -7.50 3.37 -5.38
N ASP A 15 -8.37 2.45 -4.97
CA ASP A 15 -7.96 1.09 -4.59
C ASP A 15 -6.88 0.53 -5.51
N PRO A 16 -5.64 0.47 -5.00
CA PRO A 16 -4.51 -0.07 -5.76
C PRO A 16 -4.67 -1.55 -6.05
N THR A 17 -4.20 -1.95 -7.21
CA THR A 17 -4.32 -3.32 -7.66
C THR A 17 -3.05 -4.09 -7.38
N VAL A 18 -3.24 -5.18 -6.66
CA VAL A 18 -2.16 -6.13 -6.44
C VAL A 18 -1.98 -6.98 -7.69
N ASP A 19 -0.80 -6.90 -8.28
CA ASP A 19 -0.55 -7.57 -9.55
C ASP A 19 -0.01 -8.98 -9.34
N GLN A 20 0.81 -9.15 -8.31
CA GLN A 20 1.45 -10.43 -8.06
C GLN A 20 1.36 -10.79 -6.58
N VAL A 21 0.90 -11.99 -6.31
CA VAL A 21 0.73 -12.48 -4.95
C VAL A 21 1.45 -13.80 -4.74
N ASP A 22 2.38 -13.81 -3.81
CA ASP A 22 3.10 -15.04 -3.45
C ASP A 22 2.98 -15.28 -1.94
N ASP A 23 3.78 -16.21 -1.43
CA ASP A 23 3.82 -16.49 0.00
C ASP A 23 4.39 -15.32 0.78
N THR A 24 5.61 -14.96 0.45
CA THR A 24 6.36 -13.96 1.19
C THR A 24 6.67 -12.75 0.31
N SER A 25 5.72 -12.40 -0.54
CA SER A 25 5.88 -11.32 -1.52
C SER A 25 4.53 -11.00 -2.17
N ILE A 26 4.18 -9.72 -2.19
CA ILE A 26 2.95 -9.26 -2.84
C ILE A 26 3.17 -7.86 -3.40
N VAL A 27 2.71 -7.59 -4.61
CA VAL A 27 2.99 -6.31 -5.23
C VAL A 27 1.72 -5.52 -5.46
N VAL A 28 1.69 -4.29 -5.00
CA VAL A 28 0.49 -3.49 -5.11
C VAL A 28 0.80 -2.21 -5.87
N ARG A 29 -0.15 -1.76 -6.68
CA ARG A 29 0.06 -0.59 -7.54
C ARG A 29 -1.09 0.38 -7.40
N TRP A 30 -0.76 1.60 -7.00
CA TRP A 30 -1.76 2.62 -6.67
C TRP A 30 -1.76 3.74 -7.70
N SER A 31 -2.94 4.24 -8.03
CA SER A 31 -3.08 5.37 -8.93
C SER A 31 -2.91 6.67 -8.15
N ARG A 32 -1.66 7.08 -8.02
CA ARG A 32 -1.26 8.26 -7.24
C ARG A 32 -2.10 9.51 -7.55
N PRO A 33 -2.15 10.46 -6.59
CA PRO A 33 -3.04 11.64 -6.64
C PRO A 33 -2.49 12.77 -7.50
N GLN A 34 -3.36 13.75 -7.73
CA GLN A 34 -2.98 14.94 -8.47
C GLN A 34 -2.48 16.02 -7.51
N ALA A 35 -2.61 15.74 -6.23
CA ALA A 35 -2.10 16.61 -5.18
C ALA A 35 -0.58 16.57 -5.18
N PRO A 36 0.09 17.70 -4.90
CA PRO A 36 1.53 17.70 -4.69
C PRO A 36 1.85 17.01 -3.38
N ILE A 37 2.50 15.87 -3.48
CA ILE A 37 2.77 15.03 -2.32
C ILE A 37 4.28 14.87 -2.16
N THR A 38 4.71 14.55 -0.95
CA THR A 38 6.14 14.45 -0.65
C THR A 38 6.64 13.01 -0.62
N GLY A 39 5.77 12.05 -0.39
CA GLY A 39 6.20 10.67 -0.36
C GLY A 39 5.06 9.71 -0.16
N TYR A 40 5.38 8.47 0.17
CA TYR A 40 4.39 7.48 0.53
C TYR A 40 4.87 6.65 1.70
N ARG A 41 3.99 6.43 2.66
CA ARG A 41 4.22 5.41 3.66
C ARG A 41 3.40 4.21 3.30
N ILE A 42 3.86 3.04 3.61
CA ILE A 42 3.09 1.85 3.28
C ILE A 42 3.10 0.82 4.40
N VAL A 43 1.97 0.65 5.06
CA VAL A 43 1.90 -0.30 6.15
C VAL A 43 1.04 -1.50 5.78
N TYR A 44 1.70 -2.61 5.62
CA TYR A 44 1.02 -3.86 5.32
C TYR A 44 1.16 -4.79 6.49
N SER A 45 0.01 -5.23 6.95
CA SER A 45 -0.07 -6.04 8.16
C SER A 45 -1.07 -7.17 8.00
N PRO A 46 -0.71 -8.37 8.48
CA PRO A 46 -1.62 -9.52 8.51
C PRO A 46 -2.72 -9.32 9.53
N SER A 47 -3.95 -9.55 9.09
CA SER A 47 -5.14 -9.28 9.88
C SER A 47 -5.11 -9.96 11.24
N VAL A 48 -4.52 -11.15 11.30
CA VAL A 48 -4.52 -11.92 12.53
C VAL A 48 -3.14 -12.00 13.20
N GLU A 49 -2.09 -12.18 12.40
CA GLU A 49 -0.74 -12.35 12.92
C GLU A 49 0.24 -12.56 11.78
N GLY A 50 1.47 -12.12 11.97
CA GLY A 50 2.48 -12.30 10.95
C GLY A 50 3.39 -11.10 10.81
N SER A 51 4.07 -11.00 9.68
CA SER A 51 5.01 -9.92 9.43
C SER A 51 4.32 -8.67 8.90
N SER A 52 4.49 -7.55 9.60
CA SER A 52 3.96 -6.27 9.14
C SER A 52 5.11 -5.30 8.89
N THR A 53 5.00 -4.52 7.83
CA THR A 53 6.10 -3.66 7.44
C THR A 53 5.60 -2.34 6.84
N GLU A 54 6.39 -1.29 7.01
CA GLU A 54 6.14 0.00 6.39
C GLU A 54 7.25 0.32 5.41
N LEU A 55 6.90 0.47 4.14
CA LEU A 55 7.87 0.92 3.14
C LEU A 55 7.67 2.39 2.86
N ASN A 56 8.76 3.06 2.56
CA ASN A 56 8.71 4.47 2.20
C ASN A 56 9.01 4.60 0.72
N LEU A 57 8.03 5.03 -0.05
CA LEU A 57 8.19 5.15 -1.48
C LEU A 57 8.23 6.61 -1.85
N PRO A 58 8.89 6.95 -2.95
CA PRO A 58 8.93 8.31 -3.43
C PRO A 58 7.54 8.83 -3.78
N GLU A 59 7.38 10.13 -3.61
CA GLU A 59 6.13 10.84 -3.95
C GLU A 59 5.59 10.46 -5.34
N THR A 60 6.46 9.98 -6.19
CA THR A 60 6.11 9.67 -7.57
C THR A 60 6.04 8.15 -7.79
N ALA A 61 5.98 7.40 -6.70
CA ALA A 61 5.93 5.94 -6.78
C ALA A 61 4.49 5.50 -7.03
N ASN A 62 4.34 4.24 -7.45
CA ASN A 62 3.03 3.73 -7.79
C ASN A 62 2.90 2.24 -7.51
N SER A 63 3.86 1.65 -6.82
CA SER A 63 3.80 0.23 -6.55
C SER A 63 4.84 -0.20 -5.51
N VAL A 64 4.41 -1.00 -4.54
CA VAL A 64 5.32 -1.54 -3.54
C VAL A 64 5.38 -3.07 -3.64
N THR A 65 6.58 -3.61 -3.54
CA THR A 65 6.78 -5.02 -3.43
C THR A 65 7.01 -5.40 -1.97
N LEU A 66 5.98 -5.93 -1.35
CA LEU A 66 6.02 -6.38 0.03
C LEU A 66 6.69 -7.73 0.09
N SER A 67 7.49 -7.95 1.12
CA SER A 67 8.26 -9.18 1.23
C SER A 67 8.19 -9.72 2.65
N ASP A 68 8.68 -10.94 2.82
CA ASP A 68 8.71 -11.64 4.11
C ASP A 68 7.31 -11.77 4.69
N LEU A 69 6.32 -11.93 3.83
CA LEU A 69 4.95 -12.17 4.26
C LEU A 69 4.82 -13.57 4.84
N GLN A 70 3.62 -13.96 5.21
CA GLN A 70 3.36 -15.31 5.66
C GLN A 70 2.25 -15.94 4.82
N PRO A 71 2.51 -17.13 4.24
CA PRO A 71 1.57 -17.82 3.35
C PRO A 71 0.27 -18.22 4.04
N GLY A 72 -0.85 -17.92 3.39
CA GLY A 72 -2.14 -18.31 3.91
C GLY A 72 -2.72 -17.27 4.85
N VAL A 73 -2.24 -16.05 4.75
CA VAL A 73 -2.67 -14.99 5.65
C VAL A 73 -3.18 -13.78 4.89
N GLN A 74 -4.14 -13.10 5.50
CA GLN A 74 -4.77 -11.93 4.94
C GLN A 74 -3.90 -10.70 5.19
N TYR A 75 -3.36 -10.11 4.13
CA TYR A 75 -2.48 -8.98 4.26
C TYR A 75 -3.17 -7.68 3.88
N ASN A 76 -3.33 -6.80 4.87
CA ASN A 76 -3.88 -5.49 4.65
C ASN A 76 -2.79 -4.52 4.26
N ILE A 77 -2.73 -4.17 2.99
CA ILE A 77 -1.78 -3.17 2.52
C ILE A 77 -2.42 -1.80 2.57
N THR A 78 -1.84 -0.95 3.37
CA THR A 78 -2.34 0.39 3.54
C THR A 78 -1.38 1.39 2.90
N ILE A 79 -1.86 2.07 1.86
CA ILE A 79 -1.05 3.07 1.15
C ILE A 79 -1.33 4.46 1.68
N TYR A 80 -0.32 5.11 2.19
CA TYR A 80 -0.43 6.47 2.68
C TYR A 80 0.28 7.42 1.72
N ALA A 81 -0.50 8.25 1.03
CA ALA A 81 0.08 9.34 0.25
C ALA A 81 0.39 10.47 1.22
N VAL A 82 1.64 10.90 1.27
CA VAL A 82 2.02 11.94 2.23
C VAL A 82 2.45 13.20 1.51
N GLU A 83 1.97 14.34 1.99
CA GLU A 83 2.24 15.62 1.39
C GLU A 83 3.10 16.45 2.34
N GLU A 84 3.57 17.58 1.83
CA GLU A 84 4.50 18.45 2.54
C GLU A 84 4.18 18.63 4.02
N ASN A 85 2.91 18.86 4.36
CA ASN A 85 2.54 19.12 5.75
C ASN A 85 1.44 18.18 6.23
N GLN A 86 0.80 17.47 5.32
CA GLN A 86 -0.36 16.69 5.65
C GLN A 86 -0.23 15.26 5.15
N GLU A 87 -1.20 14.43 5.53
CA GLU A 87 -1.27 13.06 5.09
C GLU A 87 -2.64 12.77 4.50
N SER A 88 -2.69 12.25 3.29
CA SER A 88 -3.95 11.92 2.64
C SER A 88 -4.61 10.70 3.27
N THR A 89 -5.85 10.43 2.85
CA THR A 89 -6.59 9.26 3.31
C THR A 89 -5.87 7.97 2.95
N PRO A 90 -6.03 6.92 3.75
CA PRO A 90 -5.33 5.66 3.56
C PRO A 90 -6.02 4.70 2.57
N VAL A 91 -5.19 4.04 1.79
CA VAL A 91 -5.60 2.90 0.98
C VAL A 91 -5.59 1.66 1.84
N VAL A 92 -6.67 0.89 1.84
CA VAL A 92 -6.64 -0.40 2.52
C VAL A 92 -7.08 -1.49 1.56
N ILE A 93 -6.12 -2.29 1.11
CA ILE A 93 -6.39 -3.41 0.23
C ILE A 93 -5.91 -4.71 0.86
N GLN A 94 -6.84 -5.56 1.24
CA GLN A 94 -6.48 -6.83 1.87
C GLN A 94 -6.44 -7.96 0.86
N GLN A 95 -5.25 -8.50 0.67
CA GLN A 95 -5.03 -9.63 -0.21
C GLN A 95 -4.41 -10.78 0.56
N GLU A 96 -4.96 -11.97 0.41
CA GLU A 96 -4.41 -13.13 1.09
C GLU A 96 -3.31 -13.76 0.26
N THR A 97 -2.23 -14.07 0.93
CA THR A 97 -1.10 -14.71 0.30
C THR A 97 -1.46 -16.11 -0.17
N THR A 98 -1.32 -16.35 -1.46
CA THR A 98 -1.70 -17.62 -2.06
C THR A 98 -0.76 -18.72 -1.59
N GLY A 99 0.48 -18.33 -1.32
CA GLY A 99 1.45 -19.25 -0.78
C GLY A 99 2.27 -19.92 -1.86
N THR A 100 2.72 -21.12 -1.58
CA THR A 100 3.53 -21.89 -2.51
C THR A 100 2.69 -23.01 -3.12
N PRO A 101 2.68 -23.11 -4.47
CA PRO A 101 1.93 -24.13 -5.20
C PRO A 101 2.27 -25.54 -4.74
N ARG A 102 3.48 -25.71 -4.24
CA ARG A 102 3.93 -26.97 -3.67
C ARG A 102 3.58 -27.03 -2.20
N SER A 103 2.79 -28.02 -1.81
CA SER A 103 2.35 -28.16 -0.43
C SER A 103 3.29 -29.10 0.34
N ASP A 104 4.40 -29.45 -0.28
CA ASP A 104 5.41 -30.29 0.36
C ASP A 104 6.42 -29.41 1.10
N GLY A 105 7.34 -30.03 1.81
CA GLY A 105 8.33 -29.30 2.56
C GLY A 105 8.62 -29.94 3.90
N THR A 106 7.57 -30.16 4.68
CA THR A 106 7.70 -30.82 5.97
C THR A 106 6.65 -31.92 6.09
N GLY A 1 -1.69 32.18 9.32
CA GLY A 1 -2.95 31.50 9.71
C GLY A 1 -4.09 32.49 9.84
N SER A 2 -5.04 32.19 10.73
CA SER A 2 -6.21 33.02 10.97
C SER A 2 -7.15 32.99 9.76
N HIS A 3 -8.31 32.38 9.96
CA HIS A 3 -9.31 32.24 8.90
C HIS A 3 -8.75 31.47 7.72
N MET A 4 -8.28 30.25 8.00
CA MET A 4 -7.70 29.39 6.99
C MET A 4 -8.82 28.70 6.20
N GLY A 5 -9.45 29.45 5.31
CA GLY A 5 -10.57 28.93 4.57
C GLY A 5 -10.15 28.07 3.40
N THR A 6 -8.97 28.32 2.87
CA THR A 6 -8.46 27.54 1.75
C THR A 6 -7.70 26.32 2.26
N THR A 7 -8.40 25.44 2.98
CA THR A 7 -7.80 24.24 3.53
C THR A 7 -7.72 23.15 2.47
N THR A 8 -6.66 23.18 1.68
CA THR A 8 -6.47 22.20 0.64
C THR A 8 -5.73 20.97 1.17
N ALA A 9 -6.34 19.81 1.03
CA ALA A 9 -5.78 18.58 1.55
C ALA A 9 -5.54 17.60 0.42
N PRO A 10 -4.41 16.88 0.46
CA PRO A 10 -4.07 15.90 -0.56
C PRO A 10 -5.01 14.71 -0.55
N ASP A 11 -5.42 14.29 -1.74
CA ASP A 11 -6.30 13.15 -1.90
C ASP A 11 -5.48 11.87 -1.98
N ALA A 12 -6.14 10.73 -1.82
CA ALA A 12 -5.48 9.44 -1.84
C ALA A 12 -5.56 8.80 -3.21
N PRO A 13 -4.67 7.84 -3.52
CA PRO A 13 -4.73 7.10 -4.77
C PRO A 13 -5.91 6.13 -4.77
N PRO A 14 -6.73 6.15 -5.84
CA PRO A 14 -7.81 5.19 -6.04
C PRO A 14 -7.33 3.75 -5.85
N ASP A 15 -8.26 2.90 -5.41
CA ASP A 15 -7.98 1.51 -5.00
C ASP A 15 -6.90 0.87 -5.85
N PRO A 16 -5.70 0.70 -5.27
CA PRO A 16 -4.55 0.07 -5.95
C PRO A 16 -4.75 -1.42 -6.20
N THR A 17 -4.24 -1.86 -7.34
CA THR A 17 -4.39 -3.24 -7.76
C THR A 17 -3.17 -4.07 -7.40
N VAL A 18 -3.43 -5.17 -6.74
CA VAL A 18 -2.39 -6.14 -6.43
C VAL A 18 -2.13 -6.99 -7.67
N ASP A 19 -0.92 -6.89 -8.19
CA ASP A 19 -0.55 -7.52 -9.43
C ASP A 19 -0.08 -8.96 -9.20
N GLN A 20 0.63 -9.17 -8.11
CA GLN A 20 1.21 -10.46 -7.80
C GLN A 20 0.98 -10.82 -6.34
N VAL A 21 0.59 -12.05 -6.11
CA VAL A 21 0.34 -12.54 -4.77
C VAL A 21 1.00 -13.89 -4.56
N ASP A 22 1.97 -13.94 -3.65
CA ASP A 22 2.68 -15.17 -3.35
C ASP A 22 2.76 -15.39 -1.84
N ASP A 23 3.69 -16.23 -1.42
CA ASP A 23 3.85 -16.56 0.00
C ASP A 23 4.35 -15.37 0.82
N THR A 24 5.58 -14.96 0.56
CA THR A 24 6.24 -13.96 1.36
C THR A 24 6.51 -12.70 0.53
N SER A 25 5.57 -12.39 -0.35
CA SER A 25 5.72 -11.30 -1.31
C SER A 25 4.39 -11.02 -2.01
N ILE A 26 4.00 -9.75 -2.06
CA ILE A 26 2.77 -9.33 -2.73
C ILE A 26 3.00 -7.95 -3.34
N VAL A 27 2.47 -7.67 -4.52
CA VAL A 27 2.79 -6.42 -5.19
C VAL A 27 1.55 -5.61 -5.41
N VAL A 28 1.59 -4.32 -5.10
CA VAL A 28 0.42 -3.48 -5.27
C VAL A 28 0.78 -2.23 -6.07
N ARG A 29 -0.19 -1.73 -6.83
CA ARG A 29 0.00 -0.56 -7.68
C ARG A 29 -1.12 0.43 -7.48
N TRP A 30 -0.75 1.63 -7.06
CA TRP A 30 -1.73 2.67 -6.74
C TRP A 30 -1.67 3.81 -7.76
N SER A 31 -2.82 4.37 -8.07
CA SER A 31 -2.89 5.50 -8.98
C SER A 31 -2.80 6.81 -8.20
N ARG A 32 -1.58 7.35 -8.14
CA ARG A 32 -1.25 8.51 -7.33
C ARG A 32 -2.22 9.69 -7.53
N PRO A 33 -2.26 10.60 -6.55
CA PRO A 33 -3.22 11.70 -6.49
C PRO A 33 -2.82 12.87 -7.37
N GLN A 34 -3.77 13.76 -7.60
CA GLN A 34 -3.51 15.01 -8.29
C GLN A 34 -2.87 15.99 -7.31
N ALA A 35 -2.88 15.60 -6.04
CA ALA A 35 -2.28 16.38 -4.97
C ALA A 35 -0.77 16.33 -5.04
N PRO A 36 -0.09 17.47 -4.81
CA PRO A 36 1.34 17.46 -4.57
C PRO A 36 1.64 16.77 -3.26
N ILE A 37 2.32 15.64 -3.35
CA ILE A 37 2.66 14.84 -2.18
C ILE A 37 4.18 14.74 -2.07
N THR A 38 4.70 14.51 -0.87
CA THR A 38 6.14 14.45 -0.65
C THR A 38 6.68 13.03 -0.68
N GLY A 39 5.83 12.04 -0.40
CA GLY A 39 6.29 10.68 -0.45
C GLY A 39 5.15 9.70 -0.26
N TYR A 40 5.48 8.46 0.06
CA TYR A 40 4.48 7.45 0.38
C TYR A 40 4.95 6.57 1.51
N ARG A 41 4.06 6.33 2.46
CA ARG A 41 4.29 5.30 3.46
C ARG A 41 3.42 4.12 3.13
N ILE A 42 3.86 2.94 3.47
CA ILE A 42 3.08 1.75 3.14
C ILE A 42 3.07 0.75 4.27
N VAL A 43 1.94 0.62 4.95
CA VAL A 43 1.85 -0.33 6.05
C VAL A 43 1.02 -1.53 5.66
N TYR A 44 1.68 -2.65 5.51
CA TYR A 44 1.01 -3.89 5.24
C TYR A 44 1.11 -4.79 6.44
N SER A 45 -0.05 -5.22 6.88
CA SER A 45 -0.17 -5.94 8.13
C SER A 45 -1.22 -7.04 8.00
N PRO A 46 -0.95 -8.23 8.58
CA PRO A 46 -1.89 -9.35 8.62
C PRO A 46 -3.15 -9.03 9.41
N SER A 47 -4.23 -9.71 9.06
CA SER A 47 -5.53 -9.45 9.65
C SER A 47 -5.61 -9.95 11.10
N VAL A 48 -4.86 -11.02 11.41
CA VAL A 48 -4.85 -11.51 12.78
C VAL A 48 -3.44 -11.44 13.41
N GLU A 49 -2.41 -11.81 12.64
CA GLU A 49 -1.03 -11.77 13.14
C GLU A 49 -0.07 -12.25 12.05
N GLY A 50 1.16 -11.75 12.12
CA GLY A 50 2.18 -12.11 11.16
C GLY A 50 3.18 -10.99 10.97
N SER A 51 3.85 -10.97 9.83
CA SER A 51 4.86 -9.97 9.56
C SER A 51 4.22 -8.72 8.95
N SER A 52 4.42 -7.58 9.61
CA SER A 52 3.94 -6.30 9.09
C SER A 52 5.12 -5.38 8.81
N THR A 53 4.99 -4.55 7.78
CA THR A 53 6.08 -3.65 7.41
C THR A 53 5.55 -2.35 6.81
N GLU A 54 6.33 -1.28 6.95
CA GLU A 54 6.04 -0.02 6.30
C GLU A 54 7.16 0.31 5.32
N LEU A 55 6.85 0.42 4.05
CA LEU A 55 7.83 0.84 3.06
C LEU A 55 7.67 2.33 2.79
N ASN A 56 8.73 2.94 2.31
CA ASN A 56 8.69 4.37 2.00
C ASN A 56 9.06 4.58 0.55
N LEU A 57 8.10 5.04 -0.23
CA LEU A 57 8.29 5.20 -1.65
C LEU A 57 8.30 6.67 -1.99
N PRO A 58 8.93 7.04 -3.09
CA PRO A 58 8.90 8.41 -3.56
C PRO A 58 7.49 8.83 -3.94
N GLU A 59 7.23 10.11 -3.77
CA GLU A 59 5.94 10.74 -4.09
C GLU A 59 5.38 10.34 -5.45
N THR A 60 6.28 9.97 -6.36
CA THR A 60 5.91 9.65 -7.72
C THR A 60 5.85 8.13 -7.95
N ALA A 61 6.03 7.37 -6.87
CA ALA A 61 5.99 5.91 -6.97
C ALA A 61 4.56 5.44 -7.11
N ASN A 62 4.37 4.27 -7.68
CA ASN A 62 3.02 3.79 -7.95
C ASN A 62 2.89 2.30 -7.70
N SER A 63 3.88 1.69 -7.05
CA SER A 63 3.85 0.25 -6.81
C SER A 63 4.84 -0.14 -5.70
N VAL A 64 4.39 -0.99 -4.79
CA VAL A 64 5.31 -1.56 -3.79
C VAL A 64 5.33 -3.07 -3.89
N THR A 65 6.53 -3.65 -3.85
CA THR A 65 6.68 -5.07 -3.70
C THR A 65 6.94 -5.41 -2.23
N LEU A 66 5.90 -5.86 -1.57
CA LEU A 66 5.96 -6.23 -0.18
C LEU A 66 6.62 -7.58 -0.06
N SER A 67 7.44 -7.76 0.95
CA SER A 67 8.21 -8.97 1.10
C SER A 67 8.27 -9.37 2.55
N ASP A 68 8.76 -10.58 2.79
CA ASP A 68 8.87 -11.14 4.14
C ASP A 68 7.48 -11.33 4.75
N LEU A 69 6.49 -11.58 3.89
CA LEU A 69 5.14 -11.87 4.35
C LEU A 69 5.08 -13.29 4.89
N GLN A 70 3.90 -13.74 5.28
CA GLN A 70 3.72 -15.12 5.69
C GLN A 70 2.73 -15.82 4.77
N PRO A 71 3.07 -17.04 4.31
CA PRO A 71 2.18 -17.83 3.45
C PRO A 71 0.90 -18.23 4.16
N GLY A 72 -0.24 -17.96 3.52
CA GLY A 72 -1.52 -18.32 4.10
C GLY A 72 -1.97 -17.31 5.13
N VAL A 73 -1.70 -16.04 4.87
CA VAL A 73 -2.06 -14.97 5.79
C VAL A 73 -2.69 -13.80 5.05
N GLN A 74 -3.74 -13.24 5.65
CA GLN A 74 -4.46 -12.12 5.09
C GLN A 74 -3.66 -10.85 5.28
N TYR A 75 -3.33 -10.20 4.19
CA TYR A 75 -2.51 -9.00 4.24
C TYR A 75 -3.27 -7.76 3.81
N ASN A 76 -3.44 -6.85 4.77
CA ASN A 76 -4.00 -5.54 4.49
C ASN A 76 -2.87 -4.59 4.12
N ILE A 77 -2.82 -4.21 2.85
CA ILE A 77 -1.85 -3.21 2.39
C ILE A 77 -2.48 -1.84 2.46
N THR A 78 -1.88 -0.99 3.24
CA THR A 78 -2.35 0.34 3.41
C THR A 78 -1.38 1.35 2.79
N ILE A 79 -1.83 2.05 1.76
CA ILE A 79 -0.97 3.04 1.10
C ILE A 79 -1.26 4.43 1.67
N TYR A 80 -0.22 5.18 1.92
CA TYR A 80 -0.33 6.53 2.44
C TYR A 80 0.39 7.51 1.53
N ALA A 81 -0.37 8.38 0.85
CA ALA A 81 0.23 9.48 0.09
C ALA A 81 0.56 10.58 1.07
N VAL A 82 1.84 10.80 1.31
CA VAL A 82 2.24 11.75 2.34
C VAL A 82 2.64 13.07 1.71
N GLU A 83 2.24 14.16 2.35
CA GLU A 83 2.55 15.51 1.90
C GLU A 83 3.40 16.20 2.96
N GLU A 84 3.99 17.35 2.61
CA GLU A 84 4.83 18.13 3.53
C GLU A 84 4.27 18.18 4.94
N ASN A 85 3.01 18.57 5.08
CA ASN A 85 2.42 18.76 6.41
C ASN A 85 1.17 17.93 6.58
N GLN A 86 0.79 17.15 5.58
CA GLN A 86 -0.49 16.45 5.62
C GLN A 86 -0.35 15.00 5.18
N GLU A 87 -1.44 14.26 5.35
CA GLU A 87 -1.49 12.86 4.92
C GLU A 87 -2.83 12.59 4.25
N SER A 88 -2.77 12.01 3.06
CA SER A 88 -3.97 11.63 2.34
C SER A 88 -4.68 10.48 3.06
N THR A 89 -5.95 10.28 2.74
CA THR A 89 -6.69 9.14 3.27
C THR A 89 -6.00 7.83 2.88
N PRO A 90 -6.16 6.79 3.69
CA PRO A 90 -5.42 5.54 3.50
C PRO A 90 -6.05 4.62 2.46
N VAL A 91 -5.18 3.99 1.67
CA VAL A 91 -5.56 2.88 0.81
C VAL A 91 -5.57 1.63 1.63
N VAL A 92 -6.69 0.92 1.67
CA VAL A 92 -6.68 -0.39 2.30
C VAL A 92 -7.12 -1.45 1.29
N ILE A 93 -6.15 -2.23 0.84
CA ILE A 93 -6.41 -3.34 -0.07
C ILE A 93 -5.96 -4.65 0.56
N GLN A 94 -6.90 -5.53 0.82
CA GLN A 94 -6.59 -6.75 1.53
C GLN A 94 -6.53 -7.95 0.58
N GLN A 95 -5.39 -8.62 0.59
CA GLN A 95 -5.17 -9.80 -0.22
C GLN A 95 -4.51 -10.88 0.62
N GLU A 96 -4.99 -12.11 0.52
CA GLU A 96 -4.40 -13.22 1.24
C GLU A 96 -3.24 -13.81 0.46
N THR A 97 -2.14 -14.06 1.13
CA THR A 97 -0.98 -14.65 0.50
C THR A 97 -1.28 -16.08 0.06
N THR A 98 -1.07 -16.33 -1.22
CA THR A 98 -1.42 -17.62 -1.82
C THR A 98 -0.50 -18.72 -1.31
N GLY A 99 0.74 -18.35 -1.01
CA GLY A 99 1.69 -19.32 -0.52
C GLY A 99 2.52 -19.90 -1.64
N THR A 100 2.81 -21.18 -1.55
CA THR A 100 3.58 -21.86 -2.58
C THR A 100 3.04 -23.27 -2.78
N PRO A 101 2.74 -23.65 -4.04
CA PRO A 101 2.38 -25.04 -4.38
C PRO A 101 3.59 -25.97 -4.25
N ARG A 102 4.14 -26.02 -3.05
CA ARG A 102 5.30 -26.84 -2.76
C ARG A 102 4.83 -28.20 -2.25
N SER A 103 5.49 -29.27 -2.72
CA SER A 103 5.08 -30.62 -2.37
C SER A 103 3.68 -30.90 -2.90
N ASP A 104 3.49 -30.61 -4.18
CA ASP A 104 2.19 -30.76 -4.83
C ASP A 104 1.92 -32.23 -5.14
N GLY A 105 0.75 -32.50 -5.68
CA GLY A 105 0.36 -33.87 -5.97
C GLY A 105 -0.28 -34.53 -4.78
N THR A 106 0.54 -35.13 -3.94
CA THR A 106 0.05 -35.77 -2.74
C THR A 106 0.60 -35.05 -1.50
N GLY A 1 -4.86 36.57 6.32
CA GLY A 1 -6.16 36.55 7.04
C GLY A 1 -6.56 35.16 7.45
N SER A 2 -7.60 35.06 8.26
CA SER A 2 -8.07 33.76 8.75
C SER A 2 -8.66 32.94 7.60
N HIS A 3 -9.44 33.58 6.75
CA HIS A 3 -10.02 32.91 5.61
C HIS A 3 -9.20 33.22 4.36
N MET A 4 -8.22 32.37 4.09
CA MET A 4 -7.30 32.58 2.98
C MET A 4 -7.96 32.22 1.66
N GLY A 5 -8.96 31.35 1.72
CA GLY A 5 -9.67 30.96 0.52
C GLY A 5 -10.34 29.61 0.69
N THR A 6 -9.73 28.58 0.12
CA THR A 6 -10.25 27.23 0.21
C THR A 6 -9.38 26.41 1.14
N THR A 7 -9.98 25.46 1.84
CA THR A 7 -9.24 24.57 2.72
C THR A 7 -8.40 23.61 1.90
N THR A 8 -7.08 23.75 1.99
CA THR A 8 -6.17 22.90 1.26
C THR A 8 -6.34 21.44 1.69
N ALA A 9 -6.69 20.59 0.75
CA ALA A 9 -6.95 19.20 1.04
C ALA A 9 -6.54 18.32 -0.13
N PRO A 10 -5.48 17.53 0.04
CA PRO A 10 -5.04 16.57 -0.97
C PRO A 10 -5.88 15.30 -0.95
N ASP A 11 -5.62 14.41 -1.90
CA ASP A 11 -6.41 13.19 -2.04
C ASP A 11 -5.49 11.98 -2.06
N ALA A 12 -6.08 10.81 -1.86
CA ALA A 12 -5.34 9.56 -1.90
C ALA A 12 -5.44 8.91 -3.27
N PRO A 13 -4.56 7.94 -3.58
CA PRO A 13 -4.63 7.20 -4.84
C PRO A 13 -5.81 6.23 -4.86
N PRO A 14 -6.62 6.27 -5.94
CA PRO A 14 -7.70 5.30 -6.16
C PRO A 14 -7.24 3.87 -5.97
N ASP A 15 -8.20 3.00 -5.64
CA ASP A 15 -7.95 1.61 -5.24
C ASP A 15 -6.85 0.95 -6.07
N PRO A 16 -5.66 0.76 -5.46
CA PRO A 16 -4.51 0.12 -6.11
C PRO A 16 -4.73 -1.36 -6.36
N THR A 17 -4.12 -1.85 -7.42
CA THR A 17 -4.26 -3.24 -7.82
C THR A 17 -3.00 -4.03 -7.50
N VAL A 18 -3.21 -5.18 -6.91
CA VAL A 18 -2.13 -6.12 -6.64
C VAL A 18 -1.90 -7.00 -7.87
N ASP A 19 -0.69 -6.96 -8.39
CA ASP A 19 -0.34 -7.65 -9.63
C ASP A 19 0.24 -9.03 -9.35
N GLN A 20 0.87 -9.17 -8.18
CA GLN A 20 1.56 -10.40 -7.82
C GLN A 20 1.24 -10.79 -6.39
N VAL A 21 0.79 -12.01 -6.20
CA VAL A 21 0.49 -12.51 -4.87
C VAL A 21 1.19 -13.84 -4.64
N ASP A 22 2.19 -13.83 -3.78
CA ASP A 22 2.95 -15.04 -3.48
C ASP A 22 2.81 -15.36 -1.99
N ASP A 23 3.75 -16.11 -1.44
CA ASP A 23 3.70 -16.50 -0.04
C ASP A 23 4.31 -15.40 0.83
N THR A 24 5.54 -15.04 0.53
CA THR A 24 6.28 -14.05 1.31
C THR A 24 6.56 -12.80 0.46
N SER A 25 5.61 -12.47 -0.41
CA SER A 25 5.78 -11.41 -1.41
C SER A 25 4.44 -11.07 -2.06
N ILE A 26 4.11 -9.79 -2.11
CA ILE A 26 2.88 -9.33 -2.79
C ILE A 26 3.14 -7.95 -3.37
N VAL A 27 2.68 -7.66 -4.58
CA VAL A 27 3.00 -6.41 -5.22
C VAL A 27 1.76 -5.60 -5.49
N VAL A 28 1.76 -4.35 -5.06
CA VAL A 28 0.59 -3.52 -5.20
C VAL A 28 0.95 -2.24 -5.96
N ARG A 29 0.00 -1.74 -6.73
CA ARG A 29 0.23 -0.56 -7.58
C ARG A 29 -0.92 0.42 -7.43
N TRP A 30 -0.58 1.63 -7.03
CA TRP A 30 -1.58 2.66 -6.73
C TRP A 30 -1.54 3.79 -7.76
N SER A 31 -2.71 4.34 -8.06
CA SER A 31 -2.82 5.45 -8.99
C SER A 31 -2.74 6.79 -8.25
N ARG A 32 -1.52 7.34 -8.21
CA ARG A 32 -1.22 8.54 -7.41
C ARG A 32 -2.22 9.68 -7.66
N PRO A 33 -2.33 10.60 -6.67
CA PRO A 33 -3.30 11.68 -6.68
C PRO A 33 -2.88 12.85 -7.55
N GLN A 34 -3.82 13.75 -7.80
CA GLN A 34 -3.54 14.98 -8.51
C GLN A 34 -2.98 16.00 -7.51
N ALA A 35 -3.10 15.65 -6.24
CA ALA A 35 -2.59 16.44 -5.14
C ALA A 35 -1.07 16.47 -5.14
N PRO A 36 -0.49 17.59 -4.70
CA PRO A 36 0.95 17.66 -4.48
C PRO A 36 1.32 16.92 -3.20
N ILE A 37 2.06 15.84 -3.36
CA ILE A 37 2.43 14.98 -2.24
C ILE A 37 3.96 14.89 -2.17
N THR A 38 4.50 14.63 -1.00
CA THR A 38 5.95 14.59 -0.82
C THR A 38 6.52 13.17 -0.82
N GLY A 39 5.74 12.20 -0.39
CA GLY A 39 6.21 10.83 -0.38
C GLY A 39 5.08 9.85 -0.17
N TYR A 40 5.41 8.62 0.17
CA TYR A 40 4.40 7.60 0.49
C TYR A 40 4.85 6.73 1.64
N ARG A 41 3.95 6.48 2.58
CA ARG A 41 4.14 5.43 3.56
C ARG A 41 3.35 4.23 3.14
N ILE A 42 3.79 3.06 3.51
CA ILE A 42 3.04 1.84 3.19
C ILE A 42 3.03 0.86 4.33
N VAL A 43 1.90 0.69 4.99
CA VAL A 43 1.79 -0.25 6.09
C VAL A 43 0.97 -1.46 5.70
N TYR A 44 1.64 -2.58 5.56
CA TYR A 44 0.99 -3.83 5.27
C TYR A 44 1.12 -4.75 6.48
N SER A 45 -0.04 -5.21 6.91
CA SER A 45 -0.13 -5.98 8.14
C SER A 45 -1.07 -7.18 7.99
N PRO A 46 -0.67 -8.33 8.58
CA PRO A 46 -1.50 -9.54 8.59
C PRO A 46 -2.65 -9.43 9.57
N SER A 47 -3.80 -9.99 9.19
CA SER A 47 -5.00 -9.89 9.99
C SER A 47 -4.93 -10.75 11.26
N VAL A 48 -4.16 -11.85 11.22
CA VAL A 48 -4.08 -12.72 12.39
C VAL A 48 -2.66 -12.80 12.97
N GLU A 49 -1.65 -12.86 12.10
CA GLU A 49 -0.26 -12.96 12.53
C GLU A 49 0.65 -13.00 11.32
N GLY A 50 1.81 -12.36 11.43
CA GLY A 50 2.76 -12.36 10.34
C GLY A 50 3.67 -11.16 10.41
N SER A 51 4.28 -10.83 9.28
CA SER A 51 5.19 -9.70 9.22
C SER A 51 4.47 -8.45 8.73
N SER A 52 4.47 -7.40 9.55
CA SER A 52 3.93 -6.12 9.13
C SER A 52 5.06 -5.15 8.90
N THR A 53 4.95 -4.36 7.86
CA THR A 53 6.05 -3.47 7.48
C THR A 53 5.53 -2.18 6.86
N GLU A 54 6.29 -1.10 7.05
CA GLU A 54 6.01 0.17 6.42
C GLU A 54 7.14 0.52 5.46
N LEU A 55 6.84 0.56 4.18
CA LEU A 55 7.83 0.98 3.19
C LEU A 55 7.62 2.44 2.86
N ASN A 56 8.69 3.11 2.50
CA ASN A 56 8.63 4.52 2.17
C ASN A 56 8.99 4.72 0.71
N LEU A 57 8.04 5.19 -0.08
CA LEU A 57 8.25 5.34 -1.50
C LEU A 57 8.24 6.82 -1.85
N PRO A 58 8.85 7.19 -2.96
CA PRO A 58 8.80 8.57 -3.43
C PRO A 58 7.39 8.97 -3.83
N GLU A 59 7.10 10.26 -3.70
CA GLU A 59 5.81 10.85 -4.08
C GLU A 59 5.33 10.39 -5.47
N THR A 60 6.28 10.05 -6.33
CA THR A 60 5.98 9.68 -7.71
C THR A 60 6.01 8.16 -7.90
N ALA A 61 6.03 7.43 -6.79
CA ALA A 61 6.03 5.97 -6.87
C ALA A 61 4.60 5.48 -7.04
N ASN A 62 4.45 4.26 -7.51
CA ASN A 62 3.12 3.74 -7.79
C ASN A 62 3.02 2.24 -7.54
N SER A 63 3.97 1.67 -6.80
CA SER A 63 3.94 0.23 -6.57
C SER A 63 4.96 -0.18 -5.51
N VAL A 64 4.53 -1.04 -4.59
CA VAL A 64 5.43 -1.60 -3.58
C VAL A 64 5.45 -3.13 -3.67
N THR A 65 6.65 -3.70 -3.59
CA THR A 65 6.80 -5.12 -3.45
C THR A 65 7.02 -5.49 -1.99
N LEU A 66 5.97 -5.97 -1.37
CA LEU A 66 6.02 -6.38 0.03
C LEU A 66 6.67 -7.74 0.12
N SER A 67 7.50 -7.92 1.12
CA SER A 67 8.26 -9.14 1.24
C SER A 67 8.24 -9.64 2.68
N ASP A 68 8.74 -10.87 2.88
CA ASP A 68 8.77 -11.51 4.18
C ASP A 68 7.37 -11.72 4.75
N LEU A 69 6.38 -11.83 3.86
CA LEU A 69 5.01 -12.10 4.30
C LEU A 69 4.90 -13.50 4.87
N GLN A 70 3.70 -13.91 5.22
CA GLN A 70 3.48 -15.24 5.74
C GLN A 70 2.38 -15.91 4.91
N PRO A 71 2.72 -17.03 4.26
CA PRO A 71 1.79 -17.74 3.38
C PRO A 71 0.54 -18.24 4.10
N GLY A 72 -0.61 -18.02 3.48
CA GLY A 72 -1.86 -18.46 4.05
C GLY A 72 -2.40 -17.45 5.05
N VAL A 73 -1.99 -16.21 4.90
CA VAL A 73 -2.39 -15.15 5.81
C VAL A 73 -2.91 -13.95 5.04
N GLN A 74 -3.89 -13.28 5.64
CA GLN A 74 -4.53 -12.13 5.04
C GLN A 74 -3.69 -10.89 5.30
N TYR A 75 -3.25 -10.24 4.22
CA TYR A 75 -2.38 -9.08 4.35
C TYR A 75 -3.05 -7.81 3.85
N ASN A 76 -3.29 -6.90 4.76
CA ASN A 76 -3.87 -5.61 4.43
C ASN A 76 -2.77 -4.62 4.06
N ILE A 77 -2.74 -4.21 2.80
CA ILE A 77 -1.79 -3.21 2.35
C ILE A 77 -2.44 -1.85 2.39
N THR A 78 -1.93 -1.00 3.23
CA THR A 78 -2.43 0.33 3.39
C THR A 78 -1.43 1.33 2.80
N ILE A 79 -1.85 2.04 1.75
CA ILE A 79 -0.97 3.04 1.12
C ILE A 79 -1.28 4.41 1.70
N TYR A 80 -0.26 5.21 1.87
CA TYR A 80 -0.40 6.55 2.43
C TYR A 80 0.31 7.55 1.53
N ALA A 81 -0.44 8.43 0.89
CA ALA A 81 0.17 9.56 0.21
C ALA A 81 0.49 10.58 1.29
N VAL A 82 1.75 10.95 1.39
CA VAL A 82 2.14 11.94 2.38
C VAL A 82 2.52 13.24 1.71
N GLU A 83 2.05 14.34 2.26
CA GLU A 83 2.32 15.64 1.73
C GLU A 83 3.14 16.43 2.74
N GLU A 84 3.66 17.58 2.31
CA GLU A 84 4.61 18.39 3.08
C GLU A 84 4.32 18.41 4.59
N ASN A 85 3.11 18.75 4.97
CA ASN A 85 2.76 18.89 6.39
C ASN A 85 1.55 18.05 6.76
N GLN A 86 1.07 17.24 5.84
CA GLN A 86 -0.16 16.51 6.08
C GLN A 86 -0.11 15.12 5.47
N GLU A 87 -1.16 14.34 5.68
CA GLU A 87 -1.24 12.98 5.16
C GLU A 87 -2.62 12.73 4.58
N SER A 88 -2.68 12.22 3.37
CA SER A 88 -3.94 11.96 2.70
C SER A 88 -4.60 10.69 3.25
N THR A 89 -5.81 10.42 2.76
CA THR A 89 -6.56 9.24 3.16
C THR A 89 -5.82 7.96 2.79
N PRO A 90 -6.06 6.88 3.54
CA PRO A 90 -5.37 5.61 3.33
C PRO A 90 -6.02 4.71 2.26
N VAL A 91 -5.16 4.06 1.50
CA VAL A 91 -5.55 2.96 0.64
C VAL A 91 -5.60 1.70 1.48
N VAL A 92 -6.71 1.00 1.50
CA VAL A 92 -6.73 -0.29 2.13
C VAL A 92 -7.11 -1.36 1.14
N ILE A 93 -6.11 -2.13 0.72
CA ILE A 93 -6.30 -3.23 -0.19
C ILE A 93 -5.81 -4.51 0.46
N GLN A 94 -6.73 -5.39 0.80
CA GLN A 94 -6.37 -6.58 1.54
C GLN A 94 -6.27 -7.79 0.62
N GLN A 95 -5.07 -8.31 0.50
CA GLN A 95 -4.80 -9.48 -0.30
C GLN A 95 -4.27 -10.59 0.58
N GLU A 96 -4.90 -11.75 0.51
CA GLU A 96 -4.46 -12.90 1.26
C GLU A 96 -3.46 -13.70 0.43
N THR A 97 -2.33 -14.02 1.03
CA THR A 97 -1.27 -14.73 0.34
C THR A 97 -1.75 -16.12 -0.06
N THR A 98 -1.34 -16.53 -1.25
CA THR A 98 -1.82 -17.78 -1.84
C THR A 98 -1.30 -18.97 -1.05
N GLY A 99 -0.12 -18.82 -0.47
CA GLY A 99 0.41 -19.82 0.44
C GLY A 99 0.55 -21.18 -0.20
N THR A 100 1.69 -21.40 -0.82
CA THR A 100 1.97 -22.65 -1.50
C THR A 100 2.42 -23.70 -0.49
N PRO A 101 1.67 -24.80 -0.36
CA PRO A 101 2.02 -25.89 0.56
C PRO A 101 3.46 -26.34 0.35
N ARG A 102 4.31 -26.06 1.33
CA ARG A 102 5.74 -26.35 1.24
C ARG A 102 6.38 -25.47 0.17
N SER A 103 6.46 -24.17 0.46
CA SER A 103 7.00 -23.19 -0.46
C SER A 103 8.44 -23.53 -0.83
N ASP A 104 9.24 -23.84 0.17
CA ASP A 104 10.64 -24.20 -0.04
C ASP A 104 10.97 -25.49 0.70
N GLY A 105 11.26 -26.54 -0.06
CA GLY A 105 11.57 -27.83 0.54
C GLY A 105 10.33 -28.49 1.11
N THR A 106 10.29 -28.60 2.43
CA THR A 106 9.14 -29.15 3.12
C THR A 106 8.91 -28.40 4.42
N GLY A 1 -8.42 29.56 8.31
CA GLY A 1 -9.57 30.45 8.00
C GLY A 1 -9.54 30.96 6.59
N SER A 2 -10.36 31.96 6.29
CA SER A 2 -10.44 32.52 4.94
C SER A 2 -9.24 33.41 4.64
N HIS A 3 -8.75 34.11 5.65
CA HIS A 3 -7.60 35.00 5.50
C HIS A 3 -6.32 34.20 5.28
N MET A 4 -6.22 33.08 5.99
CA MET A 4 -5.08 32.19 5.84
C MET A 4 -5.49 30.77 6.20
N GLY A 5 -5.24 29.85 5.29
CA GLY A 5 -5.56 28.46 5.53
C GLY A 5 -4.77 27.55 4.61
N THR A 6 -3.48 27.44 4.87
CA THR A 6 -2.59 26.70 3.99
C THR A 6 -2.55 25.21 4.36
N THR A 7 -3.61 24.75 4.99
CA THR A 7 -3.74 23.33 5.32
C THR A 7 -4.18 22.55 4.08
N THR A 8 -3.21 21.95 3.41
CA THR A 8 -3.48 21.19 2.20
C THR A 8 -4.24 19.90 2.52
N ALA A 9 -5.28 19.63 1.74
CA ALA A 9 -6.03 18.39 1.88
C ALA A 9 -5.85 17.52 0.64
N PRO A 10 -4.81 16.68 0.62
CA PRO A 10 -4.52 15.82 -0.52
C PRO A 10 -5.39 14.56 -0.52
N ASP A 11 -5.52 13.94 -1.69
CA ASP A 11 -6.35 12.76 -1.83
C ASP A 11 -5.49 11.51 -1.96
N ALA A 12 -6.04 10.38 -1.55
CA ALA A 12 -5.36 9.11 -1.67
C ALA A 12 -5.56 8.53 -3.06
N PRO A 13 -4.66 7.66 -3.51
CA PRO A 13 -4.81 6.94 -4.77
C PRO A 13 -6.04 6.04 -4.75
N PRO A 14 -6.87 6.08 -5.80
CA PRO A 14 -7.98 5.15 -5.96
C PRO A 14 -7.52 3.71 -5.78
N ASP A 15 -8.41 2.89 -5.21
CA ASP A 15 -8.10 1.54 -4.73
C ASP A 15 -7.08 0.84 -5.59
N PRO A 16 -5.85 0.71 -5.07
CA PRO A 16 -4.74 0.03 -5.76
C PRO A 16 -4.99 -1.47 -5.91
N THR A 17 -4.42 -2.03 -6.94
CA THR A 17 -4.61 -3.44 -7.26
C THR A 17 -3.32 -4.20 -7.08
N VAL A 18 -3.44 -5.30 -6.38
CA VAL A 18 -2.32 -6.22 -6.20
C VAL A 18 -2.11 -7.04 -7.47
N ASP A 19 -0.92 -6.90 -8.04
CA ASP A 19 -0.58 -7.50 -9.32
C ASP A 19 0.09 -8.85 -9.12
N GLN A 20 0.77 -9.02 -8.00
CA GLN A 20 1.49 -10.25 -7.70
C GLN A 20 1.23 -10.68 -6.26
N VAL A 21 0.91 -11.95 -6.08
CA VAL A 21 0.66 -12.49 -4.75
C VAL A 21 1.42 -13.79 -4.54
N ASP A 22 2.50 -13.72 -3.76
CA ASP A 22 3.29 -14.89 -3.43
C ASP A 22 3.14 -15.22 -1.94
N ASP A 23 4.04 -16.03 -1.42
CA ASP A 23 4.07 -16.38 -0.01
C ASP A 23 4.57 -15.23 0.85
N THR A 24 5.81 -14.84 0.60
CA THR A 24 6.50 -13.87 1.41
C THR A 24 6.72 -12.59 0.62
N SER A 25 5.77 -12.28 -0.25
CA SER A 25 5.90 -11.20 -1.22
C SER A 25 4.54 -10.94 -1.88
N ILE A 26 4.14 -9.68 -1.92
CA ILE A 26 2.90 -9.28 -2.59
C ILE A 26 3.10 -7.89 -3.18
N VAL A 27 2.59 -7.64 -4.37
CA VAL A 27 2.83 -6.35 -5.01
C VAL A 27 1.55 -5.60 -5.22
N VAL A 28 1.53 -4.35 -4.78
CA VAL A 28 0.32 -3.56 -4.92
C VAL A 28 0.62 -2.31 -5.73
N ARG A 29 -0.34 -1.90 -6.55
CA ARG A 29 -0.12 -0.78 -7.46
C ARG A 29 -1.25 0.22 -7.33
N TRP A 30 -0.88 1.44 -6.99
CA TRP A 30 -1.85 2.51 -6.71
C TRP A 30 -1.81 3.59 -7.79
N SER A 31 -2.94 4.26 -7.97
CA SER A 31 -3.04 5.35 -8.93
C SER A 31 -2.87 6.69 -8.22
N ARG A 32 -1.65 7.22 -8.28
CA ARG A 32 -1.25 8.43 -7.55
C ARG A 32 -2.23 9.60 -7.74
N PRO A 33 -2.24 10.53 -6.77
CA PRO A 33 -3.18 11.64 -6.70
C PRO A 33 -2.75 12.83 -7.55
N GLN A 34 -3.70 13.73 -7.77
CA GLN A 34 -3.44 14.99 -8.43
C GLN A 34 -2.76 15.95 -7.44
N ALA A 35 -2.92 15.63 -6.16
CA ALA A 35 -2.27 16.37 -5.09
C ALA A 35 -0.76 16.30 -5.20
N PRO A 36 -0.06 17.39 -4.86
CA PRO A 36 1.38 17.35 -4.74
C PRO A 36 1.77 16.66 -3.45
N ILE A 37 2.42 15.52 -3.57
CA ILE A 37 2.77 14.70 -2.43
C ILE A 37 4.29 14.56 -2.36
N THR A 38 4.83 14.36 -1.16
CA THR A 38 6.27 14.22 -0.97
C THR A 38 6.75 12.78 -1.03
N GLY A 39 5.90 11.84 -0.63
CA GLY A 39 6.30 10.46 -0.63
C GLY A 39 5.13 9.55 -0.39
N TYR A 40 5.40 8.31 -0.01
CA TYR A 40 4.37 7.38 0.40
C TYR A 40 4.82 6.54 1.59
N ARG A 41 3.95 6.39 2.57
CA ARG A 41 4.15 5.39 3.61
C ARG A 41 3.26 4.22 3.31
N ILE A 42 3.68 3.03 3.65
CA ILE A 42 2.89 1.85 3.35
C ILE A 42 2.88 0.87 4.49
N VAL A 43 1.74 0.74 5.17
CA VAL A 43 1.64 -0.20 6.28
C VAL A 43 0.81 -1.40 5.89
N TYR A 44 1.47 -2.53 5.77
CA TYR A 44 0.81 -3.77 5.49
C TYR A 44 0.93 -4.68 6.68
N SER A 45 -0.22 -5.12 7.14
CA SER A 45 -0.32 -5.91 8.35
C SER A 45 -1.34 -7.02 8.18
N PRO A 46 -1.00 -8.23 8.64
CA PRO A 46 -1.91 -9.38 8.61
C PRO A 46 -3.12 -9.16 9.52
N SER A 47 -4.23 -9.79 9.15
CA SER A 47 -5.46 -9.65 9.90
C SER A 47 -5.37 -10.36 11.24
N VAL A 48 -4.68 -11.50 11.27
CA VAL A 48 -4.60 -12.29 12.50
C VAL A 48 -3.16 -12.41 13.03
N GLU A 49 -2.20 -12.65 12.14
CA GLU A 49 -0.83 -12.87 12.57
C GLU A 49 0.12 -12.91 11.37
N GLY A 50 1.31 -12.34 11.54
CA GLY A 50 2.30 -12.36 10.48
C GLY A 50 3.23 -11.17 10.55
N SER A 51 3.80 -10.80 9.42
CA SER A 51 4.75 -9.71 9.34
C SER A 51 4.08 -8.39 8.95
N SER A 52 4.19 -7.38 9.80
CA SER A 52 3.69 -6.05 9.45
C SER A 52 4.87 -5.14 9.14
N THR A 53 4.77 -4.38 8.07
CA THR A 53 5.87 -3.54 7.63
C THR A 53 5.37 -2.24 7.00
N GLU A 54 6.17 -1.19 7.11
CA GLU A 54 5.86 0.09 6.52
C GLU A 54 6.97 0.49 5.55
N LEU A 55 6.66 0.55 4.27
CA LEU A 55 7.64 0.97 3.28
C LEU A 55 7.48 2.44 2.96
N ASN A 56 8.55 3.04 2.46
CA ASN A 56 8.53 4.44 2.07
C ASN A 56 8.90 4.55 0.61
N LEU A 57 7.96 4.96 -0.20
CA LEU A 57 8.16 5.04 -1.64
C LEU A 57 8.21 6.50 -2.05
N PRO A 58 8.86 6.78 -3.17
CA PRO A 58 8.91 8.14 -3.70
C PRO A 58 7.51 8.62 -4.08
N GLU A 59 7.31 9.91 -3.93
CA GLU A 59 6.04 10.60 -4.26
C GLU A 59 5.45 10.16 -5.60
N THR A 60 6.29 9.69 -6.50
CA THR A 60 5.88 9.35 -7.84
C THR A 60 5.79 7.82 -8.03
N ALA A 61 5.92 7.09 -6.94
CA ALA A 61 5.86 5.63 -6.99
C ALA A 61 4.42 5.18 -7.15
N ASN A 62 4.23 3.98 -7.68
CA ASN A 62 2.88 3.48 -7.89
C ASN A 62 2.76 1.99 -7.58
N SER A 63 3.75 1.42 -6.91
CA SER A 63 3.68 0.00 -6.57
C SER A 63 4.67 -0.34 -5.46
N VAL A 64 4.22 -1.09 -4.47
CA VAL A 64 5.13 -1.58 -3.43
C VAL A 64 5.21 -3.10 -3.49
N THR A 65 6.44 -3.61 -3.38
CA THR A 65 6.68 -5.02 -3.21
C THR A 65 6.87 -5.34 -1.73
N LEU A 66 5.82 -5.85 -1.12
CA LEU A 66 5.85 -6.25 0.28
C LEU A 66 6.56 -7.58 0.39
N SER A 67 7.35 -7.76 1.44
CA SER A 67 8.18 -8.93 1.55
C SER A 67 8.15 -9.47 2.98
N ASP A 68 8.69 -10.68 3.14
CA ASP A 68 8.74 -11.38 4.42
C ASP A 68 7.34 -11.70 4.94
N LEU A 69 6.38 -11.80 4.03
CA LEU A 69 5.00 -12.16 4.40
C LEU A 69 4.94 -13.61 4.85
N GLN A 70 3.74 -14.09 5.13
CA GLN A 70 3.55 -15.47 5.51
C GLN A 70 2.44 -16.07 4.65
N PRO A 71 2.69 -17.21 4.00
CA PRO A 71 1.72 -17.85 3.12
C PRO A 71 0.48 -18.35 3.88
N GLY A 72 -0.70 -18.08 3.32
CA GLY A 72 -1.94 -18.46 3.97
C GLY A 72 -2.36 -17.44 5.00
N VAL A 73 -2.02 -16.18 4.74
CA VAL A 73 -2.32 -15.09 5.67
C VAL A 73 -2.90 -13.90 4.92
N GLN A 74 -3.87 -13.25 5.54
CA GLN A 74 -4.53 -12.10 4.94
C GLN A 74 -3.76 -10.83 5.27
N TYR A 75 -3.34 -10.14 4.22
CA TYR A 75 -2.50 -8.97 4.39
C TYR A 75 -3.21 -7.69 3.99
N ASN A 76 -3.44 -6.84 4.97
CA ASN A 76 -4.06 -5.55 4.73
C ASN A 76 -2.99 -4.52 4.37
N ILE A 77 -2.93 -4.14 3.10
CA ILE A 77 -1.99 -3.12 2.64
C ILE A 77 -2.65 -1.77 2.68
N THR A 78 -2.07 -0.88 3.46
CA THR A 78 -2.56 0.46 3.56
C THR A 78 -1.56 1.43 2.95
N ILE A 79 -2.00 2.14 1.90
CA ILE A 79 -1.12 3.12 1.24
C ILE A 79 -1.39 4.51 1.79
N TYR A 80 -0.35 5.28 1.99
CA TYR A 80 -0.45 6.64 2.48
C TYR A 80 0.32 7.58 1.56
N ALA A 81 -0.39 8.44 0.84
CA ALA A 81 0.26 9.48 0.04
C ALA A 81 0.64 10.62 0.96
N VAL A 82 1.93 10.79 1.20
CA VAL A 82 2.38 11.78 2.19
C VAL A 82 2.80 13.07 1.50
N GLU A 83 2.48 14.19 2.13
CA GLU A 83 2.73 15.51 1.61
C GLU A 83 3.67 16.23 2.59
N GLU A 84 4.27 17.34 2.18
CA GLU A 84 5.24 18.07 3.01
C GLU A 84 4.78 18.23 4.45
N ASN A 85 3.53 18.63 4.63
CA ASN A 85 3.02 18.92 5.97
C ASN A 85 1.73 18.15 6.25
N GLN A 86 1.28 17.36 5.30
CA GLN A 86 -0.02 16.72 5.41
C GLN A 86 0.07 15.24 5.02
N GLU A 87 -1.03 14.54 5.22
CA GLU A 87 -1.14 13.14 4.81
C GLU A 87 -2.49 12.90 4.16
N SER A 88 -2.48 12.23 3.03
CA SER A 88 -3.70 11.96 2.30
C SER A 88 -4.50 10.85 2.99
N THR A 89 -5.69 10.59 2.47
CA THR A 89 -6.53 9.50 2.98
C THR A 89 -5.81 8.15 2.82
N PRO A 90 -6.22 7.13 3.59
CA PRO A 90 -5.59 5.82 3.52
C PRO A 90 -6.20 4.88 2.48
N VAL A 91 -5.32 4.22 1.74
CA VAL A 91 -5.69 3.11 0.89
C VAL A 91 -5.75 1.86 1.72
N VAL A 92 -6.86 1.14 1.68
CA VAL A 92 -6.92 -0.13 2.37
C VAL A 92 -7.31 -1.24 1.40
N ILE A 93 -6.34 -2.06 1.04
CA ILE A 93 -6.57 -3.18 0.14
C ILE A 93 -6.03 -4.47 0.76
N GLN A 94 -6.92 -5.40 1.03
CA GLN A 94 -6.53 -6.65 1.68
C GLN A 94 -6.36 -7.77 0.67
N GLN A 95 -5.25 -8.47 0.76
CA GLN A 95 -4.96 -9.59 -0.12
C GLN A 95 -4.30 -10.70 0.67
N GLU A 96 -4.83 -11.91 0.54
CA GLU A 96 -4.25 -13.07 1.20
C GLU A 96 -3.16 -13.68 0.35
N THR A 97 -2.10 -14.09 1.00
CA THR A 97 -0.95 -14.70 0.34
C THR A 97 -1.29 -16.08 -0.20
N THR A 98 -1.18 -16.25 -1.51
CA THR A 98 -1.48 -17.51 -2.15
C THR A 98 -0.41 -18.54 -1.84
N GLY A 99 0.82 -18.07 -1.67
CA GLY A 99 1.91 -18.95 -1.36
C GLY A 99 2.89 -19.07 -2.50
N THR A 100 3.87 -19.95 -2.34
CA THR A 100 4.87 -20.18 -3.37
C THR A 100 4.25 -21.01 -4.51
N PRO A 101 4.35 -20.53 -5.76
CA PRO A 101 3.87 -21.26 -6.94
C PRO A 101 4.69 -22.52 -7.22
N ARG A 102 4.61 -23.48 -6.32
CA ARG A 102 5.30 -24.75 -6.48
C ARG A 102 4.61 -25.59 -7.55
N SER A 103 3.29 -25.71 -7.42
CA SER A 103 2.48 -26.42 -8.40
C SER A 103 2.99 -27.85 -8.58
N ASP A 104 2.99 -28.60 -7.48
CA ASP A 104 3.41 -29.99 -7.49
C ASP A 104 2.21 -30.89 -7.72
N GLY A 105 1.12 -30.60 -7.04
CA GLY A 105 -0.08 -31.38 -7.19
C GLY A 105 -1.31 -30.60 -6.78
N THR A 106 -2.33 -30.62 -7.63
CA THR A 106 -3.58 -29.95 -7.34
C THR A 106 -4.39 -30.73 -6.32
N GLY A 1 -11.21 29.83 -14.28
CA GLY A 1 -10.66 29.42 -12.97
C GLY A 1 -9.19 29.06 -13.07
N SER A 2 -8.57 28.78 -11.94
CA SER A 2 -7.17 28.41 -11.90
C SER A 2 -7.02 26.96 -11.47
N HIS A 3 -6.34 26.17 -12.28
CA HIS A 3 -6.17 24.74 -12.03
C HIS A 3 -5.18 24.53 -10.89
N MET A 4 -4.27 25.48 -10.73
CA MET A 4 -3.28 25.41 -9.66
C MET A 4 -3.77 26.16 -8.43
N GLY A 5 -2.98 26.12 -7.38
CA GLY A 5 -3.33 26.78 -6.14
C GLY A 5 -2.90 25.99 -4.94
N THR A 6 -2.98 26.60 -3.77
CA THR A 6 -2.62 25.93 -2.53
C THR A 6 -3.47 24.69 -2.32
N THR A 7 -2.90 23.53 -2.60
CA THR A 7 -3.60 22.28 -2.46
C THR A 7 -3.54 21.79 -1.03
N THR A 8 -4.46 22.29 -0.21
CA THR A 8 -4.54 21.89 1.18
C THR A 8 -5.25 20.54 1.29
N ALA A 9 -4.62 19.62 2.02
CA ALA A 9 -5.16 18.27 2.22
C ALA A 9 -5.19 17.49 0.91
N PRO A 10 -4.07 16.80 0.59
CA PRO A 10 -3.95 16.04 -0.65
C PRO A 10 -4.91 14.84 -0.70
N ASP A 11 -5.22 14.40 -1.91
CA ASP A 11 -6.09 13.24 -2.10
C ASP A 11 -5.29 11.95 -2.01
N ALA A 12 -5.98 10.86 -1.76
CA ALA A 12 -5.37 9.54 -1.74
C ALA A 12 -5.54 8.86 -3.09
N PRO A 13 -4.70 7.88 -3.42
CA PRO A 13 -4.88 7.09 -4.64
C PRO A 13 -6.07 6.16 -4.51
N PRO A 14 -6.88 6.04 -5.58
CA PRO A 14 -8.01 5.12 -5.61
C PRO A 14 -7.53 3.69 -5.41
N ASP A 15 -8.45 2.81 -5.01
CA ASP A 15 -8.11 1.44 -4.59
C ASP A 15 -7.08 0.81 -5.51
N PRO A 16 -5.84 0.67 -5.01
CA PRO A 16 -4.74 0.05 -5.76
C PRO A 16 -4.98 -1.44 -5.97
N THR A 17 -4.40 -1.96 -7.03
CA THR A 17 -4.56 -3.35 -7.39
C THR A 17 -3.26 -4.10 -7.20
N VAL A 18 -3.39 -5.23 -6.53
CA VAL A 18 -2.29 -6.15 -6.35
C VAL A 18 -2.10 -7.00 -7.61
N ASP A 19 -0.90 -6.97 -8.14
CA ASP A 19 -0.58 -7.67 -9.38
C ASP A 19 -0.26 -9.14 -9.13
N GLN A 20 0.61 -9.38 -8.16
CA GLN A 20 1.04 -10.73 -7.84
C GLN A 20 1.09 -10.95 -6.35
N VAL A 21 0.69 -12.14 -5.93
CA VAL A 21 0.70 -12.50 -4.52
C VAL A 21 1.41 -13.84 -4.29
N ASP A 22 2.39 -13.84 -3.41
CA ASP A 22 3.11 -15.05 -3.05
C ASP A 22 3.06 -15.24 -1.54
N ASP A 23 3.88 -16.15 -1.04
CA ASP A 23 3.97 -16.44 0.38
C ASP A 23 4.45 -15.22 1.17
N THR A 24 5.68 -14.83 0.90
CA THR A 24 6.35 -13.79 1.65
C THR A 24 6.55 -12.54 0.80
N SER A 25 5.59 -12.26 -0.08
CA SER A 25 5.70 -11.14 -1.02
C SER A 25 4.36 -10.88 -1.71
N ILE A 26 4.05 -9.60 -1.88
CA ILE A 26 2.83 -9.17 -2.59
C ILE A 26 3.09 -7.83 -3.25
N VAL A 27 2.61 -7.61 -4.46
CA VAL A 27 2.90 -6.35 -5.14
C VAL A 27 1.62 -5.57 -5.36
N VAL A 28 1.61 -4.31 -4.96
CA VAL A 28 0.40 -3.51 -5.08
C VAL A 28 0.69 -2.24 -5.87
N ARG A 29 -0.29 -1.79 -6.64
CA ARG A 29 -0.11 -0.64 -7.53
C ARG A 29 -1.25 0.36 -7.36
N TRP A 30 -0.88 1.58 -7.01
CA TRP A 30 -1.84 2.64 -6.69
C TRP A 30 -1.77 3.78 -7.72
N SER A 31 -2.93 4.34 -8.04
CA SER A 31 -2.98 5.48 -8.96
C SER A 31 -2.84 6.78 -8.18
N ARG A 32 -1.63 7.31 -8.18
CA ARG A 32 -1.26 8.50 -7.39
C ARG A 32 -2.21 9.69 -7.61
N PRO A 33 -2.23 10.63 -6.65
CA PRO A 33 -3.12 11.79 -6.66
C PRO A 33 -2.59 12.91 -7.54
N GLN A 34 -3.45 13.87 -7.84
CA GLN A 34 -3.05 15.04 -8.61
C GLN A 34 -2.51 16.12 -7.68
N ALA A 35 -2.60 15.83 -6.38
CA ALA A 35 -2.03 16.69 -5.35
C ALA A 35 -0.52 16.62 -5.36
N PRO A 36 0.16 17.72 -5.01
CA PRO A 36 1.59 17.70 -4.77
C PRO A 36 1.89 16.96 -3.46
N ILE A 37 2.59 15.84 -3.57
CA ILE A 37 2.87 14.98 -2.43
C ILE A 37 4.38 14.77 -2.33
N THR A 38 4.88 14.50 -1.12
CA THR A 38 6.31 14.35 -0.90
C THR A 38 6.78 12.91 -0.97
N GLY A 39 5.94 11.96 -0.57
CA GLY A 39 6.35 10.58 -0.56
C GLY A 39 5.18 9.65 -0.35
N TYR A 40 5.46 8.42 0.02
CA TYR A 40 4.43 7.45 0.38
C TYR A 40 4.86 6.58 1.54
N ARG A 41 3.98 6.39 2.50
CA ARG A 41 4.17 5.36 3.52
C ARG A 41 3.34 4.16 3.16
N ILE A 42 3.80 2.99 3.50
CA ILE A 42 3.04 1.78 3.19
C ILE A 42 3.06 0.78 4.32
N VAL A 43 1.93 0.63 5.01
CA VAL A 43 1.85 -0.28 6.14
C VAL A 43 0.99 -1.49 5.81
N TYR A 44 1.64 -2.63 5.69
CA TYR A 44 0.95 -3.87 5.40
C TYR A 44 1.08 -4.82 6.57
N SER A 45 -0.07 -5.33 6.98
CA SER A 45 -0.17 -6.17 8.18
C SER A 45 -1.18 -7.29 8.01
N PRO A 46 -0.92 -8.47 8.60
CA PRO A 46 -1.84 -9.60 8.60
C PRO A 46 -2.91 -9.44 9.68
N SER A 47 -4.06 -10.08 9.46
CA SER A 47 -5.13 -10.00 10.42
C SER A 47 -4.95 -11.06 11.52
N VAL A 48 -4.34 -12.20 11.18
CA VAL A 48 -4.12 -13.26 12.15
C VAL A 48 -2.64 -13.43 12.50
N GLU A 49 -1.76 -13.21 11.51
CA GLU A 49 -0.33 -13.36 11.73
C GLU A 49 0.31 -12.04 12.16
N GLY A 50 1.63 -11.99 12.19
CA GLY A 50 2.30 -10.88 12.83
C GLY A 50 3.14 -10.00 11.92
N SER A 51 3.69 -10.53 10.84
CA SER A 51 4.67 -9.77 10.06
C SER A 51 4.02 -8.54 9.42
N SER A 52 4.44 -7.37 9.89
CA SER A 52 3.97 -6.10 9.35
C SER A 52 5.16 -5.27 8.87
N THR A 53 4.98 -4.50 7.82
CA THR A 53 6.07 -3.65 7.37
C THR A 53 5.54 -2.34 6.77
N GLU A 54 6.33 -1.28 6.94
CA GLU A 54 6.05 -0.01 6.31
C GLU A 54 7.17 0.34 5.33
N LEU A 55 6.84 0.46 4.05
CA LEU A 55 7.80 0.91 3.07
C LEU A 55 7.62 2.39 2.79
N ASN A 56 8.68 3.02 2.30
CA ASN A 56 8.64 4.43 1.97
C ASN A 56 8.97 4.60 0.50
N LEU A 57 7.99 5.05 -0.26
CA LEU A 57 8.16 5.16 -1.70
C LEU A 57 8.21 6.63 -2.08
N PRO A 58 8.79 6.95 -3.22
CA PRO A 58 8.80 8.31 -3.73
C PRO A 58 7.39 8.78 -4.11
N GLU A 59 7.20 10.07 -3.98
CA GLU A 59 5.95 10.77 -4.35
C GLU A 59 5.36 10.30 -5.68
N THR A 60 6.21 9.82 -6.56
CA THR A 60 5.82 9.48 -7.92
C THR A 60 5.71 7.97 -8.09
N ALA A 61 5.88 7.22 -7.01
CA ALA A 61 5.82 5.77 -7.07
C ALA A 61 4.38 5.31 -7.21
N ASN A 62 4.18 4.16 -7.82
CA ASN A 62 2.83 3.66 -8.04
C ASN A 62 2.71 2.18 -7.71
N SER A 63 3.68 1.62 -6.99
CA SER A 63 3.64 0.21 -6.67
C SER A 63 4.70 -0.17 -5.64
N VAL A 64 4.32 -1.00 -4.67
CA VAL A 64 5.26 -1.51 -3.68
C VAL A 64 5.32 -3.03 -3.73
N THR A 65 6.54 -3.57 -3.62
CA THR A 65 6.73 -4.98 -3.45
C THR A 65 6.96 -5.29 -1.97
N LEU A 66 5.92 -5.78 -1.33
CA LEU A 66 5.96 -6.15 0.07
C LEU A 66 6.61 -7.51 0.22
N SER A 67 7.35 -7.71 1.30
CA SER A 67 8.06 -8.95 1.51
C SER A 67 7.94 -9.35 2.97
N ASP A 68 8.50 -10.50 3.32
CA ASP A 68 8.44 -11.05 4.69
C ASP A 68 7.02 -11.40 5.10
N LEU A 69 6.14 -11.60 4.12
CA LEU A 69 4.76 -11.98 4.43
C LEU A 69 4.70 -13.42 4.92
N GLN A 70 3.49 -13.91 5.14
CA GLN A 70 3.30 -15.27 5.58
C GLN A 70 2.27 -15.95 4.67
N PRO A 71 2.60 -17.13 4.14
CA PRO A 71 1.71 -17.86 3.21
C PRO A 71 0.37 -18.24 3.84
N GLY A 72 -0.70 -18.01 3.09
CA GLY A 72 -2.02 -18.38 3.55
C GLY A 72 -2.60 -17.37 4.51
N VAL A 73 -2.30 -16.10 4.28
CA VAL A 73 -2.72 -15.04 5.21
C VAL A 73 -3.30 -13.85 4.46
N GLN A 74 -4.23 -13.15 5.12
CA GLN A 74 -4.87 -11.99 4.56
C GLN A 74 -4.08 -10.75 4.95
N TYR A 75 -3.35 -10.21 3.99
CA TYR A 75 -2.51 -9.05 4.22
C TYR A 75 -3.20 -7.77 3.80
N ASN A 76 -3.36 -6.87 4.75
CA ASN A 76 -3.95 -5.58 4.50
C ASN A 76 -2.84 -4.58 4.18
N ILE A 77 -2.80 -4.14 2.93
CA ILE A 77 -1.85 -3.13 2.50
C ILE A 77 -2.46 -1.76 2.57
N THR A 78 -1.87 -0.92 3.38
CA THR A 78 -2.34 0.41 3.57
C THR A 78 -1.38 1.40 2.91
N ILE A 79 -1.88 2.10 1.88
CA ILE A 79 -1.04 3.10 1.18
C ILE A 79 -1.32 4.49 1.76
N TYR A 80 -0.26 5.25 1.96
CA TYR A 80 -0.37 6.61 2.46
C TYR A 80 0.36 7.57 1.53
N ALA A 81 -0.39 8.43 0.85
CA ALA A 81 0.22 9.50 0.06
C ALA A 81 0.59 10.62 1.02
N VAL A 82 1.88 10.87 1.18
CA VAL A 82 2.31 11.86 2.16
C VAL A 82 2.76 13.14 1.47
N GLU A 83 2.32 14.25 2.03
CA GLU A 83 2.67 15.58 1.55
C GLU A 83 3.45 16.30 2.65
N GLU A 84 4.08 17.42 2.30
CA GLU A 84 4.83 18.22 3.27
C GLU A 84 4.07 18.41 4.58
N ASN A 85 2.80 18.78 4.49
CA ASN A 85 2.05 19.19 5.68
C ASN A 85 1.17 18.09 6.23
N GLN A 86 0.63 17.23 5.35
CA GLN A 86 -0.41 16.30 5.77
C GLN A 86 -0.31 14.99 5.03
N GLU A 87 -1.08 14.02 5.47
CA GLU A 87 -1.16 12.74 4.80
C GLU A 87 -2.56 12.55 4.26
N SER A 88 -2.67 11.88 3.13
CA SER A 88 -3.95 11.62 2.52
C SER A 88 -4.66 10.48 3.25
N THR A 89 -5.93 10.28 2.91
CA THR A 89 -6.69 9.16 3.44
C THR A 89 -6.00 7.85 3.06
N PRO A 90 -6.08 6.84 3.92
CA PRO A 90 -5.37 5.58 3.72
C PRO A 90 -6.05 4.64 2.71
N VAL A 91 -5.23 4.03 1.88
CA VAL A 91 -5.63 2.92 1.05
C VAL A 91 -5.60 1.66 1.87
N VAL A 92 -6.68 0.92 1.92
CA VAL A 92 -6.62 -0.40 2.54
C VAL A 92 -7.08 -1.45 1.54
N ILE A 93 -6.13 -2.22 1.03
CA ILE A 93 -6.41 -3.29 0.10
C ILE A 93 -5.92 -4.61 0.67
N GLN A 94 -6.85 -5.51 0.92
CA GLN A 94 -6.52 -6.78 1.54
C GLN A 94 -6.41 -7.89 0.51
N GLN A 95 -5.26 -8.56 0.51
CA GLN A 95 -5.01 -9.66 -0.39
C GLN A 95 -4.51 -10.88 0.38
N GLU A 96 -5.10 -12.04 0.12
CA GLU A 96 -4.65 -13.26 0.77
C GLU A 96 -3.49 -13.87 -0.02
N THR A 97 -2.41 -14.14 0.68
CA THR A 97 -1.22 -14.72 0.08
C THR A 97 -1.48 -16.17 -0.33
N THR A 98 -1.33 -16.45 -1.61
CA THR A 98 -1.56 -17.78 -2.14
C THR A 98 -0.49 -18.75 -1.66
N GLY A 99 0.71 -18.22 -1.46
CA GLY A 99 1.78 -19.03 -0.93
C GLY A 99 2.82 -19.34 -1.98
N THR A 100 3.64 -20.35 -1.70
CA THR A 100 4.67 -20.77 -2.63
C THR A 100 4.10 -21.77 -3.63
N PRO A 101 4.19 -21.46 -4.94
CA PRO A 101 3.71 -22.35 -6.01
C PRO A 101 4.23 -23.78 -5.85
N ARG A 102 3.37 -24.67 -5.41
CA ARG A 102 3.76 -26.04 -5.12
C ARG A 102 3.84 -26.87 -6.40
N SER A 103 4.73 -27.85 -6.39
CA SER A 103 4.92 -28.72 -7.54
C SER A 103 4.43 -30.13 -7.23
N ASP A 104 3.64 -30.25 -6.18
CA ASP A 104 3.10 -31.53 -5.75
C ASP A 104 1.62 -31.39 -5.41
N GLY A 105 0.87 -32.47 -5.57
CA GLY A 105 -0.55 -32.42 -5.32
C GLY A 105 -1.31 -32.03 -6.58
N THR A 106 -1.53 -30.74 -6.75
CA THR A 106 -2.15 -30.24 -7.95
C THR A 106 -1.21 -29.25 -8.64
N GLY A 1 -0.37 39.79 -1.65
CA GLY A 1 -0.52 40.28 -0.26
C GLY A 1 -0.14 39.21 0.74
N SER A 2 -0.80 39.21 1.89
CA SER A 2 -0.55 38.20 2.92
C SER A 2 -0.92 36.81 2.40
N HIS A 3 -0.15 35.81 2.80
CA HIS A 3 -0.37 34.46 2.31
C HIS A 3 -1.41 33.74 3.17
N MET A 4 -2.61 34.32 3.23
CA MET A 4 -3.70 33.73 3.96
C MET A 4 -4.62 32.99 3.00
N GLY A 5 -4.43 31.68 2.89
CA GLY A 5 -5.21 30.90 1.97
C GLY A 5 -4.50 29.64 1.57
N THR A 6 -4.95 29.04 0.47
CA THR A 6 -4.38 27.79 -0.02
C THR A 6 -4.57 26.68 1.02
N THR A 7 -5.82 26.32 1.24
CA THR A 7 -6.16 25.27 2.18
C THR A 7 -5.81 23.91 1.59
N THR A 8 -4.73 23.32 2.08
CA THR A 8 -4.25 22.04 1.59
C THR A 8 -5.25 20.92 1.90
N ALA A 9 -5.70 20.24 0.87
CA ALA A 9 -6.61 19.13 1.02
C ALA A 9 -6.34 18.06 -0.03
N PRO A 10 -5.40 17.16 0.25
CA PRO A 10 -4.99 16.12 -0.69
C PRO A 10 -5.96 14.95 -0.74
N ASP A 11 -5.61 13.95 -1.52
CA ASP A 11 -6.42 12.75 -1.67
C ASP A 11 -5.51 11.54 -1.83
N ALA A 12 -6.01 10.38 -1.44
CA ALA A 12 -5.23 9.15 -1.52
C ALA A 12 -5.45 8.47 -2.86
N PRO A 13 -4.48 7.65 -3.31
CA PRO A 13 -4.61 6.92 -4.58
C PRO A 13 -5.75 5.91 -4.53
N PRO A 14 -6.64 5.95 -5.53
CA PRO A 14 -7.73 4.97 -5.64
C PRO A 14 -7.20 3.55 -5.61
N ASP A 15 -7.99 2.68 -4.96
CA ASP A 15 -7.54 1.36 -4.50
C ASP A 15 -6.58 0.70 -5.45
N PRO A 16 -5.27 0.72 -5.12
CA PRO A 16 -4.25 -0.04 -5.82
C PRO A 16 -4.63 -1.50 -6.04
N THR A 17 -4.14 -2.04 -7.14
CA THR A 17 -4.36 -3.43 -7.48
C THR A 17 -3.10 -4.21 -7.28
N VAL A 18 -3.23 -5.32 -6.61
CA VAL A 18 -2.11 -6.24 -6.41
C VAL A 18 -1.85 -7.04 -7.68
N ASP A 19 -0.63 -6.91 -8.19
CA ASP A 19 -0.23 -7.53 -9.44
C ASP A 19 0.25 -8.96 -9.23
N GLN A 20 0.97 -9.18 -8.15
CA GLN A 20 1.53 -10.50 -7.85
C GLN A 20 1.32 -10.86 -6.40
N VAL A 21 0.75 -12.04 -6.17
CA VAL A 21 0.52 -12.54 -4.83
C VAL A 21 1.24 -13.88 -4.64
N ASP A 22 2.21 -13.89 -3.74
CA ASP A 22 2.96 -15.10 -3.44
C ASP A 22 2.94 -15.37 -1.94
N ASP A 23 3.84 -16.24 -1.49
CA ASP A 23 3.94 -16.63 -0.09
C ASP A 23 4.43 -15.48 0.78
N THR A 24 5.65 -15.05 0.53
CA THR A 24 6.33 -14.08 1.38
C THR A 24 6.63 -12.80 0.60
N SER A 25 5.72 -12.45 -0.30
CA SER A 25 5.90 -11.32 -1.21
C SER A 25 4.60 -11.02 -1.97
N ILE A 26 4.22 -9.75 -2.01
CA ILE A 26 3.02 -9.33 -2.73
C ILE A 26 3.27 -7.94 -3.33
N VAL A 27 2.79 -7.68 -4.53
CA VAL A 27 3.09 -6.40 -5.16
C VAL A 27 1.82 -5.62 -5.39
N VAL A 28 1.81 -4.35 -5.05
CA VAL A 28 0.61 -3.56 -5.22
C VAL A 28 0.90 -2.30 -6.03
N ARG A 29 -0.08 -1.87 -6.81
CA ARG A 29 0.07 -0.71 -7.69
C ARG A 29 -1.06 0.27 -7.47
N TRP A 30 -0.71 1.48 -7.07
CA TRP A 30 -1.69 2.52 -6.73
C TRP A 30 -1.66 3.64 -7.76
N SER A 31 -2.82 4.22 -8.01
CA SER A 31 -2.93 5.33 -8.94
C SER A 31 -2.81 6.66 -8.18
N ARG A 32 -1.62 7.24 -8.22
CA ARG A 32 -1.27 8.46 -7.49
C ARG A 32 -2.33 9.55 -7.59
N PRO A 33 -2.35 10.47 -6.60
CA PRO A 33 -3.36 11.50 -6.46
C PRO A 33 -3.09 12.72 -7.31
N GLN A 34 -4.10 13.58 -7.41
CA GLN A 34 -3.95 14.86 -8.07
C GLN A 34 -3.41 15.89 -7.08
N ALA A 35 -3.27 15.43 -5.84
CA ALA A 35 -2.68 16.22 -4.78
C ALA A 35 -1.17 16.28 -4.93
N PRO A 36 -0.55 17.40 -4.54
CA PRO A 36 0.89 17.48 -4.44
C PRO A 36 1.36 16.80 -3.16
N ILE A 37 2.11 15.71 -3.33
CA ILE A 37 2.53 14.89 -2.22
C ILE A 37 4.06 14.83 -2.17
N THR A 38 4.62 14.59 -1.00
CA THR A 38 6.06 14.54 -0.83
C THR A 38 6.64 13.12 -0.87
N GLY A 39 5.89 12.15 -0.37
CA GLY A 39 6.37 10.78 -0.40
C GLY A 39 5.27 9.78 -0.15
N TYR A 40 5.62 8.51 0.07
CA TYR A 40 4.65 7.48 0.38
C TYR A 40 5.14 6.58 1.50
N ARG A 41 4.29 6.37 2.48
CA ARG A 41 4.49 5.34 3.48
C ARG A 41 3.60 4.17 3.17
N ILE A 42 4.03 2.98 3.51
CA ILE A 42 3.23 1.80 3.19
C ILE A 42 3.23 0.79 4.30
N VAL A 43 2.10 0.63 4.98
CA VAL A 43 2.01 -0.33 6.07
C VAL A 43 1.13 -1.50 5.68
N TYR A 44 1.75 -2.64 5.51
CA TYR A 44 1.05 -3.86 5.23
C TYR A 44 1.11 -4.74 6.45
N SER A 45 -0.07 -5.13 6.88
CA SER A 45 -0.25 -5.88 8.11
C SER A 45 -1.36 -6.91 8.00
N PRO A 46 -1.15 -8.12 8.54
CA PRO A 46 -2.16 -9.18 8.59
C PRO A 46 -3.34 -8.79 9.48
N SER A 47 -4.51 -9.27 9.12
CA SER A 47 -5.73 -8.94 9.85
C SER A 47 -5.76 -9.56 11.24
N VAL A 48 -5.13 -10.72 11.38
CA VAL A 48 -5.15 -11.44 12.66
C VAL A 48 -3.79 -11.40 13.35
N GLU A 49 -2.72 -11.60 12.57
CA GLU A 49 -1.35 -11.57 13.09
C GLU A 49 -0.39 -12.08 12.02
N GLY A 50 0.82 -11.56 12.02
CA GLY A 50 1.83 -12.02 11.08
C GLY A 50 2.92 -11.00 10.91
N SER A 51 3.42 -10.85 9.68
CA SER A 51 4.48 -9.91 9.41
C SER A 51 3.92 -8.57 8.94
N SER A 52 4.22 -7.51 9.67
CA SER A 52 3.80 -6.18 9.27
C SER A 52 5.01 -5.34 8.96
N THR A 53 4.94 -4.57 7.88
CA THR A 53 6.09 -3.77 7.46
C THR A 53 5.64 -2.46 6.82
N GLU A 54 6.52 -1.46 6.86
CA GLU A 54 6.27 -0.16 6.29
C GLU A 54 7.38 0.20 5.30
N LEU A 55 7.02 0.34 4.03
CA LEU A 55 7.99 0.77 3.03
C LEU A 55 7.80 2.24 2.73
N ASN A 56 8.82 2.86 2.17
CA ASN A 56 8.74 4.26 1.82
C ASN A 56 9.09 4.45 0.36
N LEU A 57 8.16 5.00 -0.39
CA LEU A 57 8.33 5.18 -1.81
C LEU A 57 8.30 6.65 -2.15
N PRO A 58 8.85 7.03 -3.29
CA PRO A 58 8.78 8.40 -3.74
C PRO A 58 7.35 8.82 -4.03
N GLU A 59 7.10 10.11 -3.86
CA GLU A 59 5.80 10.74 -4.11
C GLU A 59 5.19 10.31 -5.45
N THR A 60 6.04 9.94 -6.37
CA THR A 60 5.64 9.62 -7.73
C THR A 60 5.62 8.11 -7.97
N ALA A 61 5.80 7.33 -6.91
CA ALA A 61 5.82 5.88 -7.03
C ALA A 61 4.41 5.37 -7.24
N ASN A 62 4.28 4.16 -7.76
CA ASN A 62 2.97 3.60 -8.00
C ASN A 62 2.91 2.10 -7.70
N SER A 63 3.94 1.55 -7.07
CA SER A 63 3.94 0.11 -6.81
C SER A 63 4.95 -0.24 -5.71
N VAL A 64 4.53 -1.07 -4.76
CA VAL A 64 5.44 -1.58 -3.73
C VAL A 64 5.51 -3.10 -3.79
N THR A 65 6.72 -3.64 -3.69
CA THR A 65 6.91 -5.05 -3.52
C THR A 65 7.11 -5.37 -2.03
N LEU A 66 6.05 -5.85 -1.41
CA LEU A 66 6.08 -6.23 -0.02
C LEU A 66 6.72 -7.59 0.11
N SER A 67 7.44 -7.81 1.18
CA SER A 67 8.19 -9.04 1.35
C SER A 67 8.14 -9.47 2.79
N ASP A 68 8.67 -10.66 3.06
CA ASP A 68 8.70 -11.23 4.40
C ASP A 68 7.30 -11.55 4.89
N LEU A 69 6.36 -11.75 3.97
CA LEU A 69 5.00 -12.11 4.33
C LEU A 69 4.95 -13.55 4.81
N GLN A 70 3.76 -14.04 5.10
CA GLN A 70 3.58 -15.42 5.49
C GLN A 70 2.56 -16.08 4.58
N PRO A 71 2.84 -17.29 4.10
CA PRO A 71 1.93 -18.02 3.20
C PRO A 71 0.62 -18.42 3.89
N GLY A 72 -0.51 -18.03 3.29
CA GLY A 72 -1.81 -18.39 3.83
C GLY A 72 -2.29 -17.41 4.88
N VAL A 73 -1.90 -16.15 4.73
CA VAL A 73 -2.27 -15.11 5.69
C VAL A 73 -2.88 -13.90 4.98
N GLN A 74 -3.83 -13.27 5.64
CA GLN A 74 -4.52 -12.11 5.10
C GLN A 74 -3.66 -10.87 5.29
N TYR A 75 -3.37 -10.18 4.21
CA TYR A 75 -2.48 -9.03 4.27
C TYR A 75 -3.16 -7.77 3.80
N ASN A 76 -3.36 -6.83 4.72
CA ASN A 76 -3.93 -5.54 4.39
C ASN A 76 -2.81 -4.57 4.03
N ILE A 77 -2.73 -4.19 2.77
CA ILE A 77 -1.75 -3.23 2.33
C ILE A 77 -2.34 -1.84 2.40
N THR A 78 -1.77 -1.03 3.25
CA THR A 78 -2.25 0.30 3.46
C THR A 78 -1.27 1.31 2.86
N ILE A 79 -1.71 2.03 1.82
CA ILE A 79 -0.86 3.02 1.18
C ILE A 79 -1.15 4.40 1.77
N TYR A 80 -0.10 5.12 2.08
CA TYR A 80 -0.22 6.44 2.65
C TYR A 80 0.50 7.44 1.77
N ALA A 81 -0.23 8.32 1.12
CA ALA A 81 0.40 9.43 0.43
C ALA A 81 0.70 10.50 1.46
N VAL A 82 1.91 11.00 1.46
CA VAL A 82 2.28 12.03 2.42
C VAL A 82 2.67 13.30 1.72
N GLU A 83 2.17 14.43 2.21
CA GLU A 83 2.42 15.72 1.62
C GLU A 83 3.23 16.58 2.58
N GLU A 84 3.72 17.72 2.09
CA GLU A 84 4.62 18.60 2.86
C GLU A 84 4.16 18.81 4.30
N ASN A 85 2.89 19.12 4.50
CA ASN A 85 2.38 19.40 5.84
C ASN A 85 1.12 18.59 6.14
N GLN A 86 0.87 17.55 5.36
CA GLN A 86 -0.35 16.77 5.50
C GLN A 86 -0.09 15.31 5.20
N GLU A 87 -1.11 14.47 5.41
CA GLU A 87 -1.05 13.06 5.06
C GLU A 87 -2.41 12.66 4.51
N SER A 88 -2.45 12.21 3.27
CA SER A 88 -3.70 11.83 2.62
C SER A 88 -4.34 10.62 3.30
N THR A 89 -5.59 10.35 2.95
CA THR A 89 -6.33 9.22 3.48
C THR A 89 -5.61 7.89 3.21
N PRO A 90 -5.95 6.84 3.96
CA PRO A 90 -5.30 5.55 3.81
C PRO A 90 -5.93 4.65 2.73
N VAL A 91 -5.08 4.07 1.92
CA VAL A 91 -5.46 3.04 0.98
C VAL A 91 -5.48 1.71 1.70
N VAL A 92 -6.59 1.02 1.70
CA VAL A 92 -6.61 -0.30 2.28
C VAL A 92 -7.01 -1.34 1.24
N ILE A 93 -6.03 -2.11 0.79
CA ILE A 93 -6.28 -3.19 -0.15
C ILE A 93 -5.81 -4.50 0.44
N GLN A 94 -6.73 -5.40 0.71
CA GLN A 94 -6.40 -6.63 1.38
C GLN A 94 -6.29 -7.79 0.38
N GLN A 95 -5.21 -8.53 0.50
CA GLN A 95 -4.96 -9.69 -0.32
C GLN A 95 -4.42 -10.83 0.54
N GLU A 96 -4.97 -12.02 0.39
CA GLU A 96 -4.46 -13.18 1.11
C GLU A 96 -3.38 -13.86 0.29
N THR A 97 -2.27 -14.15 0.94
CA THR A 97 -1.15 -14.80 0.29
C THR A 97 -1.52 -16.24 -0.07
N THR A 98 -1.43 -16.56 -1.36
CA THR A 98 -1.77 -17.88 -1.84
C THR A 98 -0.73 -18.89 -1.37
N GLY A 99 0.51 -18.43 -1.24
CA GLY A 99 1.57 -19.28 -0.76
C GLY A 99 2.36 -19.89 -1.89
N THR A 100 2.59 -21.19 -1.80
CA THR A 100 3.29 -21.92 -2.83
C THR A 100 2.38 -22.11 -4.05
N PRO A 101 2.80 -21.60 -5.22
CA PRO A 101 2.02 -21.66 -6.46
C PRO A 101 1.50 -23.05 -6.77
N ARG A 102 0.23 -23.13 -7.18
CA ARG A 102 -0.43 -24.40 -7.47
C ARG A 102 -0.48 -25.26 -6.21
N SER A 103 -1.07 -24.70 -5.16
CA SER A 103 -1.11 -25.35 -3.85
C SER A 103 -1.91 -26.64 -3.89
N ASP A 104 -3.08 -26.60 -4.51
CA ASP A 104 -3.96 -27.76 -4.55
C ASP A 104 -3.36 -28.87 -5.38
N GLY A 105 -3.26 -30.04 -4.79
CA GLY A 105 -2.66 -31.18 -5.46
C GLY A 105 -1.86 -32.03 -4.52
N THR A 106 -2.06 -33.34 -4.60
CA THR A 106 -1.36 -34.26 -3.73
C THR A 106 0.01 -34.61 -4.31
N GLY A 1 0.76 24.39 8.45
CA GLY A 1 -0.01 25.62 8.15
C GLY A 1 0.53 26.35 6.94
N SER A 2 -0.30 27.20 6.35
CA SER A 2 0.06 27.91 5.13
C SER A 2 0.69 29.26 5.43
N HIS A 3 1.83 29.24 6.12
CA HIS A 3 2.57 30.47 6.40
C HIS A 3 3.28 30.96 5.14
N MET A 4 3.55 30.03 4.24
CA MET A 4 4.19 30.32 2.96
C MET A 4 4.12 29.10 2.06
N GLY A 5 2.94 28.82 1.55
CA GLY A 5 2.76 27.66 0.70
C GLY A 5 1.31 27.23 0.64
N THR A 6 1.09 25.95 0.39
CA THR A 6 -0.25 25.42 0.24
C THR A 6 -0.51 24.27 1.20
N THR A 7 -1.60 24.36 1.95
CA THR A 7 -2.03 23.27 2.81
C THR A 7 -3.11 22.47 2.08
N THR A 8 -2.68 21.72 1.08
CA THR A 8 -3.60 20.98 0.22
C THR A 8 -4.39 19.93 1.00
N ALA A 9 -5.59 19.64 0.52
CA ALA A 9 -6.33 18.49 0.99
C ALA A 9 -6.11 17.35 0.00
N PRO A 10 -5.10 16.50 0.26
CA PRO A 10 -4.68 15.49 -0.68
C PRO A 10 -5.58 14.28 -0.70
N ASP A 11 -5.87 13.79 -1.89
CA ASP A 11 -6.63 12.57 -2.05
C ASP A 11 -5.72 11.37 -1.97
N ALA A 12 -6.30 10.21 -1.73
CA ALA A 12 -5.56 8.97 -1.73
C ALA A 12 -5.69 8.30 -3.08
N PRO A 13 -4.72 7.45 -3.45
CA PRO A 13 -4.80 6.68 -4.69
C PRO A 13 -6.00 5.73 -4.67
N PRO A 14 -6.83 5.77 -5.73
CA PRO A 14 -7.91 4.81 -5.91
C PRO A 14 -7.38 3.40 -5.82
N ASP A 15 -8.16 2.55 -5.14
CA ASP A 15 -7.68 1.27 -4.60
C ASP A 15 -6.69 0.59 -5.53
N PRO A 16 -5.38 0.67 -5.18
CA PRO A 16 -4.32 -0.05 -5.86
C PRO A 16 -4.62 -1.52 -6.11
N THR A 17 -4.12 -2.02 -7.22
CA THR A 17 -4.32 -3.39 -7.60
C THR A 17 -3.07 -4.19 -7.35
N VAL A 18 -3.26 -5.31 -6.67
CA VAL A 18 -2.18 -6.26 -6.45
C VAL A 18 -1.97 -7.12 -7.69
N ASP A 19 -0.75 -7.07 -8.21
CA ASP A 19 -0.42 -7.76 -9.46
C ASP A 19 -0.03 -9.20 -9.22
N GLN A 20 0.78 -9.44 -8.19
CA GLN A 20 1.23 -10.79 -7.85
C GLN A 20 1.14 -11.04 -6.36
N VAL A 21 0.71 -12.24 -6.02
CA VAL A 21 0.58 -12.65 -4.63
C VAL A 21 1.28 -13.98 -4.40
N ASP A 22 2.37 -13.97 -3.65
CA ASP A 22 3.15 -15.17 -3.39
C ASP A 22 3.12 -15.48 -1.89
N ASP A 23 4.10 -16.23 -1.39
CA ASP A 23 4.15 -16.59 0.03
C ASP A 23 4.61 -15.39 0.86
N THR A 24 5.85 -14.97 0.62
CA THR A 24 6.46 -13.90 1.39
C THR A 24 6.68 -12.65 0.55
N SER A 25 5.71 -12.36 -0.33
CA SER A 25 5.85 -11.28 -1.31
C SER A 25 4.49 -10.99 -1.98
N ILE A 26 4.14 -9.72 -2.06
CA ILE A 26 2.91 -9.28 -2.73
C ILE A 26 3.15 -7.90 -3.33
N VAL A 27 2.67 -7.65 -4.54
CA VAL A 27 2.98 -6.39 -5.19
C VAL A 27 1.70 -5.60 -5.45
N VAL A 28 1.71 -4.33 -5.11
CA VAL A 28 0.52 -3.51 -5.28
C VAL A 28 0.85 -2.24 -6.06
N ARG A 29 -0.12 -1.79 -6.86
CA ARG A 29 0.05 -0.61 -7.71
C ARG A 29 -1.09 0.37 -7.50
N TRP A 30 -0.73 1.59 -7.09
CA TRP A 30 -1.73 2.62 -6.76
C TRP A 30 -1.66 3.79 -7.74
N SER A 31 -2.78 4.50 -7.89
CA SER A 31 -2.84 5.65 -8.78
C SER A 31 -2.75 6.95 -7.97
N ARG A 32 -1.57 7.54 -8.00
CA ARG A 32 -1.23 8.73 -7.21
C ARG A 32 -2.21 9.91 -7.42
N PRO A 33 -2.23 10.86 -6.45
CA PRO A 33 -3.16 11.99 -6.42
C PRO A 33 -2.68 13.18 -7.25
N GLN A 34 -3.58 14.14 -7.44
CA GLN A 34 -3.24 15.40 -8.09
C GLN A 34 -2.54 16.32 -7.09
N ALA A 35 -2.77 16.04 -5.81
CA ALA A 35 -2.16 16.81 -4.73
C ALA A 35 -0.65 16.76 -4.80
N PRO A 36 0.02 17.90 -4.59
CA PRO A 36 1.47 17.91 -4.48
C PRO A 36 1.89 17.18 -3.21
N ILE A 37 2.55 16.05 -3.39
CA ILE A 37 2.89 15.18 -2.29
C ILE A 37 4.40 14.95 -2.24
N THR A 38 4.91 14.59 -1.08
CA THR A 38 6.35 14.41 -0.89
C THR A 38 6.79 12.94 -0.91
N GLY A 39 5.90 12.02 -0.54
CA GLY A 39 6.27 10.63 -0.55
C GLY A 39 5.09 9.72 -0.31
N TYR A 40 5.38 8.47 0.03
CA TYR A 40 4.37 7.48 0.37
C TYR A 40 4.82 6.61 1.52
N ARG A 41 3.94 6.39 2.46
CA ARG A 41 4.17 5.36 3.47
C ARG A 41 3.30 4.17 3.15
N ILE A 42 3.73 2.99 3.50
CA ILE A 42 2.95 1.80 3.21
C ILE A 42 2.95 0.82 4.36
N VAL A 43 1.83 0.69 5.04
CA VAL A 43 1.74 -0.25 6.16
C VAL A 43 0.92 -1.45 5.76
N TYR A 44 1.59 -2.57 5.64
CA TYR A 44 0.94 -3.83 5.36
C TYR A 44 1.04 -4.73 6.56
N SER A 45 -0.12 -5.20 6.99
CA SER A 45 -0.23 -5.96 8.21
C SER A 45 -1.27 -7.07 8.05
N PRO A 46 -0.97 -8.27 8.57
CA PRO A 46 -1.91 -9.41 8.58
C PRO A 46 -3.15 -9.13 9.41
N SER A 47 -4.24 -9.79 9.03
CA SER A 47 -5.54 -9.57 9.64
C SER A 47 -5.55 -9.97 11.12
N VAL A 48 -4.76 -10.97 11.49
CA VAL A 48 -4.73 -11.41 12.87
C VAL A 48 -3.34 -11.23 13.50
N GLU A 49 -2.30 -11.57 12.75
CA GLU A 49 -0.92 -11.47 13.25
C GLU A 49 0.08 -11.95 12.19
N GLY A 50 1.31 -11.48 12.29
CA GLY A 50 2.33 -11.89 11.34
C GLY A 50 3.32 -10.78 11.07
N SER A 51 3.80 -10.68 9.84
CA SER A 51 4.78 -9.66 9.49
C SER A 51 4.09 -8.39 9.01
N SER A 52 4.34 -7.29 9.71
CA SER A 52 3.83 -6.00 9.30
C SER A 52 4.98 -5.07 9.01
N THR A 53 4.86 -4.28 7.96
CA THR A 53 5.94 -3.40 7.58
C THR A 53 5.42 -2.10 6.95
N GLU A 54 6.18 -1.03 7.10
CA GLU A 54 5.89 0.23 6.45
C GLU A 54 7.02 0.56 5.47
N LEU A 55 6.72 0.59 4.18
CA LEU A 55 7.72 0.98 3.20
C LEU A 55 7.55 2.45 2.86
N ASN A 56 8.63 3.08 2.44
CA ASN A 56 8.60 4.47 2.07
C ASN A 56 8.95 4.61 0.61
N LEU A 57 8.03 5.15 -0.17
CA LEU A 57 8.22 5.26 -1.60
C LEU A 57 8.25 6.72 -1.97
N PRO A 58 8.88 7.06 -3.10
CA PRO A 58 8.90 8.42 -3.59
C PRO A 58 7.50 8.90 -3.97
N GLU A 59 7.31 10.21 -3.86
CA GLU A 59 6.05 10.89 -4.17
C GLU A 59 5.45 10.47 -5.51
N THR A 60 6.29 10.00 -6.41
CA THR A 60 5.86 9.65 -7.76
C THR A 60 5.84 8.13 -7.94
N ALA A 61 5.94 7.39 -6.84
CA ALA A 61 5.91 5.93 -6.90
C ALA A 61 4.49 5.46 -7.09
N ASN A 62 4.33 4.27 -7.63
CA ASN A 62 3.00 3.75 -7.90
C ASN A 62 2.90 2.25 -7.61
N SER A 63 3.86 1.69 -6.90
CA SER A 63 3.84 0.25 -6.65
C SER A 63 4.86 -0.17 -5.59
N VAL A 64 4.43 -1.01 -4.66
CA VAL A 64 5.32 -1.56 -3.65
C VAL A 64 5.38 -3.09 -3.75
N THR A 65 6.59 -3.64 -3.70
CA THR A 65 6.77 -5.05 -3.55
C THR A 65 7.02 -5.38 -2.08
N LEU A 66 5.98 -5.86 -1.43
CA LEU A 66 6.04 -6.25 -0.03
C LEU A 66 6.69 -7.61 0.09
N SER A 67 7.46 -7.81 1.15
CA SER A 67 8.24 -9.02 1.28
C SER A 67 8.25 -9.48 2.73
N ASP A 68 8.73 -10.70 2.95
CA ASP A 68 8.77 -11.32 4.27
C ASP A 68 7.37 -11.53 4.82
N LEU A 69 6.40 -11.70 3.92
CA LEU A 69 5.04 -12.02 4.34
C LEU A 69 4.98 -13.44 4.89
N GLN A 70 3.79 -13.89 5.20
CA GLN A 70 3.61 -15.24 5.66
C GLN A 70 2.56 -15.92 4.78
N PRO A 71 2.93 -17.05 4.16
CA PRO A 71 2.03 -17.77 3.24
C PRO A 71 0.79 -18.31 3.93
N GLY A 72 -0.37 -18.02 3.35
CA GLY A 72 -1.62 -18.46 3.93
C GLY A 72 -2.14 -17.47 4.97
N VAL A 73 -1.87 -16.19 4.74
CA VAL A 73 -2.24 -15.15 5.68
C VAL A 73 -2.86 -13.95 4.95
N GLN A 74 -3.83 -13.33 5.60
CA GLN A 74 -4.52 -12.17 5.07
C GLN A 74 -3.67 -10.92 5.30
N TYR A 75 -3.22 -10.30 4.23
CA TYR A 75 -2.37 -9.13 4.33
C TYR A 75 -3.08 -7.88 3.84
N ASN A 76 -3.31 -6.95 4.76
CA ASN A 76 -3.89 -5.66 4.43
C ASN A 76 -2.80 -4.69 4.04
N ILE A 77 -2.79 -4.28 2.78
CA ILE A 77 -1.85 -3.25 2.33
C ILE A 77 -2.49 -1.89 2.42
N THR A 78 -1.92 -1.05 3.25
CA THR A 78 -2.43 0.27 3.46
C THR A 78 -1.48 1.31 2.87
N ILE A 79 -1.93 2.03 1.84
CA ILE A 79 -1.08 3.03 1.20
C ILE A 79 -1.36 4.41 1.81
N TYR A 80 -0.32 5.21 1.96
CA TYR A 80 -0.44 6.55 2.49
C TYR A 80 0.26 7.54 1.56
N ALA A 81 -0.49 8.40 0.90
CA ALA A 81 0.08 9.48 0.11
C ALA A 81 0.42 10.62 1.04
N VAL A 82 1.68 11.03 1.08
CA VAL A 82 2.08 12.07 2.04
C VAL A 82 2.59 13.32 1.35
N GLU A 83 2.10 14.48 1.79
CA GLU A 83 2.62 15.77 1.35
C GLU A 83 3.57 16.29 2.42
N GLU A 84 4.26 17.39 2.12
CA GLU A 84 5.21 18.00 3.06
C GLU A 84 4.72 17.95 4.51
N ASN A 85 3.44 18.24 4.72
CA ASN A 85 2.90 18.25 6.07
C ASN A 85 1.62 17.40 6.18
N GLN A 86 0.97 17.12 5.06
CA GLN A 86 -0.32 16.43 5.09
C GLN A 86 -0.16 14.93 4.82
N GLU A 87 -1.23 14.20 5.08
CA GLU A 87 -1.30 12.77 4.79
C GLU A 87 -2.72 12.41 4.37
N SER A 88 -2.85 11.86 3.17
CA SER A 88 -4.14 11.50 2.61
C SER A 88 -4.77 10.35 3.39
N THR A 89 -6.04 10.09 3.10
CA THR A 89 -6.73 8.93 3.63
C THR A 89 -6.00 7.65 3.25
N PRO A 90 -6.07 6.62 4.09
CA PRO A 90 -5.38 5.37 3.83
C PRO A 90 -6.05 4.51 2.76
N VAL A 91 -5.24 3.94 1.90
CA VAL A 91 -5.67 2.92 0.96
C VAL A 91 -5.67 1.60 1.68
N VAL A 92 -6.79 0.91 1.71
CA VAL A 92 -6.80 -0.42 2.28
C VAL A 92 -7.18 -1.45 1.24
N ILE A 93 -6.19 -2.21 0.79
CA ILE A 93 -6.42 -3.31 -0.12
C ILE A 93 -5.93 -4.60 0.52
N GLN A 94 -6.86 -5.48 0.83
CA GLN A 94 -6.54 -6.70 1.55
C GLN A 94 -6.44 -7.89 0.61
N GLN A 95 -5.27 -8.51 0.61
CA GLN A 95 -5.01 -9.68 -0.20
C GLN A 95 -4.45 -10.82 0.64
N GLU A 96 -5.02 -12.01 0.52
CA GLU A 96 -4.52 -13.18 1.22
C GLU A 96 -3.42 -13.83 0.40
N THR A 97 -2.32 -14.17 1.06
CA THR A 97 -1.19 -14.74 0.38
C THR A 97 -1.49 -16.15 -0.13
N THR A 98 -1.50 -16.28 -1.45
CA THR A 98 -1.76 -17.56 -2.09
C THR A 98 -0.58 -18.51 -1.86
N GLY A 99 0.59 -17.91 -1.76
CA GLY A 99 1.79 -18.66 -1.48
C GLY A 99 2.11 -19.70 -2.53
N THR A 100 2.38 -20.90 -2.09
CA THR A 100 2.76 -21.99 -2.97
C THR A 100 1.51 -22.77 -3.40
N PRO A 101 1.28 -22.89 -4.72
CA PRO A 101 0.14 -23.64 -5.27
C PRO A 101 0.16 -25.11 -4.87
N ARG A 102 -0.55 -25.42 -3.80
CA ARG A 102 -0.64 -26.79 -3.30
C ARG A 102 -1.78 -27.54 -3.96
N SER A 103 -2.79 -26.79 -4.39
CA SER A 103 -3.92 -27.38 -5.10
C SER A 103 -3.58 -27.51 -6.57
N ASP A 104 -3.32 -28.74 -7.00
CA ASP A 104 -2.87 -29.00 -8.37
C ASP A 104 -4.03 -28.84 -9.35
N GLY A 105 -5.23 -29.08 -8.87
CA GLY A 105 -6.40 -28.99 -9.73
C GLY A 105 -6.81 -30.35 -10.24
N THR A 106 -6.96 -30.47 -11.55
CA THR A 106 -7.29 -31.74 -12.17
C THR A 106 -6.51 -31.91 -13.47
N GLY A 1 -11.64 36.75 -2.81
CA GLY A 1 -12.75 36.07 -3.51
C GLY A 1 -13.87 35.70 -2.57
N SER A 2 -14.39 34.49 -2.73
CA SER A 2 -15.48 34.01 -1.88
C SER A 2 -14.99 32.99 -0.86
N HIS A 3 -13.88 32.35 -1.17
CA HIS A 3 -13.29 31.36 -0.26
C HIS A 3 -12.54 32.05 0.86
N MET A 4 -12.99 31.86 2.09
CA MET A 4 -12.35 32.46 3.24
C MET A 4 -11.29 31.51 3.79
N GLY A 5 -11.56 30.23 3.70
CA GLY A 5 -10.60 29.23 4.10
C GLY A 5 -10.10 28.46 2.90
N THR A 6 -8.82 28.13 2.88
CA THR A 6 -8.24 27.42 1.76
C THR A 6 -7.15 26.46 2.25
N THR A 7 -7.56 25.50 3.07
CA THR A 7 -6.66 24.46 3.54
C THR A 7 -6.48 23.41 2.45
N THR A 8 -5.24 23.14 2.07
CA THR A 8 -4.97 22.18 1.03
C THR A 8 -5.37 20.78 1.49
N ALA A 9 -6.31 20.18 0.76
CA ALA A 9 -6.83 18.87 1.11
C ALA A 9 -6.54 17.87 -0.02
N PRO A 10 -5.42 17.14 0.11
CA PRO A 10 -5.01 16.16 -0.89
C PRO A 10 -5.87 14.91 -0.87
N ASP A 11 -5.71 14.06 -1.87
CA ASP A 11 -6.49 12.84 -1.97
C ASP A 11 -5.58 11.63 -1.98
N ALA A 12 -6.13 10.48 -1.63
CA ALA A 12 -5.39 9.23 -1.67
C ALA A 12 -5.60 8.55 -3.02
N PRO A 13 -4.66 7.68 -3.43
CA PRO A 13 -4.79 6.95 -4.69
C PRO A 13 -5.98 6.01 -4.69
N PRO A 14 -6.84 6.09 -5.72
CA PRO A 14 -7.95 5.16 -5.89
C PRO A 14 -7.48 3.71 -5.82
N ASP A 15 -8.36 2.85 -5.29
CA ASP A 15 -8.02 1.47 -4.91
C ASP A 15 -6.98 0.84 -5.81
N PRO A 16 -5.76 0.68 -5.30
CA PRO A 16 -4.65 0.04 -6.01
C PRO A 16 -4.88 -1.45 -6.19
N THR A 17 -4.30 -2.01 -7.22
CA THR A 17 -4.48 -3.41 -7.54
C THR A 17 -3.19 -4.18 -7.34
N VAL A 18 -3.33 -5.31 -6.69
CA VAL A 18 -2.22 -6.23 -6.48
C VAL A 18 -1.94 -7.01 -7.76
N ASP A 19 -0.70 -6.87 -8.23
CA ASP A 19 -0.27 -7.46 -9.49
C ASP A 19 -0.03 -8.96 -9.35
N GLN A 20 0.76 -9.32 -8.34
CA GLN A 20 1.11 -10.71 -8.09
C GLN A 20 1.13 -11.01 -6.60
N VAL A 21 0.66 -12.20 -6.26
CA VAL A 21 0.56 -12.62 -4.87
C VAL A 21 1.38 -13.89 -4.63
N ASP A 22 2.31 -13.81 -3.69
CA ASP A 22 3.12 -14.96 -3.31
C ASP A 22 3.03 -15.21 -1.82
N ASP A 23 3.92 -16.05 -1.31
CA ASP A 23 4.01 -16.34 0.11
C ASP A 23 4.55 -15.16 0.90
N THR A 24 5.80 -14.82 0.64
CA THR A 24 6.52 -13.81 1.38
C THR A 24 6.78 -12.58 0.52
N SER A 25 5.82 -12.29 -0.37
CA SER A 25 5.95 -11.24 -1.37
C SER A 25 4.59 -10.99 -2.04
N ILE A 26 4.20 -9.72 -2.12
CA ILE A 26 2.97 -9.33 -2.80
C ILE A 26 3.15 -7.94 -3.39
N VAL A 27 2.66 -7.68 -4.58
CA VAL A 27 2.93 -6.39 -5.21
C VAL A 27 1.64 -5.63 -5.39
N VAL A 28 1.64 -4.35 -5.05
CA VAL A 28 0.44 -3.56 -5.21
C VAL A 28 0.75 -2.29 -6.00
N ARG A 29 -0.21 -1.84 -6.79
CA ARG A 29 0.00 -0.70 -7.68
C ARG A 29 -1.14 0.30 -7.54
N TRP A 30 -0.78 1.52 -7.18
CA TRP A 30 -1.76 2.57 -6.85
C TRP A 30 -1.69 3.72 -7.86
N SER A 31 -2.80 4.42 -8.02
CA SER A 31 -2.86 5.56 -8.92
C SER A 31 -2.72 6.87 -8.15
N ARG A 32 -1.53 7.44 -8.18
CA ARG A 32 -1.18 8.63 -7.41
C ARG A 32 -2.17 9.78 -7.60
N PRO A 33 -2.21 10.72 -6.63
CA PRO A 33 -3.16 11.82 -6.59
C PRO A 33 -2.72 13.00 -7.45
N GLN A 34 -3.67 13.89 -7.73
CA GLN A 34 -3.39 15.15 -8.40
C GLN A 34 -2.70 16.10 -7.42
N ALA A 35 -2.86 15.79 -6.14
CA ALA A 35 -2.27 16.55 -5.06
C ALA A 35 -0.74 16.51 -5.11
N PRO A 36 -0.08 17.60 -4.72
CA PRO A 36 1.36 17.58 -4.51
C PRO A 36 1.69 16.85 -3.22
N ILE A 37 2.36 15.73 -3.35
CA ILE A 37 2.71 14.90 -2.21
C ILE A 37 4.23 14.76 -2.13
N THR A 38 4.75 14.52 -0.93
CA THR A 38 6.19 14.42 -0.72
C THR A 38 6.71 12.99 -0.76
N GLY A 39 5.86 12.02 -0.44
CA GLY A 39 6.28 10.64 -0.47
C GLY A 39 5.14 9.68 -0.28
N TYR A 40 5.45 8.44 0.02
CA TYR A 40 4.45 7.43 0.35
C TYR A 40 4.91 6.55 1.49
N ARG A 41 4.03 6.34 2.46
CA ARG A 41 4.23 5.31 3.45
C ARG A 41 3.39 4.11 3.07
N ILE A 42 3.82 2.93 3.43
CA ILE A 42 3.02 1.74 3.11
C ILE A 42 3.01 0.75 4.26
N VAL A 43 1.87 0.63 4.93
CA VAL A 43 1.78 -0.28 6.06
C VAL A 43 0.91 -1.47 5.69
N TYR A 44 1.53 -2.61 5.57
CA TYR A 44 0.84 -3.84 5.32
C TYR A 44 0.92 -4.71 6.55
N SER A 45 -0.26 -5.10 7.00
CA SER A 45 -0.41 -5.84 8.23
C SER A 45 -1.43 -6.97 8.10
N PRO A 46 -1.11 -8.15 8.64
CA PRO A 46 -2.03 -9.30 8.66
C PRO A 46 -3.25 -9.03 9.52
N SER A 47 -4.36 -9.67 9.16
CA SER A 47 -5.64 -9.45 9.80
C SER A 47 -5.66 -10.04 11.22
N VAL A 48 -4.96 -11.16 11.43
CA VAL A 48 -4.89 -11.75 12.76
C VAL A 48 -3.46 -11.78 13.31
N GLU A 49 -2.48 -12.10 12.46
CA GLU A 49 -1.09 -12.18 12.89
C GLU A 49 -0.16 -12.47 11.71
N GLY A 50 1.08 -12.02 11.83
CA GLY A 50 2.05 -12.20 10.77
C GLY A 50 3.06 -11.06 10.76
N SER A 51 3.73 -10.86 9.65
CA SER A 51 4.75 -9.82 9.54
C SER A 51 4.15 -8.53 8.97
N SER A 52 4.21 -7.45 9.73
CA SER A 52 3.75 -6.15 9.25
C SER A 52 4.94 -5.28 8.88
N THR A 53 4.81 -4.49 7.84
CA THR A 53 5.91 -3.65 7.40
C THR A 53 5.41 -2.34 6.80
N GLU A 54 6.21 -1.29 6.95
CA GLU A 54 5.97 -0.01 6.31
C GLU A 54 7.10 0.29 5.34
N LEU A 55 6.77 0.39 4.05
CA LEU A 55 7.76 0.81 3.07
C LEU A 55 7.60 2.28 2.78
N ASN A 56 8.62 2.87 2.17
CA ASN A 56 8.61 4.29 1.87
C ASN A 56 8.95 4.51 0.42
N LEU A 57 7.97 4.94 -0.35
CA LEU A 57 8.16 5.09 -1.77
C LEU A 57 8.18 6.57 -2.10
N PRO A 58 8.78 6.93 -3.23
CA PRO A 58 8.76 8.30 -3.69
C PRO A 58 7.34 8.75 -4.02
N GLU A 59 7.12 10.04 -3.82
CA GLU A 59 5.84 10.71 -4.09
C GLU A 59 5.21 10.31 -5.42
N THR A 60 6.05 9.90 -6.36
CA THR A 60 5.61 9.62 -7.71
C THR A 60 5.60 8.12 -8.00
N ALA A 61 5.81 7.31 -6.96
CA ALA A 61 5.80 5.85 -7.11
C ALA A 61 4.37 5.36 -7.27
N ASN A 62 4.21 4.15 -7.79
CA ASN A 62 2.88 3.61 -8.01
C ASN A 62 2.80 2.12 -7.76
N SER A 63 3.77 1.56 -7.05
CA SER A 63 3.74 0.13 -6.76
C SER A 63 4.79 -0.26 -5.73
N VAL A 64 4.37 -1.06 -4.75
CA VAL A 64 5.30 -1.58 -3.74
C VAL A 64 5.38 -3.09 -3.83
N THR A 65 6.58 -3.63 -3.70
CA THR A 65 6.78 -5.04 -3.54
C THR A 65 6.97 -5.35 -2.06
N LEU A 66 5.91 -5.83 -1.45
CA LEU A 66 5.93 -6.23 -0.04
C LEU A 66 6.63 -7.56 0.09
N SER A 67 7.37 -7.73 1.17
CA SER A 67 8.15 -8.93 1.35
C SER A 67 8.08 -9.40 2.80
N ASP A 68 8.66 -10.56 3.07
CA ASP A 68 8.69 -11.13 4.41
C ASP A 68 7.27 -11.41 4.92
N LEU A 69 6.36 -11.67 3.98
CA LEU A 69 4.98 -12.02 4.35
C LEU A 69 4.95 -13.44 4.90
N GLN A 70 3.76 -13.92 5.21
CA GLN A 70 3.60 -15.27 5.72
C GLN A 70 2.47 -15.95 4.94
N PRO A 71 2.76 -17.07 4.27
CA PRO A 71 1.77 -17.80 3.46
C PRO A 71 0.56 -18.28 4.26
N GLY A 72 -0.62 -18.11 3.70
CA GLY A 72 -1.84 -18.49 4.39
C GLY A 72 -2.27 -17.44 5.37
N VAL A 73 -1.88 -16.20 5.10
CA VAL A 73 -2.16 -15.08 5.98
C VAL A 73 -2.75 -13.90 5.20
N GLN A 74 -3.80 -13.30 5.75
CA GLN A 74 -4.49 -12.20 5.12
C GLN A 74 -3.72 -10.91 5.35
N TYR A 75 -3.25 -10.29 4.27
CA TYR A 75 -2.44 -9.08 4.39
C TYR A 75 -3.18 -7.86 3.89
N ASN A 76 -3.42 -6.92 4.80
CA ASN A 76 -4.04 -5.65 4.45
C ASN A 76 -2.96 -4.64 4.10
N ILE A 77 -2.90 -4.25 2.82
CA ILE A 77 -1.93 -3.26 2.37
C ILE A 77 -2.56 -1.89 2.44
N THR A 78 -1.96 -1.04 3.23
CA THR A 78 -2.43 0.30 3.41
C THR A 78 -1.46 1.29 2.78
N ILE A 79 -1.90 2.00 1.75
CA ILE A 79 -1.02 2.98 1.09
C ILE A 79 -1.27 4.37 1.68
N TYR A 80 -0.22 5.14 1.83
CA TYR A 80 -0.32 6.48 2.38
C TYR A 80 0.39 7.47 1.47
N ALA A 81 -0.36 8.36 0.84
CA ALA A 81 0.25 9.50 0.16
C ALA A 81 0.59 10.52 1.22
N VAL A 82 1.84 10.90 1.29
CA VAL A 82 2.26 11.86 2.32
C VAL A 82 2.68 13.17 1.67
N GLU A 83 2.25 14.27 2.24
CA GLU A 83 2.53 15.59 1.71
C GLU A 83 3.42 16.36 2.67
N GLU A 84 3.92 17.51 2.23
CA GLU A 84 4.89 18.31 2.98
C GLU A 84 4.52 18.44 4.47
N ASN A 85 3.26 18.72 4.76
CA ASN A 85 2.83 18.95 6.13
C ASN A 85 1.82 17.91 6.61
N GLN A 86 1.21 17.19 5.69
CA GLN A 86 0.07 16.35 6.04
C GLN A 86 0.25 14.92 5.55
N GLU A 87 -0.71 14.08 5.91
CA GLU A 87 -0.79 12.71 5.38
C GLU A 87 -2.20 12.46 4.89
N SER A 88 -2.32 12.04 3.63
CA SER A 88 -3.61 11.82 3.00
C SER A 88 -4.29 10.56 3.54
N THR A 89 -5.53 10.35 3.12
CA THR A 89 -6.30 9.19 3.52
C THR A 89 -5.62 7.89 3.09
N PRO A 90 -5.90 6.78 3.78
CA PRO A 90 -5.25 5.50 3.50
C PRO A 90 -5.96 4.65 2.43
N VAL A 91 -5.15 3.99 1.64
CA VAL A 91 -5.58 2.92 0.76
C VAL A 91 -5.64 1.64 1.57
N VAL A 92 -6.76 0.96 1.57
CA VAL A 92 -6.80 -0.36 2.18
C VAL A 92 -7.19 -1.41 1.15
N ILE A 93 -6.22 -2.19 0.74
CA ILE A 93 -6.44 -3.30 -0.17
C ILE A 93 -5.95 -4.59 0.46
N GLN A 94 -6.88 -5.49 0.75
CA GLN A 94 -6.52 -6.70 1.44
C GLN A 94 -6.38 -7.88 0.47
N GLN A 95 -5.22 -8.53 0.55
CA GLN A 95 -4.93 -9.71 -0.24
C GLN A 95 -4.31 -10.78 0.65
N GLU A 96 -4.87 -11.98 0.62
CA GLU A 96 -4.31 -13.08 1.38
C GLU A 96 -3.23 -13.79 0.57
N THR A 97 -2.15 -14.13 1.23
CA THR A 97 -1.03 -14.77 0.58
C THR A 97 -1.37 -16.20 0.15
N THR A 98 -1.32 -16.42 -1.15
CA THR A 98 -1.62 -17.72 -1.72
C THR A 98 -0.53 -18.73 -1.35
N GLY A 99 0.68 -18.23 -1.21
CA GLY A 99 1.78 -19.06 -0.78
C GLY A 99 2.73 -19.38 -1.90
N THR A 100 3.48 -20.46 -1.75
CA THR A 100 4.37 -20.92 -2.79
C THR A 100 3.69 -22.01 -3.61
N PRO A 101 3.61 -21.85 -4.95
CA PRO A 101 2.99 -22.84 -5.84
C PRO A 101 3.72 -24.17 -5.80
N ARG A 102 5.01 -24.11 -5.42
CA ARG A 102 5.83 -25.30 -5.19
C ARG A 102 6.15 -26.02 -6.49
N SER A 103 6.54 -27.29 -6.38
CA SER A 103 6.97 -28.08 -7.54
C SER A 103 8.18 -27.43 -8.20
N ASP A 104 9.03 -26.83 -7.38
CA ASP A 104 10.23 -26.14 -7.85
C ASP A 104 11.49 -26.85 -7.36
N GLY A 105 11.30 -28.03 -6.80
CA GLY A 105 12.40 -28.74 -6.19
C GLY A 105 12.08 -29.13 -4.75
N THR A 106 11.58 -28.14 -4.00
CA THR A 106 11.17 -28.32 -2.60
C THR A 106 12.24 -29.06 -1.78
N GLY A 1 -16.73 39.39 3.78
CA GLY A 1 -15.75 39.21 2.69
C GLY A 1 -16.09 38.02 1.82
N SER A 2 -15.19 37.67 0.92
CA SER A 2 -15.38 36.53 0.05
C SER A 2 -14.99 35.23 0.75
N HIS A 3 -14.00 35.32 1.64
CA HIS A 3 -13.57 34.17 2.45
C HIS A 3 -13.15 33.02 1.54
N MET A 4 -12.13 33.27 0.73
CA MET A 4 -11.64 32.26 -0.20
C MET A 4 -10.30 31.70 0.27
N GLY A 5 -10.19 31.45 1.56
CA GLY A 5 -8.98 30.88 2.11
C GLY A 5 -8.86 29.41 1.78
N THR A 6 -7.95 29.07 0.89
CA THR A 6 -7.79 27.70 0.44
C THR A 6 -7.03 26.87 1.48
N THR A 7 -7.61 25.74 1.84
CA THR A 7 -6.99 24.84 2.78
C THR A 7 -6.41 23.64 2.04
N THR A 8 -5.13 23.37 2.25
CA THR A 8 -4.47 22.29 1.55
C THR A 8 -5.06 20.94 1.93
N ALA A 9 -5.63 20.27 0.94
CA ALA A 9 -6.27 18.99 1.16
C ALA A 9 -6.00 18.05 0.00
N PRO A 10 -5.17 17.04 0.21
CA PRO A 10 -4.82 16.07 -0.81
C PRO A 10 -5.79 14.90 -0.85
N ASP A 11 -5.66 14.08 -1.88
CA ASP A 11 -6.48 12.88 -1.99
C ASP A 11 -5.58 11.66 -1.97
N ALA A 12 -6.16 10.51 -1.66
CA ALA A 12 -5.44 9.26 -1.67
C ALA A 12 -5.62 8.57 -3.01
N PRO A 13 -4.71 7.65 -3.38
CA PRO A 13 -4.87 6.86 -4.59
C PRO A 13 -6.09 5.96 -4.52
N PRO A 14 -6.98 6.03 -5.53
CA PRO A 14 -8.09 5.10 -5.67
C PRO A 14 -7.61 3.67 -5.51
N ASP A 15 -8.50 2.82 -4.96
CA ASP A 15 -8.15 1.47 -4.51
C ASP A 15 -7.17 0.78 -5.43
N PRO A 16 -5.91 0.66 -4.97
CA PRO A 16 -4.83 0.02 -5.72
C PRO A 16 -5.08 -1.46 -5.93
N THR A 17 -4.52 -1.98 -7.00
CA THR A 17 -4.69 -3.38 -7.34
C THR A 17 -3.40 -4.14 -7.13
N VAL A 18 -3.53 -5.24 -6.41
CA VAL A 18 -2.43 -6.17 -6.23
C VAL A 18 -2.23 -6.97 -7.49
N ASP A 19 -1.05 -6.85 -8.07
CA ASP A 19 -0.73 -7.44 -9.36
C ASP A 19 -0.21 -8.86 -9.19
N GLN A 20 0.62 -9.06 -8.18
CA GLN A 20 1.23 -10.36 -7.94
C GLN A 20 1.20 -10.71 -6.45
N VAL A 21 0.92 -11.96 -6.15
CA VAL A 21 0.88 -12.42 -4.77
C VAL A 21 1.70 -13.70 -4.60
N ASP A 22 2.52 -13.73 -3.56
CA ASP A 22 3.34 -14.89 -3.25
C ASP A 22 3.27 -15.18 -1.76
N ASP A 23 4.22 -15.97 -1.28
CA ASP A 23 4.32 -16.30 0.14
C ASP A 23 4.72 -15.09 0.98
N THR A 24 5.94 -14.65 0.79
CA THR A 24 6.52 -13.59 1.60
C THR A 24 6.73 -12.35 0.74
N SER A 25 5.75 -12.09 -0.14
CA SER A 25 5.86 -11.05 -1.16
C SER A 25 4.49 -10.82 -1.83
N ILE A 26 4.09 -9.56 -1.95
CA ILE A 26 2.85 -9.18 -2.62
C ILE A 26 3.01 -7.80 -3.23
N VAL A 27 2.52 -7.57 -4.44
CA VAL A 27 2.79 -6.30 -5.09
C VAL A 27 1.50 -5.55 -5.32
N VAL A 28 1.47 -4.27 -4.96
CA VAL A 28 0.27 -3.49 -5.11
C VAL A 28 0.57 -2.23 -5.91
N ARG A 29 -0.41 -1.80 -6.72
CA ARG A 29 -0.25 -0.64 -7.59
C ARG A 29 -1.38 0.35 -7.37
N TRP A 30 -1.03 1.57 -7.00
CA TRP A 30 -2.00 2.58 -6.62
C TRP A 30 -2.05 3.74 -7.62
N SER A 31 -3.25 4.31 -7.78
CA SER A 31 -3.46 5.43 -8.69
C SER A 31 -3.18 6.75 -7.98
N ARG A 32 -1.93 7.17 -8.04
CA ARG A 32 -1.42 8.35 -7.33
C ARG A 32 -2.29 9.61 -7.52
N PRO A 33 -2.22 10.57 -6.57
CA PRO A 33 -3.08 11.75 -6.52
C PRO A 33 -2.54 12.88 -7.37
N GLN A 34 -3.36 13.91 -7.55
CA GLN A 34 -2.98 15.09 -8.29
C GLN A 34 -2.45 16.15 -7.33
N ALA A 35 -2.55 15.85 -6.03
CA ALA A 35 -1.98 16.70 -4.98
C ALA A 35 -0.45 16.65 -5.06
N PRO A 36 0.23 17.76 -4.77
CA PRO A 36 1.68 17.74 -4.66
C PRO A 36 2.11 16.99 -3.40
N ILE A 37 2.73 15.86 -3.60
CA ILE A 37 3.05 14.97 -2.50
C ILE A 37 4.55 14.73 -2.42
N THR A 38 5.06 14.45 -1.24
CA THR A 38 6.49 14.29 -1.02
C THR A 38 6.93 12.83 -1.01
N GLY A 39 6.04 11.92 -0.65
CA GLY A 39 6.39 10.52 -0.67
C GLY A 39 5.23 9.62 -0.38
N TYR A 40 5.52 8.36 -0.07
CA TYR A 40 4.49 7.39 0.30
C TYR A 40 4.95 6.53 1.45
N ARG A 41 4.05 6.34 2.40
CA ARG A 41 4.27 5.37 3.45
C ARG A 41 3.34 4.21 3.25
N ILE A 42 3.77 3.03 3.60
CA ILE A 42 2.96 1.84 3.31
C ILE A 42 2.93 0.84 4.45
N VAL A 43 1.79 0.71 5.10
CA VAL A 43 1.68 -0.22 6.22
C VAL A 43 0.80 -1.40 5.84
N TYR A 44 1.43 -2.55 5.70
CA TYR A 44 0.72 -3.77 5.41
C TYR A 44 0.83 -4.71 6.57
N SER A 45 -0.32 -5.14 7.03
CA SER A 45 -0.42 -5.94 8.24
C SER A 45 -1.40 -7.08 8.06
N PRO A 46 -1.12 -8.22 8.69
CA PRO A 46 -1.99 -9.41 8.65
C PRO A 46 -3.32 -9.17 9.36
N SER A 47 -4.33 -9.91 8.93
CA SER A 47 -5.65 -9.79 9.53
C SER A 47 -5.71 -10.53 10.87
N VAL A 48 -5.04 -11.68 10.96
CA VAL A 48 -5.08 -12.46 12.20
C VAL A 48 -3.68 -12.60 12.83
N GLU A 49 -2.67 -12.85 12.00
CA GLU A 49 -1.32 -13.06 12.50
C GLU A 49 -0.33 -13.11 11.34
N GLY A 50 0.81 -12.45 11.51
CA GLY A 50 1.80 -12.39 10.45
C GLY A 50 2.75 -11.22 10.61
N SER A 51 3.54 -10.96 9.59
CA SER A 51 4.55 -9.90 9.65
C SER A 51 4.02 -8.59 9.06
N SER A 52 4.02 -7.54 9.86
CA SER A 52 3.60 -6.21 9.40
C SER A 52 4.82 -5.39 9.02
N THR A 53 4.71 -4.62 7.96
CA THR A 53 5.83 -3.81 7.51
C THR A 53 5.36 -2.50 6.90
N GLU A 54 6.20 -1.47 7.00
CA GLU A 54 5.95 -0.18 6.40
C GLU A 54 7.06 0.13 5.40
N LEU A 55 6.70 0.38 4.15
CA LEU A 55 7.69 0.80 3.15
C LEU A 55 7.55 2.28 2.88
N ASN A 56 8.61 2.86 2.37
CA ASN A 56 8.61 4.27 2.02
C ASN A 56 8.97 4.40 0.55
N LEU A 57 8.02 4.88 -0.24
CA LEU A 57 8.19 4.97 -1.67
C LEU A 57 8.27 6.42 -2.07
N PRO A 58 8.88 6.72 -3.21
CA PRO A 58 8.94 8.08 -3.73
C PRO A 58 7.54 8.60 -4.05
N GLU A 59 7.40 9.92 -3.92
CA GLU A 59 6.17 10.67 -4.25
C GLU A 59 5.55 10.23 -5.58
N THR A 60 6.39 9.75 -6.48
CA THR A 60 5.95 9.39 -7.81
C THR A 60 5.91 7.88 -8.00
N ALA A 61 5.86 7.15 -6.89
CA ALA A 61 5.81 5.70 -6.94
C ALA A 61 4.38 5.25 -7.17
N ASN A 62 4.20 4.09 -7.77
CA ASN A 62 2.88 3.60 -8.08
C ASN A 62 2.69 2.15 -7.66
N SER A 63 3.67 1.57 -6.99
CA SER A 63 3.58 0.16 -6.67
C SER A 63 4.62 -0.24 -5.62
N VAL A 64 4.18 -0.99 -4.62
CA VAL A 64 5.09 -1.52 -3.62
C VAL A 64 5.17 -3.03 -3.70
N THR A 65 6.38 -3.56 -3.64
CA THR A 65 6.59 -4.96 -3.47
C THR A 65 6.84 -5.28 -2.01
N LEU A 66 5.79 -5.73 -1.35
CA LEU A 66 5.83 -6.11 0.06
C LEU A 66 6.57 -7.41 0.19
N SER A 67 7.31 -7.56 1.27
CA SER A 67 8.17 -8.71 1.44
C SER A 67 8.15 -9.14 2.89
N ASP A 68 8.69 -10.34 3.14
CA ASP A 68 8.73 -10.92 4.48
C ASP A 68 7.32 -11.16 5.01
N LEU A 69 6.38 -11.36 4.11
CA LEU A 69 5.02 -11.75 4.49
C LEU A 69 5.04 -13.18 4.99
N GLN A 70 3.87 -13.71 5.27
CA GLN A 70 3.76 -15.11 5.67
C GLN A 70 2.82 -15.83 4.73
N PRO A 71 3.20 -17.02 4.25
CA PRO A 71 2.35 -17.83 3.37
C PRO A 71 1.07 -18.27 4.07
N GLY A 72 -0.06 -17.98 3.44
CA GLY A 72 -1.34 -18.36 4.02
C GLY A 72 -1.81 -17.36 5.05
N VAL A 73 -1.59 -16.08 4.76
CA VAL A 73 -1.97 -15.01 5.67
C VAL A 73 -2.60 -13.86 4.90
N GLN A 74 -3.67 -13.32 5.48
CA GLN A 74 -4.40 -12.22 4.89
C GLN A 74 -3.68 -10.91 5.19
N TYR A 75 -3.28 -10.20 4.14
CA TYR A 75 -2.54 -8.95 4.33
C TYR A 75 -3.34 -7.75 3.87
N ASN A 76 -3.62 -6.87 4.81
CA ASN A 76 -4.22 -5.59 4.53
C ASN A 76 -3.11 -4.59 4.19
N ILE A 77 -3.05 -4.17 2.94
CA ILE A 77 -2.07 -3.17 2.51
C ILE A 77 -2.68 -1.79 2.61
N THR A 78 -2.05 -0.95 3.38
CA THR A 78 -2.50 0.41 3.55
C THR A 78 -1.53 1.40 2.92
N ILE A 79 -2.00 2.09 1.88
CA ILE A 79 -1.15 3.07 1.18
C ILE A 79 -1.42 4.47 1.75
N TYR A 80 -0.35 5.15 2.08
CA TYR A 80 -0.43 6.51 2.59
C TYR A 80 0.31 7.44 1.64
N ALA A 81 -0.40 8.33 0.98
CA ALA A 81 0.25 9.34 0.15
C ALA A 81 0.53 10.55 1.02
N VAL A 82 1.79 10.97 1.04
CA VAL A 82 2.19 12.04 1.95
C VAL A 82 2.71 13.25 1.21
N GLU A 83 2.24 14.42 1.61
CA GLU A 83 2.73 15.69 1.13
C GLU A 83 3.68 16.28 2.17
N GLU A 84 4.31 17.39 1.79
CA GLU A 84 5.31 18.07 2.59
C GLU A 84 5.05 18.03 4.10
N ASN A 85 3.81 18.26 4.55
CA ASN A 85 3.55 18.30 5.99
C ASN A 85 2.31 17.53 6.42
N GLN A 86 1.61 16.87 5.50
CA GLN A 86 0.41 16.14 5.88
C GLN A 86 0.22 14.88 5.04
N GLU A 87 -0.80 14.10 5.37
CA GLU A 87 -1.08 12.86 4.65
C GLU A 87 -2.51 12.84 4.15
N SER A 88 -2.74 12.07 3.09
CA SER A 88 -4.08 11.89 2.56
C SER A 88 -4.81 10.76 3.29
N THR A 89 -6.00 10.44 2.83
CA THR A 89 -6.73 9.29 3.35
C THR A 89 -5.97 8.00 3.08
N PRO A 90 -6.25 6.93 3.83
CA PRO A 90 -5.55 5.66 3.67
C PRO A 90 -6.18 4.74 2.62
N VAL A 91 -5.32 4.10 1.86
CA VAL A 91 -5.70 2.99 1.00
C VAL A 91 -5.73 1.73 1.82
N VAL A 92 -6.84 1.01 1.82
CA VAL A 92 -6.85 -0.29 2.46
C VAL A 92 -7.32 -1.35 1.47
N ILE A 93 -6.37 -2.16 1.02
CA ILE A 93 -6.64 -3.24 0.08
C ILE A 93 -6.15 -4.56 0.65
N GLN A 94 -7.05 -5.49 0.89
CA GLN A 94 -6.68 -6.74 1.53
C GLN A 94 -6.52 -7.85 0.49
N GLN A 95 -5.39 -8.54 0.56
CA GLN A 95 -5.11 -9.68 -0.30
C GLN A 95 -4.39 -10.76 0.51
N GLU A 96 -4.86 -11.99 0.43
CA GLU A 96 -4.24 -13.08 1.16
C GLU A 96 -3.19 -13.79 0.32
N THR A 97 -2.08 -14.11 0.95
CA THR A 97 -0.95 -14.71 0.27
C THR A 97 -1.25 -16.13 -0.19
N THR A 98 -1.07 -16.38 -1.48
CA THR A 98 -1.29 -17.70 -2.06
C THR A 98 -0.19 -18.66 -1.57
N GLY A 99 0.97 -18.10 -1.30
CA GLY A 99 2.06 -18.89 -0.74
C GLY A 99 3.11 -19.22 -1.75
N THR A 100 3.90 -20.24 -1.46
CA THR A 100 4.94 -20.69 -2.35
C THR A 100 4.30 -21.48 -3.50
N PRO A 101 4.67 -21.17 -4.76
CA PRO A 101 4.17 -21.90 -5.92
C PRO A 101 4.57 -23.37 -5.86
N ARG A 102 3.58 -24.26 -5.88
CA ARG A 102 3.84 -25.69 -5.80
C ARG A 102 3.13 -26.41 -6.95
N SER A 103 3.13 -27.73 -6.91
CA SER A 103 2.50 -28.56 -7.93
C SER A 103 3.26 -28.43 -9.25
N ASP A 104 4.55 -28.10 -9.14
CA ASP A 104 5.42 -27.99 -10.30
C ASP A 104 6.35 -29.19 -10.37
N GLY A 105 6.12 -30.12 -9.45
CA GLY A 105 6.93 -31.31 -9.38
C GLY A 105 6.84 -31.95 -8.00
N THR A 106 7.90 -32.62 -7.60
CA THR A 106 7.94 -33.22 -6.29
C THR A 106 8.81 -32.41 -5.34
N GLY A 1 -19.06 29.59 3.13
CA GLY A 1 -19.78 30.58 3.96
C GLY A 1 -18.87 31.69 4.42
N SER A 2 -19.41 32.61 5.22
CA SER A 2 -18.64 33.73 5.72
C SER A 2 -17.59 33.25 6.73
N HIS A 3 -16.42 33.88 6.69
CA HIS A 3 -15.30 33.54 7.58
C HIS A 3 -14.82 32.11 7.31
N MET A 4 -14.76 31.75 6.04
CA MET A 4 -14.22 30.46 5.64
C MET A 4 -12.74 30.61 5.29
N GLY A 5 -11.90 29.80 5.90
CA GLY A 5 -10.48 29.89 5.67
C GLY A 5 -10.03 29.05 4.49
N THR A 6 -8.85 29.36 3.98
CA THR A 6 -8.30 28.62 2.86
C THR A 6 -7.67 27.32 3.38
N THR A 7 -8.04 26.21 2.75
CA THR A 7 -7.57 24.90 3.19
C THR A 7 -7.69 23.89 2.06
N THR A 8 -6.77 22.95 2.02
CA THR A 8 -6.75 21.93 0.99
C THR A 8 -6.43 20.56 1.57
N ALA A 9 -7.27 19.58 1.24
CA ALA A 9 -7.03 18.22 1.66
C ALA A 9 -6.68 17.35 0.46
N PRO A 10 -5.58 16.60 0.54
CA PRO A 10 -5.15 15.70 -0.53
C PRO A 10 -6.02 14.46 -0.61
N ASP A 11 -5.99 13.79 -1.75
CA ASP A 11 -6.79 12.59 -1.93
C ASP A 11 -5.87 11.38 -1.98
N ALA A 12 -6.34 10.27 -1.46
CA ALA A 12 -5.60 9.02 -1.54
C ALA A 12 -5.77 8.39 -2.91
N PRO A 13 -4.79 7.59 -3.36
CA PRO A 13 -4.90 6.85 -4.62
C PRO A 13 -6.06 5.86 -4.60
N PRO A 14 -6.94 5.91 -5.62
CA PRO A 14 -8.02 4.94 -5.78
C PRO A 14 -7.51 3.52 -5.62
N ASP A 15 -8.32 2.70 -4.94
CA ASP A 15 -7.94 1.37 -4.46
C ASP A 15 -6.95 0.67 -5.40
N PRO A 16 -5.69 0.60 -4.96
CA PRO A 16 -4.60 -0.02 -5.72
C PRO A 16 -4.84 -1.50 -5.98
N THR A 17 -4.26 -1.99 -7.05
CA THR A 17 -4.42 -3.37 -7.44
C THR A 17 -3.14 -4.14 -7.20
N VAL A 18 -3.30 -5.24 -6.51
CA VAL A 18 -2.20 -6.18 -6.29
C VAL A 18 -2.00 -7.02 -7.54
N ASP A 19 -0.83 -6.90 -8.15
CA ASP A 19 -0.55 -7.53 -9.43
C ASP A 19 -0.09 -8.98 -9.23
N GLN A 20 0.66 -9.23 -8.18
CA GLN A 20 1.18 -10.56 -7.89
C GLN A 20 1.01 -10.88 -6.42
N VAL A 21 0.61 -12.11 -6.14
CA VAL A 21 0.40 -12.58 -4.79
C VAL A 21 1.13 -13.90 -4.54
N ASP A 22 2.05 -13.90 -3.58
CA ASP A 22 2.81 -15.09 -3.25
C ASP A 22 2.85 -15.29 -1.73
N ASP A 23 3.77 -16.14 -1.29
CA ASP A 23 3.94 -16.44 0.13
C ASP A 23 4.47 -15.25 0.90
N THR A 24 5.68 -14.86 0.58
CA THR A 24 6.41 -13.85 1.33
C THR A 24 6.66 -12.62 0.48
N SER A 25 5.70 -12.31 -0.38
CA SER A 25 5.83 -11.22 -1.34
C SER A 25 4.50 -10.92 -2.01
N ILE A 26 4.13 -9.65 -2.04
CA ILE A 26 2.89 -9.21 -2.70
C ILE A 26 3.11 -7.82 -3.29
N VAL A 27 2.66 -7.58 -4.51
CA VAL A 27 2.96 -6.31 -5.15
C VAL A 27 1.69 -5.53 -5.37
N VAL A 28 1.68 -4.27 -4.96
CA VAL A 28 0.48 -3.46 -5.09
C VAL A 28 0.80 -2.19 -5.89
N ARG A 29 -0.17 -1.77 -6.69
CA ARG A 29 0.00 -0.60 -7.57
C ARG A 29 -1.15 0.38 -7.37
N TRP A 30 -0.80 1.60 -7.00
CA TRP A 30 -1.78 2.62 -6.64
C TRP A 30 -1.84 3.75 -7.66
N SER A 31 -3.06 4.21 -7.95
CA SER A 31 -3.26 5.36 -8.82
C SER A 31 -3.07 6.66 -8.04
N ARG A 32 -1.83 7.11 -7.99
CA ARG A 32 -1.42 8.29 -7.21
C ARG A 32 -2.32 9.52 -7.44
N PRO A 33 -2.35 10.44 -6.46
CA PRO A 33 -3.23 11.61 -6.45
C PRO A 33 -2.72 12.75 -7.33
N GLN A 34 -3.57 13.73 -7.53
CA GLN A 34 -3.19 14.96 -8.20
C GLN A 34 -2.62 15.93 -7.17
N ALA A 35 -2.87 15.62 -5.89
CA ALA A 35 -2.29 16.35 -4.79
C ALA A 35 -0.77 16.32 -4.88
N PRO A 36 -0.10 17.46 -4.67
CA PRO A 36 1.34 17.47 -4.58
C PRO A 36 1.79 16.73 -3.33
N ILE A 37 2.43 15.60 -3.54
CA ILE A 37 2.81 14.73 -2.45
C ILE A 37 4.34 14.60 -2.43
N THR A 38 4.91 14.36 -1.26
CA THR A 38 6.36 14.24 -1.10
C THR A 38 6.83 12.80 -1.07
N GLY A 39 6.00 11.91 -0.57
CA GLY A 39 6.40 10.52 -0.46
C GLY A 39 5.22 9.62 -0.27
N TYR A 40 5.49 8.38 0.10
CA TYR A 40 4.46 7.42 0.44
C TYR A 40 4.87 6.56 1.61
N ARG A 41 3.97 6.38 2.55
CA ARG A 41 4.15 5.39 3.60
C ARG A 41 3.31 4.18 3.26
N ILE A 42 3.74 3.02 3.65
CA ILE A 42 2.97 1.82 3.34
C ILE A 42 2.95 0.83 4.50
N VAL A 43 1.80 0.70 5.15
CA VAL A 43 1.70 -0.25 6.27
C VAL A 43 0.88 -1.45 5.87
N TYR A 44 1.54 -2.59 5.76
CA TYR A 44 0.89 -3.83 5.45
C TYR A 44 1.02 -4.78 6.62
N SER A 45 -0.13 -5.28 7.03
CA SER A 45 -0.23 -6.13 8.20
C SER A 45 -1.24 -7.25 8.00
N PRO A 46 -0.89 -8.47 8.44
CA PRO A 46 -1.78 -9.63 8.39
C PRO A 46 -2.88 -9.56 9.43
N SER A 47 -4.10 -9.91 9.03
CA SER A 47 -5.27 -9.81 9.89
C SER A 47 -5.20 -10.79 11.07
N VAL A 48 -4.40 -11.85 10.92
CA VAL A 48 -4.26 -12.85 11.97
C VAL A 48 -2.90 -12.77 12.64
N GLU A 49 -2.27 -11.61 12.50
CA GLU A 49 -0.96 -11.33 13.10
C GLU A 49 0.16 -12.06 12.34
N GLY A 50 1.31 -11.40 12.24
CA GLY A 50 2.43 -11.95 11.51
C GLY A 50 3.44 -10.88 11.17
N SER A 51 3.83 -10.78 9.91
CA SER A 51 4.80 -9.78 9.51
C SER A 51 4.09 -8.50 9.07
N SER A 52 4.37 -7.40 9.75
CA SER A 52 3.86 -6.10 9.35
C SER A 52 5.03 -5.20 9.01
N THR A 53 4.88 -4.39 7.98
CA THR A 53 5.96 -3.50 7.59
C THR A 53 5.43 -2.20 7.00
N GLU A 54 6.19 -1.13 7.18
CA GLU A 54 5.91 0.15 6.59
C GLU A 54 7.03 0.54 5.63
N LEU A 55 6.72 0.58 4.34
CA LEU A 55 7.72 0.98 3.35
C LEU A 55 7.56 2.45 3.03
N ASN A 56 8.61 3.04 2.50
CA ASN A 56 8.60 4.45 2.15
C ASN A 56 8.99 4.60 0.70
N LEU A 57 8.06 5.08 -0.11
CA LEU A 57 8.29 5.19 -1.52
C LEU A 57 8.36 6.66 -1.88
N PRO A 58 8.99 7.00 -3.00
CA PRO A 58 9.01 8.37 -3.47
C PRO A 58 7.63 8.81 -3.94
N GLU A 59 7.41 10.11 -3.84
CA GLU A 59 6.17 10.77 -4.32
C GLU A 59 5.74 10.30 -5.70
N THR A 60 6.71 9.86 -6.50
CA THR A 60 6.47 9.48 -7.88
C THR A 60 6.39 7.95 -8.02
N ALA A 61 6.16 7.27 -6.92
CA ALA A 61 6.05 5.81 -6.95
C ALA A 61 4.61 5.39 -7.10
N ASN A 62 4.40 4.17 -7.58
CA ASN A 62 3.05 3.68 -7.81
C ASN A 62 2.91 2.20 -7.48
N SER A 63 3.89 1.63 -6.80
CA SER A 63 3.83 0.19 -6.52
C SER A 63 4.83 -0.21 -5.45
N VAL A 64 4.38 -1.02 -4.49
CA VAL A 64 5.27 -1.55 -3.47
C VAL A 64 5.33 -3.07 -3.57
N THR A 65 6.54 -3.61 -3.50
CA THR A 65 6.74 -5.02 -3.36
C THR A 65 6.96 -5.37 -1.88
N LEU A 66 5.90 -5.87 -1.26
CA LEU A 66 5.94 -6.28 0.13
C LEU A 66 6.61 -7.63 0.23
N SER A 67 7.36 -7.84 1.29
CA SER A 67 8.17 -9.04 1.43
C SER A 67 8.09 -9.58 2.84
N ASP A 68 8.56 -10.82 3.03
CA ASP A 68 8.58 -11.48 4.32
C ASP A 68 7.18 -11.73 4.86
N LEU A 69 6.22 -11.84 3.95
CA LEU A 69 4.83 -12.15 4.33
C LEU A 69 4.75 -13.60 4.81
N GLN A 70 3.56 -14.05 5.12
CA GLN A 70 3.36 -15.43 5.54
C GLN A 70 2.27 -16.06 4.68
N PRO A 71 2.58 -17.19 4.02
CA PRO A 71 1.64 -17.87 3.11
C PRO A 71 0.39 -18.38 3.82
N GLY A 72 -0.76 -18.15 3.19
CA GLY A 72 -2.03 -18.59 3.76
C GLY A 72 -2.59 -17.58 4.73
N VAL A 73 -2.21 -16.32 4.56
CA VAL A 73 -2.57 -15.27 5.50
C VAL A 73 -3.17 -14.07 4.77
N GLN A 74 -4.08 -13.39 5.45
CA GLN A 74 -4.75 -12.22 4.92
C GLN A 74 -3.93 -10.98 5.22
N TYR A 75 -3.55 -10.26 4.18
CA TYR A 75 -2.66 -9.12 4.33
C TYR A 75 -3.30 -7.82 3.88
N ASN A 76 -3.46 -6.91 4.82
CA ASN A 76 -4.01 -5.58 4.54
C ASN A 76 -2.88 -4.62 4.19
N ILE A 77 -2.86 -4.18 2.94
CA ILE A 77 -1.91 -3.17 2.50
C ILE A 77 -2.54 -1.80 2.58
N THR A 78 -1.96 -0.95 3.39
CA THR A 78 -2.45 0.39 3.56
C THR A 78 -1.48 1.40 2.96
N ILE A 79 -1.90 2.12 1.92
CA ILE A 79 -1.02 3.10 1.28
C ILE A 79 -1.29 4.49 1.86
N TYR A 80 -0.25 5.29 1.97
CA TYR A 80 -0.37 6.66 2.46
C TYR A 80 0.36 7.62 1.51
N ALA A 81 -0.39 8.46 0.81
CA ALA A 81 0.20 9.53 0.00
C ALA A 81 0.56 10.68 0.91
N VAL A 82 1.84 10.94 1.09
CA VAL A 82 2.24 11.98 2.04
C VAL A 82 2.73 13.21 1.33
N GLU A 83 2.30 14.39 1.79
CA GLU A 83 2.73 15.66 1.23
C GLU A 83 3.63 16.36 2.23
N GLU A 84 4.23 17.46 1.79
CA GLU A 84 5.11 18.27 2.63
C GLU A 84 4.53 18.50 4.04
N ASN A 85 3.29 18.96 4.09
CA ASN A 85 2.70 19.37 5.37
C ASN A 85 1.57 18.44 5.83
N GLN A 86 1.08 17.59 4.96
CA GLN A 86 -0.12 16.82 5.28
C GLN A 86 0.03 15.36 4.89
N GLU A 87 -0.95 14.57 5.28
CA GLU A 87 -1.02 13.16 4.92
C GLU A 87 -2.40 12.87 4.34
N SER A 88 -2.44 12.17 3.22
CA SER A 88 -3.70 11.86 2.57
C SER A 88 -4.42 10.72 3.26
N THR A 89 -5.66 10.49 2.87
CA THR A 89 -6.44 9.36 3.36
C THR A 89 -5.71 8.05 3.06
N PRO A 90 -6.04 6.98 3.81
CA PRO A 90 -5.38 5.70 3.64
C PRO A 90 -6.03 4.81 2.58
N VAL A 91 -5.17 4.15 1.82
CA VAL A 91 -5.56 3.08 0.93
C VAL A 91 -5.64 1.81 1.74
N VAL A 92 -6.77 1.14 1.72
CA VAL A 92 -6.83 -0.17 2.34
C VAL A 92 -7.20 -1.22 1.30
N ILE A 93 -6.23 -2.02 0.92
CA ILE A 93 -6.44 -3.12 -0.01
C ILE A 93 -5.94 -4.40 0.60
N GLN A 94 -6.85 -5.30 0.92
CA GLN A 94 -6.47 -6.55 1.53
C GLN A 94 -6.42 -7.67 0.49
N GLN A 95 -5.34 -8.43 0.54
CA GLN A 95 -5.15 -9.57 -0.34
C GLN A 95 -4.55 -10.72 0.46
N GLU A 96 -4.99 -11.93 0.17
CA GLU A 96 -4.46 -13.11 0.85
C GLU A 96 -3.22 -13.60 0.12
N THR A 97 -2.29 -14.15 0.89
CA THR A 97 -1.09 -14.71 0.32
C THR A 97 -1.33 -16.13 -0.17
N THR A 98 -1.23 -16.31 -1.48
CA THR A 98 -1.51 -17.60 -2.09
C THR A 98 -0.43 -18.61 -1.74
N GLY A 99 0.77 -18.13 -1.57
CA GLY A 99 1.85 -18.99 -1.14
C GLY A 99 2.81 -19.33 -2.26
N THR A 100 3.72 -20.25 -2.00
CA THR A 100 4.68 -20.69 -2.99
C THR A 100 4.02 -21.69 -3.94
N PRO A 101 4.06 -21.41 -5.26
CA PRO A 101 3.53 -22.30 -6.29
C PRO A 101 4.11 -23.71 -6.17
N ARG A 102 5.39 -23.79 -5.85
CA ARG A 102 6.06 -25.06 -5.57
C ARG A 102 5.86 -26.03 -6.73
N SER A 103 6.45 -25.71 -7.86
CA SER A 103 6.34 -26.55 -9.04
C SER A 103 7.50 -27.53 -9.09
N ASP A 104 7.77 -28.17 -7.96
CA ASP A 104 8.89 -29.09 -7.83
C ASP A 104 8.50 -30.48 -8.34
N GLY A 105 7.21 -30.73 -8.41
CA GLY A 105 6.72 -32.04 -8.80
C GLY A 105 6.56 -32.16 -10.30
N THR A 106 7.46 -31.56 -11.04
CA THR A 106 7.46 -31.68 -12.49
C THR A 106 8.09 -33.01 -12.89
N GLY A 1 -15.04 33.00 5.61
CA GLY A 1 -13.96 33.91 5.19
C GLY A 1 -14.01 34.22 3.71
N SER A 2 -13.05 35.00 3.23
CA SER A 2 -13.02 35.38 1.83
C SER A 2 -12.12 34.43 1.04
N HIS A 3 -11.39 33.57 1.75
CA HIS A 3 -10.49 32.62 1.11
C HIS A 3 -11.10 31.23 1.09
N MET A 4 -12.37 31.17 0.69
CA MET A 4 -13.11 29.92 0.64
C MET A 4 -12.54 29.00 -0.43
N GLY A 5 -12.19 29.58 -1.56
CA GLY A 5 -11.63 28.81 -2.66
C GLY A 5 -10.14 28.58 -2.48
N THR A 6 -9.78 27.58 -1.69
CA THR A 6 -8.39 27.26 -1.43
C THR A 6 -8.19 25.74 -1.47
N THR A 7 -7.85 25.23 -2.65
CA THR A 7 -7.66 23.79 -2.81
C THR A 7 -6.29 23.36 -2.28
N THR A 8 -6.24 23.05 -1.00
CA THR A 8 -5.01 22.58 -0.37
C THR A 8 -5.18 21.16 0.11
N ALA A 9 -6.40 20.68 0.01
CA ALA A 9 -6.74 19.34 0.45
C ALA A 9 -6.30 18.31 -0.59
N PRO A 10 -5.42 17.39 -0.19
CA PRO A 10 -4.94 16.32 -1.05
C PRO A 10 -5.89 15.14 -1.10
N ASP A 11 -5.57 14.15 -1.92
CA ASP A 11 -6.38 12.95 -2.05
C ASP A 11 -5.49 11.72 -1.99
N ALA A 12 -6.10 10.58 -1.71
CA ALA A 12 -5.39 9.32 -1.69
C ALA A 12 -5.53 8.62 -3.05
N PRO A 13 -4.62 7.72 -3.41
CA PRO A 13 -4.67 7.00 -4.67
C PRO A 13 -5.86 6.04 -4.74
N PRO A 14 -6.68 6.14 -5.79
CA PRO A 14 -7.78 5.22 -6.05
C PRO A 14 -7.39 3.77 -5.87
N ASP A 15 -8.34 2.97 -5.36
CA ASP A 15 -8.11 1.60 -4.91
C ASP A 15 -7.07 0.87 -5.77
N PRO A 16 -5.86 0.69 -5.21
CA PRO A 16 -4.74 0.03 -5.90
C PRO A 16 -4.97 -1.46 -6.10
N THR A 17 -4.40 -1.98 -7.17
CA THR A 17 -4.55 -3.38 -7.54
C THR A 17 -3.28 -4.14 -7.29
N VAL A 18 -3.43 -5.27 -6.63
CA VAL A 18 -2.32 -6.17 -6.38
C VAL A 18 -1.94 -6.90 -7.66
N ASP A 19 -0.67 -6.78 -8.04
CA ASP A 19 -0.17 -7.31 -9.30
C ASP A 19 0.19 -8.78 -9.16
N GLN A 20 0.91 -9.11 -8.10
CA GLN A 20 1.36 -10.48 -7.87
C GLN A 20 1.15 -10.85 -6.41
N VAL A 21 0.67 -12.05 -6.18
CA VAL A 21 0.46 -12.54 -4.82
C VAL A 21 1.25 -13.82 -4.60
N ASP A 22 2.22 -13.76 -3.70
CA ASP A 22 3.02 -14.92 -3.34
C ASP A 22 2.94 -15.18 -1.84
N ASP A 23 3.81 -16.04 -1.35
CA ASP A 23 3.89 -16.36 0.07
C ASP A 23 4.44 -15.20 0.90
N THR A 24 5.70 -14.92 0.71
CA THR A 24 6.42 -13.95 1.51
C THR A 24 6.67 -12.67 0.72
N SER A 25 5.74 -12.36 -0.18
CA SER A 25 5.87 -11.24 -1.10
C SER A 25 4.56 -11.00 -1.85
N ILE A 26 4.13 -9.75 -1.90
CA ILE A 26 2.91 -9.36 -2.63
C ILE A 26 3.13 -7.98 -3.22
N VAL A 27 2.59 -7.70 -4.39
CA VAL A 27 2.87 -6.43 -5.03
C VAL A 27 1.58 -5.65 -5.19
N VAL A 28 1.60 -4.36 -4.93
CA VAL A 28 0.41 -3.56 -5.09
C VAL A 28 0.72 -2.31 -5.90
N ARG A 29 -0.24 -1.87 -6.70
CA ARG A 29 -0.06 -0.74 -7.60
C ARG A 29 -1.19 0.26 -7.42
N TRP A 30 -0.82 1.47 -7.06
CA TRP A 30 -1.79 2.53 -6.74
C TRP A 30 -1.74 3.65 -7.76
N SER A 31 -2.88 4.28 -7.99
CA SER A 31 -2.96 5.40 -8.92
C SER A 31 -2.79 6.71 -8.17
N ARG A 32 -1.58 7.27 -8.24
CA ARG A 32 -1.21 8.47 -7.48
C ARG A 32 -2.18 9.64 -7.71
N PRO A 33 -2.24 10.56 -6.74
CA PRO A 33 -3.17 11.70 -6.72
C PRO A 33 -2.66 12.88 -7.53
N GLN A 34 -3.55 13.83 -7.76
CA GLN A 34 -3.18 15.10 -8.38
C GLN A 34 -2.60 16.02 -7.33
N ALA A 35 -2.87 15.67 -6.08
CA ALA A 35 -2.36 16.39 -4.92
C ALA A 35 -0.85 16.44 -4.91
N PRO A 36 -0.25 17.56 -4.50
CA PRO A 36 1.17 17.61 -4.28
C PRO A 36 1.55 16.79 -3.06
N ILE A 37 2.26 15.71 -3.30
CA ILE A 37 2.64 14.79 -2.25
C ILE A 37 4.17 14.68 -2.21
N THR A 38 4.72 14.47 -1.03
CA THR A 38 6.17 14.41 -0.85
C THR A 38 6.72 12.99 -0.83
N GLY A 39 5.85 12.01 -0.55
CA GLY A 39 6.29 10.64 -0.58
C GLY A 39 5.16 9.68 -0.37
N TYR A 40 5.48 8.43 -0.06
CA TYR A 40 4.48 7.43 0.29
C TYR A 40 4.95 6.56 1.44
N ARG A 41 4.09 6.37 2.41
CA ARG A 41 4.32 5.38 3.43
C ARG A 41 3.44 4.19 3.13
N ILE A 42 3.87 3.01 3.48
CA ILE A 42 3.06 1.83 3.19
C ILE A 42 3.07 0.84 4.34
N VAL A 43 1.94 0.74 5.02
CA VAL A 43 1.86 -0.18 6.15
C VAL A 43 1.00 -1.37 5.79
N TYR A 44 1.63 -2.51 5.65
CA TYR A 44 0.95 -3.75 5.39
C TYR A 44 1.03 -4.63 6.61
N SER A 45 -0.14 -5.04 7.05
CA SER A 45 -0.27 -5.81 8.28
C SER A 45 -1.31 -6.91 8.12
N PRO A 46 -0.99 -8.12 8.60
CA PRO A 46 -1.94 -9.23 8.64
C PRO A 46 -3.03 -8.98 9.67
N SER A 47 -4.27 -9.19 9.27
CA SER A 47 -5.40 -8.95 10.16
C SER A 47 -5.54 -10.06 11.21
N VAL A 48 -4.76 -11.14 11.05
CA VAL A 48 -4.83 -12.25 11.99
C VAL A 48 -3.48 -12.47 12.72
N GLU A 49 -2.38 -12.38 11.97
CA GLU A 49 -1.03 -12.63 12.52
C GLU A 49 -0.01 -12.70 11.40
N GLY A 50 1.15 -12.09 11.61
CA GLY A 50 2.22 -12.18 10.63
C GLY A 50 3.15 -10.98 10.67
N SER A 51 3.78 -10.70 9.55
CA SER A 51 4.76 -9.62 9.47
C SER A 51 4.12 -8.32 9.00
N SER A 52 4.23 -7.28 9.80
CA SER A 52 3.75 -5.97 9.41
C SER A 52 4.93 -5.07 9.12
N THR A 53 4.86 -4.32 8.04
CA THR A 53 5.97 -3.48 7.65
C THR A 53 5.50 -2.20 6.96
N GLU A 54 6.29 -1.14 7.07
CA GLU A 54 6.04 0.10 6.38
C GLU A 54 7.17 0.38 5.40
N LEU A 55 6.84 0.44 4.11
CA LEU A 55 7.82 0.81 3.10
C LEU A 55 7.66 2.28 2.77
N ASN A 56 8.73 2.87 2.25
CA ASN A 56 8.72 4.28 1.92
C ASN A 56 9.06 4.46 0.46
N LEU A 57 8.08 4.88 -0.31
CA LEU A 57 8.25 5.03 -1.74
C LEU A 57 8.26 6.50 -2.07
N PRO A 58 8.89 6.87 -3.19
CA PRO A 58 8.87 8.24 -3.66
C PRO A 58 7.44 8.67 -4.02
N GLU A 59 7.18 9.95 -3.83
CA GLU A 59 5.89 10.59 -4.13
C GLU A 59 5.32 10.16 -5.48
N THR A 60 6.18 9.79 -6.39
CA THR A 60 5.78 9.49 -7.75
C THR A 60 5.75 7.97 -8.01
N ALA A 61 5.93 7.19 -6.95
CA ALA A 61 5.89 5.73 -7.07
C ALA A 61 4.45 5.27 -7.18
N ASN A 62 4.25 4.08 -7.73
CA ASN A 62 2.90 3.58 -7.92
C ASN A 62 2.78 2.09 -7.66
N SER A 63 3.75 1.52 -6.95
CA SER A 63 3.69 0.09 -6.65
C SER A 63 4.75 -0.32 -5.62
N VAL A 64 4.33 -1.10 -4.64
CA VAL A 64 5.26 -1.61 -3.64
C VAL A 64 5.33 -3.13 -3.70
N THR A 65 6.55 -3.66 -3.60
CA THR A 65 6.77 -5.06 -3.42
C THR A 65 6.97 -5.36 -1.93
N LEU A 66 5.93 -5.86 -1.30
CA LEU A 66 5.95 -6.23 0.10
C LEU A 66 6.61 -7.59 0.23
N SER A 67 7.34 -7.79 1.31
CA SER A 67 8.10 -9.02 1.47
C SER A 67 8.04 -9.49 2.92
N ASP A 68 8.60 -10.67 3.15
CA ASP A 68 8.64 -11.28 4.49
C ASP A 68 7.24 -11.56 5.00
N LEU A 69 6.30 -11.77 4.08
CA LEU A 69 4.94 -12.12 4.45
C LEU A 69 4.88 -13.57 4.92
N GLN A 70 3.68 -14.04 5.22
CA GLN A 70 3.48 -15.41 5.64
C GLN A 70 2.36 -16.03 4.81
N PRO A 71 2.63 -17.15 4.13
CA PRO A 71 1.65 -17.82 3.26
C PRO A 71 0.42 -18.31 4.02
N GLY A 72 -0.76 -18.03 3.48
CA GLY A 72 -1.99 -18.43 4.12
C GLY A 72 -2.47 -17.38 5.11
N VAL A 73 -2.07 -16.14 4.88
CA VAL A 73 -2.39 -15.05 5.79
C VAL A 73 -2.94 -13.85 5.01
N GLN A 74 -3.91 -13.18 5.62
CA GLN A 74 -4.58 -12.06 5.00
C GLN A 74 -3.80 -10.78 5.27
N TYR A 75 -3.14 -10.26 4.25
CA TYR A 75 -2.34 -9.06 4.40
C TYR A 75 -3.07 -7.82 3.93
N ASN A 76 -3.26 -6.88 4.85
CA ASN A 76 -3.89 -5.61 4.54
C ASN A 76 -2.83 -4.60 4.18
N ILE A 77 -2.78 -4.22 2.92
CA ILE A 77 -1.83 -3.23 2.46
C ILE A 77 -2.46 -1.86 2.51
N THR A 78 -1.91 -1.01 3.33
CA THR A 78 -2.40 0.32 3.50
C THR A 78 -1.42 1.31 2.88
N ILE A 79 -1.87 2.02 1.84
CA ILE A 79 -1.02 2.99 1.16
C ILE A 79 -1.28 4.38 1.73
N TYR A 80 -0.22 5.14 1.88
CA TYR A 80 -0.32 6.50 2.39
C TYR A 80 0.40 7.46 1.45
N ALA A 81 -0.33 8.32 0.77
CA ALA A 81 0.29 9.42 0.06
C ALA A 81 0.60 10.48 1.10
N VAL A 82 1.88 10.81 1.23
CA VAL A 82 2.27 11.79 2.24
C VAL A 82 2.64 13.10 1.57
N GLU A 83 2.14 14.19 2.11
CA GLU A 83 2.38 15.51 1.55
C GLU A 83 3.27 16.31 2.47
N GLU A 84 3.73 17.44 1.97
CA GLU A 84 4.68 18.31 2.65
C GLU A 84 4.35 18.50 4.14
N ASN A 85 3.09 18.78 4.45
CA ASN A 85 2.73 19.08 5.83
C ASN A 85 1.60 18.18 6.34
N GLN A 86 1.20 17.18 5.55
CA GLN A 86 0.02 16.38 5.89
C GLN A 86 0.17 14.94 5.40
N GLU A 87 -0.84 14.13 5.74
CA GLU A 87 -0.91 12.75 5.29
C GLU A 87 -2.33 12.47 4.76
N SER A 88 -2.42 11.99 3.53
CA SER A 88 -3.72 11.73 2.91
C SER A 88 -4.41 10.52 3.54
N THR A 89 -5.67 10.31 3.19
CA THR A 89 -6.42 9.15 3.64
C THR A 89 -5.76 7.86 3.16
N PRO A 90 -5.95 6.76 3.89
CA PRO A 90 -5.29 5.49 3.58
C PRO A 90 -5.99 4.65 2.52
N VAL A 91 -5.17 3.98 1.72
CA VAL A 91 -5.58 2.87 0.87
C VAL A 91 -5.61 1.62 1.71
N VAL A 92 -6.69 0.87 1.70
CA VAL A 92 -6.70 -0.42 2.37
C VAL A 92 -7.12 -1.52 1.41
N ILE A 93 -6.15 -2.33 1.01
CA ILE A 93 -6.40 -3.44 0.10
C ILE A 93 -5.89 -4.75 0.71
N GLN A 94 -6.82 -5.65 1.01
CA GLN A 94 -6.44 -6.89 1.67
C GLN A 94 -6.34 -8.04 0.68
N GLN A 95 -5.19 -8.70 0.68
CA GLN A 95 -4.97 -9.86 -0.15
C GLN A 95 -4.36 -10.97 0.70
N GLU A 96 -4.96 -12.15 0.67
CA GLU A 96 -4.44 -13.27 1.41
C GLU A 96 -3.40 -14.01 0.58
N THR A 97 -2.24 -14.19 1.17
CA THR A 97 -1.10 -14.78 0.50
C THR A 97 -1.41 -16.18 0.01
N THR A 98 -1.36 -16.35 -1.31
CA THR A 98 -1.66 -17.63 -1.94
C THR A 98 -0.56 -18.63 -1.63
N GLY A 99 0.65 -18.13 -1.46
CA GLY A 99 1.76 -18.99 -1.13
C GLY A 99 2.71 -19.14 -2.30
N THR A 100 3.65 -20.06 -2.17
CA THR A 100 4.56 -20.36 -3.26
C THR A 100 3.81 -21.14 -4.34
N PRO A 101 3.76 -20.60 -5.58
CA PRO A 101 3.01 -21.21 -6.68
C PRO A 101 3.42 -22.65 -6.97
N ARG A 102 2.72 -23.58 -6.34
CA ARG A 102 2.92 -25.00 -6.57
C ARG A 102 2.10 -25.42 -7.79
N SER A 103 0.97 -24.77 -7.96
CA SER A 103 0.11 -25.00 -9.10
C SER A 103 0.41 -23.96 -10.17
N ASP A 104 0.30 -24.37 -11.43
CA ASP A 104 0.56 -23.47 -12.55
C ASP A 104 -0.56 -23.56 -13.57
N GLY A 105 -1.59 -24.30 -13.23
CA GLY A 105 -2.72 -24.46 -14.14
C GLY A 105 -3.92 -25.06 -13.45
N THR A 106 -4.08 -24.78 -12.17
CA THR A 106 -5.21 -25.27 -11.40
C THR A 106 -5.48 -24.36 -10.21
N GLY A 1 -7.27 29.89 -8.82
CA GLY A 1 -8.71 29.90 -9.18
C GLY A 1 -9.44 31.06 -8.57
N SER A 2 -10.77 30.98 -8.53
CA SER A 2 -11.59 32.05 -7.99
C SER A 2 -12.39 31.56 -6.79
N HIS A 3 -11.71 31.40 -5.66
CA HIS A 3 -12.36 30.92 -4.45
C HIS A 3 -11.90 31.72 -3.23
N MET A 4 -12.82 32.50 -2.66
CA MET A 4 -12.56 33.23 -1.43
C MET A 4 -12.44 32.25 -0.28
N GLY A 5 -11.21 32.00 0.15
CA GLY A 5 -10.97 30.97 1.13
C GLY A 5 -10.77 29.64 0.44
N THR A 6 -9.73 29.58 -0.39
CA THR A 6 -9.45 28.40 -1.19
C THR A 6 -9.16 27.19 -0.31
N THR A 7 -9.90 26.13 -0.52
CA THR A 7 -9.69 24.89 0.21
C THR A 7 -8.59 24.08 -0.44
N THR A 8 -7.89 23.28 0.36
CA THR A 8 -6.86 22.41 -0.16
C THR A 8 -6.76 21.15 0.69
N ALA A 9 -7.00 20.01 0.06
CA ALA A 9 -7.00 18.73 0.73
C ALA A 9 -6.53 17.65 -0.23
N PRO A 10 -5.47 16.90 0.13
CA PRO A 10 -4.90 15.89 -0.74
C PRO A 10 -5.80 14.69 -0.93
N ASP A 11 -5.94 14.26 -2.17
CA ASP A 11 -6.68 13.05 -2.48
C ASP A 11 -5.76 11.86 -2.34
N ALA A 12 -6.34 10.70 -2.08
CA ALA A 12 -5.59 9.46 -1.96
C ALA A 12 -5.65 8.71 -3.29
N PRO A 13 -4.74 7.75 -3.52
CA PRO A 13 -4.78 6.93 -4.73
C PRO A 13 -5.97 5.97 -4.70
N PRO A 14 -6.80 5.97 -5.75
CA PRO A 14 -7.89 5.01 -5.93
C PRO A 14 -7.41 3.59 -5.69
N ASP A 15 -8.30 2.78 -5.12
CA ASP A 15 -7.98 1.45 -4.60
C ASP A 15 -6.93 0.74 -5.45
N PRO A 16 -5.71 0.65 -4.92
CA PRO A 16 -4.58 0.00 -5.61
C PRO A 16 -4.79 -1.50 -5.77
N THR A 17 -4.30 -2.03 -6.86
CA THR A 17 -4.48 -3.43 -7.18
C THR A 17 -3.22 -4.21 -6.95
N VAL A 18 -3.38 -5.32 -6.25
CA VAL A 18 -2.29 -6.26 -6.07
C VAL A 18 -2.04 -7.01 -7.38
N ASP A 19 -0.89 -6.72 -7.97
CA ASP A 19 -0.56 -7.19 -9.31
C ASP A 19 -0.11 -8.65 -9.28
N GLN A 20 0.75 -8.98 -8.33
CA GLN A 20 1.28 -10.31 -8.22
C GLN A 20 1.36 -10.74 -6.77
N VAL A 21 1.02 -12.00 -6.53
CA VAL A 21 0.96 -12.53 -5.18
C VAL A 21 1.75 -13.83 -5.08
N ASP A 22 2.58 -13.92 -4.04
CA ASP A 22 3.30 -15.16 -3.74
C ASP A 22 3.16 -15.49 -2.27
N ASP A 23 4.05 -16.34 -1.77
CA ASP A 23 4.07 -16.71 -0.36
C ASP A 23 4.57 -15.57 0.52
N THR A 24 5.85 -15.25 0.39
CA THR A 24 6.50 -14.29 1.26
C THR A 24 6.77 -12.98 0.53
N SER A 25 5.84 -12.59 -0.33
CA SER A 25 6.00 -11.44 -1.21
C SER A 25 4.69 -11.14 -1.94
N ILE A 26 4.38 -9.86 -2.08
CA ILE A 26 3.17 -9.40 -2.79
C ILE A 26 3.45 -8.05 -3.44
N VAL A 27 2.74 -7.66 -4.48
CA VAL A 27 2.98 -6.37 -5.09
C VAL A 27 1.69 -5.61 -5.23
N VAL A 28 1.69 -4.34 -4.85
CA VAL A 28 0.48 -3.55 -4.97
C VAL A 28 0.76 -2.29 -5.76
N ARG A 29 -0.22 -1.85 -6.54
CA ARG A 29 -0.05 -0.72 -7.46
C ARG A 29 -1.17 0.28 -7.28
N TRP A 30 -0.81 1.50 -6.94
CA TRP A 30 -1.77 2.57 -6.63
C TRP A 30 -1.75 3.66 -7.68
N SER A 31 -2.93 4.25 -7.94
CA SER A 31 -3.04 5.38 -8.82
C SER A 31 -2.87 6.68 -8.03
N ARG A 32 -1.62 7.10 -7.92
CA ARG A 32 -1.22 8.25 -7.10
C ARG A 32 -2.09 9.50 -7.36
N PRO A 33 -2.16 10.41 -6.37
CA PRO A 33 -3.10 11.53 -6.36
C PRO A 33 -2.70 12.67 -7.28
N GLN A 34 -3.64 13.60 -7.44
CA GLN A 34 -3.38 14.86 -8.11
C GLN A 34 -2.69 15.80 -7.12
N ALA A 35 -2.91 15.51 -5.83
CA ALA A 35 -2.30 16.25 -4.74
C ALA A 35 -0.78 16.24 -4.86
N PRO A 36 -0.13 17.39 -4.65
CA PRO A 36 1.32 17.42 -4.57
C PRO A 36 1.77 16.75 -3.28
N ILE A 37 2.43 15.63 -3.42
CA ILE A 37 2.83 14.81 -2.27
C ILE A 37 4.35 14.71 -2.23
N THR A 38 4.90 14.50 -1.05
CA THR A 38 6.35 14.38 -0.86
C THR A 38 6.82 12.94 -0.90
N GLY A 39 6.00 12.02 -0.42
CA GLY A 39 6.41 10.65 -0.36
C GLY A 39 5.25 9.71 -0.18
N TYR A 40 5.56 8.46 0.12
CA TYR A 40 4.55 7.48 0.45
C TYR A 40 4.98 6.63 1.62
N ARG A 41 4.07 6.44 2.55
CA ARG A 41 4.26 5.45 3.59
C ARG A 41 3.41 4.25 3.26
N ILE A 42 3.86 3.08 3.62
CA ILE A 42 3.08 1.89 3.33
C ILE A 42 3.09 0.92 4.47
N VAL A 43 1.97 0.79 5.17
CA VAL A 43 1.89 -0.15 6.27
C VAL A 43 0.98 -1.30 5.94
N TYR A 44 1.56 -2.45 5.74
CA TYR A 44 0.83 -3.64 5.46
C TYR A 44 0.92 -4.58 6.63
N SER A 45 -0.24 -4.97 7.10
CA SER A 45 -0.35 -5.75 8.33
C SER A 45 -1.46 -6.80 8.22
N PRO A 46 -1.18 -8.02 8.69
CA PRO A 46 -2.17 -9.11 8.75
C PRO A 46 -3.27 -8.80 9.76
N SER A 47 -4.44 -9.38 9.53
CA SER A 47 -5.60 -9.11 10.36
C SER A 47 -5.56 -9.89 11.67
N VAL A 48 -4.85 -11.03 11.69
CA VAL A 48 -4.78 -11.84 12.89
C VAL A 48 -3.34 -11.95 13.41
N GLU A 49 -2.38 -12.14 12.52
CA GLU A 49 -0.98 -12.29 12.91
C GLU A 49 -0.10 -12.50 11.68
N GLY A 50 1.13 -12.00 11.74
CA GLY A 50 2.06 -12.21 10.65
C GLY A 50 3.06 -11.08 10.50
N SER A 51 3.49 -10.85 9.29
CA SER A 51 4.51 -9.84 9.01
C SER A 51 3.86 -8.50 8.66
N SER A 52 4.19 -7.48 9.45
CA SER A 52 3.74 -6.13 9.17
C SER A 52 4.95 -5.26 8.84
N THR A 53 4.81 -4.44 7.82
CA THR A 53 5.94 -3.63 7.39
C THR A 53 5.49 -2.28 6.82
N GLU A 54 6.33 -1.27 7.02
CA GLU A 54 6.11 0.05 6.46
C GLU A 54 7.23 0.37 5.47
N LEU A 55 6.88 0.46 4.20
CA LEU A 55 7.85 0.88 3.20
C LEU A 55 7.67 2.34 2.90
N ASN A 56 8.74 2.98 2.47
CA ASN A 56 8.71 4.38 2.10
C ASN A 56 9.04 4.52 0.63
N LEU A 57 8.10 5.04 -0.14
CA LEU A 57 8.28 5.15 -1.56
C LEU A 57 8.31 6.61 -1.94
N PRO A 58 8.91 6.94 -3.08
CA PRO A 58 8.90 8.31 -3.59
C PRO A 58 7.48 8.74 -3.96
N GLU A 59 7.25 10.04 -3.84
CA GLU A 59 5.96 10.67 -4.19
C GLU A 59 5.44 10.22 -5.55
N THR A 60 6.36 9.84 -6.42
CA THR A 60 6.02 9.49 -7.79
C THR A 60 6.02 7.97 -7.98
N ALA A 61 6.00 7.24 -6.88
CA ALA A 61 5.95 5.79 -6.94
C ALA A 61 4.53 5.32 -7.11
N ASN A 62 4.35 4.08 -7.51
CA ASN A 62 3.00 3.59 -7.78
C ASN A 62 2.87 2.10 -7.52
N SER A 63 3.85 1.50 -6.85
CA SER A 63 3.80 0.07 -6.56
C SER A 63 4.80 -0.28 -5.45
N VAL A 64 4.36 -1.09 -4.48
CA VAL A 64 5.27 -1.58 -3.45
C VAL A 64 5.37 -3.11 -3.50
N THR A 65 6.59 -3.61 -3.34
CA THR A 65 6.83 -5.02 -3.19
C THR A 65 6.99 -5.38 -1.71
N LEU A 66 5.94 -5.94 -1.17
CA LEU A 66 5.91 -6.40 0.21
C LEU A 66 6.68 -7.71 0.31
N SER A 67 7.48 -7.84 1.35
CA SER A 67 8.39 -8.97 1.44
C SER A 67 8.32 -9.64 2.80
N ASP A 68 8.79 -10.89 2.85
CA ASP A 68 8.89 -11.65 4.09
C ASP A 68 7.51 -11.93 4.68
N LEU A 69 6.53 -12.12 3.81
CA LEU A 69 5.18 -12.48 4.24
C LEU A 69 5.15 -13.94 4.67
N GLN A 70 3.97 -14.43 5.01
CA GLN A 70 3.77 -15.84 5.29
C GLN A 70 2.67 -16.36 4.38
N PRO A 71 2.82 -17.58 3.85
CA PRO A 71 1.81 -18.18 2.97
C PRO A 71 0.50 -18.48 3.69
N GLY A 72 -0.60 -17.95 3.15
CA GLY A 72 -1.91 -18.20 3.73
C GLY A 72 -2.28 -17.19 4.79
N VAL A 73 -1.92 -15.93 4.57
CA VAL A 73 -2.21 -14.86 5.51
C VAL A 73 -2.84 -13.68 4.79
N GLN A 74 -3.78 -13.02 5.46
CA GLN A 74 -4.44 -11.85 4.92
C GLN A 74 -3.66 -10.60 5.26
N TYR A 75 -3.30 -9.82 4.26
CA TYR A 75 -2.54 -8.61 4.48
C TYR A 75 -3.31 -7.39 4.06
N ASN A 76 -3.52 -6.49 4.99
CA ASN A 76 -4.07 -5.19 4.69
C ASN A 76 -2.95 -4.24 4.35
N ILE A 77 -2.81 -3.92 3.07
CA ILE A 77 -1.80 -2.97 2.63
C ILE A 77 -2.38 -1.59 2.65
N THR A 78 -1.83 -0.77 3.51
CA THR A 78 -2.28 0.56 3.69
C THR A 78 -1.34 1.54 3.00
N ILE A 79 -1.83 2.21 1.96
CA ILE A 79 -1.00 3.19 1.24
C ILE A 79 -1.26 4.58 1.79
N TYR A 80 -0.19 5.32 2.03
CA TYR A 80 -0.27 6.67 2.53
C TYR A 80 0.42 7.63 1.57
N ALA A 81 -0.35 8.50 0.90
CA ALA A 81 0.22 9.57 0.10
C ALA A 81 0.54 10.73 1.02
N VAL A 82 1.83 11.01 1.20
CA VAL A 82 2.21 12.02 2.18
C VAL A 82 2.70 13.28 1.49
N GLU A 83 2.21 14.44 1.93
CA GLU A 83 2.67 15.72 1.42
C GLU A 83 3.53 16.41 2.47
N GLU A 84 4.17 17.50 2.09
CA GLU A 84 5.03 18.28 3.00
C GLU A 84 4.37 18.47 4.37
N ASN A 85 3.08 18.75 4.39
CA ASN A 85 2.40 19.09 5.64
C ASN A 85 1.22 18.18 5.94
N GLN A 86 0.67 17.50 4.93
CA GLN A 86 -0.57 16.76 5.11
C GLN A 86 -0.41 15.29 4.73
N GLU A 87 -1.47 14.52 4.93
CA GLU A 87 -1.50 13.11 4.55
C GLU A 87 -2.86 12.75 3.98
N SER A 88 -2.87 12.18 2.79
CA SER A 88 -4.10 11.71 2.16
C SER A 88 -4.68 10.55 2.95
N THR A 89 -5.99 10.35 2.83
CA THR A 89 -6.65 9.24 3.48
C THR A 89 -6.03 7.91 3.04
N PRO A 90 -5.98 6.93 3.94
CA PRO A 90 -5.25 5.69 3.69
C PRO A 90 -5.95 4.73 2.74
N VAL A 91 -5.15 4.09 1.90
CA VAL A 91 -5.57 2.97 1.08
C VAL A 91 -5.54 1.73 1.93
N VAL A 92 -6.60 0.93 1.93
CA VAL A 92 -6.55 -0.34 2.60
C VAL A 92 -6.98 -1.45 1.66
N ILE A 93 -6.02 -2.24 1.21
CA ILE A 93 -6.29 -3.34 0.29
C ILE A 93 -5.88 -4.67 0.91
N GLN A 94 -6.85 -5.51 1.21
CA GLN A 94 -6.57 -6.79 1.86
C GLN A 94 -6.48 -7.91 0.84
N GLN A 95 -5.36 -8.62 0.89
CA GLN A 95 -5.13 -9.74 -0.01
C GLN A 95 -4.52 -10.92 0.77
N GLU A 96 -5.08 -12.11 0.58
CA GLU A 96 -4.57 -13.31 1.25
C GLU A 96 -3.54 -14.02 0.38
N THR A 97 -2.33 -14.19 0.90
CA THR A 97 -1.23 -14.80 0.16
C THR A 97 -1.60 -16.19 -0.35
N THR A 98 -1.44 -16.37 -1.66
CA THR A 98 -1.73 -17.64 -2.31
C THR A 98 -0.74 -18.71 -1.89
N GLY A 99 0.48 -18.27 -1.60
CA GLY A 99 1.49 -19.17 -1.11
C GLY A 99 2.46 -19.60 -2.20
N THR A 100 3.07 -20.75 -2.01
CA THR A 100 4.01 -21.29 -2.98
C THR A 100 3.34 -22.42 -3.77
N PRO A 101 3.32 -22.30 -5.10
CA PRO A 101 2.80 -23.36 -5.97
C PRO A 101 3.51 -24.68 -5.73
N ARG A 102 2.75 -25.71 -5.37
CA ARG A 102 3.32 -27.01 -5.09
C ARG A 102 3.48 -27.82 -6.36
N SER A 103 4.46 -27.44 -7.16
CA SER A 103 4.74 -28.13 -8.40
C SER A 103 5.67 -29.32 -8.14
N ASP A 104 6.23 -29.35 -6.94
CA ASP A 104 7.11 -30.43 -6.52
C ASP A 104 6.41 -31.30 -5.49
N GLY A 105 6.76 -32.57 -5.47
CA GLY A 105 6.15 -33.49 -4.52
C GLY A 105 6.97 -34.74 -4.34
N THR A 106 7.28 -35.41 -5.44
CA THR A 106 8.08 -36.62 -5.41
C THR A 106 9.12 -36.61 -6.51
N GLY A 1 -15.54 31.55 -1.61
CA GLY A 1 -15.04 30.85 -2.82
C GLY A 1 -13.56 31.09 -3.04
N SER A 2 -12.78 30.03 -2.92
CA SER A 2 -11.34 30.12 -3.15
C SER A 2 -10.81 28.78 -3.66
N HIS A 3 -11.45 28.25 -4.69
CA HIS A 3 -11.05 26.97 -5.26
C HIS A 3 -10.21 27.19 -6.52
N MET A 4 -8.99 27.64 -6.32
CA MET A 4 -8.07 27.88 -7.44
C MET A 4 -6.83 27.00 -7.32
N GLY A 5 -6.57 26.54 -6.10
CA GLY A 5 -5.45 25.66 -5.86
C GLY A 5 -5.84 24.54 -4.91
N THR A 6 -6.32 24.95 -3.72
CA THR A 6 -6.83 24.03 -2.71
C THR A 6 -5.95 22.80 -2.51
N THR A 7 -4.74 23.02 -2.01
CA THR A 7 -3.83 21.94 -1.70
C THR A 7 -4.28 21.24 -0.41
N THR A 8 -5.13 21.91 0.35
CA THR A 8 -5.69 21.35 1.57
C THR A 8 -6.63 20.20 1.24
N ALA A 9 -6.59 19.15 2.07
CA ALA A 9 -7.42 17.96 1.90
C ALA A 9 -7.07 17.20 0.61
N PRO A 10 -5.91 16.53 0.60
CA PRO A 10 -5.47 15.73 -0.54
C PRO A 10 -6.12 14.36 -0.55
N ASP A 11 -6.25 13.76 -1.73
CA ASP A 11 -6.91 12.47 -1.82
C ASP A 11 -5.90 11.37 -2.06
N ALA A 12 -6.13 10.23 -1.43
CA ALA A 12 -5.27 9.06 -1.59
C ALA A 12 -5.47 8.45 -2.96
N PRO A 13 -4.53 7.59 -3.40
CA PRO A 13 -4.68 6.86 -4.67
C PRO A 13 -5.87 5.93 -4.65
N PRO A 14 -6.69 5.93 -5.72
CA PRO A 14 -7.80 4.99 -5.87
C PRO A 14 -7.31 3.56 -5.67
N ASP A 15 -8.19 2.72 -5.09
CA ASP A 15 -7.85 1.37 -4.63
C ASP A 15 -6.83 0.70 -5.55
N PRO A 16 -5.58 0.61 -5.08
CA PRO A 16 -4.48 0.00 -5.83
C PRO A 16 -4.67 -1.48 -6.06
N THR A 17 -4.18 -1.95 -7.18
CA THR A 17 -4.34 -3.34 -7.58
C THR A 17 -3.07 -4.12 -7.33
N VAL A 18 -3.25 -5.25 -6.69
CA VAL A 18 -2.16 -6.17 -6.42
C VAL A 18 -1.86 -7.02 -7.65
N ASP A 19 -0.62 -6.94 -8.12
CA ASP A 19 -0.20 -7.59 -9.36
C ASP A 19 0.27 -9.02 -9.10
N GLN A 20 0.95 -9.22 -7.97
CA GLN A 20 1.51 -10.52 -7.63
C GLN A 20 1.24 -10.83 -6.17
N VAL A 21 0.82 -12.06 -5.91
CA VAL A 21 0.53 -12.51 -4.56
C VAL A 21 1.17 -13.87 -4.29
N ASP A 22 2.12 -13.90 -3.37
CA ASP A 22 2.78 -15.14 -2.99
C ASP A 22 2.90 -15.21 -1.47
N ASP A 23 3.62 -16.21 -0.97
CA ASP A 23 3.78 -16.43 0.46
C ASP A 23 4.36 -15.22 1.18
N THR A 24 5.61 -14.93 0.89
CA THR A 24 6.35 -13.91 1.61
C THR A 24 6.62 -12.69 0.73
N SER A 25 5.68 -12.39 -0.16
CA SER A 25 5.83 -11.31 -1.14
C SER A 25 4.49 -11.01 -1.82
N ILE A 26 4.13 -9.74 -1.85
CA ILE A 26 2.91 -9.29 -2.55
C ILE A 26 3.18 -7.92 -3.17
N VAL A 27 2.68 -7.67 -4.36
CA VAL A 27 3.00 -6.42 -5.04
C VAL A 27 1.74 -5.62 -5.28
N VAL A 28 1.77 -4.34 -4.95
CA VAL A 28 0.59 -3.53 -5.12
C VAL A 28 0.92 -2.27 -5.92
N ARG A 29 -0.05 -1.82 -6.71
CA ARG A 29 0.13 -0.67 -7.59
C ARG A 29 -1.00 0.32 -7.43
N TRP A 30 -0.65 1.54 -7.06
CA TRP A 30 -1.63 2.58 -6.75
C TRP A 30 -1.58 3.70 -7.79
N SER A 31 -2.69 4.38 -7.97
CA SER A 31 -2.77 5.50 -8.90
C SER A 31 -2.67 6.82 -8.13
N ARG A 32 -1.48 7.42 -8.17
CA ARG A 32 -1.14 8.62 -7.42
C ARG A 32 -2.16 9.76 -7.60
N PRO A 33 -2.20 10.69 -6.63
CA PRO A 33 -3.16 11.79 -6.56
C PRO A 33 -2.75 13.00 -7.38
N GLN A 34 -3.72 13.89 -7.57
CA GLN A 34 -3.47 15.20 -8.16
C GLN A 34 -2.80 16.09 -7.12
N ALA A 35 -3.01 15.75 -5.84
CA ALA A 35 -2.37 16.46 -4.74
C ALA A 35 -0.87 16.44 -4.88
N PRO A 36 -0.20 17.58 -4.64
CA PRO A 36 1.24 17.59 -4.52
C PRO A 36 1.64 16.87 -3.25
N ILE A 37 2.32 15.75 -3.40
CA ILE A 37 2.69 14.91 -2.28
C ILE A 37 4.21 14.82 -2.21
N THR A 38 4.74 14.60 -1.02
CA THR A 38 6.18 14.54 -0.82
C THR A 38 6.72 13.12 -0.85
N GLY A 39 5.92 12.15 -0.46
CA GLY A 39 6.37 10.77 -0.50
C GLY A 39 5.24 9.79 -0.28
N TYR A 40 5.57 8.54 -0.02
CA TYR A 40 4.58 7.52 0.28
C TYR A 40 5.02 6.62 1.41
N ARG A 41 4.13 6.43 2.36
CA ARG A 41 4.33 5.44 3.39
C ARG A 41 3.45 4.25 3.13
N ILE A 42 3.89 3.09 3.50
CA ILE A 42 3.13 1.88 3.20
C ILE A 42 3.13 0.90 4.34
N VAL A 43 1.99 0.73 5.00
CA VAL A 43 1.90 -0.20 6.11
C VAL A 43 1.06 -1.40 5.72
N TYR A 44 1.71 -2.53 5.58
CA TYR A 44 1.03 -3.76 5.27
C TYR A 44 1.12 -4.69 6.45
N SER A 45 -0.05 -5.12 6.88
CA SER A 45 -0.17 -5.91 8.09
C SER A 45 -1.10 -7.11 7.90
N PRO A 46 -0.71 -8.26 8.43
CA PRO A 46 -1.52 -9.48 8.43
C PRO A 46 -2.68 -9.38 9.41
N SER A 47 -3.86 -9.77 8.95
CA SER A 47 -5.07 -9.69 9.76
C SER A 47 -5.00 -10.61 10.98
N VAL A 48 -4.36 -11.77 10.82
CA VAL A 48 -4.34 -12.76 11.91
C VAL A 48 -2.93 -13.02 12.46
N GLU A 49 -1.93 -13.06 11.60
CA GLU A 49 -0.55 -13.34 12.05
C GLU A 49 0.43 -13.18 10.88
N GLY A 50 1.64 -12.73 11.19
CA GLY A 50 2.64 -12.54 10.15
C GLY A 50 3.43 -11.26 10.36
N SER A 51 4.16 -10.85 9.33
CA SER A 51 5.00 -9.66 9.41
C SER A 51 4.25 -8.42 8.93
N SER A 52 4.26 -7.38 9.75
CA SER A 52 3.77 -6.07 9.33
C SER A 52 4.96 -5.17 9.03
N THR A 53 4.90 -4.41 7.96
CA THR A 53 6.02 -3.56 7.58
C THR A 53 5.57 -2.27 6.92
N GLU A 54 6.40 -1.23 7.01
CA GLU A 54 6.15 0.04 6.37
C GLU A 54 7.26 0.35 5.37
N LEU A 55 6.92 0.47 4.10
CA LEU A 55 7.88 0.90 3.10
C LEU A 55 7.67 2.36 2.81
N ASN A 56 8.64 2.98 2.18
CA ASN A 56 8.55 4.39 1.87
C ASN A 56 9.02 4.62 0.45
N LEU A 57 8.10 5.09 -0.38
CA LEU A 57 8.35 5.24 -1.80
C LEU A 57 8.34 6.72 -2.14
N PRO A 58 8.92 7.10 -3.26
CA PRO A 58 8.86 8.47 -3.73
C PRO A 58 7.43 8.87 -4.07
N GLU A 59 7.16 10.16 -3.91
CA GLU A 59 5.84 10.76 -4.21
C GLU A 59 5.27 10.29 -5.54
N THR A 60 6.14 9.97 -6.47
CA THR A 60 5.75 9.63 -7.83
C THR A 60 5.65 8.11 -8.01
N ALA A 61 5.93 7.36 -6.95
CA ALA A 61 5.91 5.90 -7.04
C ALA A 61 4.50 5.40 -7.21
N ASN A 62 4.35 4.19 -7.71
CA ASN A 62 3.02 3.65 -7.95
C ASN A 62 2.95 2.16 -7.67
N SER A 63 3.94 1.60 -6.98
CA SER A 63 3.91 0.17 -6.70
C SER A 63 4.96 -0.24 -5.66
N VAL A 64 4.55 -1.04 -4.69
CA VAL A 64 5.47 -1.56 -3.67
C VAL A 64 5.52 -3.09 -3.73
N THR A 65 6.72 -3.63 -3.57
CA THR A 65 6.90 -5.04 -3.39
C THR A 65 7.11 -5.36 -1.89
N LEU A 66 6.06 -5.89 -1.28
CA LEU A 66 6.08 -6.25 0.13
C LEU A 66 6.70 -7.63 0.27
N SER A 67 7.44 -7.84 1.35
CA SER A 67 8.17 -9.07 1.53
C SER A 67 8.08 -9.54 2.98
N ASP A 68 8.55 -10.76 3.23
CA ASP A 68 8.55 -11.36 4.57
C ASP A 68 7.14 -11.61 5.08
N LEU A 69 6.18 -11.70 4.18
CA LEU A 69 4.80 -11.98 4.57
C LEU A 69 4.70 -13.42 5.08
N GLN A 70 3.50 -13.83 5.45
CA GLN A 70 3.28 -15.20 5.86
C GLN A 70 2.18 -15.83 5.01
N PRO A 71 2.46 -17.01 4.43
CA PRO A 71 1.51 -17.70 3.54
C PRO A 71 0.22 -18.10 4.25
N GLY A 72 -0.91 -17.86 3.58
CA GLY A 72 -2.20 -18.21 4.13
C GLY A 72 -2.73 -17.15 5.06
N VAL A 73 -2.35 -15.91 4.81
CA VAL A 73 -2.76 -14.79 5.67
C VAL A 73 -3.33 -13.66 4.85
N GLN A 74 -4.30 -12.95 5.44
CA GLN A 74 -4.92 -11.82 4.81
C GLN A 74 -4.11 -10.58 5.10
N TYR A 75 -3.46 -10.07 4.07
CA TYR A 75 -2.60 -8.91 4.22
C TYR A 75 -3.30 -7.63 3.79
N ASN A 76 -3.47 -6.74 4.75
CA ASN A 76 -4.01 -5.43 4.47
C ASN A 76 -2.88 -4.49 4.10
N ILE A 77 -2.80 -4.13 2.83
CA ILE A 77 -1.82 -3.16 2.39
C ILE A 77 -2.42 -1.78 2.43
N THR A 78 -1.90 -0.97 3.31
CA THR A 78 -2.36 0.36 3.49
C THR A 78 -1.38 1.35 2.86
N ILE A 79 -1.82 2.05 1.81
CA ILE A 79 -0.94 3.02 1.13
C ILE A 79 -1.23 4.40 1.70
N TYR A 80 -0.19 5.19 1.84
CA TYR A 80 -0.30 6.52 2.37
C TYR A 80 0.41 7.51 1.46
N ALA A 81 -0.32 8.39 0.79
CA ALA A 81 0.34 9.50 0.12
C ALA A 81 0.60 10.57 1.16
N VAL A 82 1.84 10.99 1.26
CA VAL A 82 2.20 12.00 2.24
C VAL A 82 2.61 13.28 1.55
N GLU A 83 2.09 14.39 2.03
CA GLU A 83 2.36 15.69 1.46
C GLU A 83 3.23 16.48 2.42
N GLU A 84 3.72 17.63 1.96
CA GLU A 84 4.70 18.44 2.70
C GLU A 84 4.40 18.54 4.20
N ASN A 85 3.15 18.81 4.55
CA ASN A 85 2.81 18.98 5.96
C ASN A 85 1.59 18.15 6.38
N GLN A 86 1.02 17.40 5.46
CA GLN A 86 -0.18 16.65 5.76
C GLN A 86 -0.09 15.24 5.20
N GLU A 87 -1.09 14.42 5.49
CA GLU A 87 -1.18 13.09 4.94
C GLU A 87 -2.57 12.86 4.34
N SER A 88 -2.61 12.28 3.16
CA SER A 88 -3.87 11.96 2.50
C SER A 88 -4.59 10.81 3.21
N THR A 89 -5.74 10.42 2.67
CA THR A 89 -6.49 9.29 3.21
C THR A 89 -5.71 7.98 3.00
N PRO A 90 -6.07 6.92 3.73
CA PRO A 90 -5.40 5.63 3.60
C PRO A 90 -6.00 4.73 2.52
N VAL A 91 -5.13 4.09 1.76
CA VAL A 91 -5.49 2.98 0.88
C VAL A 91 -5.55 1.73 1.70
N VAL A 92 -6.64 1.00 1.67
CA VAL A 92 -6.68 -0.29 2.33
C VAL A 92 -7.08 -1.36 1.33
N ILE A 93 -6.11 -2.17 0.92
CA ILE A 93 -6.37 -3.27 -0.01
C ILE A 93 -5.93 -4.59 0.61
N GLN A 94 -6.90 -5.45 0.90
CA GLN A 94 -6.62 -6.70 1.56
C GLN A 94 -6.54 -7.85 0.57
N GLN A 95 -5.38 -8.49 0.54
CA GLN A 95 -5.13 -9.62 -0.32
C GLN A 95 -4.56 -10.78 0.50
N GLU A 96 -5.10 -11.97 0.35
CA GLU A 96 -4.60 -13.13 1.08
C GLU A 96 -3.44 -13.75 0.34
N THR A 97 -2.39 -14.06 1.08
CA THR A 97 -1.20 -14.66 0.51
C THR A 97 -1.49 -16.11 0.11
N THR A 98 -1.43 -16.37 -1.19
CA THR A 98 -1.72 -17.69 -1.72
C THR A 98 -0.62 -18.67 -1.30
N GLY A 99 0.57 -18.15 -1.15
CA GLY A 99 1.67 -18.94 -0.65
C GLY A 99 2.50 -19.55 -1.75
N THR A 100 2.58 -20.86 -1.76
CA THR A 100 3.34 -21.58 -2.76
C THR A 100 2.45 -22.62 -3.45
N PRO A 101 2.35 -22.56 -4.79
CA PRO A 101 1.54 -23.50 -5.57
C PRO A 101 1.94 -24.96 -5.36
N ARG A 102 1.30 -25.60 -4.40
CA ARG A 102 1.54 -27.00 -4.06
C ARG A 102 2.94 -27.20 -3.47
N SER A 103 3.95 -27.27 -4.33
CA SER A 103 5.31 -27.54 -3.87
C SER A 103 6.30 -26.56 -4.49
N ASP A 104 6.21 -26.37 -5.79
CA ASP A 104 7.08 -25.45 -6.50
C ASP A 104 6.45 -24.08 -6.59
N GLY A 105 7.26 -23.09 -6.90
CA GLY A 105 6.78 -21.71 -6.96
C GLY A 105 7.34 -20.90 -5.82
N THR A 106 8.64 -21.01 -5.62
CA THR A 106 9.33 -20.29 -4.56
C THR A 106 10.74 -19.93 -5.02
N GLY A 1 -6.53 19.45 13.49
CA GLY A 1 -5.55 19.89 12.48
C GLY A 1 -6.20 20.71 11.38
N SER A 2 -5.72 20.55 10.16
CA SER A 2 -6.25 21.29 9.03
C SER A 2 -7.50 20.59 8.48
N HIS A 3 -8.59 21.34 8.37
CA HIS A 3 -9.84 20.81 7.86
C HIS A 3 -10.22 21.51 6.56
N MET A 4 -10.27 22.84 6.61
CA MET A 4 -10.63 23.62 5.43
C MET A 4 -10.20 25.07 5.61
N GLY A 5 -9.44 25.59 4.66
CA GLY A 5 -8.98 26.96 4.74
C GLY A 5 -7.88 27.25 3.73
N THR A 6 -6.70 27.56 4.23
CA THR A 6 -5.56 27.82 3.37
C THR A 6 -4.95 26.52 2.85
N THR A 7 -5.26 25.42 3.53
CA THR A 7 -4.78 24.11 3.14
C THR A 7 -5.85 23.34 2.38
N THR A 8 -5.56 23.03 1.12
CA THR A 8 -6.45 22.22 0.31
C THR A 8 -6.37 20.77 0.79
N ALA A 9 -7.50 20.06 0.75
CA ALA A 9 -7.53 18.68 1.16
C ALA A 9 -7.12 17.77 0.01
N PRO A 10 -5.98 17.10 0.11
CA PRO A 10 -5.46 16.22 -0.93
C PRO A 10 -6.21 14.90 -0.96
N ASP A 11 -5.94 14.08 -1.97
CA ASP A 11 -6.62 12.80 -2.10
C ASP A 11 -5.61 11.67 -2.07
N ALA A 12 -6.09 10.49 -1.75
CA ALA A 12 -5.28 9.28 -1.78
C ALA A 12 -5.49 8.57 -3.10
N PRO A 13 -4.57 7.68 -3.50
CA PRO A 13 -4.69 6.93 -4.74
C PRO A 13 -5.90 6.00 -4.71
N PRO A 14 -6.73 6.06 -5.76
CA PRO A 14 -7.83 5.10 -5.97
C PRO A 14 -7.36 3.67 -5.77
N ASP A 15 -8.27 2.81 -5.30
CA ASP A 15 -7.94 1.45 -4.85
C ASP A 15 -6.89 0.78 -5.74
N PRO A 16 -5.67 0.65 -5.21
CA PRO A 16 -4.55 0.02 -5.91
C PRO A 16 -4.80 -1.45 -6.15
N THR A 17 -4.26 -1.94 -7.24
CA THR A 17 -4.43 -3.33 -7.62
C THR A 17 -3.15 -4.10 -7.41
N VAL A 18 -3.30 -5.23 -6.78
CA VAL A 18 -2.19 -6.15 -6.55
C VAL A 18 -1.92 -6.97 -7.81
N ASP A 19 -0.68 -6.88 -8.28
CA ASP A 19 -0.27 -7.53 -9.52
C ASP A 19 0.22 -8.95 -9.26
N GLN A 20 0.89 -9.15 -8.13
CA GLN A 20 1.47 -10.45 -7.80
C GLN A 20 1.20 -10.81 -6.36
N VAL A 21 0.78 -12.05 -6.16
CA VAL A 21 0.50 -12.56 -4.83
C VAL A 21 1.19 -13.88 -4.60
N ASP A 22 2.16 -13.89 -3.68
CA ASP A 22 2.90 -15.09 -3.34
C ASP A 22 2.86 -15.32 -1.83
N ASP A 23 3.71 -16.22 -1.35
CA ASP A 23 3.80 -16.51 0.09
C ASP A 23 4.31 -15.31 0.89
N THR A 24 5.57 -14.98 0.68
CA THR A 24 6.24 -13.95 1.44
C THR A 24 6.50 -12.72 0.57
N SER A 25 5.55 -12.41 -0.30
CA SER A 25 5.69 -11.31 -1.24
C SER A 25 4.37 -11.04 -1.96
N ILE A 26 4.02 -9.76 -2.07
CA ILE A 26 2.82 -9.33 -2.78
C ILE A 26 3.10 -7.94 -3.36
N VAL A 27 2.63 -7.65 -4.56
CA VAL A 27 2.95 -6.37 -5.16
C VAL A 27 1.69 -5.58 -5.40
N VAL A 28 1.69 -4.31 -5.02
CA VAL A 28 0.50 -3.51 -5.17
C VAL A 28 0.81 -2.25 -5.97
N ARG A 29 -0.15 -1.79 -6.76
CA ARG A 29 0.04 -0.65 -7.65
C ARG A 29 -1.10 0.35 -7.51
N TRP A 30 -0.75 1.57 -7.15
CA TRP A 30 -1.75 2.60 -6.82
C TRP A 30 -1.76 3.73 -7.86
N SER A 31 -2.96 4.21 -8.17
CA SER A 31 -3.12 5.38 -9.02
C SER A 31 -2.89 6.65 -8.20
N ARG A 32 -1.63 7.03 -8.10
CA ARG A 32 -1.20 8.20 -7.32
C ARG A 32 -2.04 9.44 -7.60
N PRO A 33 -2.17 10.34 -6.60
CA PRO A 33 -3.07 11.50 -6.64
C PRO A 33 -2.51 12.65 -7.46
N GLN A 34 -3.40 13.56 -7.84
CA GLN A 34 -3.00 14.80 -8.48
C GLN A 34 -2.59 15.80 -7.41
N ALA A 35 -2.91 15.47 -6.16
CA ALA A 35 -2.53 16.26 -5.00
C ALA A 35 -1.01 16.37 -4.91
N PRO A 36 -0.50 17.50 -4.43
CA PRO A 36 0.92 17.64 -4.15
C PRO A 36 1.32 16.78 -2.96
N ILE A 37 2.13 15.77 -3.22
CA ILE A 37 2.56 14.84 -2.19
C ILE A 37 4.10 14.74 -2.19
N THR A 38 4.68 14.51 -1.01
CA THR A 38 6.13 14.42 -0.87
C THR A 38 6.65 12.99 -0.89
N GLY A 39 5.85 12.03 -0.45
CA GLY A 39 6.30 10.66 -0.42
C GLY A 39 5.17 9.69 -0.23
N TYR A 40 5.49 8.45 0.06
CA TYR A 40 4.50 7.43 0.39
C TYR A 40 4.96 6.57 1.55
N ARG A 41 4.06 6.34 2.49
CA ARG A 41 4.27 5.31 3.49
C ARG A 41 3.41 4.12 3.14
N ILE A 42 3.84 2.94 3.48
CA ILE A 42 3.06 1.75 3.15
C ILE A 42 3.05 0.75 4.28
N VAL A 43 1.91 0.61 4.94
CA VAL A 43 1.81 -0.32 6.06
C VAL A 43 0.95 -1.51 5.68
N TYR A 44 1.58 -2.65 5.55
CA TYR A 44 0.88 -3.89 5.27
C TYR A 44 1.00 -4.83 6.44
N SER A 45 -0.15 -5.27 6.89
CA SER A 45 -0.23 -6.08 8.10
C SER A 45 -1.19 -7.26 7.94
N PRO A 46 -0.83 -8.41 8.51
CA PRO A 46 -1.68 -9.61 8.54
C PRO A 46 -2.80 -9.50 9.57
N SER A 47 -4.01 -9.86 9.14
CA SER A 47 -5.19 -9.76 9.99
C SER A 47 -5.10 -10.70 11.19
N VAL A 48 -4.36 -11.80 11.04
CA VAL A 48 -4.21 -12.78 12.11
C VAL A 48 -2.88 -12.62 12.84
N GLU A 49 -2.28 -11.44 12.66
CA GLU A 49 -0.99 -11.10 13.25
C GLU A 49 0.16 -11.83 12.56
N GLY A 50 1.36 -11.27 12.69
CA GLY A 50 2.51 -11.84 12.02
C GLY A 50 3.48 -10.77 11.56
N SER A 51 3.96 -10.90 10.34
CA SER A 51 4.91 -9.93 9.79
C SER A 51 4.17 -8.72 9.22
N SER A 52 4.44 -7.54 9.77
CA SER A 52 3.92 -6.28 9.23
C SER A 52 5.08 -5.40 8.81
N THR A 53 4.91 -4.62 7.76
CA THR A 53 6.00 -3.78 7.30
C THR A 53 5.49 -2.46 6.73
N GLU A 54 6.29 -1.41 6.88
CA GLU A 54 6.01 -0.11 6.32
C GLU A 54 7.14 0.29 5.37
N LEU A 55 6.83 0.39 4.09
CA LEU A 55 7.82 0.83 3.11
C LEU A 55 7.66 2.31 2.83
N ASN A 56 8.72 2.93 2.35
CA ASN A 56 8.69 4.32 1.98
C ASN A 56 8.99 4.46 0.50
N LEU A 57 8.04 4.96 -0.26
CA LEU A 57 8.21 5.08 -1.68
C LEU A 57 8.22 6.55 -2.05
N PRO A 58 8.83 6.89 -3.18
CA PRO A 58 8.83 8.26 -3.66
C PRO A 58 7.41 8.75 -3.96
N GLU A 59 7.24 10.05 -3.81
CA GLU A 59 5.98 10.76 -4.11
C GLU A 59 5.37 10.36 -5.45
N THR A 60 6.22 9.93 -6.35
CA THR A 60 5.80 9.59 -7.71
C THR A 60 5.84 8.08 -7.94
N ALA A 61 5.92 7.32 -6.86
CA ALA A 61 5.91 5.87 -6.95
C ALA A 61 4.51 5.37 -7.24
N ASN A 62 4.40 4.13 -7.70
CA ASN A 62 3.11 3.60 -8.09
C ASN A 62 2.96 2.13 -7.72
N SER A 63 3.93 1.56 -7.03
CA SER A 63 3.85 0.14 -6.73
C SER A 63 4.87 -0.27 -5.68
N VAL A 64 4.44 -1.05 -4.70
CA VAL A 64 5.35 -1.57 -3.70
C VAL A 64 5.43 -3.10 -3.78
N THR A 65 6.65 -3.62 -3.66
CA THR A 65 6.86 -5.03 -3.45
C THR A 65 6.96 -5.32 -1.97
N LEU A 66 5.88 -5.83 -1.41
CA LEU A 66 5.87 -6.30 -0.05
C LEU A 66 6.53 -7.66 -0.01
N SER A 67 7.26 -7.93 1.04
CA SER A 67 7.97 -9.18 1.15
C SER A 67 8.15 -9.55 2.60
N ASP A 68 8.57 -10.79 2.84
CA ASP A 68 8.69 -11.35 4.19
C ASP A 68 7.30 -11.53 4.80
N LEU A 69 6.30 -11.71 3.94
CA LEU A 69 4.93 -11.99 4.38
C LEU A 69 4.84 -13.42 4.90
N GLN A 70 3.64 -13.85 5.27
CA GLN A 70 3.43 -15.23 5.66
C GLN A 70 2.34 -15.85 4.80
N PRO A 71 2.62 -17.03 4.21
CA PRO A 71 1.69 -17.73 3.31
C PRO A 71 0.38 -18.13 3.99
N GLY A 72 -0.73 -17.86 3.32
CA GLY A 72 -2.03 -18.21 3.85
C GLY A 72 -2.52 -17.18 4.85
N VAL A 73 -2.19 -15.93 4.60
CA VAL A 73 -2.54 -14.85 5.52
C VAL A 73 -3.11 -13.64 4.76
N GLN A 74 -4.14 -13.04 5.34
CA GLN A 74 -4.77 -11.85 4.79
C GLN A 74 -3.90 -10.65 5.07
N TYR A 75 -3.28 -10.12 4.03
CA TYR A 75 -2.43 -8.95 4.18
C TYR A 75 -3.14 -7.68 3.74
N ASN A 76 -3.40 -6.82 4.69
CA ASN A 76 -3.99 -5.53 4.42
C ASN A 76 -2.89 -4.53 4.09
N ILE A 77 -2.82 -4.14 2.82
CA ILE A 77 -1.88 -3.14 2.38
C ILE A 77 -2.50 -1.77 2.45
N THR A 78 -1.91 -0.93 3.26
CA THR A 78 -2.37 0.41 3.43
C THR A 78 -1.40 1.40 2.79
N ILE A 79 -1.86 2.12 1.75
CA ILE A 79 -1.00 3.09 1.07
C ILE A 79 -1.24 4.48 1.65
N TYR A 80 -0.17 5.23 1.87
CA TYR A 80 -0.27 6.56 2.41
C TYR A 80 0.44 7.55 1.49
N ALA A 81 -0.33 8.42 0.84
CA ALA A 81 0.26 9.55 0.13
C ALA A 81 0.57 10.63 1.14
N VAL A 82 1.83 10.96 1.29
CA VAL A 82 2.21 11.94 2.30
C VAL A 82 2.65 13.24 1.65
N GLU A 83 2.15 14.36 2.15
CA GLU A 83 2.49 15.66 1.61
C GLU A 83 3.30 16.45 2.62
N GLU A 84 3.86 17.59 2.18
CA GLU A 84 4.75 18.41 3.01
C GLU A 84 4.19 18.64 4.41
N ASN A 85 2.90 18.87 4.53
CA ASN A 85 2.32 19.29 5.80
C ASN A 85 1.41 18.23 6.42
N GLN A 86 0.91 17.29 5.65
CA GLN A 86 -0.09 16.34 6.16
C GLN A 86 0.11 14.94 5.59
N GLU A 87 -0.71 14.02 6.08
CA GLU A 87 -0.76 12.66 5.56
C GLU A 87 -2.15 12.40 5.01
N SER A 88 -2.24 12.08 3.72
CA SER A 88 -3.52 11.89 3.06
C SER A 88 -4.23 10.63 3.55
N THR A 89 -5.45 10.43 3.06
CA THR A 89 -6.25 9.27 3.41
C THR A 89 -5.56 7.97 3.02
N PRO A 90 -5.84 6.88 3.72
CA PRO A 90 -5.20 5.60 3.46
C PRO A 90 -5.91 4.74 2.42
N VAL A 91 -5.11 4.07 1.63
CA VAL A 91 -5.55 2.98 0.79
C VAL A 91 -5.59 1.73 1.62
N VAL A 92 -6.70 1.01 1.63
CA VAL A 92 -6.72 -0.27 2.29
C VAL A 92 -7.15 -1.36 1.31
N ILE A 93 -6.19 -2.16 0.89
CA ILE A 93 -6.45 -3.26 -0.01
C ILE A 93 -5.97 -4.56 0.61
N GLN A 94 -6.90 -5.43 0.95
CA GLN A 94 -6.55 -6.68 1.61
C GLN A 94 -6.44 -7.82 0.60
N GLN A 95 -5.25 -8.36 0.50
CA GLN A 95 -5.00 -9.50 -0.36
C GLN A 95 -4.36 -10.61 0.46
N GLU A 96 -4.94 -11.80 0.38
CA GLU A 96 -4.43 -12.94 1.11
C GLU A 96 -3.36 -13.64 0.31
N THR A 97 -2.28 -13.98 0.97
CA THR A 97 -1.17 -14.66 0.36
C THR A 97 -1.55 -16.09 -0.01
N THR A 98 -1.48 -16.40 -1.30
CA THR A 98 -1.82 -17.72 -1.78
C THR A 98 -0.79 -18.74 -1.32
N GLY A 99 0.44 -18.29 -1.17
CA GLY A 99 1.49 -19.14 -0.66
C GLY A 99 2.47 -19.53 -1.74
N THR A 100 3.27 -20.54 -1.45
CA THR A 100 4.25 -21.04 -2.40
C THR A 100 3.58 -22.01 -3.36
N PRO A 101 3.71 -21.77 -4.68
CA PRO A 101 3.20 -22.67 -5.71
C PRO A 101 3.86 -24.05 -5.62
N ARG A 102 3.27 -24.92 -4.80
CA ARG A 102 3.82 -26.23 -4.54
C ARG A 102 2.75 -27.30 -4.71
N SER A 103 1.67 -26.93 -5.37
CA SER A 103 0.55 -27.83 -5.57
C SER A 103 0.20 -27.90 -7.05
N ASP A 104 0.73 -28.90 -7.73
CA ASP A 104 0.43 -29.10 -9.14
C ASP A 104 -0.88 -29.85 -9.30
N GLY A 105 -1.61 -29.52 -10.36
CA GLY A 105 -2.89 -30.15 -10.61
C GLY A 105 -4.04 -29.35 -10.00
N THR A 106 -3.79 -28.77 -8.84
CA THR A 106 -4.79 -27.99 -8.14
C THR A 106 -4.15 -26.75 -7.52
N GLY A 1 -1.92 21.71 16.51
CA GLY A 1 -2.75 22.24 15.40
C GLY A 1 -4.16 22.56 15.86
N SER A 2 -4.62 23.76 15.56
CA SER A 2 -5.95 24.19 15.95
C SER A 2 -7.03 23.42 15.19
N HIS A 3 -6.71 22.96 13.98
CA HIS A 3 -7.66 22.28 13.11
C HIS A 3 -8.89 23.13 12.91
N MET A 4 -8.68 24.43 12.78
CA MET A 4 -9.75 25.39 12.60
C MET A 4 -10.16 25.46 11.14
N GLY A 5 -9.32 24.89 10.30
CA GLY A 5 -9.60 24.83 8.88
C GLY A 5 -8.76 23.81 8.18
N THR A 6 -9.09 23.50 6.95
CA THR A 6 -8.31 22.55 6.16
C THR A 6 -8.49 22.88 4.68
N THR A 7 -7.75 23.87 4.20
CA THR A 7 -7.83 24.30 2.81
C THR A 7 -7.15 23.27 1.91
N THR A 8 -6.05 22.72 2.40
CA THR A 8 -5.32 21.71 1.65
C THR A 8 -5.65 20.33 2.19
N ALA A 9 -6.16 19.48 1.31
CA ALA A 9 -6.54 18.13 1.69
C ALA A 9 -6.23 17.16 0.57
N PRO A 10 -5.10 16.44 0.68
CA PRO A 10 -4.68 15.47 -0.33
C PRO A 10 -5.48 14.18 -0.27
N ASP A 11 -5.73 13.58 -1.42
CA ASP A 11 -6.52 12.36 -1.49
C ASP A 11 -5.62 11.16 -1.75
N ALA A 12 -6.02 10.01 -1.24
CA ALA A 12 -5.31 8.77 -1.50
C ALA A 12 -5.53 8.32 -2.93
N PRO A 13 -4.58 7.58 -3.50
CA PRO A 13 -4.74 6.97 -4.82
C PRO A 13 -5.95 6.05 -4.86
N PRO A 14 -6.77 6.13 -5.93
CA PRO A 14 -7.89 5.23 -6.11
C PRO A 14 -7.45 3.78 -6.02
N ASP A 15 -8.34 2.93 -5.51
CA ASP A 15 -8.05 1.54 -5.11
C ASP A 15 -6.95 0.90 -5.95
N PRO A 16 -5.75 0.74 -5.36
CA PRO A 16 -4.62 0.08 -6.03
C PRO A 16 -4.85 -1.41 -6.17
N THR A 17 -4.32 -1.96 -7.24
CA THR A 17 -4.51 -3.36 -7.57
C THR A 17 -3.23 -4.14 -7.38
N VAL A 18 -3.37 -5.26 -6.72
CA VAL A 18 -2.27 -6.18 -6.51
C VAL A 18 -2.04 -7.03 -7.76
N ASP A 19 -0.82 -7.01 -8.25
CA ASP A 19 -0.47 -7.65 -9.51
C ASP A 19 -0.19 -9.14 -9.29
N GLN A 20 0.69 -9.45 -8.35
CA GLN A 20 1.08 -10.82 -8.07
C GLN A 20 1.13 -11.07 -6.58
N VAL A 21 0.51 -12.16 -6.14
CA VAL A 21 0.44 -12.51 -4.74
C VAL A 21 1.22 -13.80 -4.45
N ASP A 22 2.19 -13.71 -3.56
CA ASP A 22 3.01 -14.86 -3.20
C ASP A 22 2.96 -15.10 -1.70
N ASP A 23 3.95 -15.83 -1.19
CA ASP A 23 4.06 -16.13 0.23
C ASP A 23 4.51 -14.92 1.03
N THR A 24 5.80 -14.64 0.96
CA THR A 24 6.43 -13.59 1.74
C THR A 24 6.72 -12.37 0.85
N SER A 25 5.82 -12.15 -0.10
CA SER A 25 5.99 -11.13 -1.14
C SER A 25 4.68 -10.92 -1.88
N ILE A 26 4.29 -9.67 -2.04
CA ILE A 26 3.07 -9.30 -2.78
C ILE A 26 3.28 -7.93 -3.43
N VAL A 27 2.68 -7.66 -4.58
CA VAL A 27 2.94 -6.40 -5.24
C VAL A 27 1.66 -5.63 -5.44
N VAL A 28 1.64 -4.37 -5.06
CA VAL A 28 0.44 -3.57 -5.22
C VAL A 28 0.75 -2.32 -6.03
N ARG A 29 -0.21 -1.88 -6.82
CA ARG A 29 -0.01 -0.76 -7.74
C ARG A 29 -1.12 0.27 -7.57
N TRP A 30 -0.72 1.49 -7.24
CA TRP A 30 -1.68 2.55 -6.94
C TRP A 30 -1.60 3.68 -7.96
N SER A 31 -2.76 4.29 -8.23
CA SER A 31 -2.82 5.42 -9.14
C SER A 31 -2.72 6.72 -8.36
N ARG A 32 -1.51 7.28 -8.32
CA ARG A 32 -1.19 8.48 -7.55
C ARG A 32 -2.21 9.61 -7.73
N PRO A 33 -2.29 10.50 -6.72
CA PRO A 33 -3.28 11.58 -6.64
C PRO A 33 -2.86 12.81 -7.41
N GLN A 34 -3.83 13.70 -7.61
CA GLN A 34 -3.55 15.01 -8.17
C GLN A 34 -2.96 15.89 -7.06
N ALA A 35 -3.22 15.50 -5.82
CA ALA A 35 -2.68 16.17 -4.65
C ALA A 35 -1.16 16.25 -4.70
N PRO A 36 -0.59 17.42 -4.42
CA PRO A 36 0.85 17.53 -4.22
C PRO A 36 1.27 16.69 -3.02
N ILE A 37 2.09 15.69 -3.29
CA ILE A 37 2.55 14.77 -2.27
C ILE A 37 4.08 14.71 -2.30
N THR A 38 4.70 14.48 -1.15
CA THR A 38 6.16 14.43 -1.05
C THR A 38 6.71 13.00 -1.07
N GLY A 39 5.93 12.05 -0.60
CA GLY A 39 6.37 10.67 -0.59
C GLY A 39 5.22 9.71 -0.42
N TYR A 40 5.54 8.46 -0.13
CA TYR A 40 4.53 7.46 0.21
C TYR A 40 5.00 6.59 1.35
N ARG A 41 4.13 6.40 2.33
CA ARG A 41 4.36 5.37 3.34
C ARG A 41 3.48 4.19 3.01
N ILE A 42 3.91 3.01 3.36
CA ILE A 42 3.12 1.83 3.06
C ILE A 42 3.09 0.85 4.20
N VAL A 43 1.98 0.75 4.90
CA VAL A 43 1.89 -0.15 6.04
C VAL A 43 1.01 -1.34 5.72
N TYR A 44 1.63 -2.49 5.60
CA TYR A 44 0.92 -3.71 5.34
C TYR A 44 1.03 -4.62 6.53
N SER A 45 -0.14 -5.04 6.98
CA SER A 45 -0.25 -5.84 8.19
C SER A 45 -1.33 -6.92 8.02
N PRO A 46 -1.04 -8.13 8.51
CA PRO A 46 -2.01 -9.24 8.52
C PRO A 46 -3.11 -9.02 9.55
N SER A 47 -4.32 -9.45 9.20
CA SER A 47 -5.49 -9.24 10.05
C SER A 47 -5.46 -10.13 11.29
N VAL A 48 -4.88 -11.32 11.18
CA VAL A 48 -4.92 -12.28 12.28
C VAL A 48 -3.61 -12.31 13.07
N GLU A 49 -2.48 -12.23 12.36
CA GLU A 49 -1.15 -12.29 12.97
C GLU A 49 -0.10 -12.46 11.89
N GLY A 50 1.08 -11.91 12.11
CA GLY A 50 2.16 -12.04 11.16
C GLY A 50 2.99 -10.79 11.04
N SER A 51 3.94 -10.79 10.10
CA SER A 51 4.85 -9.67 9.93
C SER A 51 4.16 -8.46 9.30
N SER A 52 4.38 -7.29 9.87
CA SER A 52 3.88 -6.04 9.32
C SER A 52 5.06 -5.17 8.93
N THR A 53 4.91 -4.39 7.86
CA THR A 53 6.01 -3.55 7.42
C THR A 53 5.51 -2.25 6.77
N GLU A 54 6.30 -1.18 6.94
CA GLU A 54 6.07 0.07 6.24
C GLU A 54 7.20 0.33 5.25
N LEU A 55 6.86 0.39 3.97
CA LEU A 55 7.85 0.79 2.96
C LEU A 55 7.70 2.26 2.66
N ASN A 56 8.74 2.84 2.09
CA ASN A 56 8.73 4.25 1.76
C ASN A 56 9.05 4.42 0.28
N LEU A 57 8.08 4.91 -0.47
CA LEU A 57 8.24 5.06 -1.90
C LEU A 57 8.23 6.54 -2.24
N PRO A 58 8.81 6.89 -3.37
CA PRO A 58 8.76 8.26 -3.85
C PRO A 58 7.34 8.69 -4.19
N GLU A 59 7.09 9.98 -4.03
CA GLU A 59 5.82 10.63 -4.37
C GLU A 59 5.26 10.18 -5.73
N THR A 60 6.16 9.80 -6.62
CA THR A 60 5.79 9.46 -7.98
C THR A 60 5.85 7.95 -8.21
N ALA A 61 5.91 7.18 -7.13
CA ALA A 61 5.88 5.73 -7.23
C ALA A 61 4.46 5.26 -7.40
N ASN A 62 4.28 4.06 -7.93
CA ASN A 62 2.94 3.56 -8.18
C ASN A 62 2.83 2.07 -7.89
N SER A 63 3.78 1.52 -7.14
CA SER A 63 3.74 0.10 -6.84
C SER A 63 4.79 -0.29 -5.80
N VAL A 64 4.38 -1.07 -4.81
CA VAL A 64 5.31 -1.58 -3.80
C VAL A 64 5.38 -3.10 -3.86
N THR A 65 6.60 -3.62 -3.77
CA THR A 65 6.81 -5.02 -3.55
C THR A 65 7.02 -5.28 -2.06
N LEU A 66 5.97 -5.75 -1.43
CA LEU A 66 5.97 -6.08 -0.02
C LEU A 66 6.66 -7.41 0.19
N SER A 67 7.37 -7.53 1.29
CA SER A 67 8.14 -8.73 1.57
C SER A 67 8.03 -9.06 3.05
N ASP A 68 8.51 -10.24 3.43
CA ASP A 68 8.46 -10.72 4.82
C ASP A 68 7.06 -11.10 5.24
N LEU A 69 6.17 -11.36 4.28
CA LEU A 69 4.79 -11.72 4.61
C LEU A 69 4.74 -13.16 5.16
N GLN A 70 3.55 -13.62 5.46
CA GLN A 70 3.34 -14.98 5.90
C GLN A 70 2.31 -15.67 5.01
N PRO A 71 2.68 -16.81 4.38
CA PRO A 71 1.80 -17.53 3.45
C PRO A 71 0.57 -18.11 4.15
N GLY A 72 -0.61 -17.78 3.64
CA GLY A 72 -1.84 -18.28 4.21
C GLY A 72 -2.47 -17.28 5.17
N VAL A 73 -2.21 -16.00 4.94
CA VAL A 73 -2.69 -14.95 5.83
C VAL A 73 -3.29 -13.80 5.04
N GLN A 74 -4.24 -13.10 5.66
CA GLN A 74 -4.91 -11.98 5.05
C GLN A 74 -4.12 -10.71 5.33
N TYR A 75 -3.48 -10.18 4.29
CA TYR A 75 -2.69 -8.98 4.42
C TYR A 75 -3.42 -7.75 3.91
N ASN A 76 -3.41 -6.72 4.75
CA ASN A 76 -3.99 -5.43 4.41
C ASN A 76 -2.86 -4.46 4.09
N ILE A 77 -2.79 -4.04 2.84
CA ILE A 77 -1.81 -3.05 2.43
C ILE A 77 -2.42 -1.68 2.46
N THR A 78 -1.82 -0.83 3.26
CA THR A 78 -2.30 0.50 3.42
C THR A 78 -1.34 1.48 2.76
N ILE A 79 -1.80 2.15 1.70
CA ILE A 79 -0.96 3.13 1.00
C ILE A 79 -1.23 4.52 1.54
N TYR A 80 -0.17 5.24 1.84
CA TYR A 80 -0.26 6.59 2.36
C TYR A 80 0.45 7.57 1.43
N ALA A 81 -0.31 8.42 0.77
CA ALA A 81 0.27 9.51 -0.01
C ALA A 81 0.62 10.66 0.93
N VAL A 82 1.90 10.88 1.15
CA VAL A 82 2.32 11.84 2.18
C VAL A 82 2.80 13.14 1.55
N GLU A 83 2.49 14.25 2.21
CA GLU A 83 3.04 15.54 1.85
C GLU A 83 3.79 16.10 3.05
N GLU A 84 4.57 17.16 2.82
CA GLU A 84 5.43 17.80 3.84
C GLU A 84 4.84 17.75 5.25
N ASN A 85 3.60 18.17 5.41
CA ASN A 85 3.03 18.33 6.75
C ASN A 85 1.93 17.33 7.07
N GLN A 86 1.27 16.79 6.06
CA GLN A 86 0.09 15.98 6.31
C GLN A 86 0.07 14.73 5.45
N GLU A 87 -0.90 13.87 5.70
CA GLU A 87 -1.05 12.64 4.94
C GLU A 87 -2.42 12.61 4.29
N SER A 88 -2.51 11.91 3.17
CA SER A 88 -3.77 11.72 2.49
C SER A 88 -4.55 10.60 3.17
N THR A 89 -5.74 10.32 2.67
CA THR A 89 -6.50 9.17 3.14
C THR A 89 -5.71 7.88 2.90
N PRO A 90 -6.04 6.80 3.62
CA PRO A 90 -5.37 5.54 3.45
C PRO A 90 -5.98 4.66 2.37
N VAL A 91 -5.12 4.02 1.59
CA VAL A 91 -5.51 2.91 0.74
C VAL A 91 -5.53 1.65 1.57
N VAL A 92 -6.63 0.94 1.63
CA VAL A 92 -6.63 -0.35 2.29
C VAL A 92 -7.06 -1.43 1.32
N ILE A 93 -6.10 -2.23 0.89
CA ILE A 93 -6.37 -3.33 -0.03
C ILE A 93 -5.92 -4.65 0.59
N GLN A 94 -6.86 -5.55 0.80
CA GLN A 94 -6.56 -6.79 1.47
C GLN A 94 -6.58 -7.98 0.51
N GLN A 95 -5.51 -8.76 0.54
CA GLN A 95 -5.46 -10.02 -0.20
C GLN A 95 -4.82 -11.09 0.68
N GLU A 96 -5.18 -12.32 0.41
CA GLU A 96 -4.67 -13.43 1.19
C GLU A 96 -3.49 -14.06 0.46
N THR A 97 -2.38 -14.18 1.15
CA THR A 97 -1.15 -14.70 0.56
C THR A 97 -1.34 -16.14 0.08
N THR A 98 -1.29 -16.32 -1.22
CA THR A 98 -1.54 -17.60 -1.85
C THR A 98 -0.39 -18.56 -1.57
N GLY A 99 0.80 -18.01 -1.41
CA GLY A 99 1.96 -18.81 -1.07
C GLY A 99 2.90 -18.97 -2.23
N THR A 100 3.86 -19.87 -2.11
CA THR A 100 4.79 -20.15 -3.17
C THR A 100 4.16 -21.11 -4.18
N PRO A 101 4.20 -20.76 -5.48
CA PRO A 101 3.69 -21.63 -6.55
C PRO A 101 4.41 -22.98 -6.57
N ARG A 102 3.83 -23.95 -5.86
CA ARG A 102 4.40 -25.29 -5.77
C ARG A 102 3.36 -26.34 -6.10
N SER A 103 2.30 -25.93 -6.77
CA SER A 103 1.19 -26.81 -7.10
C SER A 103 1.61 -27.86 -8.14
N ASP A 104 2.70 -27.56 -8.84
CA ASP A 104 3.23 -28.48 -9.85
C ASP A 104 4.55 -29.07 -9.35
N GLY A 105 4.82 -28.88 -8.07
CA GLY A 105 6.04 -29.38 -7.48
C GLY A 105 5.78 -30.27 -6.28
N THR A 106 6.00 -31.57 -6.44
CA THR A 106 5.75 -32.52 -5.37
C THR A 106 7.04 -32.85 -4.64
N GLY A 1 -10.90 30.39 7.71
CA GLY A 1 -10.40 30.96 8.99
C GLY A 1 -9.28 31.95 8.75
N SER A 2 -8.67 32.41 9.85
CA SER A 2 -7.58 33.36 9.75
C SER A 2 -6.32 32.68 9.20
N HIS A 3 -5.87 31.63 9.88
CA HIS A 3 -4.67 30.93 9.48
C HIS A 3 -5.03 29.78 8.53
N MET A 4 -4.42 29.79 7.36
CA MET A 4 -4.71 28.80 6.34
C MET A 4 -3.45 28.04 5.92
N GLY A 5 -2.91 27.25 6.84
CA GLY A 5 -1.73 26.46 6.54
C GLY A 5 -2.06 25.29 5.64
N THR A 6 -2.64 24.25 6.22
CA THR A 6 -3.06 23.09 5.45
C THR A 6 -4.40 23.36 4.78
N THR A 7 -4.41 24.37 3.92
CA THR A 7 -5.62 24.78 3.22
C THR A 7 -5.98 23.80 2.12
N THR A 8 -5.00 23.01 1.69
CA THR A 8 -5.21 22.04 0.65
C THR A 8 -5.10 20.63 1.23
N ALA A 9 -6.14 19.83 1.01
CA ALA A 9 -6.15 18.46 1.50
C ALA A 9 -5.89 17.50 0.35
N PRO A 10 -4.82 16.71 0.44
CA PRO A 10 -4.46 15.77 -0.60
C PRO A 10 -5.31 14.50 -0.53
N ASP A 11 -5.62 13.94 -1.69
CA ASP A 11 -6.41 12.73 -1.76
C ASP A 11 -5.50 11.52 -1.81
N ALA A 12 -6.07 10.35 -1.57
CA ALA A 12 -5.34 9.10 -1.65
C ALA A 12 -5.58 8.44 -3.00
N PRO A 13 -4.69 7.53 -3.41
CA PRO A 13 -4.86 6.78 -4.65
C PRO A 13 -6.05 5.82 -4.57
N PRO A 14 -6.94 5.82 -5.57
CA PRO A 14 -8.02 4.85 -5.68
C PRO A 14 -7.51 3.42 -5.53
N ASP A 15 -8.38 2.54 -5.03
CA ASP A 15 -8.00 1.17 -4.63
C ASP A 15 -6.96 0.57 -5.56
N PRO A 16 -5.72 0.46 -5.07
CA PRO A 16 -4.61 -0.15 -5.83
C PRO A 16 -4.82 -1.63 -6.06
N THR A 17 -4.29 -2.12 -7.15
CA THR A 17 -4.44 -3.50 -7.53
C THR A 17 -3.14 -4.25 -7.31
N VAL A 18 -3.27 -5.36 -6.63
CA VAL A 18 -2.15 -6.27 -6.42
C VAL A 18 -1.80 -6.98 -7.72
N ASP A 19 -0.55 -6.81 -8.13
CA ASP A 19 -0.07 -7.30 -9.43
C ASP A 19 0.33 -8.76 -9.34
N GLN A 20 1.09 -9.09 -8.30
CA GLN A 20 1.59 -10.45 -8.11
C GLN A 20 1.42 -10.85 -6.66
N VAL A 21 0.99 -12.08 -6.46
CA VAL A 21 0.74 -12.59 -5.13
C VAL A 21 1.55 -13.85 -4.86
N ASP A 22 2.40 -13.80 -3.84
CA ASP A 22 3.18 -14.97 -3.44
C ASP A 22 3.07 -15.20 -1.93
N ASP A 23 3.98 -15.98 -1.39
CA ASP A 23 3.99 -16.32 0.03
C ASP A 23 4.43 -15.15 0.91
N THR A 24 5.69 -14.79 0.80
CA THR A 24 6.30 -13.83 1.69
C THR A 24 6.61 -12.53 0.94
N SER A 25 5.81 -12.25 -0.08
CA SER A 25 6.00 -11.12 -0.96
C SER A 25 4.79 -10.95 -1.86
N ILE A 26 4.32 -9.71 -2.01
CA ILE A 26 3.16 -9.40 -2.84
C ILE A 26 3.38 -8.02 -3.46
N VAL A 27 2.76 -7.70 -4.58
CA VAL A 27 3.00 -6.39 -5.19
C VAL A 27 1.70 -5.63 -5.32
N VAL A 28 1.72 -4.32 -5.07
CA VAL A 28 0.51 -3.55 -5.25
C VAL A 28 0.80 -2.29 -6.06
N ARG A 29 -0.19 -1.84 -6.83
CA ARG A 29 -0.05 -0.70 -7.73
C ARG A 29 -1.21 0.27 -7.54
N TRP A 30 -0.86 1.49 -7.18
CA TRP A 30 -1.86 2.52 -6.82
C TRP A 30 -1.91 3.64 -7.85
N SER A 31 -3.12 4.16 -8.09
CA SER A 31 -3.30 5.31 -8.95
C SER A 31 -3.10 6.59 -8.15
N ARG A 32 -1.85 7.01 -8.07
CA ARG A 32 -1.41 8.15 -7.25
C ARG A 32 -2.25 9.41 -7.54
N PRO A 33 -2.35 10.31 -6.53
CA PRO A 33 -3.23 11.47 -6.58
C PRO A 33 -2.67 12.61 -7.42
N GLN A 34 -3.56 13.50 -7.82
CA GLN A 34 -3.18 14.75 -8.46
C GLN A 34 -2.74 15.73 -7.38
N ALA A 35 -3.08 15.39 -6.13
CA ALA A 35 -2.68 16.15 -4.97
C ALA A 35 -1.16 16.28 -4.90
N PRO A 36 -0.65 17.41 -4.40
CA PRO A 36 0.76 17.55 -4.10
C PRO A 36 1.13 16.65 -2.94
N ILE A 37 1.98 15.67 -3.21
CA ILE A 37 2.43 14.74 -2.20
C ILE A 37 3.96 14.69 -2.21
N THR A 38 4.57 14.48 -1.04
CA THR A 38 6.03 14.44 -0.92
C THR A 38 6.60 13.02 -1.01
N GLY A 39 5.83 12.02 -0.61
CA GLY A 39 6.31 10.67 -0.64
C GLY A 39 5.20 9.67 -0.42
N TYR A 40 5.55 8.44 -0.11
CA TYR A 40 4.57 7.42 0.24
C TYR A 40 5.07 6.54 1.38
N ARG A 41 4.21 6.30 2.35
CA ARG A 41 4.46 5.28 3.35
C ARG A 41 3.58 4.10 3.06
N ILE A 42 4.03 2.91 3.36
CA ILE A 42 3.24 1.73 3.06
C ILE A 42 3.26 0.72 4.18
N VAL A 43 2.14 0.57 4.87
CA VAL A 43 2.06 -0.35 6.00
C VAL A 43 1.17 -1.53 5.67
N TYR A 44 1.77 -2.69 5.54
CA TYR A 44 1.05 -3.90 5.26
C TYR A 44 1.20 -4.88 6.39
N SER A 45 0.04 -5.32 6.87
CA SER A 45 -0.04 -6.20 8.02
C SER A 45 -1.25 -7.13 7.93
N PRO A 46 -1.11 -8.37 8.40
CA PRO A 46 -2.21 -9.35 8.44
C PRO A 46 -3.38 -8.85 9.28
N SER A 47 -4.57 -9.27 8.87
CA SER A 47 -5.81 -8.77 9.46
C SER A 47 -5.93 -9.08 10.95
N VAL A 48 -5.23 -10.09 11.42
CA VAL A 48 -5.31 -10.46 12.82
C VAL A 48 -3.98 -10.27 13.55
N GLU A 49 -2.88 -10.67 12.91
CA GLU A 49 -1.55 -10.60 13.52
C GLU A 49 -0.52 -11.26 12.60
N GLY A 50 0.71 -10.75 12.63
CA GLY A 50 1.78 -11.37 11.88
C GLY A 50 2.80 -10.36 11.42
N SER A 51 3.60 -10.75 10.44
CA SER A 51 4.68 -9.91 9.93
C SER A 51 4.11 -8.63 9.29
N SER A 52 4.51 -7.48 9.82
CA SER A 52 4.07 -6.20 9.28
C SER A 52 5.27 -5.40 8.80
N THR A 53 5.10 -4.73 7.67
CA THR A 53 6.21 -3.98 7.09
C THR A 53 5.73 -2.64 6.52
N GLU A 54 6.58 -1.63 6.64
CA GLU A 54 6.32 -0.33 6.04
C GLU A 54 7.41 -0.01 5.03
N LEU A 55 7.03 0.28 3.80
CA LEU A 55 7.99 0.73 2.81
C LEU A 55 7.83 2.21 2.56
N ASN A 56 8.89 2.83 2.08
CA ASN A 56 8.88 4.25 1.75
C ASN A 56 9.17 4.43 0.27
N LEU A 57 8.19 4.96 -0.45
CA LEU A 57 8.32 5.15 -1.88
C LEU A 57 8.31 6.63 -2.18
N PRO A 58 8.85 7.03 -3.32
CA PRO A 58 8.77 8.41 -3.76
C PRO A 58 7.35 8.81 -4.12
N GLU A 59 7.06 10.08 -3.91
CA GLU A 59 5.75 10.70 -4.23
C GLU A 59 5.23 10.31 -5.61
N THR A 60 6.14 9.96 -6.49
CA THR A 60 5.81 9.68 -7.88
C THR A 60 5.83 8.17 -8.16
N ALA A 61 5.84 7.38 -7.10
CA ALA A 61 5.81 5.92 -7.24
C ALA A 61 4.39 5.43 -7.41
N ASN A 62 4.23 4.22 -7.91
CA ASN A 62 2.90 3.69 -8.17
C ASN A 62 2.79 2.20 -7.84
N SER A 63 3.79 1.64 -7.17
CA SER A 63 3.75 0.21 -6.88
C SER A 63 4.82 -0.18 -5.86
N VAL A 64 4.44 -1.01 -4.91
CA VAL A 64 5.38 -1.50 -3.91
C VAL A 64 5.47 -3.03 -3.95
N THR A 65 6.70 -3.52 -3.84
CA THR A 65 6.96 -4.91 -3.59
C THR A 65 7.03 -5.14 -2.08
N LEU A 66 5.94 -5.65 -1.54
CA LEU A 66 5.83 -5.95 -0.13
C LEU A 66 6.58 -7.23 0.18
N SER A 67 7.37 -7.21 1.24
CA SER A 67 8.23 -8.32 1.58
C SER A 67 8.03 -8.74 3.03
N ASP A 68 8.44 -9.97 3.33
CA ASP A 68 8.28 -10.55 4.66
C ASP A 68 6.82 -10.74 5.01
N LEU A 69 6.09 -11.39 4.12
CA LEU A 69 4.71 -11.77 4.41
C LEU A 69 4.70 -13.20 4.93
N GLN A 70 3.51 -13.73 5.15
CA GLN A 70 3.35 -15.12 5.56
C GLN A 70 2.36 -15.80 4.62
N PRO A 71 2.71 -17.00 4.14
CA PRO A 71 1.84 -17.77 3.23
C PRO A 71 0.54 -18.22 3.87
N GLY A 72 -0.57 -18.01 3.16
CA GLY A 72 -1.86 -18.41 3.67
C GLY A 72 -2.39 -17.44 4.71
N VAL A 73 -1.99 -16.18 4.57
CA VAL A 73 -2.38 -15.14 5.52
C VAL A 73 -2.88 -13.90 4.76
N GLN A 74 -3.92 -13.27 5.30
CA GLN A 74 -4.57 -12.15 4.69
C GLN A 74 -3.83 -10.86 5.02
N TYR A 75 -3.20 -10.25 4.03
CA TYR A 75 -2.41 -9.05 4.26
C TYR A 75 -3.14 -7.80 3.82
N ASN A 76 -3.21 -6.85 4.73
CA ASN A 76 -3.80 -5.56 4.45
C ASN A 76 -2.70 -4.58 4.10
N ILE A 77 -2.68 -4.17 2.84
CA ILE A 77 -1.73 -3.18 2.37
C ILE A 77 -2.34 -1.81 2.47
N THR A 78 -1.73 -0.97 3.28
CA THR A 78 -2.20 0.36 3.48
C THR A 78 -1.26 1.36 2.81
N ILE A 79 -1.75 2.05 1.78
CA ILE A 79 -0.91 3.03 1.07
C ILE A 79 -1.16 4.43 1.65
N TYR A 80 -0.09 5.15 1.91
CA TYR A 80 -0.18 6.50 2.45
C TYR A 80 0.50 7.49 1.51
N ALA A 81 -0.27 8.37 0.89
CA ALA A 81 0.29 9.47 0.11
C ALA A 81 0.65 10.59 1.09
N VAL A 82 1.94 10.80 1.29
CA VAL A 82 2.37 11.76 2.31
C VAL A 82 2.77 13.08 1.70
N GLU A 83 2.36 14.17 2.35
CA GLU A 83 2.65 15.52 1.92
C GLU A 83 3.50 16.18 3.01
N GLU A 84 4.10 17.34 2.74
CA GLU A 84 5.02 17.99 3.69
C GLU A 84 4.48 18.04 5.12
N ASN A 85 3.20 18.32 5.27
CA ASN A 85 2.62 18.54 6.59
C ASN A 85 1.70 17.39 7.02
N GLN A 86 1.03 16.79 6.06
CA GLN A 86 -0.09 15.91 6.37
C GLN A 86 0.00 14.63 5.57
N GLU A 87 -0.92 13.72 5.82
CA GLU A 87 -1.00 12.47 5.08
C GLU A 87 -2.41 12.26 4.58
N SER A 88 -2.55 11.86 3.33
CA SER A 88 -3.85 11.61 2.74
C SER A 88 -4.54 10.43 3.40
N THR A 89 -5.81 10.24 3.09
CA THR A 89 -6.54 9.07 3.55
C THR A 89 -5.80 7.79 3.16
N PRO A 90 -5.98 6.70 3.90
CA PRO A 90 -5.26 5.47 3.64
C PRO A 90 -5.90 4.57 2.60
N VAL A 91 -5.06 3.95 1.79
CA VAL A 91 -5.48 2.86 0.92
C VAL A 91 -5.48 1.59 1.74
N VAL A 92 -6.60 0.90 1.80
CA VAL A 92 -6.61 -0.39 2.44
C VAL A 92 -7.03 -1.47 1.44
N ILE A 93 -6.07 -2.26 0.99
CA ILE A 93 -6.35 -3.37 0.09
C ILE A 93 -5.89 -4.67 0.71
N GLN A 94 -6.86 -5.53 1.03
CA GLN A 94 -6.54 -6.78 1.69
C GLN A 94 -6.51 -7.94 0.70
N GLN A 95 -5.35 -8.54 0.58
CA GLN A 95 -5.16 -9.65 -0.33
C GLN A 95 -4.47 -10.79 0.42
N GLU A 96 -5.01 -12.00 0.31
CA GLU A 96 -4.46 -13.14 1.01
C GLU A 96 -3.40 -13.83 0.18
N THR A 97 -2.26 -14.04 0.80
CA THR A 97 -1.12 -14.66 0.15
C THR A 97 -1.46 -16.05 -0.35
N THR A 98 -1.23 -16.29 -1.63
CA THR A 98 -1.49 -17.57 -2.26
C THR A 98 -0.50 -18.61 -1.74
N GLY A 99 0.69 -18.14 -1.40
CA GLY A 99 1.70 -19.01 -0.87
C GLY A 99 2.55 -19.63 -1.96
N THR A 100 2.83 -20.90 -1.81
CA THR A 100 3.61 -21.63 -2.80
C THR A 100 2.90 -22.92 -3.18
N PRO A 101 2.59 -23.11 -4.49
CA PRO A 101 1.82 -24.27 -4.97
C PRO A 101 2.27 -25.58 -4.33
N ARG A 102 3.51 -25.96 -4.59
CA ARG A 102 4.07 -27.17 -4.01
C ARG A 102 5.58 -27.00 -3.80
N SER A 103 6.00 -27.10 -2.54
CA SER A 103 7.40 -26.98 -2.16
C SER A 103 7.95 -25.58 -2.46
N ASP A 104 8.50 -25.39 -3.66
CA ASP A 104 9.05 -24.10 -4.05
C ASP A 104 8.40 -23.63 -5.35
N GLY A 105 7.35 -24.32 -5.74
CA GLY A 105 6.64 -23.97 -6.95
C GLY A 105 6.18 -25.20 -7.69
N THR A 106 7.07 -25.76 -8.49
CA THR A 106 6.78 -26.97 -9.22
C THR A 106 8.07 -27.78 -9.40
N GLY A 1 -18.72 29.84 2.13
CA GLY A 1 -18.32 29.02 0.97
C GLY A 1 -17.16 28.11 1.32
N SER A 2 -16.75 27.30 0.36
CA SER A 2 -15.65 26.36 0.56
C SER A 2 -14.32 27.06 0.34
N HIS A 3 -13.59 27.29 1.42
CA HIS A 3 -12.29 27.96 1.37
C HIS A 3 -11.20 26.98 0.93
N MET A 4 -11.11 26.75 -0.37
CA MET A 4 -10.16 25.80 -0.92
C MET A 4 -8.86 26.49 -1.33
N GLY A 5 -8.81 27.81 -1.14
CA GLY A 5 -7.62 28.55 -1.50
C GLY A 5 -6.61 28.61 -0.39
N THR A 6 -7.10 28.64 0.85
CA THR A 6 -6.22 28.77 2.01
C THR A 6 -5.75 27.42 2.50
N THR A 7 -6.28 26.34 1.95
CA THR A 7 -5.92 25.00 2.38
C THR A 7 -6.21 23.98 1.29
N THR A 8 -5.37 22.97 1.20
CA THR A 8 -5.53 21.91 0.22
C THR A 8 -5.72 20.56 0.91
N ALA A 9 -6.77 19.85 0.54
CA ALA A 9 -7.01 18.52 1.08
C ALA A 9 -6.56 17.47 0.09
N PRO A 10 -5.48 16.74 0.39
CA PRO A 10 -4.92 15.75 -0.53
C PRO A 10 -5.73 14.46 -0.56
N ASP A 11 -5.96 13.95 -1.77
CA ASP A 11 -6.67 12.70 -1.96
C ASP A 11 -5.71 11.54 -1.91
N ALA A 12 -6.24 10.34 -1.71
CA ALA A 12 -5.45 9.12 -1.75
C ALA A 12 -5.57 8.48 -3.13
N PRO A 13 -4.66 7.56 -3.49
CA PRO A 13 -4.76 6.80 -4.73
C PRO A 13 -5.92 5.82 -4.71
N PRO A 14 -6.79 5.84 -5.73
CA PRO A 14 -7.86 4.86 -5.89
C PRO A 14 -7.31 3.46 -5.80
N ASP A 15 -8.08 2.59 -5.17
CA ASP A 15 -7.62 1.28 -4.69
C ASP A 15 -6.61 0.64 -5.63
N PRO A 16 -5.33 0.69 -5.25
CA PRO A 16 -4.26 -0.05 -5.91
C PRO A 16 -4.58 -1.53 -6.10
N THR A 17 -4.10 -2.07 -7.20
CA THR A 17 -4.32 -3.47 -7.52
C THR A 17 -3.08 -4.27 -7.20
N VAL A 18 -3.30 -5.37 -6.52
CA VAL A 18 -2.24 -6.32 -6.27
C VAL A 18 -1.96 -7.09 -7.56
N ASP A 19 -0.78 -6.86 -8.11
CA ASP A 19 -0.40 -7.39 -9.40
C ASP A 19 0.19 -8.78 -9.27
N GLN A 20 0.93 -9.00 -8.19
CA GLN A 20 1.62 -10.26 -7.97
C GLN A 20 1.43 -10.71 -6.54
N VAL A 21 1.24 -11.99 -6.35
CA VAL A 21 1.02 -12.56 -5.03
C VAL A 21 1.90 -13.80 -4.83
N ASP A 22 2.45 -13.94 -3.63
CA ASP A 22 3.31 -15.08 -3.30
C ASP A 22 3.13 -15.44 -1.82
N ASP A 23 4.11 -16.11 -1.23
CA ASP A 23 4.05 -16.45 0.19
C ASP A 23 4.43 -15.26 1.04
N THR A 24 5.71 -14.92 1.00
CA THR A 24 6.26 -13.86 1.83
C THR A 24 6.53 -12.60 1.00
N SER A 25 5.65 -12.35 0.04
CA SER A 25 5.84 -11.27 -0.95
C SER A 25 4.54 -11.06 -1.73
N ILE A 26 4.19 -9.79 -1.95
CA ILE A 26 3.00 -9.41 -2.73
C ILE A 26 3.24 -8.04 -3.35
N VAL A 27 2.68 -7.73 -4.50
CA VAL A 27 2.98 -6.45 -5.13
C VAL A 27 1.70 -5.67 -5.35
N VAL A 28 1.72 -4.37 -5.06
CA VAL A 28 0.52 -3.57 -5.27
C VAL A 28 0.86 -2.31 -6.06
N ARG A 29 -0.10 -1.83 -6.82
CA ARG A 29 0.10 -0.70 -7.72
C ARG A 29 -1.06 0.29 -7.59
N TRP A 30 -0.73 1.52 -7.22
CA TRP A 30 -1.72 2.55 -6.90
C TRP A 30 -1.71 3.67 -7.93
N SER A 31 -2.89 4.25 -8.18
CA SER A 31 -2.99 5.43 -9.02
C SER A 31 -2.86 6.68 -8.16
N ARG A 32 -1.63 7.15 -8.04
CA ARG A 32 -1.28 8.30 -7.19
C ARG A 32 -2.18 9.52 -7.44
N PRO A 33 -2.33 10.38 -6.40
CA PRO A 33 -3.25 11.53 -6.43
C PRO A 33 -2.68 12.70 -7.21
N GLN A 34 -3.57 13.62 -7.59
CA GLN A 34 -3.16 14.87 -8.21
C GLN A 34 -2.78 15.87 -7.12
N ALA A 35 -3.03 15.47 -5.88
CA ALA A 35 -2.63 16.25 -4.71
C ALA A 35 -1.12 16.42 -4.67
N PRO A 36 -0.64 17.52 -4.08
CA PRO A 36 0.78 17.66 -3.79
C PRO A 36 1.16 16.70 -2.68
N ILE A 37 2.00 15.73 -3.02
CA ILE A 37 2.45 14.74 -2.06
C ILE A 37 3.98 14.67 -2.12
N THR A 38 4.61 14.49 -0.97
CA THR A 38 6.07 14.43 -0.89
C THR A 38 6.61 13.00 -1.00
N GLY A 39 5.84 12.02 -0.52
CA GLY A 39 6.31 10.66 -0.55
C GLY A 39 5.19 9.68 -0.36
N TYR A 40 5.54 8.44 -0.03
CA TYR A 40 4.56 7.41 0.29
C TYR A 40 5.04 6.53 1.41
N ARG A 41 4.17 6.29 2.38
CA ARG A 41 4.40 5.25 3.36
C ARG A 41 3.54 4.06 3.02
N ILE A 42 3.98 2.87 3.34
CA ILE A 42 3.19 1.70 3.03
C ILE A 42 3.19 0.68 4.14
N VAL A 43 2.07 0.57 4.85
CA VAL A 43 1.99 -0.36 5.96
C VAL A 43 1.09 -1.53 5.62
N TYR A 44 1.70 -2.68 5.46
CA TYR A 44 0.97 -3.90 5.22
C TYR A 44 1.06 -4.79 6.42
N SER A 45 -0.11 -5.17 6.89
CA SER A 45 -0.24 -5.93 8.13
C SER A 45 -1.25 -7.05 7.99
N PRO A 46 -0.90 -8.24 8.49
CA PRO A 46 -1.79 -9.40 8.53
C PRO A 46 -2.93 -9.22 9.53
N SER A 47 -4.15 -9.49 9.09
CA SER A 47 -5.33 -9.32 9.93
C SER A 47 -5.38 -10.39 11.02
N VAL A 48 -4.61 -11.44 10.85
CA VAL A 48 -4.52 -12.50 11.85
C VAL A 48 -3.20 -12.42 12.60
N GLU A 49 -2.56 -11.27 12.49
CA GLU A 49 -1.26 -10.99 13.11
C GLU A 49 -0.14 -11.76 12.42
N GLY A 50 1.08 -11.30 12.64
CA GLY A 50 2.24 -11.88 11.98
C GLY A 50 3.28 -10.82 11.68
N SER A 51 3.82 -10.86 10.46
CA SER A 51 4.83 -9.89 10.07
C SER A 51 4.18 -8.70 9.34
N SER A 52 4.38 -7.51 9.89
CA SER A 52 3.89 -6.28 9.26
C SER A 52 5.05 -5.37 8.90
N THR A 53 4.95 -4.69 7.77
CA THR A 53 6.07 -3.89 7.29
C THR A 53 5.59 -2.58 6.64
N GLU A 54 6.39 -1.53 6.77
CA GLU A 54 6.16 -0.27 6.09
C GLU A 54 7.29 0.01 5.12
N LEU A 55 6.96 0.18 3.85
CA LEU A 55 7.95 0.63 2.87
C LEU A 55 7.79 2.11 2.62
N ASN A 56 8.84 2.73 2.10
CA ASN A 56 8.80 4.14 1.78
C ASN A 56 9.10 4.34 0.31
N LEU A 57 8.15 4.90 -0.40
CA LEU A 57 8.30 5.11 -1.83
C LEU A 57 8.28 6.59 -2.10
N PRO A 58 8.84 7.01 -3.23
CA PRO A 58 8.75 8.39 -3.65
C PRO A 58 7.32 8.75 -4.07
N GLU A 59 6.96 10.02 -3.92
CA GLU A 59 5.65 10.52 -4.36
C GLU A 59 5.29 10.01 -5.75
N THR A 60 6.28 9.94 -6.61
CA THR A 60 6.10 9.58 -8.01
C THR A 60 6.18 8.06 -8.22
N ALA A 61 6.00 7.30 -7.14
CA ALA A 61 5.96 5.86 -7.25
C ALA A 61 4.52 5.40 -7.43
N ASN A 62 4.33 4.17 -7.84
CA ASN A 62 2.99 3.67 -8.09
C ASN A 62 2.88 2.17 -7.82
N SER A 63 3.86 1.60 -7.12
CA SER A 63 3.82 0.17 -6.85
C SER A 63 4.90 -0.24 -5.84
N VAL A 64 4.50 -1.05 -4.87
CA VAL A 64 5.42 -1.56 -3.86
C VAL A 64 5.47 -3.09 -3.91
N THR A 65 6.67 -3.64 -3.81
CA THR A 65 6.85 -5.04 -3.58
C THR A 65 7.01 -5.30 -2.08
N LEU A 66 5.94 -5.76 -1.48
CA LEU A 66 5.90 -6.09 -0.07
C LEU A 66 6.61 -7.42 0.15
N SER A 67 7.37 -7.49 1.21
CA SER A 67 8.15 -8.68 1.50
C SER A 67 7.99 -9.02 2.97
N ASP A 68 8.49 -10.18 3.36
CA ASP A 68 8.41 -10.65 4.74
C ASP A 68 6.95 -10.88 5.14
N LEU A 69 6.14 -11.36 4.20
CA LEU A 69 4.76 -11.73 4.52
C LEU A 69 4.74 -13.15 5.04
N GLN A 70 3.55 -13.65 5.31
CA GLN A 70 3.38 -15.04 5.68
C GLN A 70 2.40 -15.71 4.73
N PRO A 71 2.76 -16.90 4.22
CA PRO A 71 1.90 -17.65 3.29
C PRO A 71 0.62 -18.16 3.97
N GLY A 72 -0.52 -17.86 3.36
CA GLY A 72 -1.79 -18.27 3.91
C GLY A 72 -2.29 -17.29 4.96
N VAL A 73 -1.99 -16.02 4.75
CA VAL A 73 -2.34 -14.98 5.71
C VAL A 73 -2.93 -13.76 5.01
N GLN A 74 -3.94 -13.17 5.64
CA GLN A 74 -4.64 -12.03 5.09
C GLN A 74 -3.84 -10.76 5.35
N TYR A 75 -3.45 -10.09 4.27
CA TYR A 75 -2.63 -8.90 4.39
C TYR A 75 -3.37 -7.66 3.92
N ASN A 76 -3.50 -6.69 4.82
CA ASN A 76 -4.00 -5.37 4.46
C ASN A 76 -2.84 -4.48 4.04
N ILE A 77 -2.81 -4.12 2.77
CA ILE A 77 -1.82 -3.16 2.29
C ILE A 77 -2.39 -1.77 2.37
N THR A 78 -1.78 -0.97 3.20
CA THR A 78 -2.22 0.37 3.41
C THR A 78 -1.26 1.36 2.76
N ILE A 79 -1.73 2.06 1.73
CA ILE A 79 -0.87 3.04 1.05
C ILE A 79 -1.14 4.43 1.63
N TYR A 80 -0.09 5.17 1.89
CA TYR A 80 -0.19 6.51 2.43
C TYR A 80 0.49 7.50 1.50
N ALA A 81 -0.30 8.35 0.85
CA ALA A 81 0.25 9.46 0.08
C ALA A 81 0.60 10.57 1.05
N VAL A 82 1.89 10.78 1.27
CA VAL A 82 2.31 11.73 2.31
C VAL A 82 2.70 13.06 1.67
N GLU A 83 2.26 14.14 2.31
CA GLU A 83 2.54 15.48 1.84
C GLU A 83 3.48 16.19 2.81
N GLU A 84 4.05 17.31 2.40
CA GLU A 84 4.92 18.12 3.25
C GLU A 84 4.41 18.22 4.68
N ASN A 85 3.15 18.63 4.84
CA ASN A 85 2.59 18.89 6.15
C ASN A 85 1.32 18.08 6.42
N GLN A 86 0.99 17.15 5.53
CA GLN A 86 -0.25 16.40 5.67
C GLN A 86 -0.08 14.94 5.29
N GLU A 87 -1.12 14.15 5.50
CA GLU A 87 -1.17 12.77 5.05
C GLU A 87 -2.54 12.49 4.46
N SER A 88 -2.57 12.06 3.20
CA SER A 88 -3.81 11.74 2.52
C SER A 88 -4.50 10.54 3.19
N THR A 89 -5.74 10.30 2.81
CA THR A 89 -6.48 9.15 3.31
C THR A 89 -5.73 7.86 3.01
N PRO A 90 -5.93 6.82 3.83
CA PRO A 90 -5.23 5.56 3.66
C PRO A 90 -5.89 4.64 2.63
N VAL A 91 -5.07 4.04 1.79
CA VAL A 91 -5.50 2.98 0.90
C VAL A 91 -5.49 1.69 1.66
N VAL A 92 -6.63 1.03 1.80
CA VAL A 92 -6.61 -0.29 2.40
C VAL A 92 -7.07 -1.33 1.39
N ILE A 93 -6.11 -2.09 0.89
CA ILE A 93 -6.42 -3.17 -0.03
C ILE A 93 -5.98 -4.50 0.58
N GLN A 94 -6.95 -5.33 0.91
CA GLN A 94 -6.64 -6.56 1.62
C GLN A 94 -6.65 -7.75 0.66
N GLN A 95 -5.57 -8.51 0.69
CA GLN A 95 -5.41 -9.67 -0.16
C GLN A 95 -4.74 -10.79 0.65
N GLU A 96 -5.27 -12.01 0.54
CA GLU A 96 -4.67 -13.15 1.26
C GLU A 96 -3.57 -13.78 0.44
N THR A 97 -2.41 -13.91 1.05
CA THR A 97 -1.25 -14.50 0.40
C THR A 97 -1.60 -15.89 -0.12
N THR A 98 -1.49 -16.06 -1.42
CA THR A 98 -1.81 -17.32 -2.08
C THR A 98 -0.80 -18.37 -1.68
N GLY A 99 0.40 -17.91 -1.41
CA GLY A 99 1.45 -18.80 -1.03
C GLY A 99 2.20 -19.30 -2.23
N THR A 100 2.52 -20.58 -2.22
CA THR A 100 3.24 -21.17 -3.32
C THR A 100 2.26 -21.58 -4.43
N PRO A 101 2.42 -21.00 -5.63
CA PRO A 101 1.53 -21.26 -6.76
C PRO A 101 1.54 -22.74 -7.17
N ARG A 102 0.51 -23.46 -6.74
CA ARG A 102 0.39 -24.87 -7.03
C ARG A 102 -0.26 -25.07 -8.38
N SER A 103 -1.48 -24.54 -8.52
CA SER A 103 -2.25 -24.64 -9.75
C SER A 103 -2.41 -26.10 -10.17
N ASP A 104 -3.32 -26.80 -9.52
CA ASP A 104 -3.54 -28.22 -9.80
C ASP A 104 -4.91 -28.41 -10.41
N GLY A 105 -5.10 -29.52 -11.12
CA GLY A 105 -6.37 -29.83 -11.72
C GLY A 105 -7.36 -30.38 -10.71
N THR A 106 -7.98 -29.47 -9.97
CA THR A 106 -8.97 -29.81 -8.93
C THR A 106 -8.43 -30.87 -7.96
N GLY A 1 -14.07 22.74 -3.52
CA GLY A 1 -12.86 22.62 -2.67
C GLY A 1 -13.20 22.67 -1.20
N SER A 2 -12.20 22.47 -0.36
CA SER A 2 -12.40 22.50 1.08
C SER A 2 -12.25 23.92 1.61
N HIS A 3 -13.21 24.77 1.29
CA HIS A 3 -13.20 26.15 1.74
C HIS A 3 -13.72 26.23 3.18
N MET A 4 -12.97 25.65 4.08
CA MET A 4 -13.35 25.57 5.49
C MET A 4 -12.25 26.17 6.36
N GLY A 5 -11.64 27.23 5.88
CA GLY A 5 -10.49 27.81 6.57
C GLY A 5 -9.21 27.12 6.17
N THR A 6 -9.17 25.81 6.40
CA THR A 6 -8.05 25.00 5.98
C THR A 6 -8.15 24.68 4.49
N THR A 7 -7.78 25.65 3.67
CA THR A 7 -7.86 25.50 2.23
C THR A 7 -6.85 24.48 1.72
N THR A 8 -7.09 23.96 0.52
CA THR A 8 -6.25 22.92 -0.07
C THR A 8 -6.48 21.58 0.65
N ALA A 9 -6.88 20.58 -0.11
CA ALA A 9 -7.11 19.26 0.43
C ALA A 9 -6.54 18.20 -0.50
N PRO A 10 -5.61 17.37 -0.01
CA PRO A 10 -5.01 16.32 -0.80
C PRO A 10 -5.93 15.10 -0.93
N ASP A 11 -5.47 14.13 -1.69
CA ASP A 11 -6.28 12.95 -2.01
C ASP A 11 -5.40 11.72 -1.95
N ALA A 12 -6.01 10.57 -1.82
CA ALA A 12 -5.29 9.32 -1.85
C ALA A 12 -5.35 8.74 -3.26
N PRO A 13 -4.50 7.76 -3.57
CA PRO A 13 -4.57 7.05 -4.83
C PRO A 13 -5.79 6.14 -4.88
N PRO A 14 -6.62 6.27 -5.93
CA PRO A 14 -7.74 5.36 -6.18
C PRO A 14 -7.33 3.90 -6.02
N ASP A 15 -8.31 3.12 -5.56
CA ASP A 15 -8.10 1.73 -5.13
C ASP A 15 -7.02 1.01 -5.92
N PRO A 16 -5.84 0.81 -5.29
CA PRO A 16 -4.71 0.10 -5.90
C PRO A 16 -4.95 -1.40 -5.99
N THR A 17 -4.34 -2.02 -6.98
CA THR A 17 -4.53 -3.43 -7.23
C THR A 17 -3.23 -4.19 -7.12
N VAL A 18 -3.33 -5.31 -6.44
CA VAL A 18 -2.22 -6.24 -6.32
C VAL A 18 -2.07 -7.06 -7.59
N ASP A 19 -0.87 -7.03 -8.17
CA ASP A 19 -0.63 -7.65 -9.45
C ASP A 19 -0.24 -9.12 -9.28
N GLN A 20 0.69 -9.39 -8.37
CA GLN A 20 1.14 -10.75 -8.10
C GLN A 20 1.26 -11.00 -6.61
N VAL A 21 0.95 -12.22 -6.21
CA VAL A 21 1.00 -12.62 -4.81
C VAL A 21 1.78 -13.93 -4.62
N ASP A 22 2.58 -13.98 -3.55
CA ASP A 22 3.31 -15.20 -3.18
C ASP A 22 3.18 -15.43 -1.67
N ASP A 23 4.16 -16.11 -1.07
CA ASP A 23 4.16 -16.37 0.37
C ASP A 23 4.55 -15.11 1.14
N THR A 24 5.83 -14.80 1.08
CA THR A 24 6.42 -13.70 1.83
C THR A 24 6.63 -12.49 0.94
N SER A 25 5.72 -12.26 0.02
CA SER A 25 5.86 -11.20 -0.99
C SER A 25 4.55 -10.99 -1.77
N ILE A 26 4.19 -9.72 -1.93
CA ILE A 26 2.98 -9.34 -2.67
C ILE A 26 3.18 -7.97 -3.31
N VAL A 27 2.70 -7.74 -4.52
CA VAL A 27 2.97 -6.46 -5.17
C VAL A 27 1.69 -5.69 -5.38
N VAL A 28 1.66 -4.43 -4.97
CA VAL A 28 0.47 -3.62 -5.08
C VAL A 28 0.76 -2.36 -5.87
N ARG A 29 -0.21 -1.91 -6.66
CA ARG A 29 -0.01 -0.77 -7.56
C ARG A 29 -1.15 0.24 -7.41
N TRP A 30 -0.77 1.47 -7.08
CA TRP A 30 -1.74 2.53 -6.78
C TRP A 30 -1.70 3.65 -7.82
N SER A 31 -2.86 4.26 -8.04
CA SER A 31 -2.97 5.40 -8.95
C SER A 31 -2.81 6.70 -8.17
N ARG A 32 -1.55 7.11 -8.01
CA ARG A 32 -1.18 8.29 -7.23
C ARG A 32 -2.10 9.51 -7.46
N PRO A 33 -2.24 10.37 -6.43
CA PRO A 33 -3.29 11.39 -6.33
C PRO A 33 -3.06 12.64 -7.17
N GLN A 34 -4.12 13.43 -7.27
CA GLN A 34 -4.05 14.76 -7.86
C GLN A 34 -3.25 15.68 -6.94
N ALA A 35 -3.29 15.36 -5.66
CA ALA A 35 -2.59 16.14 -4.64
C ALA A 35 -1.09 16.12 -4.87
N PRO A 36 -0.41 17.26 -4.72
CA PRO A 36 1.03 17.29 -4.65
C PRO A 36 1.50 16.68 -3.34
N ILE A 37 2.19 15.57 -3.44
CA ILE A 37 2.61 14.80 -2.29
C ILE A 37 4.13 14.74 -2.25
N THR A 38 4.71 14.47 -1.09
CA THR A 38 6.15 14.42 -0.93
C THR A 38 6.71 12.99 -0.91
N GLY A 39 5.92 12.02 -0.47
CA GLY A 39 6.38 10.65 -0.47
C GLY A 39 5.26 9.67 -0.22
N TYR A 40 5.62 8.42 0.02
CA TYR A 40 4.65 7.38 0.33
C TYR A 40 5.13 6.49 1.45
N ARG A 41 4.24 6.22 2.38
CA ARG A 41 4.48 5.23 3.41
C ARG A 41 3.52 4.09 3.21
N ILE A 42 3.94 2.90 3.53
CA ILE A 42 3.13 1.72 3.23
C ILE A 42 3.09 0.72 4.36
N VAL A 43 1.95 0.59 5.01
CA VAL A 43 1.83 -0.33 6.14
C VAL A 43 0.94 -1.51 5.79
N TYR A 44 1.54 -2.67 5.67
CA TYR A 44 0.82 -3.89 5.40
C TYR A 44 0.94 -4.84 6.56
N SER A 45 -0.22 -5.28 7.02
CA SER A 45 -0.33 -6.11 8.21
C SER A 45 -1.32 -7.26 8.00
N PRO A 46 -0.95 -8.46 8.48
CA PRO A 46 -1.82 -9.65 8.45
C PRO A 46 -2.84 -9.63 9.59
N SER A 47 -4.04 -10.11 9.29
CA SER A 47 -5.13 -10.07 10.26
C SER A 47 -4.92 -11.07 11.40
N VAL A 48 -4.20 -12.16 11.14
CA VAL A 48 -3.99 -13.18 12.16
C VAL A 48 -2.52 -13.30 12.55
N GLU A 49 -1.61 -13.10 11.60
CA GLU A 49 -0.19 -13.25 11.85
C GLU A 49 0.41 -11.94 12.36
N GLY A 50 1.73 -11.92 12.49
CA GLY A 50 2.38 -10.80 13.13
C GLY A 50 3.36 -10.04 12.27
N SER A 51 3.73 -10.57 11.10
CA SER A 51 4.70 -9.85 10.28
C SER A 51 4.02 -8.70 9.54
N SER A 52 4.37 -7.48 9.94
CA SER A 52 3.87 -6.27 9.30
C SER A 52 5.04 -5.43 8.82
N THR A 53 4.88 -4.72 7.73
CA THR A 53 5.99 -3.91 7.24
C THR A 53 5.50 -2.55 6.71
N GLU A 54 6.35 -1.54 6.85
CA GLU A 54 6.08 -0.20 6.37
C GLU A 54 7.19 0.22 5.40
N LEU A 55 6.85 0.36 4.12
CA LEU A 55 7.84 0.77 3.14
C LEU A 55 7.73 2.24 2.84
N ASN A 56 8.76 2.78 2.22
CA ASN A 56 8.79 4.18 1.86
C ASN A 56 9.09 4.33 0.38
N LEU A 57 8.17 4.92 -0.35
CA LEU A 57 8.31 5.06 -1.78
C LEU A 57 8.30 6.54 -2.12
N PRO A 58 8.84 6.91 -3.27
CA PRO A 58 8.78 8.28 -3.73
C PRO A 58 7.35 8.71 -4.02
N GLU A 59 7.12 10.01 -3.90
CA GLU A 59 5.81 10.63 -4.21
C GLU A 59 5.27 10.19 -5.57
N THR A 60 6.19 9.84 -6.45
CA THR A 60 5.84 9.48 -7.82
C THR A 60 5.84 7.97 -8.02
N ALA A 61 5.86 7.23 -6.92
CA ALA A 61 5.81 5.78 -6.97
C ALA A 61 4.38 5.32 -7.19
N ASN A 62 4.23 4.08 -7.64
CA ASN A 62 2.91 3.56 -7.91
C ASN A 62 2.81 2.07 -7.65
N SER A 63 3.76 1.51 -6.92
CA SER A 63 3.71 0.08 -6.63
C SER A 63 4.78 -0.32 -5.61
N VAL A 64 4.38 -1.12 -4.63
CA VAL A 64 5.32 -1.63 -3.63
C VAL A 64 5.37 -3.16 -3.69
N THR A 65 6.57 -3.71 -3.60
CA THR A 65 6.74 -5.12 -3.41
C THR A 65 6.94 -5.40 -1.92
N LEU A 66 5.87 -5.84 -1.29
CA LEU A 66 5.87 -6.20 0.11
C LEU A 66 6.58 -7.51 0.29
N SER A 67 7.36 -7.62 1.36
CA SER A 67 8.12 -8.82 1.61
C SER A 67 8.00 -9.20 3.09
N ASP A 68 8.46 -10.42 3.41
CA ASP A 68 8.39 -10.95 4.76
C ASP A 68 6.95 -11.13 5.21
N LEU A 69 6.07 -11.47 4.26
CA LEU A 69 4.70 -11.78 4.59
C LEU A 69 4.62 -13.21 5.11
N GLN A 70 3.42 -13.67 5.40
CA GLN A 70 3.22 -15.04 5.81
C GLN A 70 2.23 -15.71 4.87
N PRO A 71 2.61 -16.85 4.26
CA PRO A 71 1.79 -17.53 3.26
C PRO A 71 0.47 -18.08 3.83
N GLY A 72 -0.61 -17.85 3.11
CA GLY A 72 -1.91 -18.31 3.55
C GLY A 72 -2.54 -17.36 4.56
N VAL A 73 -2.30 -16.07 4.37
CA VAL A 73 -2.76 -15.05 5.31
C VAL A 73 -3.33 -13.85 4.58
N GLN A 74 -4.28 -13.19 5.21
CA GLN A 74 -4.92 -12.03 4.65
C GLN A 74 -4.13 -10.78 5.01
N TYR A 75 -3.51 -10.17 4.01
CA TYR A 75 -2.69 -9.01 4.23
C TYR A 75 -3.40 -7.73 3.84
N ASN A 76 -3.51 -6.83 4.80
CA ASN A 76 -4.08 -5.53 4.57
C ASN A 76 -2.97 -4.54 4.22
N ILE A 77 -2.90 -4.14 2.96
CA ILE A 77 -1.93 -3.16 2.51
C ILE A 77 -2.55 -1.78 2.57
N THR A 78 -1.96 -0.94 3.37
CA THR A 78 -2.42 0.41 3.52
C THR A 78 -1.43 1.38 2.89
N ILE A 79 -1.86 2.09 1.85
CA ILE A 79 -0.98 3.06 1.18
C ILE A 79 -1.24 4.45 1.76
N TYR A 80 -0.19 5.14 2.12
CA TYR A 80 -0.27 6.49 2.65
C TYR A 80 0.46 7.44 1.71
N ALA A 81 -0.27 8.32 1.05
CA ALA A 81 0.36 9.40 0.32
C ALA A 81 0.65 10.49 1.31
N VAL A 82 1.89 10.95 1.35
CA VAL A 82 2.26 11.97 2.32
C VAL A 82 2.71 13.23 1.62
N GLU A 83 2.25 14.37 2.11
CA GLU A 83 2.60 15.64 1.54
C GLU A 83 3.43 16.43 2.54
N GLU A 84 4.00 17.55 2.06
CA GLU A 84 4.95 18.37 2.84
C GLU A 84 4.58 18.48 4.31
N ASN A 85 3.35 18.88 4.59
CA ASN A 85 2.93 19.11 5.98
C ASN A 85 1.60 18.40 6.26
N GLN A 86 1.23 17.46 5.40
CA GLN A 86 -0.06 16.78 5.54
C GLN A 86 0.07 15.30 5.19
N GLU A 87 -1.01 14.56 5.41
CA GLU A 87 -1.10 13.16 5.03
C GLU A 87 -2.44 12.90 4.38
N SER A 88 -2.42 12.36 3.18
CA SER A 88 -3.65 12.04 2.46
C SER A 88 -4.35 10.82 3.08
N THR A 89 -5.57 10.56 2.64
CA THR A 89 -6.35 9.42 3.12
C THR A 89 -5.65 8.10 2.78
N PRO A 90 -5.89 7.06 3.57
CA PRO A 90 -5.23 5.76 3.39
C PRO A 90 -5.94 4.84 2.39
N VAL A 91 -5.14 4.14 1.60
CA VAL A 91 -5.57 3.02 0.79
C VAL A 91 -5.62 1.78 1.66
N VAL A 92 -6.74 1.08 1.68
CA VAL A 92 -6.76 -0.21 2.34
C VAL A 92 -7.18 -1.29 1.35
N ILE A 93 -6.22 -2.10 0.93
CA ILE A 93 -6.47 -3.20 0.02
C ILE A 93 -6.04 -4.51 0.65
N GLN A 94 -6.99 -5.41 0.86
CA GLN A 94 -6.68 -6.68 1.49
C GLN A 94 -6.57 -7.78 0.45
N GLN A 95 -5.44 -8.46 0.48
CA GLN A 95 -5.16 -9.56 -0.42
C GLN A 95 -4.56 -10.72 0.37
N GLU A 96 -5.05 -11.93 0.13
CA GLU A 96 -4.50 -13.09 0.82
C GLU A 96 -3.29 -13.60 0.08
N THR A 97 -2.27 -13.95 0.83
CA THR A 97 -1.08 -14.54 0.25
C THR A 97 -1.38 -15.95 -0.21
N THR A 98 -1.34 -16.13 -1.53
CA THR A 98 -1.62 -17.43 -2.11
C THR A 98 -0.50 -18.40 -1.76
N GLY A 99 0.67 -17.84 -1.59
CA GLY A 99 1.81 -18.62 -1.19
C GLY A 99 2.53 -19.20 -2.37
N THR A 100 3.11 -20.37 -2.16
CA THR A 100 3.81 -21.06 -3.21
C THR A 100 2.83 -21.54 -4.27
N PRO A 101 2.99 -21.08 -5.53
CA PRO A 101 2.07 -21.38 -6.64
C PRO A 101 1.62 -22.83 -6.67
N ARG A 102 0.36 -23.04 -6.32
CA ARG A 102 -0.21 -24.38 -6.26
C ARG A 102 -0.63 -24.85 -7.66
N SER A 103 -0.08 -25.97 -8.08
CA SER A 103 -0.46 -26.56 -9.35
C SER A 103 -1.86 -27.14 -9.25
N ASP A 104 -2.63 -27.01 -10.33
CA ASP A 104 -4.03 -27.41 -10.35
C ASP A 104 -4.82 -26.57 -9.36
N GLY A 105 -4.61 -25.26 -9.45
CA GLY A 105 -5.28 -24.33 -8.56
C GLY A 105 -4.93 -22.91 -8.91
N THR A 106 -3.65 -22.66 -9.14
CA THR A 106 -3.18 -21.36 -9.60
C THR A 106 -2.81 -21.44 -11.08
N GLY A 1 -19.58 29.31 3.58
CA GLY A 1 -18.56 30.39 3.63
C GLY A 1 -17.35 30.03 2.79
N SER A 2 -16.21 30.68 3.09
CA SER A 2 -14.96 30.42 2.40
C SER A 2 -15.11 30.61 0.88
N HIS A 3 -15.81 31.65 0.48
CA HIS A 3 -16.04 31.93 -0.94
C HIS A 3 -14.78 32.48 -1.58
N MET A 4 -14.36 31.87 -2.69
CA MET A 4 -13.14 32.24 -3.38
C MET A 4 -11.94 32.11 -2.44
N GLY A 5 -11.61 30.87 -2.14
CA GLY A 5 -10.53 30.57 -1.23
C GLY A 5 -10.57 29.13 -0.78
N THR A 6 -10.52 28.23 -1.74
CA THR A 6 -10.65 26.81 -1.48
C THR A 6 -9.47 26.28 -0.68
N THR A 7 -9.76 25.78 0.51
CA THR A 7 -8.76 25.09 1.32
C THR A 7 -8.69 23.64 0.84
N THR A 8 -8.06 23.46 -0.31
CA THR A 8 -8.03 22.17 -0.99
C THR A 8 -7.27 21.12 -0.19
N ALA A 9 -7.96 20.02 0.10
CA ALA A 9 -7.37 18.91 0.83
C ALA A 9 -6.83 17.88 -0.14
N PRO A 10 -5.73 17.20 0.22
CA PRO A 10 -5.11 16.18 -0.63
C PRO A 10 -5.94 14.90 -0.67
N ASP A 11 -5.85 14.19 -1.79
CA ASP A 11 -6.60 12.96 -1.98
C ASP A 11 -5.66 11.77 -1.98
N ALA A 12 -6.20 10.60 -1.68
CA ALA A 12 -5.42 9.36 -1.70
C ALA A 12 -5.61 8.65 -3.04
N PRO A 13 -4.71 7.72 -3.39
CA PRO A 13 -4.83 6.94 -4.63
C PRO A 13 -5.99 5.95 -4.57
N PRO A 14 -6.83 5.94 -5.63
CA PRO A 14 -7.91 4.95 -5.78
C PRO A 14 -7.39 3.53 -5.60
N ASP A 15 -8.27 2.64 -5.13
CA ASP A 15 -7.92 1.28 -4.71
C ASP A 15 -6.87 0.65 -5.61
N PRO A 16 -5.63 0.56 -5.11
CA PRO A 16 -4.51 -0.02 -5.85
C PRO A 16 -4.69 -1.51 -6.13
N THR A 17 -4.12 -1.94 -7.24
CA THR A 17 -4.25 -3.32 -7.69
C THR A 17 -2.97 -4.08 -7.44
N VAL A 18 -3.12 -5.22 -6.82
CA VAL A 18 -2.01 -6.13 -6.59
C VAL A 18 -1.73 -6.96 -7.84
N ASP A 19 -0.49 -6.87 -8.32
CA ASP A 19 -0.10 -7.51 -9.58
C ASP A 19 0.38 -8.95 -9.35
N GLN A 20 1.09 -9.16 -8.25
CA GLN A 20 1.65 -10.46 -7.94
C GLN A 20 1.41 -10.82 -6.49
N VAL A 21 0.97 -12.05 -6.27
CA VAL A 21 0.71 -12.54 -4.94
C VAL A 21 1.39 -13.89 -4.72
N ASP A 22 2.31 -13.93 -3.77
CA ASP A 22 2.97 -15.17 -3.40
C ASP A 22 2.88 -15.36 -1.89
N ASP A 23 3.74 -16.20 -1.35
CA ASP A 23 3.73 -16.51 0.07
C ASP A 23 4.35 -15.38 0.88
N THR A 24 5.61 -15.08 0.58
CA THR A 24 6.36 -14.09 1.32
C THR A 24 6.66 -12.86 0.47
N SER A 25 5.73 -12.52 -0.40
CA SER A 25 5.90 -11.41 -1.35
C SER A 25 4.57 -11.09 -2.05
N ILE A 26 4.22 -9.82 -2.07
CA ILE A 26 3.00 -9.35 -2.77
C ILE A 26 3.26 -7.95 -3.31
N VAL A 27 2.81 -7.65 -4.52
CA VAL A 27 3.11 -6.35 -5.10
C VAL A 27 1.84 -5.57 -5.35
N VAL A 28 1.80 -4.33 -4.91
CA VAL A 28 0.60 -3.53 -5.06
C VAL A 28 0.92 -2.26 -5.83
N ARG A 29 -0.03 -1.80 -6.63
CA ARG A 29 0.17 -0.63 -7.49
C ARG A 29 -0.96 0.36 -7.33
N TRP A 30 -0.63 1.57 -6.93
CA TRP A 30 -1.62 2.60 -6.61
C TRP A 30 -1.62 3.72 -7.65
N SER A 31 -2.80 4.24 -7.92
CA SER A 31 -2.95 5.37 -8.84
C SER A 31 -2.83 6.68 -8.09
N ARG A 32 -1.63 7.25 -8.10
CA ARG A 32 -1.29 8.46 -7.35
C ARG A 32 -2.35 9.57 -7.47
N PRO A 33 -2.39 10.46 -6.47
CA PRO A 33 -3.42 11.49 -6.32
C PRO A 33 -3.14 12.72 -7.16
N GLN A 34 -4.14 13.60 -7.22
CA GLN A 34 -3.99 14.88 -7.89
C GLN A 34 -3.29 15.86 -6.95
N ALA A 35 -3.32 15.51 -5.67
CA ALA A 35 -2.67 16.30 -4.62
C ALA A 35 -1.16 16.33 -4.81
N PRO A 36 -0.52 17.48 -4.54
CA PRO A 36 0.92 17.54 -4.45
C PRO A 36 1.39 16.82 -3.20
N ILE A 37 2.12 15.74 -3.38
CA ILE A 37 2.54 14.89 -2.28
C ILE A 37 4.07 14.81 -2.27
N THR A 38 4.66 14.59 -1.10
CA THR A 38 6.10 14.54 -0.96
C THR A 38 6.66 13.11 -0.96
N GLY A 39 5.89 12.16 -0.45
CA GLY A 39 6.34 10.79 -0.46
C GLY A 39 5.19 9.84 -0.22
N TYR A 40 5.51 8.59 0.12
CA TYR A 40 4.51 7.59 0.47
C TYR A 40 4.97 6.73 1.62
N ARG A 41 4.09 6.49 2.57
CA ARG A 41 4.32 5.46 3.56
C ARG A 41 3.45 4.27 3.23
N ILE A 42 3.88 3.09 3.60
CA ILE A 42 3.12 1.90 3.28
C ILE A 42 3.11 0.92 4.43
N VAL A 43 1.98 0.77 5.10
CA VAL A 43 1.89 -0.18 6.20
C VAL A 43 1.06 -1.38 5.78
N TYR A 44 1.72 -2.50 5.61
CA TYR A 44 1.06 -3.73 5.30
C TYR A 44 1.15 -4.65 6.49
N SER A 45 -0.02 -5.09 6.91
CA SER A 45 -0.14 -5.91 8.10
C SER A 45 -1.22 -6.97 7.92
N PRO A 46 -0.92 -8.21 8.29
CA PRO A 46 -1.88 -9.32 8.25
C PRO A 46 -2.90 -9.21 9.37
N SER A 47 -4.18 -9.34 9.02
CA SER A 47 -5.27 -9.22 9.98
C SER A 47 -5.20 -10.34 11.03
N VAL A 48 -4.57 -11.46 10.67
CA VAL A 48 -4.42 -12.57 11.59
C VAL A 48 -3.04 -12.58 12.24
N GLU A 49 -2.37 -11.44 12.13
CA GLU A 49 -1.05 -11.20 12.71
C GLU A 49 0.05 -11.94 11.92
N GLY A 50 1.26 -11.39 11.97
CA GLY A 50 2.36 -11.93 11.20
C GLY A 50 3.41 -10.88 10.94
N SER A 51 3.85 -10.75 9.70
CA SER A 51 4.85 -9.76 9.36
C SER A 51 4.20 -8.45 8.92
N SER A 52 4.48 -7.37 9.63
CA SER A 52 3.96 -6.07 9.27
C SER A 52 5.12 -5.13 8.96
N THR A 53 5.00 -4.36 7.90
CA THR A 53 6.10 -3.50 7.49
C THR A 53 5.59 -2.17 6.92
N GLU A 54 6.41 -1.13 7.04
CA GLU A 54 6.11 0.16 6.49
C GLU A 54 7.22 0.57 5.52
N LEU A 55 6.89 0.65 4.23
CA LEU A 55 7.88 1.10 3.26
C LEU A 55 7.67 2.57 2.96
N ASN A 56 8.67 3.19 2.37
CA ASN A 56 8.59 4.59 2.03
C ASN A 56 8.98 4.80 0.59
N LEU A 57 8.03 5.20 -0.23
CA LEU A 57 8.25 5.31 -1.64
C LEU A 57 8.24 6.78 -2.03
N PRO A 58 8.85 7.11 -3.16
CA PRO A 58 8.82 8.47 -3.67
C PRO A 58 7.41 8.88 -4.06
N GLU A 59 7.14 10.18 -3.94
CA GLU A 59 5.85 10.78 -4.31
C GLU A 59 5.35 10.34 -5.68
N THR A 60 6.27 9.91 -6.52
CA THR A 60 5.96 9.54 -7.89
C THR A 60 5.84 8.02 -8.05
N ALA A 61 5.98 7.30 -6.94
CA ALA A 61 5.95 5.84 -6.97
C ALA A 61 4.52 5.36 -7.11
N ASN A 62 4.35 4.14 -7.57
CA ASN A 62 3.02 3.60 -7.77
C ASN A 62 2.95 2.12 -7.52
N SER A 63 3.92 1.56 -6.80
CA SER A 63 3.91 0.13 -6.53
C SER A 63 4.95 -0.27 -5.48
N VAL A 64 4.53 -1.08 -4.51
CA VAL A 64 5.44 -1.59 -3.50
C VAL A 64 5.50 -3.12 -3.57
N THR A 65 6.71 -3.67 -3.47
CA THR A 65 6.91 -5.08 -3.34
C THR A 65 7.09 -5.44 -1.87
N LEU A 66 6.04 -5.97 -1.27
CA LEU A 66 6.07 -6.39 0.12
C LEU A 66 6.72 -7.75 0.23
N SER A 67 7.52 -7.94 1.26
CA SER A 67 8.31 -9.15 1.40
C SER A 67 8.21 -9.70 2.81
N ASP A 68 8.70 -10.93 2.99
CA ASP A 68 8.64 -11.65 4.26
C ASP A 68 7.22 -11.81 4.78
N LEU A 69 6.28 -11.92 3.86
CA LEU A 69 4.89 -12.19 4.23
C LEU A 69 4.76 -13.61 4.77
N GLN A 70 3.55 -14.03 5.07
CA GLN A 70 3.31 -15.36 5.56
C GLN A 70 2.25 -16.05 4.70
N PRO A 71 2.58 -17.23 4.16
CA PRO A 71 1.67 -17.98 3.26
C PRO A 71 0.37 -18.41 3.93
N GLY A 72 -0.74 -18.12 3.29
CA GLY A 72 -2.04 -18.49 3.83
C GLY A 72 -2.59 -17.42 4.74
N VAL A 73 -2.10 -16.20 4.57
CA VAL A 73 -2.42 -15.11 5.46
C VAL A 73 -2.93 -13.89 4.69
N GLN A 74 -3.88 -13.19 5.29
CA GLN A 74 -4.54 -12.06 4.69
C GLN A 74 -3.76 -10.79 5.00
N TYR A 75 -3.07 -10.26 4.01
CA TYR A 75 -2.27 -9.06 4.21
C TYR A 75 -2.99 -7.82 3.76
N ASN A 76 -3.24 -6.93 4.72
CA ASN A 76 -3.89 -5.66 4.44
C ASN A 76 -2.82 -4.62 4.13
N ILE A 77 -2.73 -4.23 2.87
CA ILE A 77 -1.77 -3.23 2.44
C ILE A 77 -2.40 -1.86 2.50
N THR A 78 -1.86 -1.02 3.35
CA THR A 78 -2.35 0.30 3.51
C THR A 78 -1.37 1.32 2.93
N ILE A 79 -1.81 2.02 1.89
CA ILE A 79 -0.94 3.01 1.24
C ILE A 79 -1.22 4.40 1.81
N TYR A 80 -0.19 5.20 1.95
CA TYR A 80 -0.31 6.54 2.47
C TYR A 80 0.41 7.53 1.57
N ALA A 81 -0.34 8.39 0.90
CA ALA A 81 0.25 9.52 0.19
C ALA A 81 0.56 10.57 1.22
N VAL A 82 1.81 10.99 1.30
CA VAL A 82 2.19 12.01 2.27
C VAL A 82 2.62 13.28 1.57
N GLU A 83 2.15 14.42 2.08
CA GLU A 83 2.46 15.71 1.51
C GLU A 83 3.34 16.48 2.50
N GLU A 84 3.87 17.61 2.05
CA GLU A 84 4.84 18.41 2.83
C GLU A 84 4.52 18.46 4.32
N ASN A 85 3.31 18.91 4.67
CA ASN A 85 2.96 19.07 6.08
C ASN A 85 1.69 18.31 6.45
N GLN A 86 1.20 17.46 5.54
CA GLN A 86 -0.05 16.77 5.76
C GLN A 86 0.00 15.36 5.21
N GLU A 87 -1.06 14.60 5.41
CA GLU A 87 -1.16 13.24 4.90
C GLU A 87 -2.55 12.98 4.34
N SER A 88 -2.61 12.35 3.19
CA SER A 88 -3.88 12.01 2.56
C SER A 88 -4.51 10.78 3.21
N THR A 89 -5.72 10.45 2.79
CA THR A 89 -6.44 9.29 3.30
C THR A 89 -5.69 7.98 2.99
N PRO A 90 -6.00 6.90 3.72
CA PRO A 90 -5.33 5.62 3.54
C PRO A 90 -5.97 4.71 2.47
N VAL A 91 -5.11 4.06 1.72
CA VAL A 91 -5.50 2.94 0.87
C VAL A 91 -5.54 1.69 1.70
N VAL A 92 -6.63 0.96 1.68
CA VAL A 92 -6.67 -0.32 2.33
C VAL A 92 -7.05 -1.41 1.34
N ILE A 93 -6.08 -2.20 0.93
CA ILE A 93 -6.31 -3.29 0.00
C ILE A 93 -5.84 -4.61 0.60
N GLN A 94 -6.78 -5.51 0.89
CA GLN A 94 -6.45 -6.77 1.50
C GLN A 94 -6.26 -7.85 0.46
N GLN A 95 -5.07 -8.42 0.44
CA GLN A 95 -4.76 -9.54 -0.43
C GLN A 95 -4.21 -10.69 0.39
N GLU A 96 -4.82 -11.85 0.26
CA GLU A 96 -4.37 -13.03 1.00
C GLU A 96 -3.35 -13.79 0.19
N THR A 97 -2.22 -14.06 0.82
CA THR A 97 -1.11 -14.72 0.17
C THR A 97 -1.51 -16.09 -0.36
N THR A 98 -0.92 -16.44 -1.50
CA THR A 98 -1.32 -17.64 -2.23
C THR A 98 -0.95 -18.91 -1.48
N GLY A 99 0.15 -18.85 -0.73
CA GLY A 99 0.57 -20.00 0.06
C GLY A 99 0.80 -21.22 -0.81
N THR A 100 1.92 -21.20 -1.50
CA THR A 100 2.28 -22.23 -2.44
C THR A 100 2.54 -23.55 -1.71
N PRO A 101 1.94 -24.66 -2.19
CA PRO A 101 2.15 -26.00 -1.61
C PRO A 101 3.58 -26.49 -1.81
N ARG A 102 4.51 -25.92 -1.03
CA ARG A 102 5.91 -26.28 -1.12
C ARG A 102 6.19 -27.50 -0.26
N SER A 103 5.82 -27.42 1.01
CA SER A 103 5.99 -28.52 1.96
C SER A 103 5.28 -28.20 3.26
N ASP A 104 5.50 -27.00 3.79
CA ASP A 104 4.85 -26.60 5.03
C ASP A 104 4.68 -25.08 5.08
N GLY A 105 5.62 -24.37 4.45
CA GLY A 105 5.52 -22.93 4.35
C GLY A 105 6.02 -22.23 5.59
N THR A 106 5.15 -22.09 6.57
CA THR A 106 5.47 -21.38 7.78
C THR A 106 5.06 -22.19 9.01
N GLY A 1 -15.20 35.17 -12.44
CA GLY A 1 -15.51 33.83 -11.88
C GLY A 1 -14.61 33.48 -10.71
N SER A 2 -14.90 32.38 -10.06
CA SER A 2 -14.12 31.95 -8.90
C SER A 2 -14.26 30.44 -8.72
N HIS A 3 -13.28 29.82 -8.08
CA HIS A 3 -13.30 28.38 -7.85
C HIS A 3 -13.14 28.08 -6.37
N MET A 4 -13.21 26.80 -6.03
CA MET A 4 -13.00 26.35 -4.66
C MET A 4 -12.09 25.12 -4.67
N GLY A 5 -10.94 25.27 -5.31
CA GLY A 5 -10.01 24.17 -5.41
C GLY A 5 -9.22 23.97 -4.13
N THR A 6 -9.76 23.16 -3.24
CA THR A 6 -9.11 22.90 -1.96
C THR A 6 -8.08 21.79 -2.09
N THR A 7 -6.92 22.15 -2.63
CA THR A 7 -5.84 21.19 -2.85
C THR A 7 -5.02 20.99 -1.57
N THR A 8 -5.32 21.80 -0.55
CA THR A 8 -4.70 21.63 0.75
C THR A 8 -5.33 20.44 1.47
N ALA A 9 -6.35 19.91 0.83
CA ALA A 9 -7.01 18.69 1.26
C ALA A 9 -6.77 17.60 0.23
N PRO A 10 -5.66 16.87 0.39
CA PRO A 10 -5.23 15.86 -0.58
C PRO A 10 -6.01 14.56 -0.44
N ASP A 11 -6.03 13.78 -1.51
CA ASP A 11 -6.73 12.52 -1.51
C ASP A 11 -5.73 11.38 -1.68
N ALA A 12 -6.21 10.16 -1.52
CA ALA A 12 -5.36 8.99 -1.68
C ALA A 12 -5.51 8.42 -3.08
N PRO A 13 -4.61 7.53 -3.49
CA PRO A 13 -4.76 6.81 -4.74
C PRO A 13 -5.98 5.88 -4.70
N PRO A 14 -6.84 5.95 -5.72
CA PRO A 14 -7.93 4.99 -5.88
C PRO A 14 -7.45 3.55 -5.76
N ASP A 15 -8.37 2.66 -5.39
CA ASP A 15 -8.07 1.26 -5.04
C ASP A 15 -6.94 0.68 -5.89
N PRO A 16 -5.74 0.51 -5.30
CA PRO A 16 -4.59 -0.09 -5.98
C PRO A 16 -4.77 -1.58 -6.21
N THR A 17 -4.24 -2.05 -7.33
CA THR A 17 -4.37 -3.45 -7.72
C THR A 17 -3.10 -4.21 -7.42
N VAL A 18 -3.27 -5.33 -6.78
CA VAL A 18 -2.16 -6.23 -6.51
C VAL A 18 -1.87 -7.09 -7.74
N ASP A 19 -0.65 -6.93 -8.26
CA ASP A 19 -0.23 -7.60 -9.50
C ASP A 19 0.11 -9.05 -9.25
N GLN A 20 0.89 -9.30 -8.21
CA GLN A 20 1.32 -10.65 -7.87
C GLN A 20 1.21 -10.90 -6.39
N VAL A 21 0.79 -12.11 -6.04
CA VAL A 21 0.59 -12.49 -4.67
C VAL A 21 1.33 -13.78 -4.34
N ASP A 22 2.34 -13.69 -3.48
CA ASP A 22 3.12 -14.85 -3.08
C ASP A 22 3.10 -15.01 -1.56
N ASP A 23 4.01 -15.82 -1.03
CA ASP A 23 4.07 -16.09 0.40
C ASP A 23 4.57 -14.88 1.19
N THR A 24 5.82 -14.54 0.98
CA THR A 24 6.50 -13.51 1.74
C THR A 24 6.75 -12.29 0.86
N SER A 25 5.86 -12.07 -0.09
CA SER A 25 6.03 -11.06 -1.13
C SER A 25 4.71 -10.83 -1.87
N ILE A 26 4.32 -9.58 -2.01
CA ILE A 26 3.10 -9.20 -2.75
C ILE A 26 3.33 -7.85 -3.42
N VAL A 27 2.76 -7.62 -4.59
CA VAL A 27 3.03 -6.35 -5.27
C VAL A 27 1.74 -5.59 -5.46
N VAL A 28 1.73 -4.31 -5.11
CA VAL A 28 0.52 -3.52 -5.25
C VAL A 28 0.82 -2.25 -6.03
N ARG A 29 -0.15 -1.80 -6.82
CA ARG A 29 0.01 -0.65 -7.70
C ARG A 29 -1.14 0.32 -7.52
N TRP A 30 -0.81 1.54 -7.14
CA TRP A 30 -1.81 2.55 -6.83
C TRP A 30 -1.82 3.67 -7.86
N SER A 31 -3.00 4.21 -8.13
CA SER A 31 -3.12 5.35 -9.03
C SER A 31 -3.01 6.64 -8.21
N ARG A 32 -1.79 7.13 -8.10
CA ARG A 32 -1.44 8.29 -7.27
C ARG A 32 -2.41 9.48 -7.42
N PRO A 33 -2.47 10.36 -6.39
CA PRO A 33 -3.44 11.45 -6.32
C PRO A 33 -3.06 12.62 -7.22
N GLN A 34 -4.00 13.55 -7.35
CA GLN A 34 -3.77 14.79 -8.08
C GLN A 34 -3.10 15.80 -7.14
N ALA A 35 -3.16 15.50 -5.85
CA ALA A 35 -2.53 16.32 -4.82
C ALA A 35 -1.02 16.32 -4.97
N PRO A 36 -0.36 17.44 -4.67
CA PRO A 36 1.08 17.47 -4.52
C PRO A 36 1.48 16.70 -3.26
N ILE A 37 2.20 15.61 -3.46
CA ILE A 37 2.61 14.73 -2.36
C ILE A 37 4.14 14.65 -2.36
N THR A 38 4.74 14.34 -1.21
CA THR A 38 6.19 14.28 -1.08
C THR A 38 6.73 12.85 -1.04
N GLY A 39 5.92 11.92 -0.54
CA GLY A 39 6.36 10.55 -0.47
C GLY A 39 5.21 9.59 -0.30
N TYR A 40 5.51 8.34 0.02
CA TYR A 40 4.48 7.35 0.32
C TYR A 40 4.90 6.47 1.48
N ARG A 41 4.01 6.31 2.44
CA ARG A 41 4.18 5.31 3.47
C ARG A 41 3.35 4.12 3.11
N ILE A 42 3.79 2.94 3.46
CA ILE A 42 3.02 1.75 3.13
C ILE A 42 3.01 0.74 4.26
N VAL A 43 1.87 0.60 4.93
CA VAL A 43 1.76 -0.32 6.04
C VAL A 43 0.92 -1.52 5.68
N TYR A 44 1.56 -2.67 5.57
CA TYR A 44 0.87 -3.90 5.30
C TYR A 44 0.98 -4.82 6.49
N SER A 45 -0.19 -5.24 6.94
CA SER A 45 -0.31 -6.03 8.15
C SER A 45 -1.35 -7.13 7.97
N PRO A 46 -1.08 -8.34 8.50
CA PRO A 46 -2.00 -9.48 8.43
C PRO A 46 -3.09 -9.38 9.49
N SER A 47 -4.25 -9.90 9.16
CA SER A 47 -5.40 -9.90 10.07
C SER A 47 -5.19 -10.87 11.23
N VAL A 48 -4.46 -11.95 10.99
CA VAL A 48 -4.19 -12.93 12.05
C VAL A 48 -2.69 -13.05 12.36
N GLU A 49 -1.86 -13.02 11.32
CA GLU A 49 -0.42 -13.13 11.49
C GLU A 49 0.17 -11.82 12.00
N GLY A 50 1.41 -11.85 12.45
CA GLY A 50 2.00 -10.67 13.04
C GLY A 50 3.18 -10.10 12.29
N SER A 51 3.38 -10.46 11.02
CA SER A 51 4.44 -9.82 10.25
C SER A 51 3.87 -8.62 9.52
N SER A 52 4.28 -7.43 9.94
CA SER A 52 3.83 -6.18 9.33
C SER A 52 5.03 -5.38 8.86
N THR A 53 4.88 -4.62 7.79
CA THR A 53 5.97 -3.79 7.33
C THR A 53 5.46 -2.48 6.71
N GLU A 54 6.23 -1.41 6.91
CA GLU A 54 5.95 -0.13 6.29
C GLU A 54 7.08 0.26 5.35
N LEU A 55 6.78 0.34 4.06
CA LEU A 55 7.78 0.79 3.09
C LEU A 55 7.59 2.27 2.80
N ASN A 56 8.62 2.89 2.26
CA ASN A 56 8.56 4.28 1.89
C ASN A 56 8.95 4.44 0.43
N LEU A 57 8.03 4.96 -0.36
CA LEU A 57 8.25 5.12 -1.78
C LEU A 57 8.28 6.60 -2.10
N PRO A 58 8.87 6.97 -3.23
CA PRO A 58 8.85 8.35 -3.68
C PRO A 58 7.44 8.79 -4.05
N GLU A 59 7.19 10.08 -3.91
CA GLU A 59 5.91 10.71 -4.27
C GLU A 59 5.42 10.30 -5.65
N THR A 60 6.35 9.90 -6.49
CA THR A 60 6.05 9.59 -7.87
C THR A 60 6.04 8.07 -8.11
N ALA A 61 5.96 7.31 -7.03
CA ALA A 61 5.90 5.86 -7.13
C ALA A 61 4.47 5.42 -7.31
N ASN A 62 4.27 4.20 -7.78
CA ASN A 62 2.93 3.70 -8.01
C ASN A 62 2.82 2.21 -7.74
N SER A 63 3.80 1.63 -7.04
CA SER A 63 3.76 0.21 -6.76
C SER A 63 4.81 -0.19 -5.73
N VAL A 64 4.42 -0.99 -4.75
CA VAL A 64 5.34 -1.49 -3.73
C VAL A 64 5.43 -3.01 -3.81
N THR A 65 6.65 -3.53 -3.64
CA THR A 65 6.87 -4.93 -3.43
C THR A 65 7.02 -5.21 -1.94
N LEU A 66 5.96 -5.71 -1.34
CA LEU A 66 5.95 -6.07 0.06
C LEU A 66 6.68 -7.37 0.25
N SER A 67 7.42 -7.48 1.35
CA SER A 67 8.26 -8.62 1.61
C SER A 67 8.12 -9.05 3.07
N ASP A 68 8.61 -10.25 3.38
CA ASP A 68 8.53 -10.81 4.72
C ASP A 68 7.09 -11.00 5.17
N LEU A 69 6.24 -11.42 4.24
CA LEU A 69 4.85 -11.72 4.58
C LEU A 69 4.75 -13.16 5.08
N GLN A 70 3.54 -13.60 5.35
CA GLN A 70 3.32 -14.98 5.75
C GLN A 70 2.26 -15.63 4.85
N PRO A 71 2.62 -16.77 4.23
CA PRO A 71 1.72 -17.48 3.30
C PRO A 71 0.43 -17.97 3.96
N GLY A 72 -0.69 -17.74 3.27
CA GLY A 72 -1.97 -18.22 3.74
C GLY A 72 -2.63 -17.25 4.69
N VAL A 73 -2.25 -15.97 4.58
CA VAL A 73 -2.77 -14.96 5.49
C VAL A 73 -3.29 -13.75 4.74
N GLN A 74 -4.29 -13.10 5.33
CA GLN A 74 -4.92 -11.93 4.78
C GLN A 74 -4.06 -10.71 5.04
N TYR A 75 -3.43 -10.19 4.01
CA TYR A 75 -2.56 -9.04 4.16
C TYR A 75 -3.23 -7.76 3.72
N ASN A 76 -3.41 -6.87 4.68
CA ASN A 76 -3.99 -5.57 4.41
C ASN A 76 -2.88 -4.59 4.06
N ILE A 77 -2.83 -4.20 2.79
CA ILE A 77 -1.89 -3.20 2.33
C ILE A 77 -2.53 -1.84 2.40
N THR A 78 -1.98 -0.99 3.24
CA THR A 78 -2.46 0.33 3.41
C THR A 78 -1.49 1.33 2.80
N ILE A 79 -1.94 2.05 1.77
CA ILE A 79 -1.06 3.03 1.11
C ILE A 79 -1.31 4.41 1.71
N TYR A 80 -0.25 5.17 1.89
CA TYR A 80 -0.34 6.52 2.42
C TYR A 80 0.38 7.48 1.50
N ALA A 81 -0.34 8.37 0.86
CA ALA A 81 0.31 9.43 0.11
C ALA A 81 0.62 10.55 1.08
N VAL A 82 1.89 10.88 1.22
CA VAL A 82 2.29 11.88 2.20
C VAL A 82 2.77 13.13 1.51
N GLU A 83 2.43 14.29 2.07
CA GLU A 83 2.88 15.55 1.52
C GLU A 83 3.64 16.35 2.58
N GLU A 84 4.26 17.43 2.15
CA GLU A 84 5.20 18.22 2.96
C GLU A 84 4.82 18.29 4.45
N ASN A 85 3.60 18.74 4.75
CA ASN A 85 3.21 18.94 6.15
C ASN A 85 1.96 18.16 6.51
N GLN A 86 1.55 17.20 5.68
CA GLN A 86 0.33 16.45 5.94
C GLN A 86 0.44 15.00 5.48
N GLU A 87 -0.57 14.22 5.85
CA GLU A 87 -0.70 12.85 5.39
C GLU A 87 -2.09 12.65 4.80
N SER A 88 -2.17 12.19 3.57
CA SER A 88 -3.43 12.01 2.88
C SER A 88 -4.16 10.75 3.38
N THR A 89 -5.32 10.47 2.80
CA THR A 89 -6.12 9.34 3.21
C THR A 89 -5.43 8.01 2.86
N PRO A 90 -5.76 6.94 3.60
CA PRO A 90 -5.19 5.62 3.37
C PRO A 90 -5.94 4.75 2.33
N VAL A 91 -5.15 4.03 1.54
CA VAL A 91 -5.62 2.90 0.75
C VAL A 91 -5.66 1.67 1.63
N VAL A 92 -6.75 0.92 1.62
CA VAL A 92 -6.74 -0.37 2.29
C VAL A 92 -7.16 -1.46 1.33
N ILE A 93 -6.20 -2.26 0.90
CA ILE A 93 -6.46 -3.38 0.00
C ILE A 93 -6.02 -4.69 0.64
N GLN A 94 -6.98 -5.54 0.97
CA GLN A 94 -6.68 -6.79 1.65
C GLN A 94 -6.60 -7.96 0.67
N GLN A 95 -5.41 -8.48 0.53
CA GLN A 95 -5.15 -9.61 -0.36
C GLN A 95 -4.49 -10.74 0.42
N GLU A 96 -5.00 -11.95 0.27
CA GLU A 96 -4.44 -13.08 1.00
C GLU A 96 -3.29 -13.69 0.21
N THR A 97 -2.19 -13.87 0.91
CA THR A 97 -0.98 -14.45 0.34
C THR A 97 -1.25 -15.86 -0.19
N THR A 98 -1.07 -16.03 -1.49
CA THR A 98 -1.28 -17.33 -2.12
C THR A 98 -0.16 -18.28 -1.72
N GLY A 99 1.01 -17.71 -1.50
CA GLY A 99 2.15 -18.48 -1.04
C GLY A 99 2.63 -19.46 -2.09
N THR A 100 2.53 -20.74 -1.77
CA THR A 100 2.93 -21.79 -2.68
C THR A 100 1.75 -22.25 -3.52
N PRO A 101 1.85 -22.15 -4.85
CA PRO A 101 0.81 -22.65 -5.77
C PRO A 101 0.53 -24.12 -5.52
N ARG A 102 -0.75 -24.46 -5.39
CA ARG A 102 -1.14 -25.82 -5.08
C ARG A 102 -1.20 -26.69 -6.34
N SER A 103 -0.13 -26.63 -7.13
CA SER A 103 -0.05 -27.41 -8.35
C SER A 103 0.04 -28.90 -8.02
N ASP A 104 0.78 -29.22 -6.96
CA ASP A 104 0.91 -30.59 -6.52
C ASP A 104 -0.09 -30.88 -5.41
N GLY A 105 -0.27 -32.15 -5.10
CA GLY A 105 -1.20 -32.53 -4.06
C GLY A 105 -2.64 -32.52 -4.54
N THR A 106 -2.84 -32.85 -5.80
CA THR A 106 -4.17 -32.84 -6.39
C THR A 106 -4.71 -34.27 -6.52
N GLY A 1 2.21 29.69 -10.54
CA GLY A 1 2.61 28.90 -9.36
C GLY A 1 1.48 28.04 -8.85
N SER A 2 1.11 28.22 -7.60
CA SER A 2 0.05 27.44 -6.98
C SER A 2 -0.79 28.29 -6.05
N HIS A 3 -1.06 29.53 -6.45
CA HIS A 3 -1.90 30.43 -5.66
C HIS A 3 -3.35 29.96 -5.72
N MET A 4 -3.79 29.59 -6.91
CA MET A 4 -5.15 29.10 -7.09
C MET A 4 -5.18 27.58 -7.02
N GLY A 5 -4.39 26.95 -7.88
CA GLY A 5 -4.32 25.50 -7.90
C GLY A 5 -3.30 24.95 -6.94
N THR A 6 -3.62 25.00 -5.66
CA THR A 6 -2.71 24.50 -4.64
C THR A 6 -3.13 23.09 -4.21
N THR A 7 -4.29 22.68 -4.72
CA THR A 7 -4.85 21.36 -4.45
C THR A 7 -5.19 21.20 -2.97
N THR A 8 -6.14 22.01 -2.50
CA THR A 8 -6.59 21.93 -1.12
C THR A 8 -7.25 20.58 -0.86
N ALA A 9 -6.80 19.91 0.21
CA ALA A 9 -7.25 18.57 0.55
C ALA A 9 -6.81 17.57 -0.52
N PRO A 10 -5.64 16.95 -0.31
CA PRO A 10 -5.03 16.03 -1.29
C PRO A 10 -5.82 14.74 -1.43
N ASP A 11 -5.74 14.15 -2.62
CA ASP A 11 -6.41 12.89 -2.88
C ASP A 11 -5.57 11.75 -2.33
N ALA A 12 -6.22 10.66 -2.01
CA ALA A 12 -5.54 9.40 -1.81
C ALA A 12 -5.65 8.62 -3.11
N PRO A 13 -4.78 7.64 -3.36
CA PRO A 13 -4.89 6.82 -4.55
C PRO A 13 -6.14 5.94 -4.51
N PRO A 14 -6.98 6.00 -5.55
CA PRO A 14 -8.11 5.09 -5.71
C PRO A 14 -7.65 3.65 -5.55
N ASP A 15 -8.53 2.83 -4.97
CA ASP A 15 -8.20 1.46 -4.52
C ASP A 15 -7.21 0.78 -5.44
N PRO A 16 -5.95 0.68 -4.98
CA PRO A 16 -4.85 0.05 -5.73
C PRO A 16 -5.07 -1.43 -5.96
N THR A 17 -4.46 -1.94 -7.00
CA THR A 17 -4.61 -3.33 -7.36
C THR A 17 -3.30 -4.08 -7.19
N VAL A 18 -3.42 -5.20 -6.52
CA VAL A 18 -2.30 -6.11 -6.34
C VAL A 18 -1.99 -6.83 -7.66
N ASP A 19 -0.76 -6.69 -8.12
CA ASP A 19 -0.35 -7.20 -9.42
C ASP A 19 0.05 -8.66 -9.32
N GLN A 20 0.78 -9.01 -8.26
CA GLN A 20 1.20 -10.39 -8.02
C GLN A 20 1.00 -10.76 -6.58
N VAL A 21 0.55 -11.98 -6.34
CA VAL A 21 0.35 -12.47 -4.99
C VAL A 21 1.15 -13.75 -4.77
N ASP A 22 2.07 -13.72 -3.82
CA ASP A 22 2.84 -14.90 -3.46
C ASP A 22 2.70 -15.21 -1.97
N ASP A 23 3.65 -15.95 -1.43
CA ASP A 23 3.64 -16.31 -0.02
C ASP A 23 4.26 -15.22 0.83
N THR A 24 5.47 -14.86 0.47
CA THR A 24 6.28 -13.95 1.26
C THR A 24 6.62 -12.70 0.44
N SER A 25 5.70 -12.37 -0.46
CA SER A 25 5.88 -11.27 -1.40
C SER A 25 4.57 -11.00 -2.13
N ILE A 26 4.16 -9.74 -2.16
CA ILE A 26 2.93 -9.33 -2.84
C ILE A 26 3.13 -7.92 -3.38
N VAL A 27 2.61 -7.61 -4.56
CA VAL A 27 2.88 -6.30 -5.13
C VAL A 27 1.58 -5.53 -5.26
N VAL A 28 1.58 -4.27 -4.90
CA VAL A 28 0.38 -3.47 -5.02
C VAL A 28 0.67 -2.20 -5.80
N ARG A 29 -0.32 -1.76 -6.58
CA ARG A 29 -0.15 -0.62 -7.48
C ARG A 29 -1.29 0.38 -7.28
N TRP A 30 -0.93 1.60 -6.93
CA TRP A 30 -1.89 2.64 -6.59
C TRP A 30 -1.89 3.78 -7.61
N SER A 31 -3.06 4.40 -7.78
CA SER A 31 -3.19 5.56 -8.65
C SER A 31 -3.01 6.84 -7.84
N ARG A 32 -1.77 7.28 -7.72
CA ARG A 32 -1.36 8.43 -6.91
C ARG A 32 -2.19 9.69 -7.19
N PRO A 33 -2.21 10.65 -6.22
CA PRO A 33 -3.07 11.84 -6.26
C PRO A 33 -2.60 12.89 -7.26
N GLN A 34 -3.46 13.87 -7.48
CA GLN A 34 -3.14 15.02 -8.32
C GLN A 34 -2.55 16.12 -7.46
N ALA A 35 -2.38 15.81 -6.19
CA ALA A 35 -1.80 16.72 -5.21
C ALA A 35 -0.30 16.63 -5.23
N PRO A 36 0.39 17.72 -4.88
CA PRO A 36 1.84 17.69 -4.69
C PRO A 36 2.16 17.02 -3.37
N ILE A 37 2.82 15.88 -3.45
CA ILE A 37 3.09 15.06 -2.29
C ILE A 37 4.59 14.82 -2.15
N THR A 38 5.04 14.50 -0.95
CA THR A 38 6.46 14.29 -0.69
C THR A 38 6.86 12.83 -0.85
N GLY A 39 6.01 11.92 -0.39
CA GLY A 39 6.34 10.52 -0.49
C GLY A 39 5.17 9.62 -0.18
N TYR A 40 5.48 8.36 0.10
CA TYR A 40 4.47 7.38 0.43
C TYR A 40 4.93 6.52 1.57
N ARG A 41 4.04 6.28 2.51
CA ARG A 41 4.27 5.30 3.55
C ARG A 41 3.39 4.12 3.28
N ILE A 42 3.85 2.95 3.64
CA ILE A 42 3.10 1.74 3.32
C ILE A 42 3.10 0.74 4.44
N VAL A 43 1.97 0.55 5.09
CA VAL A 43 1.89 -0.41 6.17
C VAL A 43 1.04 -1.60 5.78
N TYR A 44 1.69 -2.72 5.61
CA TYR A 44 1.02 -3.96 5.29
C TYR A 44 1.14 -4.90 6.46
N SER A 45 -0.01 -5.34 6.90
CA SER A 45 -0.12 -6.13 8.12
C SER A 45 -1.10 -7.29 7.94
N PRO A 46 -0.71 -8.49 8.43
CA PRO A 46 -1.59 -9.65 8.43
C PRO A 46 -2.79 -9.44 9.33
N SER A 47 -3.98 -9.69 8.79
CA SER A 47 -5.22 -9.40 9.47
C SER A 47 -5.36 -10.15 10.80
N VAL A 48 -4.70 -11.29 10.92
CA VAL A 48 -4.77 -12.06 12.16
C VAL A 48 -3.48 -11.95 12.98
N GLU A 49 -2.33 -12.01 12.29
CA GLU A 49 -1.00 -11.85 12.92
C GLU A 49 0.07 -12.34 11.95
N GLY A 50 1.29 -11.86 12.15
CA GLY A 50 2.39 -12.27 11.31
C GLY A 50 3.40 -11.16 11.09
N SER A 51 3.97 -11.09 9.91
CA SER A 51 4.96 -10.07 9.60
C SER A 51 4.30 -8.83 9.01
N SER A 52 4.49 -7.68 9.66
CA SER A 52 3.97 -6.42 9.15
C SER A 52 5.15 -5.51 8.83
N THR A 53 5.01 -4.70 7.79
CA THR A 53 6.11 -3.87 7.36
C THR A 53 5.62 -2.52 6.81
N GLU A 54 6.49 -1.52 6.89
CA GLU A 54 6.20 -0.18 6.44
C GLU A 54 7.27 0.28 5.46
N LEU A 55 6.90 0.47 4.20
CA LEU A 55 7.84 0.96 3.21
C LEU A 55 7.65 2.43 2.95
N ASN A 56 8.65 3.07 2.37
CA ASN A 56 8.57 4.47 2.00
C ASN A 56 8.97 4.62 0.55
N LEU A 57 8.02 5.07 -0.26
CA LEU A 57 8.23 5.19 -1.67
C LEU A 57 8.28 6.65 -2.04
N PRO A 58 8.91 6.99 -3.15
CA PRO A 58 8.93 8.35 -3.64
C PRO A 58 7.52 8.83 -3.99
N GLU A 59 7.32 10.14 -3.86
CA GLU A 59 6.06 10.80 -4.21
C GLU A 59 5.52 10.33 -5.57
N THR A 60 6.43 9.94 -6.45
CA THR A 60 6.10 9.59 -7.81
C THR A 60 6.06 8.06 -7.98
N ALA A 61 5.92 7.35 -6.88
CA ALA A 61 5.83 5.89 -6.92
C ALA A 61 4.39 5.46 -7.08
N ASN A 62 4.18 4.23 -7.53
CA ASN A 62 2.84 3.75 -7.77
C ASN A 62 2.70 2.26 -7.50
N SER A 63 3.66 1.67 -6.81
CA SER A 63 3.61 0.25 -6.55
C SER A 63 4.68 -0.18 -5.55
N VAL A 64 4.30 -0.99 -4.57
CA VAL A 64 5.24 -1.53 -3.59
C VAL A 64 5.32 -3.04 -3.70
N THR A 65 6.54 -3.57 -3.64
CA THR A 65 6.75 -4.98 -3.49
C THR A 65 6.95 -5.32 -2.01
N LEU A 66 5.91 -5.84 -1.40
CA LEU A 66 5.94 -6.26 -0.03
C LEU A 66 6.63 -7.61 0.06
N SER A 67 7.43 -7.81 1.09
CA SER A 67 8.19 -9.04 1.22
C SER A 67 8.13 -9.52 2.66
N ASP A 68 8.66 -10.72 2.89
CA ASP A 68 8.68 -11.34 4.23
C ASP A 68 7.28 -11.54 4.76
N LEU A 69 6.33 -11.78 3.86
CA LEU A 69 4.96 -12.06 4.28
C LEU A 69 4.87 -13.48 4.84
N GLN A 70 3.67 -13.89 5.20
CA GLN A 70 3.44 -15.23 5.70
C GLN A 70 2.35 -15.92 4.89
N PRO A 71 2.66 -17.06 4.26
CA PRO A 71 1.71 -17.79 3.41
C PRO A 71 0.46 -18.25 4.14
N GLY A 72 -0.69 -18.04 3.50
CA GLY A 72 -1.96 -18.48 4.06
C GLY A 72 -2.56 -17.43 4.98
N VAL A 73 -2.09 -16.20 4.86
CA VAL A 73 -2.55 -15.12 5.71
C VAL A 73 -3.05 -13.95 4.88
N GLN A 74 -4.06 -13.27 5.40
CA GLN A 74 -4.62 -12.11 4.75
C GLN A 74 -3.77 -10.89 5.02
N TYR A 75 -3.29 -10.26 3.98
CA TYR A 75 -2.46 -9.10 4.12
C TYR A 75 -3.19 -7.83 3.78
N ASN A 76 -3.35 -6.99 4.77
CA ASN A 76 -3.97 -5.69 4.62
C ASN A 76 -2.90 -4.66 4.28
N ILE A 77 -2.86 -4.26 3.02
CA ILE A 77 -1.91 -3.24 2.57
C ILE A 77 -2.56 -1.89 2.65
N THR A 78 -2.01 -1.05 3.49
CA THR A 78 -2.48 0.28 3.66
C THR A 78 -1.50 1.29 3.05
N ILE A 79 -1.94 2.02 2.03
CA ILE A 79 -1.06 3.00 1.38
C ILE A 79 -1.31 4.38 1.98
N TYR A 80 -0.27 5.14 2.15
CA TYR A 80 -0.36 6.48 2.70
C TYR A 80 0.34 7.47 1.77
N ALA A 81 -0.42 8.37 1.15
CA ALA A 81 0.18 9.41 0.33
C ALA A 81 0.47 10.61 1.20
N VAL A 82 1.73 11.03 1.24
CA VAL A 82 2.12 12.09 2.17
C VAL A 82 2.68 13.30 1.45
N GLU A 83 2.22 14.49 1.88
CA GLU A 83 2.75 15.76 1.41
C GLU A 83 3.64 16.37 2.50
N GLU A 84 4.32 17.46 2.17
CA GLU A 84 5.20 18.14 3.12
C GLU A 84 4.50 18.37 4.47
N ASN A 85 3.22 18.72 4.43
CA ASN A 85 2.53 19.15 5.64
C ASN A 85 1.43 18.17 6.09
N GLN A 86 0.82 17.45 5.16
CA GLN A 86 -0.36 16.67 5.47
C GLN A 86 -0.28 15.27 4.90
N GLU A 87 -1.29 14.46 5.20
CA GLU A 87 -1.37 13.10 4.70
C GLU A 87 -2.79 12.82 4.20
N SER A 88 -2.88 12.16 3.06
CA SER A 88 -4.17 11.84 2.48
C SER A 88 -4.82 10.66 3.19
N THR A 89 -6.06 10.35 2.82
CA THR A 89 -6.75 9.20 3.38
C THR A 89 -6.02 7.91 3.03
N PRO A 90 -6.18 6.86 3.84
CA PRO A 90 -5.46 5.61 3.64
C PRO A 90 -6.07 4.70 2.59
N VAL A 91 -5.20 4.05 1.85
CA VAL A 91 -5.57 2.95 0.96
C VAL A 91 -5.65 1.68 1.78
N VAL A 92 -6.74 0.96 1.67
CA VAL A 92 -6.84 -0.33 2.33
C VAL A 92 -7.21 -1.41 1.34
N ILE A 93 -6.24 -2.26 1.00
CA ILE A 93 -6.46 -3.36 0.07
C ILE A 93 -5.99 -4.67 0.69
N GLN A 94 -6.89 -5.62 0.86
CA GLN A 94 -6.54 -6.88 1.50
C GLN A 94 -6.40 -8.00 0.47
N GLN A 95 -5.29 -8.71 0.55
CA GLN A 95 -5.04 -9.86 -0.31
C GLN A 95 -4.36 -10.96 0.49
N GLU A 96 -4.89 -12.17 0.40
CA GLU A 96 -4.31 -13.30 1.12
C GLU A 96 -3.19 -13.92 0.31
N THR A 97 -2.10 -14.22 0.98
CA THR A 97 -0.95 -14.82 0.36
C THR A 97 -1.28 -16.23 -0.13
N THR A 98 -1.05 -16.46 -1.42
CA THR A 98 -1.45 -17.70 -2.07
C THR A 98 -0.62 -18.88 -1.56
N GLY A 99 0.62 -18.60 -1.20
CA GLY A 99 1.48 -19.62 -0.65
C GLY A 99 2.72 -19.83 -1.50
N THR A 100 3.68 -20.54 -0.95
CA THR A 100 4.95 -20.75 -1.62
C THR A 100 4.78 -21.65 -2.85
N PRO A 101 5.19 -21.16 -4.03
CA PRO A 101 5.12 -21.91 -5.29
C PRO A 101 5.89 -23.23 -5.22
N ARG A 102 5.17 -24.31 -5.02
CA ARG A 102 5.76 -25.63 -4.93
C ARG A 102 4.83 -26.66 -5.55
N SER A 103 5.33 -27.88 -5.70
CA SER A 103 4.53 -28.97 -6.23
C SER A 103 4.94 -30.27 -5.56
N ASP A 104 3.93 -31.06 -5.18
CA ASP A 104 4.14 -32.40 -4.60
C ASP A 104 4.71 -32.32 -3.18
N GLY A 105 5.92 -31.80 -3.06
CA GLY A 105 6.56 -31.72 -1.77
C GLY A 105 6.92 -30.29 -1.39
N THR A 106 7.46 -30.12 -0.20
CA THR A 106 7.84 -28.81 0.29
C THR A 106 9.37 -28.72 0.44
N GLY A 1 -5.75 27.47 -14.67
CA GLY A 1 -4.97 26.38 -15.30
C GLY A 1 -5.13 25.07 -14.55
N SER A 2 -4.23 24.13 -14.82
CA SER A 2 -4.26 22.84 -14.14
C SER A 2 -3.64 22.96 -12.75
N HIS A 3 -3.56 21.84 -12.03
CA HIS A 3 -3.06 21.82 -10.65
C HIS A 3 -3.96 22.66 -9.76
N MET A 4 -5.27 22.55 -10.01
CA MET A 4 -6.26 23.37 -9.32
C MET A 4 -7.03 22.54 -8.30
N GLY A 5 -7.81 23.22 -7.47
CA GLY A 5 -8.57 22.55 -6.45
C GLY A 5 -7.95 22.71 -5.08
N THR A 6 -8.46 21.96 -4.12
CA THR A 6 -7.93 22.01 -2.76
C THR A 6 -6.64 21.22 -2.66
N THR A 7 -5.58 21.75 -3.26
CA THR A 7 -4.29 21.07 -3.31
C THR A 7 -3.59 21.08 -1.95
N THR A 8 -4.09 21.90 -1.03
CA THR A 8 -3.55 21.95 0.32
C THR A 8 -4.11 20.79 1.15
N ALA A 9 -5.00 20.06 0.53
CA ALA A 9 -5.58 18.86 1.13
C ALA A 9 -5.48 17.72 0.13
N PRO A 10 -4.36 16.98 0.15
CA PRO A 10 -4.07 15.94 -0.84
C PRO A 10 -5.06 14.78 -0.80
N ASP A 11 -5.39 14.27 -1.97
CA ASP A 11 -6.24 13.10 -2.08
C ASP A 11 -5.39 11.84 -2.08
N ALA A 12 -6.03 10.71 -1.81
CA ALA A 12 -5.35 9.43 -1.83
C ALA A 12 -5.57 8.74 -3.17
N PRO A 13 -4.70 7.78 -3.53
CA PRO A 13 -4.86 6.97 -4.73
C PRO A 13 -6.07 6.04 -4.64
N PRO A 14 -6.92 6.00 -5.68
CA PRO A 14 -8.01 5.04 -5.76
C PRO A 14 -7.51 3.62 -5.59
N ASP A 15 -8.41 2.75 -5.13
CA ASP A 15 -8.07 1.37 -4.75
C ASP A 15 -7.01 0.75 -5.66
N PRO A 16 -5.78 0.61 -5.14
CA PRO A 16 -4.67 -0.01 -5.87
C PRO A 16 -4.91 -1.50 -6.13
N THR A 17 -4.34 -1.98 -7.22
CA THR A 17 -4.49 -3.36 -7.61
C THR A 17 -3.21 -4.13 -7.37
N VAL A 18 -3.36 -5.24 -6.69
CA VAL A 18 -2.26 -6.17 -6.48
C VAL A 18 -2.01 -6.99 -7.75
N ASP A 19 -0.79 -6.92 -8.24
CA ASP A 19 -0.42 -7.54 -9.51
C ASP A 19 0.10 -8.96 -9.29
N GLN A 20 0.84 -9.16 -8.21
CA GLN A 20 1.42 -10.46 -7.92
C GLN A 20 1.24 -10.81 -6.46
N VAL A 21 0.79 -12.03 -6.20
CA VAL A 21 0.59 -12.50 -4.85
C VAL A 21 1.37 -13.79 -4.60
N ASP A 22 2.27 -13.75 -3.63
CA ASP A 22 3.06 -14.92 -3.28
C ASP A 22 2.96 -15.19 -1.79
N ASP A 23 3.92 -15.94 -1.25
CA ASP A 23 3.96 -16.27 0.17
C ASP A 23 4.39 -15.08 1.02
N THR A 24 5.66 -14.75 0.96
CA THR A 24 6.26 -13.73 1.79
C THR A 24 6.51 -12.46 0.98
N SER A 25 5.62 -12.20 0.03
CA SER A 25 5.79 -11.11 -0.92
C SER A 25 4.51 -10.90 -1.73
N ILE A 26 4.13 -9.64 -1.92
CA ILE A 26 2.93 -9.27 -2.70
C ILE A 26 3.15 -7.90 -3.33
N VAL A 27 2.63 -7.65 -4.53
CA VAL A 27 2.91 -6.38 -5.18
C VAL A 27 1.63 -5.61 -5.40
N VAL A 28 1.62 -4.34 -5.04
CA VAL A 28 0.42 -3.54 -5.18
C VAL A 28 0.72 -2.26 -5.96
N ARG A 29 -0.26 -1.81 -6.74
CA ARG A 29 -0.07 -0.64 -7.60
C ARG A 29 -1.21 0.35 -7.43
N TRP A 30 -0.85 1.56 -7.04
CA TRP A 30 -1.82 2.60 -6.73
C TRP A 30 -1.77 3.73 -7.76
N SER A 31 -2.92 4.32 -8.03
CA SER A 31 -3.00 5.45 -8.95
C SER A 31 -2.88 6.77 -8.18
N ARG A 32 -1.68 7.31 -8.20
CA ARG A 32 -1.32 8.50 -7.44
C ARG A 32 -2.27 9.69 -7.68
N PRO A 33 -2.27 10.66 -6.74
CA PRO A 33 -3.14 11.83 -6.77
C PRO A 33 -2.56 12.96 -7.61
N GLN A 34 -3.41 13.90 -7.96
CA GLN A 34 -2.98 15.13 -8.63
C GLN A 34 -2.49 16.12 -7.58
N ALA A 35 -2.67 15.75 -6.32
CA ALA A 35 -2.17 16.51 -5.19
C ALA A 35 -0.65 16.50 -5.17
N PRO A 36 -0.02 17.59 -4.72
CA PRO A 36 1.41 17.59 -4.47
C PRO A 36 1.71 16.79 -3.20
N ILE A 37 2.39 15.68 -3.37
CA ILE A 37 2.71 14.79 -2.27
C ILE A 37 4.23 14.65 -2.17
N THR A 38 4.74 14.48 -0.96
CA THR A 38 6.18 14.38 -0.74
C THR A 38 6.69 12.95 -0.86
N GLY A 39 5.86 11.98 -0.51
CA GLY A 39 6.29 10.60 -0.58
C GLY A 39 5.14 9.65 -0.37
N TYR A 40 5.44 8.41 -0.05
CA TYR A 40 4.44 7.42 0.31
C TYR A 40 4.90 6.55 1.45
N ARG A 41 4.04 6.38 2.45
CA ARG A 41 4.26 5.37 3.46
C ARG A 41 3.41 4.17 3.14
N ILE A 42 3.86 3.00 3.48
CA ILE A 42 3.09 1.81 3.16
C ILE A 42 3.09 0.80 4.29
N VAL A 43 1.96 0.66 4.97
CA VAL A 43 1.87 -0.25 6.10
C VAL A 43 1.00 -1.44 5.76
N TYR A 44 1.62 -2.60 5.66
CA TYR A 44 0.90 -3.82 5.40
C TYR A 44 1.02 -4.75 6.58
N SER A 45 -0.14 -5.17 7.05
CA SER A 45 -0.24 -5.99 8.25
C SER A 45 -1.19 -7.18 8.05
N PRO A 46 -0.80 -8.35 8.55
CA PRO A 46 -1.60 -9.57 8.47
C PRO A 46 -2.68 -9.62 9.54
N SER A 47 -3.90 -9.91 9.12
CA SER A 47 -5.02 -9.95 10.04
C SER A 47 -4.96 -11.18 10.95
N VAL A 48 -4.33 -12.25 10.45
CA VAL A 48 -4.28 -13.51 11.20
C VAL A 48 -2.85 -13.90 11.55
N GLU A 49 -1.95 -12.95 11.45
CA GLU A 49 -0.54 -13.18 11.77
C GLU A 49 0.07 -11.88 12.30
N GLY A 50 1.39 -11.81 12.37
CA GLY A 50 2.00 -10.64 12.97
C GLY A 50 3.21 -10.10 12.24
N SER A 51 3.42 -10.46 10.97
CA SER A 51 4.51 -9.84 10.23
C SER A 51 3.99 -8.63 9.47
N SER A 52 4.40 -7.44 9.89
CA SER A 52 3.95 -6.19 9.27
C SER A 52 5.15 -5.38 8.80
N THR A 53 4.99 -4.63 7.73
CA THR A 53 6.08 -3.79 7.26
C THR A 53 5.57 -2.47 6.67
N GLU A 54 6.39 -1.41 6.83
CA GLU A 54 6.11 -0.12 6.27
C GLU A 54 7.21 0.28 5.28
N LEU A 55 6.86 0.39 4.01
CA LEU A 55 7.83 0.82 3.01
C LEU A 55 7.66 2.30 2.72
N ASN A 56 8.70 2.90 2.18
CA ASN A 56 8.68 4.30 1.84
C ASN A 56 9.00 4.47 0.37
N LEU A 57 8.03 4.94 -0.38
CA LEU A 57 8.19 5.08 -1.81
C LEU A 57 8.21 6.55 -2.15
N PRO A 58 8.82 6.91 -3.27
CA PRO A 58 8.82 8.28 -3.74
C PRO A 58 7.40 8.73 -4.11
N GLU A 59 7.16 10.02 -3.95
CA GLU A 59 5.90 10.67 -4.26
C GLU A 59 5.32 10.26 -5.62
N THR A 60 6.19 9.83 -6.51
CA THR A 60 5.81 9.51 -7.87
C THR A 60 5.72 8.00 -8.10
N ALA A 61 5.91 7.23 -7.03
CA ALA A 61 5.86 5.78 -7.13
C ALA A 61 4.42 5.32 -7.28
N ASN A 62 4.23 4.15 -7.85
CA ASN A 62 2.89 3.66 -8.09
C ASN A 62 2.75 2.18 -7.74
N SER A 63 3.73 1.62 -7.05
CA SER A 63 3.67 0.20 -6.74
C SER A 63 4.73 -0.20 -5.73
N VAL A 64 4.34 -0.98 -4.73
CA VAL A 64 5.26 -1.49 -3.74
C VAL A 64 5.33 -3.01 -3.81
N THR A 65 6.53 -3.54 -3.73
CA THR A 65 6.74 -4.94 -3.53
C THR A 65 6.93 -5.23 -2.04
N LEU A 66 5.88 -5.72 -1.42
CA LEU A 66 5.89 -6.08 -0.02
C LEU A 66 6.61 -7.39 0.15
N SER A 67 7.38 -7.49 1.21
CA SER A 67 8.16 -8.68 1.46
C SER A 67 8.06 -9.04 2.94
N ASP A 68 8.56 -10.21 3.30
CA ASP A 68 8.49 -10.70 4.68
C ASP A 68 7.06 -10.97 5.10
N LEU A 69 6.20 -11.31 4.14
CA LEU A 69 4.83 -11.70 4.49
C LEU A 69 4.83 -13.14 4.98
N GLN A 70 3.66 -13.68 5.24
CA GLN A 70 3.52 -15.06 5.68
C GLN A 70 2.53 -15.79 4.77
N PRO A 71 2.89 -16.99 4.29
CA PRO A 71 2.03 -17.75 3.37
C PRO A 71 0.73 -18.21 4.02
N GLY A 72 -0.38 -18.01 3.30
CA GLY A 72 -1.67 -18.40 3.81
C GLY A 72 -2.17 -17.44 4.87
N VAL A 73 -1.84 -16.17 4.69
CA VAL A 73 -2.18 -15.15 5.67
C VAL A 73 -2.74 -13.91 4.95
N GLN A 74 -3.77 -13.33 5.56
CA GLN A 74 -4.48 -12.19 4.99
C GLN A 74 -3.71 -10.90 5.28
N TYR A 75 -3.33 -10.19 4.24
CA TYR A 75 -2.50 -8.99 4.38
C TYR A 75 -3.21 -7.74 3.92
N ASN A 76 -3.45 -6.84 4.87
CA ASN A 76 -4.01 -5.53 4.57
C ASN A 76 -2.88 -4.57 4.19
N ILE A 77 -2.86 -4.17 2.93
CA ILE A 77 -1.89 -3.18 2.46
C ILE A 77 -2.50 -1.80 2.53
N THR A 78 -1.91 -0.96 3.33
CA THR A 78 -2.37 0.38 3.50
C THR A 78 -1.40 1.38 2.85
N ILE A 79 -1.87 2.08 1.82
CA ILE A 79 -1.01 3.06 1.13
C ILE A 79 -1.28 4.46 1.70
N TYR A 80 -0.22 5.24 1.88
CA TYR A 80 -0.34 6.59 2.39
C TYR A 80 0.40 7.56 1.48
N ALA A 81 -0.35 8.44 0.80
CA ALA A 81 0.27 9.53 0.06
C ALA A 81 0.63 10.63 1.04
N VAL A 82 1.92 10.81 1.29
CA VAL A 82 2.36 11.74 2.32
C VAL A 82 2.77 13.06 1.71
N GLU A 83 2.41 14.14 2.40
CA GLU A 83 2.69 15.50 1.96
C GLU A 83 3.49 16.19 3.07
N GLU A 84 4.11 17.33 2.78
CA GLU A 84 4.97 18.03 3.75
C GLU A 84 4.30 18.17 5.11
N ASN A 85 3.05 18.59 5.13
CA ASN A 85 2.35 18.81 6.38
C ASN A 85 0.98 18.14 6.39
N GLN A 86 0.78 17.20 5.48
CA GLN A 86 -0.49 16.50 5.38
C GLN A 86 -0.30 15.03 5.04
N GLU A 87 -1.38 14.28 5.14
CA GLU A 87 -1.38 12.85 4.82
C GLU A 87 -2.73 12.48 4.24
N SER A 88 -2.73 11.98 3.03
CA SER A 88 -3.95 11.57 2.35
C SER A 88 -4.59 10.40 3.08
N THR A 89 -5.90 10.23 2.88
CA THR A 89 -6.62 9.10 3.45
C THR A 89 -5.96 7.78 3.05
N PRO A 90 -6.06 6.76 3.88
CA PRO A 90 -5.35 5.51 3.65
C PRO A 90 -6.01 4.62 2.59
N VAL A 91 -5.17 4.01 1.78
CA VAL A 91 -5.57 2.93 0.89
C VAL A 91 -5.60 1.67 1.70
N VAL A 92 -6.73 0.97 1.75
CA VAL A 92 -6.74 -0.32 2.39
C VAL A 92 -7.16 -1.38 1.38
N ILE A 93 -6.19 -2.15 0.93
CA ILE A 93 -6.45 -3.27 0.03
C ILE A 93 -5.98 -4.55 0.68
N GLN A 94 -6.92 -5.40 1.04
CA GLN A 94 -6.59 -6.62 1.74
C GLN A 94 -6.50 -7.80 0.78
N GLN A 95 -5.30 -8.33 0.65
CA GLN A 95 -5.03 -9.47 -0.22
C GLN A 95 -4.40 -10.59 0.60
N GLU A 96 -4.92 -11.79 0.50
CA GLU A 96 -4.36 -12.92 1.23
C GLU A 96 -3.30 -13.61 0.40
N THR A 97 -2.22 -13.97 1.05
CA THR A 97 -1.09 -14.60 0.40
C THR A 97 -1.43 -16.02 -0.01
N THR A 98 -1.31 -16.29 -1.31
CA THR A 98 -1.60 -17.62 -1.84
C THR A 98 -0.55 -18.61 -1.38
N GLY A 99 0.66 -18.11 -1.19
CA GLY A 99 1.76 -18.92 -0.72
C GLY A 99 2.41 -19.70 -1.83
N THR A 100 2.29 -21.01 -1.75
CA THR A 100 2.81 -21.90 -2.78
C THR A 100 1.69 -22.28 -3.73
N PRO A 101 1.97 -22.49 -5.04
CA PRO A 101 0.96 -22.93 -6.02
C PRO A 101 0.42 -24.34 -5.73
N ARG A 102 -0.09 -24.50 -4.52
CA ARG A 102 -0.66 -25.74 -4.05
C ARG A 102 -1.37 -25.46 -2.72
N SER A 103 -2.08 -24.33 -2.69
CA SER A 103 -2.73 -23.85 -1.48
C SER A 103 -3.72 -24.87 -0.95
N ASP A 104 -4.40 -25.56 -1.86
CA ASP A 104 -5.34 -26.61 -1.48
C ASP A 104 -4.73 -27.98 -1.73
N GLY A 105 -3.41 -28.03 -1.75
CA GLY A 105 -2.72 -29.29 -1.98
C GLY A 105 -2.60 -30.11 -0.71
N THR A 106 -3.72 -30.60 -0.23
CA THR A 106 -3.74 -31.42 0.97
C THR A 106 -3.54 -32.90 0.60
N GLY A 1 -11.23 15.97 3.14
CA GLY A 1 -12.49 15.99 2.36
C GLY A 1 -12.29 16.54 0.97
N SER A 2 -13.19 16.21 0.06
CA SER A 2 -13.08 16.64 -1.32
C SER A 2 -13.60 18.06 -1.52
N HIS A 3 -14.41 18.53 -0.58
CA HIS A 3 -14.95 19.88 -0.66
C HIS A 3 -14.20 20.83 0.25
N MET A 4 -14.23 20.54 1.54
CA MET A 4 -13.60 21.41 2.53
C MET A 4 -12.10 21.22 2.56
N GLY A 5 -11.39 22.01 1.79
CA GLY A 5 -9.95 21.96 1.78
C GLY A 5 -9.35 22.77 2.89
N THR A 6 -9.67 22.40 4.13
CA THR A 6 -9.17 23.09 5.30
C THR A 6 -7.65 23.02 5.37
N THR A 7 -7.01 24.15 5.07
CA THR A 7 -5.55 24.24 4.99
C THR A 7 -4.99 23.13 4.12
N THR A 8 -5.54 23.01 2.91
CA THR A 8 -5.15 21.97 1.96
C THR A 8 -5.75 20.62 2.35
N ALA A 9 -6.48 20.03 1.42
CA ALA A 9 -7.05 18.69 1.62
C ALA A 9 -6.74 17.81 0.42
N PRO A 10 -5.64 17.05 0.50
CA PRO A 10 -5.22 16.16 -0.59
C PRO A 10 -6.07 14.90 -0.67
N ASP A 11 -5.73 14.02 -1.60
CA ASP A 11 -6.50 12.80 -1.80
C ASP A 11 -5.56 11.60 -1.85
N ALA A 12 -6.10 10.45 -1.50
CA ALA A 12 -5.34 9.20 -1.58
C ALA A 12 -5.54 8.56 -2.94
N PRO A 13 -4.63 7.68 -3.36
CA PRO A 13 -4.75 6.95 -4.62
C PRO A 13 -5.96 6.04 -4.64
N PRO A 14 -6.78 6.12 -5.71
CA PRO A 14 -7.89 5.20 -5.93
C PRO A 14 -7.45 3.75 -5.79
N ASP A 15 -8.36 2.92 -5.27
CA ASP A 15 -8.06 1.55 -4.84
C ASP A 15 -7.02 0.88 -5.73
N PRO A 16 -5.81 0.72 -5.21
CA PRO A 16 -4.70 0.08 -5.91
C PRO A 16 -4.95 -1.41 -6.13
N THR A 17 -4.38 -1.93 -7.19
CA THR A 17 -4.56 -3.32 -7.54
C THR A 17 -3.28 -4.09 -7.35
N VAL A 18 -3.42 -5.21 -6.67
CA VAL A 18 -2.32 -6.15 -6.50
C VAL A 18 -2.10 -6.92 -7.79
N ASP A 19 -0.91 -6.79 -8.34
CA ASP A 19 -0.57 -7.38 -9.62
C ASP A 19 -0.07 -8.81 -9.48
N GLN A 20 0.72 -9.06 -8.45
CA GLN A 20 1.26 -10.39 -8.21
C GLN A 20 1.17 -10.74 -6.73
N VAL A 21 0.79 -11.98 -6.47
CA VAL A 21 0.65 -12.46 -5.10
C VAL A 21 1.48 -13.73 -4.92
N ASP A 22 2.37 -13.74 -3.93
CA ASP A 22 3.23 -14.90 -3.69
C ASP A 22 3.18 -15.29 -2.22
N ASP A 23 4.21 -15.99 -1.75
CA ASP A 23 4.31 -16.39 -0.35
C ASP A 23 4.66 -15.22 0.57
N THR A 24 5.88 -14.75 0.44
CA THR A 24 6.41 -13.72 1.31
C THR A 24 6.67 -12.45 0.52
N SER A 25 5.77 -12.18 -0.42
CA SER A 25 5.94 -11.11 -1.40
C SER A 25 4.63 -10.89 -2.14
N ILE A 26 4.21 -9.63 -2.25
CA ILE A 26 2.97 -9.26 -2.94
C ILE A 26 3.13 -7.87 -3.53
N VAL A 27 2.62 -7.61 -4.72
CA VAL A 27 2.89 -6.34 -5.36
C VAL A 27 1.61 -5.56 -5.55
N VAL A 28 1.60 -4.30 -5.17
CA VAL A 28 0.40 -3.50 -5.30
C VAL A 28 0.70 -2.22 -6.07
N ARG A 29 -0.27 -1.77 -6.86
CA ARG A 29 -0.11 -0.61 -7.72
C ARG A 29 -1.23 0.39 -7.50
N TRP A 30 -0.86 1.60 -7.13
CA TRP A 30 -1.82 2.65 -6.78
C TRP A 30 -1.77 3.80 -7.77
N SER A 31 -2.91 4.44 -7.99
CA SER A 31 -3.00 5.59 -8.88
C SER A 31 -2.82 6.89 -8.09
N ARG A 32 -1.61 7.39 -8.10
CA ARG A 32 -1.22 8.58 -7.33
C ARG A 32 -2.16 9.77 -7.54
N PRO A 33 -2.21 10.67 -6.55
CA PRO A 33 -3.15 11.80 -6.49
C PRO A 33 -2.67 13.01 -7.26
N GLN A 34 -3.60 13.90 -7.56
CA GLN A 34 -3.28 15.18 -8.15
C GLN A 34 -2.67 16.10 -7.10
N ALA A 35 -2.91 15.76 -5.84
CA ALA A 35 -2.32 16.47 -4.72
C ALA A 35 -0.80 16.45 -4.78
N PRO A 36 -0.14 17.57 -4.48
CA PRO A 36 1.30 17.58 -4.32
C PRO A 36 1.68 16.82 -3.06
N ILE A 37 2.35 15.69 -3.24
CA ILE A 37 2.71 14.83 -2.14
C ILE A 37 4.24 14.72 -2.07
N THR A 38 4.77 14.42 -0.90
CA THR A 38 6.22 14.37 -0.70
C THR A 38 6.76 12.94 -0.71
N GLY A 39 5.94 11.96 -0.35
CA GLY A 39 6.38 10.59 -0.35
C GLY A 39 5.24 9.64 -0.17
N TYR A 40 5.54 8.37 0.07
CA TYR A 40 4.52 7.38 0.39
C TYR A 40 4.95 6.49 1.53
N ARG A 41 4.07 6.30 2.49
CA ARG A 41 4.25 5.28 3.50
C ARG A 41 3.42 4.08 3.11
N ILE A 42 3.87 2.91 3.46
CA ILE A 42 3.11 1.71 3.14
C ILE A 42 3.12 0.71 4.26
N VAL A 43 1.99 0.57 4.93
CA VAL A 43 1.90 -0.38 6.04
C VAL A 43 1.01 -1.54 5.65
N TYR A 44 1.63 -2.69 5.50
CA TYR A 44 0.92 -3.90 5.21
C TYR A 44 1.02 -4.83 6.39
N SER A 45 -0.15 -5.21 6.85
CA SER A 45 -0.28 -5.99 8.05
C SER A 45 -1.34 -7.08 7.88
N PRO A 46 -1.03 -8.29 8.34
CA PRO A 46 -1.98 -9.41 8.36
C PRO A 46 -3.25 -9.08 9.12
N SER A 47 -4.34 -9.68 8.66
CA SER A 47 -5.67 -9.43 9.22
C SER A 47 -5.74 -9.82 10.69
N VAL A 48 -5.16 -10.96 11.04
CA VAL A 48 -5.21 -11.41 12.43
C VAL A 48 -3.83 -11.45 13.09
N GLU A 49 -2.80 -11.86 12.34
CA GLU A 49 -1.45 -11.97 12.90
C GLU A 49 -0.45 -12.37 11.83
N GLY A 50 0.78 -11.86 11.95
CA GLY A 50 1.83 -12.22 11.04
C GLY A 50 2.89 -11.14 10.94
N SER A 51 3.55 -11.06 9.79
CA SER A 51 4.62 -10.09 9.59
C SER A 51 4.08 -8.80 8.98
N SER A 52 4.28 -7.69 9.66
CA SER A 52 3.82 -6.39 9.15
C SER A 52 5.03 -5.53 8.79
N THR A 53 4.90 -4.74 7.74
CA THR A 53 6.01 -3.93 7.26
C THR A 53 5.54 -2.58 6.70
N GLU A 54 6.39 -1.57 6.83
CA GLU A 54 6.15 -0.28 6.23
C GLU A 54 7.27 0.06 5.25
N LEU A 55 6.91 0.23 3.98
CA LEU A 55 7.87 0.69 2.99
C LEU A 55 7.68 2.18 2.74
N ASN A 56 8.74 2.82 2.28
CA ASN A 56 8.67 4.24 1.94
C ASN A 56 8.98 4.40 0.47
N LEU A 57 8.00 4.83 -0.29
CA LEU A 57 8.18 4.97 -1.72
C LEU A 57 8.21 6.43 -2.08
N PRO A 58 8.84 6.78 -3.21
CA PRO A 58 8.78 8.13 -3.74
C PRO A 58 7.34 8.59 -3.91
N GLU A 59 7.14 9.90 -3.72
CA GLU A 59 5.86 10.56 -3.98
C GLU A 59 5.30 10.20 -5.36
N THR A 60 6.19 9.87 -6.27
CA THR A 60 5.83 9.60 -7.64
C THR A 60 5.68 8.09 -7.89
N ALA A 61 5.92 7.29 -6.86
CA ALA A 61 5.88 5.84 -7.00
C ALA A 61 4.46 5.37 -7.17
N ASN A 62 4.27 4.25 -7.84
CA ASN A 62 2.93 3.76 -8.13
C ASN A 62 2.79 2.29 -7.80
N SER A 63 3.75 1.70 -7.11
CA SER A 63 3.68 0.28 -6.83
C SER A 63 4.74 -0.16 -5.81
N VAL A 64 4.32 -0.94 -4.83
CA VAL A 64 5.25 -1.48 -3.84
C VAL A 64 5.32 -3.00 -3.97
N THR A 65 6.53 -3.53 -3.92
CA THR A 65 6.73 -4.93 -3.78
C THR A 65 6.96 -5.27 -2.31
N LEU A 66 5.90 -5.74 -1.67
CA LEU A 66 5.94 -6.14 -0.28
C LEU A 66 6.68 -7.44 -0.15
N SER A 67 7.42 -7.59 0.93
CA SER A 67 8.27 -8.73 1.12
C SER A 67 8.28 -9.10 2.58
N ASP A 68 8.78 -10.29 2.89
CA ASP A 68 8.79 -10.80 4.26
C ASP A 68 7.38 -11.00 4.79
N LEU A 69 6.46 -11.36 3.89
CA LEU A 69 5.11 -11.68 4.30
C LEU A 69 5.09 -13.10 4.86
N GLN A 70 3.91 -13.58 5.22
CA GLN A 70 3.78 -14.94 5.71
C GLN A 70 2.75 -15.68 4.88
N PRO A 71 3.14 -16.83 4.29
CA PRO A 71 2.26 -17.64 3.45
C PRO A 71 1.03 -18.15 4.20
N GLY A 72 -0.12 -18.05 3.55
CA GLY A 72 -1.36 -18.48 4.17
C GLY A 72 -1.91 -17.45 5.12
N VAL A 73 -1.69 -16.18 4.79
CA VAL A 73 -2.08 -15.08 5.65
C VAL A 73 -2.68 -13.95 4.83
N GLN A 74 -3.74 -13.35 5.36
CA GLN A 74 -4.42 -12.24 4.70
C GLN A 74 -3.69 -10.94 4.99
N TYR A 75 -3.36 -10.21 3.95
CA TYR A 75 -2.54 -9.02 4.09
C TYR A 75 -3.27 -7.75 3.69
N ASN A 76 -3.50 -6.89 4.67
CA ASN A 76 -4.05 -5.58 4.42
C ASN A 76 -2.94 -4.61 4.05
N ILE A 77 -2.87 -4.24 2.78
CA ILE A 77 -1.88 -3.27 2.34
C ILE A 77 -2.49 -1.88 2.41
N THR A 78 -1.89 -1.06 3.24
CA THR A 78 -2.36 0.27 3.43
C THR A 78 -1.38 1.27 2.81
N ILE A 79 -1.83 1.99 1.78
CA ILE A 79 -0.96 2.98 1.11
C ILE A 79 -1.22 4.36 1.71
N TYR A 80 -0.17 5.13 1.86
CA TYR A 80 -0.28 6.47 2.41
C TYR A 80 0.43 7.47 1.51
N ALA A 81 -0.32 8.35 0.86
CA ALA A 81 0.27 9.47 0.15
C ALA A 81 0.60 10.54 1.17
N VAL A 82 1.88 10.82 1.37
CA VAL A 82 2.26 11.81 2.36
C VAL A 82 2.67 13.08 1.66
N GLU A 83 2.15 14.20 2.14
CA GLU A 83 2.42 15.49 1.51
C GLU A 83 3.23 16.38 2.44
N GLU A 84 3.69 17.49 1.90
CA GLU A 84 4.55 18.42 2.62
C GLU A 84 4.07 18.70 4.05
N ASN A 85 2.77 18.85 4.24
CA ASN A 85 2.24 19.28 5.53
C ASN A 85 1.43 18.20 6.25
N GLN A 86 0.94 17.20 5.51
CA GLN A 86 -0.01 16.25 6.08
C GLN A 86 0.23 14.84 5.56
N GLU A 87 -0.58 13.91 6.05
CA GLU A 87 -0.61 12.55 5.53
C GLU A 87 -2.03 12.22 5.09
N SER A 88 -2.20 11.90 3.80
CA SER A 88 -3.51 11.72 3.20
C SER A 88 -4.21 10.46 3.69
N THR A 89 -5.43 10.27 3.21
CA THR A 89 -6.25 9.12 3.55
C THR A 89 -5.56 7.81 3.16
N PRO A 90 -5.88 6.72 3.86
CA PRO A 90 -5.25 5.43 3.64
C PRO A 90 -5.93 4.58 2.55
N VAL A 91 -5.10 3.95 1.74
CA VAL A 91 -5.53 2.88 0.85
C VAL A 91 -5.58 1.61 1.64
N VAL A 92 -6.69 0.91 1.64
CA VAL A 92 -6.73 -0.39 2.28
C VAL A 92 -7.15 -1.45 1.27
N ILE A 93 -6.20 -2.26 0.86
CA ILE A 93 -6.46 -3.36 -0.07
C ILE A 93 -5.98 -4.67 0.53
N GLN A 94 -6.90 -5.57 0.81
CA GLN A 94 -6.54 -6.82 1.48
C GLN A 94 -6.45 -7.98 0.51
N GLN A 95 -5.28 -8.58 0.46
CA GLN A 95 -5.02 -9.73 -0.39
C GLN A 95 -4.28 -10.79 0.41
N GLU A 96 -4.74 -12.03 0.33
CA GLU A 96 -4.09 -13.12 1.05
C GLU A 96 -2.97 -13.71 0.22
N THR A 97 -1.90 -14.08 0.90
CA THR A 97 -0.72 -14.63 0.25
C THR A 97 -0.99 -16.00 -0.34
N THR A 98 -0.55 -16.19 -1.58
CA THR A 98 -0.77 -17.43 -2.31
C THR A 98 0.06 -18.56 -1.71
N GLY A 99 1.20 -18.19 -1.13
CA GLY A 99 2.10 -19.14 -0.52
C GLY A 99 1.41 -20.15 0.40
N THR A 100 1.69 -21.42 0.16
CA THR A 100 1.23 -22.47 1.05
C THR A 100 2.28 -22.72 2.13
N PRO A 101 1.89 -22.57 3.42
CA PRO A 101 2.79 -22.80 4.55
C PRO A 101 3.44 -24.18 4.50
N ARG A 102 4.74 -24.19 4.23
CA ARG A 102 5.47 -25.43 4.06
C ARG A 102 6.92 -25.28 4.50
N SER A 103 7.25 -25.90 5.61
CA SER A 103 8.61 -25.93 6.10
C SER A 103 9.19 -27.34 5.97
N ASP A 104 10.38 -27.54 6.51
CA ASP A 104 10.99 -28.87 6.57
C ASP A 104 11.33 -29.40 5.19
N GLY A 105 12.12 -28.63 4.46
CA GLY A 105 12.58 -29.07 3.16
C GLY A 105 14.00 -29.60 3.25
N THR A 106 14.26 -30.39 4.29
CA THR A 106 15.59 -30.92 4.59
C THR A 106 16.63 -29.80 4.63
#